data_8Q9T
#
_entry.id   8Q9T
#
_cell.length_a   1.00
_cell.length_b   1.00
_cell.length_c   1.00
_cell.angle_alpha   90.00
_cell.angle_beta   90.00
_cell.angle_gamma   90.00
#
_symmetry.space_group_name_H-M   'P 1'
#
loop_
_entity.id
_entity.type
_entity.pdbx_description
1 polymer 'Antiviral helicase SKI2'
2 polymer 'Antiviral protein SKI8'
3 polymer 'Superkiller protein 3'
4 polymer "RNA (5'-R(P*UP*UP*UP*U)-3')"
#
loop_
_entity_poly.entity_id
_entity_poly.type
_entity_poly.pdbx_seq_one_letter_code
_entity_poly.pdbx_strand_id
1 'polypeptide(L)'
;MSEGFSSSSIQELYQSLKEITNNADVELFEDRITKLDFESTDEPKHANDIIKDRFLRPSNALPWSLLDMVQDVPHTSSPE
DCSGKLDYKELLKVPDPINRTSYQFKRTGLEGKISGYKEEVDLKEVANANASNSLSITRSINHNQNSVRGSTAQLPFTPG
GIPMKSVKTDSEQNGSSTMANATKLLHKDGQGLFDIPEGMNRGIKPMDSPAENEDQNGQFKELKQLNEIDNELDIRIEAN
EAKLKEEEKSAKSISEEIMEEATEETTADNADDAEIDELLPIGIDFGRTKPVSKSVPVKKEWAHVVDLNHKIENFDELIP
NPARSWPFELDTFQKEAVYHLEQGDSVFVAAHTSAGKTVVAEYAIAMAHRNMTKTIYTSPIKALSNQKFRDFKETFDDVN
IGLITGDVQINPDANCLIMTTEILRSMLYRGADLIRDVEFVIFDEVHYVNDQDRGVVWEEVIIMLPQHVKFILLSATVPN
TYEFANWIGRTKQKNIYVISTPKRPVPLEINIWAKKELIPVINQNSEFLEANFRKHKEILNGESAKGAPSKTDNGRGGST
ARGGRGGSNTRDGRGGRGNSTRGGANRGGSRGAGAIGSNKRKFFTQDGPSKKTWPEIVNYLRKRELLPMVVFVFSKKRCE
EYADWLEGINFCNNKEKSQIHMFIEKSITRLKKEDRDLPQILKTRSLLERGIAVHHGGLLPIVKELIEILFSKGFIKVLF
ATETFAMGLNLPTRTVIFSSIRKHDGNGLRELTPGEFTQMAGRAGRRGLDSTGTVIVMAYNSPLSIATFKEVTMGVPTRL
QSQFRLTYNMILNLLRIEALRVEEMIKYSFSENAKETLQPEHEKQIKVLQEELQTIEYKSCEICDNDIEKFLELMLAYKE
ATVNLMQEMVKSPSILHILKEGRLVAFRDPNDCLKLGFVFKVSLKDAVCVIMTFTKPYKLPNGEPNHLIYFPKADGYRRR
NFPKFQKTDFYMEEVPVTAIEVITKRKFAAPLGKVIKKDVAALNEFNAETNNILDGKTLKEAINIEKQGLKIHQILLDRT
NIRDEIFKLKSIKCPNLSQHIVPKFKAHVIKKKIEELYHLMSDQNLSLLPDYEKRLAVLKDTEFIDQNHNVLLKGRVACE
INSGYELVLTELILDNFLGSFEPEEIVALLSVFVYEGKTREEEPPIVTPRLAKGKQRIEEIYKKMLCVFNTHQIPLTQDE
AEFLDRKRFAMMNVVYEWARGLSFKEIMEMSPEAEGTVVRVITWLDEICREVKTASIIIGNSTLHMKMSRAQELIKRDIV
FAASLYL
;
A
2 'polypeptide(L)'
;MSKVFIATANAGKAHDADIFSVSACNSFTVSCSGDGYLKVWDNKLLDNENPKDKSYSHFVHKSGLHHVDVLQAIERDAFE
LCLVATTSFSGDLLFYRITREDETKKVIFEKLDLLDSDMKKHSFWALKWGASNDRLLSHRLVATDVKGTTYIWKFHPFAD
ESNSLTLNWSPTLELQGTVESPMTPSQFATSVDISERGLIATGFNNGTVQISELSTLRPLYNFESQHSMINNSNSIRSVK
FSPQGSLLAIAHDSNSFGCITLYETEFGERIGSLSVPTHSSQASLGEFAHSSWVMSLSFNDSGETLCSAGWDGKLRFWDV
KTKERITTLNMHCDDIEIEEDILAVDEHGDSLAEPGVFDVKFLKKGWRSGMGADLNESLCCVCLDRSIRWFREAGGK
;
C,D
3 'polypeptide(L)'
;GPDSMSDIKQLLKEAKQELTNRDYEETIEISEKVLKLDPDNYFAHIFLGKALSSLPASNNVSSNRNLERATNHYVSAAKL
VPDNLLAWKGLFLLFRTTEVVPDILSYDEYFDLCGQYADALLKQEQSQVELINDIKLLKKTHPDCQKAFYQHLKPGSLMA
ETIGRHLSTPQDALLNLIKILSNIETTEIGKTLSQNRLKLKASDPDYQIKLNSFSWEIIKNSEIDQLYNQLVNILADDQK
RSEIENQWLEYRIKVLKSMPLDVKKDFFTKVKEMVEDMVLVNHQSLLAWQKYFEWTDYEDLDNMDAPLIIKYFKKFPKDP
LAMILYSWLSSKLSKYDIKSLESANKPPEGHKKTEKETDIKDVDETNEDEVKDRVEDEVKDRVEDEVKDQDEEAKEDEEE
DLDDIEIGLLEEEVVTVLTENIVKCKNNILAHRILCQYYLLTKEYEAALPYIKNGISLIAYNIKDLGVHLPLTKREFSLD
LATVYTYVDAPKDHNAALKLYDNILSGDFSNIQAKMGKGIIFIERKNWKDAMTLLTQVHEQSPNNLEVLSELSWSKAHMG
YMDEALAGLDTVIKGIKGMDLRSIDFRALNLWRQAKVYIMKHASINDAKQENVKCAFKLLIQSIKILDTFAPGFSTLGDI
YCHYYKDHLRAFKCYFKAFDLDAGDYTAAKYITETYASKPNWQAASSIASRLIKGEKAKAELRSNNWPFRVVGIAHLEKQ
EESDSIEWFQSALRVDPNDVESWVGLGQAYHACGRIEASIKVFDKAIQLRPSHTFAQYFKAISLCDVGEYLESLDILEKV
CQEAATEESFQIGLVEVLMRCSLDLYSQGFLLKSVSIAKDTIERIKIIISELKCENQQVWIYLSQVLRLFIWIESKVDTL
PVESLVSIFENSQFSGSEEIDSVDNIKIDTLLDSTTDDNVSIACKFLILASKYSVSDQKFTDIAGTVRASYWYNIGISEL
TAFITLKEPQYRDAAIFAFKKSIQLQSNTSETWIGLGIATMDINFRVSQHCFIKATALEPKATNTWFNLAMLGLKKKDTE
FAQQVLNKLQSLAPQDSSPWLGMALILEEQGDIIGSSKLFAHSFILSNGRSKAAQFMYAKNVLENHINNGDDERDIETVE
KLTTASIALEQFFKKSPDSQFALQCALLTLERLHHYENANELANRLIGILEKKFEKTQDERELFNFAIIKGQFARIHLGL
GNFELSIENADLSQGIISESSDEKSMKTKISNHICLGLSYFFLNDFDQTLNQFQELLSISKDSKHLVVLIAKVLYDVGES
DTKEIALQELTEYIATSGADLLVTLTIAAMSILDDKREDLSIILEELKALPLSKQIIDKHKDAPYLIEEITKRLYRNDTG
KQVWQRSAYFFPNNLKVWERLDKNIQRRIASNGQNKVTAEEMSKLYCESKNLRSIQRGMFLCPWNVTAVKALNECF
;
E
4 'polyribonucleotide' UUUUUUUUUUUUUUUUUUUUUUUUUUUUUU B
#
# COMPACT_ATOMS: atom_id res chain seq x y z
N GLU A 12 43.93 -25.90 27.41
CA GLU A 12 44.83 -27.04 27.54
C GLU A 12 44.61 -28.04 26.42
N LEU A 13 43.37 -28.11 25.92
CA LEU A 13 43.07 -28.98 24.79
C LEU A 13 43.27 -28.28 23.45
N TYR A 14 42.99 -26.97 23.40
CA TYR A 14 43.25 -26.22 22.19
C TYR A 14 44.75 -26.09 21.93
N GLN A 15 45.55 -26.01 22.99
CA GLN A 15 47.00 -26.06 22.82
C GLN A 15 47.44 -27.39 22.21
N SER A 16 46.78 -28.48 22.61
CA SER A 16 47.03 -29.76 21.97
C SER A 16 46.61 -29.74 20.50
N LEU A 17 45.49 -29.10 20.19
CA LEU A 17 45.07 -28.99 18.80
C LEU A 17 46.05 -28.18 17.97
N LYS A 18 46.76 -27.24 18.59
CA LYS A 18 47.70 -26.41 17.82
C LYS A 18 48.79 -27.27 17.18
N GLU A 19 49.30 -28.25 17.91
CA GLU A 19 50.28 -29.17 17.36
C GLU A 19 49.62 -30.18 16.42
N GLU A 30 39.47 -37.92 3.66
CA GLU A 30 39.27 -39.14 4.44
C GLU A 30 38.50 -38.85 5.73
N ASP A 31 37.34 -39.48 5.88
CA ASP A 31 36.54 -39.36 7.09
C ASP A 31 37.13 -40.29 8.15
N ARG A 32 38.10 -39.78 8.90
CA ARG A 32 38.79 -40.57 9.89
C ARG A 32 37.87 -40.87 11.07
N ILE A 33 38.20 -41.94 11.79
CA ILE A 33 37.45 -42.39 12.96
C ILE A 33 38.26 -42.07 14.20
N THR A 34 37.61 -41.48 15.21
CA THR A 34 38.29 -41.10 16.42
C THR A 34 38.77 -42.34 17.18
N LYS A 35 39.71 -42.12 18.10
CA LYS A 35 40.27 -43.18 18.93
C LYS A 35 39.96 -42.95 20.41
N LEU A 36 38.78 -42.38 20.70
CA LEU A 36 38.35 -42.09 22.05
C LEU A 36 37.27 -43.07 22.47
N ASP A 37 37.41 -43.63 23.65
CA ASP A 37 36.44 -44.59 24.17
C ASP A 37 35.10 -43.92 24.47
N ALA A 47 29.97 -43.26 39.18
CA ALA A 47 28.76 -43.94 39.67
C ALA A 47 28.17 -43.21 40.87
N ASN A 48 28.91 -43.24 41.99
CA ASN A 48 28.46 -42.55 43.19
C ASN A 48 28.40 -41.05 42.97
N ASP A 49 29.29 -40.50 42.13
CA ASP A 49 29.27 -39.07 41.86
C ASP A 49 27.98 -38.67 41.15
N ILE A 50 27.54 -39.47 40.19
CA ILE A 50 26.29 -39.16 39.48
C ILE A 50 25.11 -39.18 40.43
N ILE A 51 25.04 -40.18 41.30
CA ILE A 51 23.93 -40.29 42.24
C ILE A 51 23.95 -39.10 43.20
N LYS A 52 25.13 -38.74 43.72
CA LYS A 52 25.22 -37.62 44.64
C LYS A 52 24.81 -36.32 43.97
N ASP A 53 25.24 -36.10 42.73
CA ASP A 53 24.94 -34.84 42.06
C ASP A 53 23.49 -34.77 41.61
N ARG A 54 22.85 -35.91 41.33
CA ARG A 54 21.50 -35.89 40.80
C ARG A 54 20.43 -36.01 41.86
N PHE A 55 20.73 -36.60 43.03
CA PHE A 55 19.71 -36.86 44.02
C PHE A 55 19.96 -36.23 45.38
N LEU A 56 21.17 -35.77 45.69
CA LEU A 56 21.47 -35.29 47.03
C LEU A 56 22.30 -34.02 47.04
N ARG A 57 22.17 -33.18 46.02
CA ARG A 57 22.92 -31.93 45.96
C ARG A 57 21.97 -30.75 46.14
N PRO A 58 22.01 -30.06 47.28
CA PRO A 58 21.15 -28.88 47.45
C PRO A 58 21.68 -27.71 46.64
N SER A 59 20.78 -26.76 46.36
CA SER A 59 21.08 -25.60 45.55
C SER A 59 20.61 -24.33 46.24
N ASN A 60 21.27 -23.21 45.93
CA ASN A 60 20.90 -21.92 46.47
C ASN A 60 19.89 -21.18 45.62
N ALA A 61 19.48 -21.75 44.49
CA ALA A 61 18.42 -21.19 43.66
C ALA A 61 17.11 -21.90 43.98
N LEU A 62 16.14 -21.16 44.49
CA LEU A 62 14.91 -21.76 44.96
C LEU A 62 14.03 -22.19 43.79
N PRO A 63 13.53 -23.42 43.79
CA PRO A 63 12.62 -23.84 42.72
C PRO A 63 11.25 -23.20 42.87
N TRP A 64 10.41 -23.41 41.86
CA TRP A 64 9.09 -22.77 41.86
C TRP A 64 8.18 -23.30 42.95
N SER A 65 8.43 -24.51 43.45
CA SER A 65 7.59 -25.05 44.52
C SER A 65 7.80 -24.28 45.83
N LEU A 66 9.06 -24.07 46.21
CA LEU A 66 9.34 -23.29 47.41
C LEU A 66 8.88 -21.85 47.23
N LEU A 67 9.04 -21.30 46.02
CA LEU A 67 8.55 -19.95 45.76
C LEU A 67 7.05 -19.86 45.96
N ASP A 68 6.30 -20.84 45.45
CA ASP A 68 4.87 -20.89 45.71
C ASP A 68 4.58 -21.00 47.20
N MET A 69 5.44 -21.72 47.93
CA MET A 69 5.23 -21.85 49.37
C MET A 69 5.48 -20.54 50.11
N VAL A 70 6.34 -19.67 49.61
CA VAL A 70 6.75 -18.49 50.36
C VAL A 70 6.34 -17.16 49.71
N GLN A 71 6.14 -17.12 48.39
CA GLN A 71 5.83 -15.84 47.75
C GLN A 71 4.41 -15.39 48.09
N ASP A 72 4.24 -14.07 48.20
CA ASP A 72 2.96 -13.46 48.51
C ASP A 72 2.76 -12.24 47.62
N VAL A 73 1.79 -12.32 46.71
CA VAL A 73 1.52 -11.22 45.79
C VAL A 73 0.74 -10.12 46.50
N ASP A 87 -5.86 6.07 39.44
CA ASP A 87 -6.77 7.20 39.27
C ASP A 87 -7.43 7.16 37.89
N TYR A 88 -8.74 7.38 37.86
CA TYR A 88 -9.47 7.34 36.60
C TYR A 88 -9.10 8.48 35.67
N LYS A 89 -8.51 9.55 36.19
CA LYS A 89 -8.10 10.68 35.36
C LYS A 89 -6.78 10.44 34.63
N GLU A 90 -6.01 9.43 35.04
CA GLU A 90 -4.77 9.10 34.36
C GLU A 90 -4.96 8.16 33.19
N LEU A 91 -6.16 7.63 32.99
CA LEU A 91 -6.48 6.85 31.81
C LEU A 91 -6.91 7.70 30.63
N LEU A 92 -7.13 8.99 30.84
CA LEU A 92 -7.67 9.88 29.83
C LEU A 92 -6.55 10.51 29.00
N LYS A 93 -6.93 11.11 27.88
CA LYS A 93 -6.02 11.83 27.02
C LYS A 93 -6.36 13.31 27.06
N VAL A 94 -5.39 14.13 27.43
CA VAL A 94 -5.55 15.59 27.36
C VAL A 94 -5.37 16.02 25.91
N PRO A 95 -6.22 16.90 25.39
CA PRO A 95 -6.09 17.31 23.98
C PRO A 95 -4.81 18.09 23.74
N ASP A 96 -4.43 18.13 22.46
CA ASP A 96 -3.17 18.71 22.02
C ASP A 96 -3.30 20.22 21.78
N PRO A 97 -2.19 20.95 21.82
CA PRO A 97 -2.24 22.39 21.56
C PRO A 97 -2.62 22.71 20.13
N ILE A 98 -3.06 23.96 19.92
CA ILE A 98 -3.55 24.43 18.63
C ILE A 98 -2.72 25.64 18.21
N ASN A 99 -2.25 25.62 16.97
CA ASN A 99 -1.51 26.73 16.37
C ASN A 99 -2.26 27.21 15.13
N ARG A 100 -2.50 28.51 15.04
CA ARG A 100 -3.33 29.08 13.98
C ARG A 100 -2.59 30.18 13.23
N THR A 101 -1.30 30.00 12.98
CA THR A 101 -0.51 31.02 12.30
C THR A 101 0.54 30.35 11.43
N SER A 102 1.01 31.08 10.42
CA SER A 102 2.01 30.57 9.50
C SER A 102 2.69 31.75 8.80
N TYR A 103 3.82 31.44 8.16
CA TYR A 103 4.49 32.40 7.29
C TYR A 103 3.84 32.44 5.90
N GLN A 104 3.81 33.65 5.33
CA GLN A 104 3.42 33.85 3.94
C GLN A 104 4.55 34.60 3.25
N PHE A 105 5.08 34.00 2.18
CA PHE A 105 6.26 34.53 1.50
C PHE A 105 5.81 35.39 0.31
N LYS A 106 6.39 36.58 0.19
CA LYS A 106 5.99 37.57 -0.79
C LYS A 106 7.10 37.80 -1.80
N ARG A 107 6.69 38.11 -3.03
CA ARG A 107 7.61 38.34 -4.14
C ARG A 107 7.50 39.78 -4.62
N THR A 108 8.61 40.29 -5.15
CA THR A 108 8.65 41.66 -5.68
C THR A 108 9.62 41.68 -6.86
N GLY A 109 9.11 41.99 -8.04
CA GLY A 109 9.92 42.04 -9.24
C GLY A 109 9.41 41.12 -10.32
N LEU A 110 9.82 41.36 -11.57
CA LEU A 110 9.37 40.55 -12.69
C LEU A 110 10.03 39.18 -12.73
N GLU A 111 11.21 39.01 -12.13
CA GLU A 111 11.84 37.70 -12.09
C GLU A 111 11.13 36.77 -11.13
N GLY A 112 10.51 37.30 -10.09
CA GLY A 112 9.76 36.49 -9.16
C GLY A 112 10.58 35.93 -8.02
N LYS A 113 11.43 36.75 -7.42
CA LYS A 113 12.24 36.35 -6.29
C LYS A 113 11.57 36.77 -4.99
N ILE A 114 11.69 35.93 -3.96
CA ILE A 114 11.03 36.19 -2.70
C ILE A 114 11.72 37.36 -2.00
N SER A 115 10.94 38.36 -1.60
CA SER A 115 11.47 39.57 -0.98
C SER A 115 11.30 39.62 0.53
N GLY A 116 10.33 38.90 1.08
CA GLY A 116 10.09 38.94 2.51
C GLY A 116 8.96 38.01 2.88
N TYR A 117 8.65 37.99 4.18
CA TYR A 117 7.61 37.13 4.69
C TYR A 117 6.92 37.81 5.86
N LYS A 118 5.67 37.44 6.09
CA LYS A 118 4.89 37.94 7.22
C LYS A 118 4.11 36.79 7.83
N GLU A 119 3.83 36.92 9.13
CA GLU A 119 3.07 35.92 9.86
C GLU A 119 1.60 36.31 9.85
N GLU A 120 0.74 35.40 9.39
CA GLU A 120 -0.68 35.70 9.21
C GLU A 120 -1.51 34.55 9.77
N VAL A 121 -2.83 34.68 9.62
CA VAL A 121 -3.79 33.67 10.05
C VAL A 121 -4.15 32.80 8.85
N ASP A 122 -4.30 31.50 9.08
CA ASP A 122 -4.62 30.55 8.03
C ASP A 122 -6.07 30.10 8.15
N LEU A 123 -6.79 30.12 7.03
CA LEU A 123 -8.19 29.72 6.98
C LEU A 123 -8.27 28.27 6.54
N LYS A 124 -7.95 27.37 7.47
CA LYS A 124 -7.95 25.93 7.19
C LYS A 124 -8.01 25.13 8.48
N VAL A 126 -10.59 22.39 10.44
CA VAL A 126 -10.05 22.24 11.79
C VAL A 126 -8.54 22.43 11.78
N ALA A 127 -7.96 22.61 12.96
CA ALA A 127 -6.52 22.84 13.06
C ALA A 127 -5.75 21.52 12.95
N ASN A 128 -6.04 20.56 13.83
CA ASN A 128 -5.35 19.28 13.84
C ASN A 128 -6.22 18.26 13.09
N ALA A 129 -6.12 18.28 11.76
CA ALA A 129 -6.91 17.40 10.91
C ALA A 129 -6.01 16.27 10.43
N ASN A 130 -6.37 15.04 10.79
CA ASN A 130 -5.65 13.85 10.38
C ASN A 130 -6.60 12.93 9.62
N ALA A 131 -6.11 11.73 9.30
CA ALA A 131 -6.87 10.80 8.47
C ALA A 131 -8.06 10.16 9.21
N SER A 132 -8.13 10.32 10.52
CA SER A 132 -9.20 9.71 11.31
C SER A 132 -10.41 10.61 11.47
N ASN A 133 -10.31 11.91 11.18
CA ASN A 133 -11.41 12.82 11.42
C ASN A 133 -11.62 13.84 10.31
N SER A 134 -11.00 13.66 9.14
CA SER A 134 -11.14 14.65 8.07
C SER A 134 -11.11 13.93 6.73
N LEU A 135 -11.78 14.54 5.74
CA LEU A 135 -11.77 14.03 4.38
C LEU A 135 -11.03 14.95 3.42
N SER A 136 -10.39 16.01 3.92
CA SER A 136 -9.70 16.95 3.06
C SER A 136 -8.37 16.40 2.59
N ILE A 137 -7.98 16.77 1.36
CA ILE A 137 -6.70 16.37 0.81
C ILE A 137 -5.53 17.05 1.50
N THR A 138 -5.79 18.10 2.28
CA THR A 138 -4.75 18.84 2.97
C THR A 138 -4.56 18.39 4.42
N ARG A 139 -5.17 17.28 4.82
CA ARG A 139 -4.98 16.75 6.15
C ARG A 139 -3.58 16.18 6.30
N SER A 140 -3.20 15.92 7.55
CA SER A 140 -1.84 15.44 7.85
C SER A 140 -1.66 14.01 7.36
N ILE A 141 -0.39 13.63 7.20
CA ILE A 141 -0.01 12.31 6.72
C ILE A 141 0.56 11.50 7.89
N ASN A 142 0.12 10.25 8.01
CA ASN A 142 0.66 9.33 9.00
C ASN A 142 1.62 8.39 8.29
N HIS A 143 2.92 8.66 8.41
CA HIS A 143 3.92 7.87 7.70
C HIS A 143 4.21 6.54 8.36
N ASN A 144 3.73 6.32 9.59
CA ASN A 144 3.80 5.00 10.20
C ASN A 144 2.74 4.05 9.65
N GLN A 145 1.78 4.56 8.90
CA GLN A 145 0.75 3.76 8.27
C GLN A 145 1.18 3.36 6.86
N ASN A 146 0.67 2.22 6.40
CA ASN A 146 0.95 1.78 5.04
C ASN A 146 0.51 2.84 4.05
N SER A 147 1.42 3.21 3.14
CA SER A 147 1.13 4.26 2.16
C SER A 147 0.54 3.72 0.86
N VAL A 148 0.65 2.42 0.62
CA VAL A 148 0.12 1.82 -0.60
C VAL A 148 -1.26 1.23 -0.38
N ARG A 149 -1.47 0.52 0.74
CA ARG A 149 -2.71 -0.20 0.98
C ARG A 149 -3.70 0.57 1.84
N GLY A 150 -3.23 1.33 2.81
CA GLY A 150 -4.13 2.02 3.72
C GLY A 150 -4.72 1.07 4.75
N SER A 151 -5.76 1.56 5.43
CA SER A 151 -6.42 0.76 6.46
C SER A 151 -7.85 1.24 6.62
N THR A 152 -8.65 0.41 7.29
CA THR A 152 -10.04 0.78 7.58
C THR A 152 -10.12 1.86 8.64
N ALA A 153 -9.02 2.14 9.34
CA ALA A 153 -8.98 3.24 10.29
C ALA A 153 -8.87 4.61 9.63
N GLN A 154 -8.66 4.66 8.32
CA GLN A 154 -8.52 5.91 7.59
C GLN A 154 -9.81 6.25 6.86
N LEU A 155 -10.03 7.54 6.64
CA LEU A 155 -11.19 7.97 5.87
C LEU A 155 -10.80 8.30 4.45
N PRO A 156 -11.67 8.03 3.48
CA PRO A 156 -11.36 8.36 2.09
C PRO A 156 -11.36 9.87 1.86
N PHE A 157 -10.57 10.30 0.87
CA PHE A 157 -10.62 11.69 0.44
C PHE A 157 -11.93 11.96 -0.28
N THR A 158 -12.42 13.19 -0.14
CA THR A 158 -13.76 13.52 -0.60
C THR A 158 -13.86 13.39 -2.12
N PRO A 159 -14.90 12.73 -2.64
CA PRO A 159 -15.06 12.61 -4.09
C PRO A 159 -15.37 13.95 -4.73
N GLY A 160 -14.99 14.08 -6.00
CA GLY A 160 -15.22 15.30 -6.74
C GLY A 160 -16.51 15.23 -7.56
N GLY A 161 -17.25 16.34 -7.55
CA GLY A 161 -18.52 16.44 -8.24
C GLY A 161 -19.72 16.01 -7.43
N ILE A 162 -19.56 15.01 -6.56
CA ILE A 162 -20.65 14.48 -5.74
C ILE A 162 -20.88 15.40 -4.56
N PRO A 163 -22.09 15.95 -4.37
CA PRO A 163 -22.44 16.77 -3.22
C PRO A 163 -23.08 15.96 -2.09
N SER A 177 -24.98 29.30 12.40
CA SER A 177 -25.84 28.57 13.31
C SER A 177 -25.57 27.08 13.23
N THR A 178 -24.34 26.70 12.87
CA THR A 178 -23.97 25.30 12.82
C THR A 178 -24.05 24.67 14.21
N MET A 179 -23.55 25.37 15.23
CA MET A 179 -23.63 24.87 16.60
C MET A 179 -25.08 24.76 17.05
N ALA A 180 -25.90 25.76 16.73
CA ALA A 180 -27.31 25.71 17.13
C ALA A 180 -28.04 24.57 16.43
N ASN A 181 -27.73 24.33 15.15
CA ASN A 181 -28.36 23.24 14.42
C ASN A 181 -27.81 21.87 14.81
N ALA A 182 -26.64 21.83 15.45
CA ALA A 182 -26.06 20.55 15.85
C ALA A 182 -26.80 19.95 17.03
N THR A 183 -27.14 20.76 18.03
CA THR A 183 -27.78 20.30 19.26
C THR A 183 -29.27 20.57 19.28
N LYS A 184 -29.93 20.52 18.13
CA LYS A 184 -31.36 20.81 18.07
C LYS A 184 -32.19 19.66 18.62
N LEU A 185 -31.70 18.43 18.51
CA LEU A 185 -32.45 17.25 18.91
C LEU A 185 -31.93 16.60 20.19
N LEU A 186 -31.14 17.34 20.98
CA LEU A 186 -30.61 16.81 22.23
C LEU A 186 -31.58 17.12 23.36
N HIS A 187 -31.92 16.10 24.14
CA HIS A 187 -32.89 16.25 25.23
C HIS A 187 -32.27 17.09 26.34
N LYS A 188 -32.74 18.33 26.46
CA LYS A 188 -32.29 19.23 27.53
C LYS A 188 -33.17 19.02 28.75
N ASP A 189 -32.56 18.63 29.86
CA ASP A 189 -33.30 18.34 31.08
C ASP A 189 -33.63 19.63 31.80
N GLY A 190 -34.05 19.52 33.06
CA GLY A 190 -34.27 20.71 33.87
C GLY A 190 -32.98 21.45 34.13
N GLN A 191 -33.12 22.72 34.47
CA GLN A 191 -32.01 23.65 34.69
C GLN A 191 -31.16 23.86 33.43
N GLY A 192 -31.62 23.37 32.28
CA GLY A 192 -30.96 23.64 31.01
C GLY A 192 -29.61 22.99 30.83
N LEU A 193 -29.59 21.65 30.77
CA LEU A 193 -28.35 20.92 30.55
C LEU A 193 -28.68 19.60 29.88
N PHE A 194 -27.80 19.17 28.97
CA PHE A 194 -27.98 17.88 28.31
C PHE A 194 -27.80 16.75 29.31
N ASP A 195 -28.66 15.73 29.21
CA ASP A 195 -28.66 14.63 30.14
C ASP A 195 -28.65 13.25 29.50
N ILE A 196 -28.85 13.15 28.19
CA ILE A 196 -28.90 11.86 27.50
C ILE A 196 -27.98 11.93 26.28
N PRO A 197 -26.98 11.07 26.17
CA PRO A 197 -26.15 11.03 24.95
C PRO A 197 -26.95 10.56 23.75
N GLU A 198 -26.50 10.95 22.57
CA GLU A 198 -27.22 10.58 21.35
C GLU A 198 -27.10 9.08 21.11
N GLY A 199 -28.22 8.46 20.74
CA GLY A 199 -28.27 7.03 20.52
C GLY A 199 -28.51 6.21 21.76
N MET A 200 -28.52 6.82 22.94
CA MET A 200 -28.75 6.14 24.20
C MET A 200 -30.12 6.50 24.74
N ASN A 201 -30.42 6.02 25.95
CA ASN A 201 -31.71 6.29 26.57
C ASN A 201 -31.60 6.63 28.05
N ARG A 202 -30.40 6.87 28.57
CA ARG A 202 -30.24 7.12 30.00
C ARG A 202 -28.95 7.89 30.22
N GLY A 203 -28.83 8.44 31.43
CA GLY A 203 -27.61 9.10 31.84
C GLY A 203 -26.97 8.40 33.03
N ILE A 204 -26.05 9.08 33.70
CA ILE A 204 -25.34 8.48 34.83
C ILE A 204 -26.20 8.58 36.08
N LYS A 205 -26.35 7.46 36.79
CA LYS A 205 -27.07 7.41 38.05
C LYS A 205 -26.09 7.02 39.16
N PRO A 206 -25.62 7.97 39.97
CA PRO A 206 -24.60 7.64 40.97
C PRO A 206 -25.14 6.70 42.04
N MET A 207 -24.24 5.88 42.58
CA MET A 207 -24.58 4.94 43.63
C MET A 207 -23.34 4.57 44.45
N LEU A 223 -24.30 29.50 35.66
CA LEU A 223 -23.07 29.84 34.97
C LEU A 223 -22.89 28.95 33.72
N LYS A 224 -22.98 27.64 33.92
CA LYS A 224 -22.84 26.70 32.82
C LYS A 224 -24.03 26.78 31.88
N GLN A 225 -25.15 27.28 32.40
CA GLN A 225 -26.35 27.47 31.58
C GLN A 225 -26.26 28.77 30.80
N LEU A 226 -25.58 29.75 31.39
CA LEU A 226 -25.40 31.06 30.74
C LEU A 226 -24.49 30.94 29.53
N ASN A 227 -23.71 29.86 29.48
CA ASN A 227 -22.79 29.61 28.37
C ASN A 227 -23.54 29.16 27.13
N GLU A 228 -24.47 29.99 26.68
CA GLU A 228 -25.17 29.76 25.42
C GLU A 228 -24.77 30.87 24.44
N ILE A 229 -23.46 31.09 24.35
CA ILE A 229 -22.92 32.16 23.52
C ILE A 229 -22.60 31.67 22.11
N ASP A 230 -23.51 31.94 21.17
CA ASP A 230 -23.29 31.58 19.78
C ASP A 230 -22.97 32.82 18.95
N ASN A 270 9.81 72.24 -20.40
CA ASN A 270 10.08 72.45 -21.81
C ASN A 270 8.78 72.54 -22.60
N ALA A 271 8.87 72.99 -23.85
CA ALA A 271 7.71 73.10 -24.72
C ALA A 271 7.25 71.71 -25.15
N ASP A 272 8.21 70.83 -25.40
CA ASP A 272 7.92 69.47 -25.82
C ASP A 272 7.16 68.70 -24.74
N ASP A 273 7.68 68.75 -23.52
CA ASP A 273 7.05 68.08 -22.40
C ASP A 273 5.66 68.65 -22.12
N ALA A 274 5.53 69.96 -22.27
CA ALA A 274 4.26 70.64 -22.07
C ALA A 274 3.23 70.16 -23.09
N GLU A 275 3.66 70.08 -24.35
CA GLU A 275 2.79 69.62 -25.42
C GLU A 275 2.38 68.16 -25.20
N ILE A 276 3.33 67.36 -24.71
CA ILE A 276 3.07 65.94 -24.43
C ILE A 276 2.05 65.79 -23.31
N ASP A 277 2.18 66.61 -22.27
CA ASP A 277 1.27 66.57 -21.13
C ASP A 277 -0.11 67.10 -21.52
N GLU A 278 -0.14 68.02 -22.47
CA GLU A 278 -1.40 68.61 -22.93
C GLU A 278 -2.16 67.64 -23.83
N LEU A 279 -1.45 66.66 -24.36
CA LEU A 279 -2.04 65.69 -25.28
C LEU A 279 -2.56 64.46 -24.53
N LEU A 280 -2.09 64.26 -23.31
CA LEU A 280 -2.49 63.11 -22.52
C LEU A 280 -3.09 63.54 -21.18
N PRO A 281 -2.97 62.67 -20.18
CA PRO A 281 -3.48 62.97 -18.85
C PRO A 281 -2.57 63.96 -18.14
N GLU A 301 -17.95 20.26 -17.49
CA GLU A 301 -19.11 19.47 -17.10
C GLU A 301 -19.87 18.95 -18.32
N TRP A 302 -19.16 18.79 -19.43
CA TRP A 302 -19.77 18.39 -20.69
C TRP A 302 -18.90 17.33 -21.36
N ALA A 303 -19.47 16.71 -22.39
CA ALA A 303 -18.78 15.75 -23.24
C ALA A 303 -18.82 16.22 -24.68
N HIS A 304 -17.68 16.15 -25.36
CA HIS A 304 -17.53 16.66 -26.71
C HIS A 304 -17.07 15.57 -27.64
N VAL A 305 -17.68 15.51 -28.82
CA VAL A 305 -17.33 14.53 -29.86
C VAL A 305 -16.47 15.24 -30.88
N VAL A 306 -15.28 14.69 -31.14
CA VAL A 306 -14.34 15.33 -32.06
C VAL A 306 -14.64 14.89 -33.49
N PHE A 315 0.48 20.55 -36.67
CA PHE A 315 0.70 19.86 -35.41
C PHE A 315 2.02 20.28 -34.78
N ASP A 316 3.01 20.57 -35.62
CA ASP A 316 4.31 20.96 -35.11
C ASP A 316 4.28 22.31 -34.42
N GLU A 317 3.32 23.16 -34.77
CA GLU A 317 3.17 24.45 -34.10
C GLU A 317 2.24 24.37 -32.90
N LEU A 318 1.27 23.46 -32.92
CA LEU A 318 0.37 23.32 -31.78
C LEU A 318 1.10 22.76 -30.56
N ILE A 319 1.96 21.76 -30.76
CA ILE A 319 2.70 21.15 -29.67
C ILE A 319 4.19 21.17 -30.00
N PRO A 320 4.89 22.27 -29.76
CA PRO A 320 6.31 22.35 -30.10
C PRO A 320 7.24 21.72 -29.07
N ASN A 321 6.72 21.25 -27.93
CA ASN A 321 7.51 20.59 -26.91
C ASN A 321 6.83 19.28 -26.50
N PRO A 322 6.85 18.27 -27.36
CA PRO A 322 6.20 17.01 -27.04
C PRO A 322 6.94 16.26 -25.94
N ALA A 323 6.18 15.56 -25.11
CA ALA A 323 6.76 14.77 -24.03
C ALA A 323 7.28 13.42 -24.48
N ARG A 324 7.00 13.01 -25.71
CA ARG A 324 7.49 11.74 -26.23
C ARG A 324 7.50 11.81 -27.74
N SER A 325 8.49 11.14 -28.35
CA SER A 325 8.63 11.10 -29.79
C SER A 325 8.68 9.65 -30.25
N TRP A 326 8.17 9.41 -31.46
CA TRP A 326 8.13 8.08 -32.04
C TRP A 326 8.75 8.10 -33.43
N PRO A 327 9.37 7.00 -33.84
CA PRO A 327 9.98 6.97 -35.19
C PRO A 327 8.96 7.16 -36.32
N PHE A 328 7.74 6.66 -36.16
CA PHE A 328 6.74 6.75 -37.20
C PHE A 328 5.90 8.01 -37.01
N GLU A 329 4.82 8.14 -37.77
CA GLU A 329 3.91 9.28 -37.67
C GLU A 329 2.59 8.82 -37.04
N LEU A 330 2.10 9.59 -36.09
CA LEU A 330 0.84 9.27 -35.44
C LEU A 330 -0.33 9.50 -36.39
N ASP A 331 -1.40 8.74 -36.18
CA ASP A 331 -2.62 8.92 -36.95
C ASP A 331 -3.39 10.12 -36.43
N THR A 332 -4.50 10.44 -37.10
CA THR A 332 -5.28 11.61 -36.72
C THR A 332 -5.85 11.48 -35.31
N PHE A 333 -6.37 10.30 -34.98
CA PHE A 333 -6.99 10.12 -33.66
C PHE A 333 -5.94 10.17 -32.55
N GLN A 334 -4.75 9.64 -32.80
CA GLN A 334 -3.66 9.75 -31.83
C GLN A 334 -3.27 11.20 -31.61
N LYS A 335 -3.17 11.98 -32.69
CA LYS A 335 -2.86 13.40 -32.56
C LYS A 335 -3.93 14.14 -31.79
N GLU A 336 -5.21 13.84 -32.06
CA GLU A 336 -6.30 14.48 -31.33
C GLU A 336 -6.23 14.16 -29.84
N ALA A 337 -6.00 12.90 -29.50
CA ALA A 337 -5.87 12.51 -28.10
C ALA A 337 -4.71 13.22 -27.43
N VAL A 338 -3.55 13.27 -28.10
CA VAL A 338 -2.38 13.95 -27.54
C VAL A 338 -2.67 15.43 -27.33
N TYR A 339 -3.28 16.08 -28.32
CA TYR A 339 -3.55 17.51 -28.22
C TYR A 339 -4.52 17.82 -27.08
N HIS A 340 -5.58 17.04 -26.95
CA HIS A 340 -6.55 17.31 -25.89
C HIS A 340 -6.00 16.94 -24.52
N LEU A 341 -5.10 15.95 -24.43
CA LEU A 341 -4.40 15.68 -23.19
C LEU A 341 -3.51 16.86 -22.81
N GLU A 342 -2.83 17.44 -23.80
CA GLU A 342 -1.96 18.59 -23.52
C GLU A 342 -2.75 19.81 -23.09
N GLN A 343 -3.94 20.02 -23.66
CA GLN A 343 -4.77 21.14 -23.24
C GLN A 343 -5.25 21.02 -21.80
N GLY A 344 -5.28 19.81 -21.24
CA GLY A 344 -5.63 19.63 -19.85
C GLY A 344 -6.99 19.00 -19.63
N ASP A 345 -7.40 18.11 -20.54
CA ASP A 345 -8.73 17.52 -20.49
C ASP A 345 -8.63 16.01 -20.44
N SER A 346 -9.77 15.37 -20.19
CA SER A 346 -9.85 13.92 -20.20
C SER A 346 -10.30 13.44 -21.58
N VAL A 347 -10.02 12.17 -21.86
CA VAL A 347 -10.22 11.60 -23.19
C VAL A 347 -10.82 10.20 -23.05
N PHE A 348 -11.76 9.88 -23.95
CA PHE A 348 -12.27 8.51 -24.08
C PHE A 348 -11.97 8.04 -25.49
N VAL A 349 -11.25 6.93 -25.61
CA VAL A 349 -10.80 6.41 -26.90
C VAL A 349 -11.47 5.06 -27.14
N ALA A 350 -12.08 4.89 -28.31
CA ALA A 350 -12.70 3.64 -28.71
C ALA A 350 -12.24 3.30 -30.12
N ALA A 351 -11.39 2.29 -30.24
CA ALA A 351 -10.83 1.91 -31.53
C ALA A 351 -10.54 0.41 -31.52
N HIS A 352 -10.33 -0.13 -32.71
CA HIS A 352 -10.00 -1.55 -32.85
C HIS A 352 -8.65 -1.85 -32.21
N THR A 353 -8.51 -3.08 -31.72
CA THR A 353 -7.25 -3.49 -31.12
C THR A 353 -6.14 -3.46 -32.16
N SER A 354 -4.93 -3.16 -31.69
CA SER A 354 -3.74 -3.02 -32.55
C SER A 354 -3.86 -1.85 -33.51
N ALA A 355 -4.73 -0.88 -33.21
CA ALA A 355 -4.75 0.38 -33.96
C ALA A 355 -3.83 1.43 -33.35
N GLY A 356 -3.25 1.17 -32.18
CA GLY A 356 -2.33 2.09 -31.56
C GLY A 356 -2.88 2.86 -30.39
N LYS A 357 -3.67 2.20 -29.54
CA LYS A 357 -4.19 2.84 -28.35
C LYS A 357 -3.18 2.92 -27.22
N THR A 358 -2.07 2.18 -27.30
CA THR A 358 -1.06 2.23 -26.26
C THR A 358 -0.17 3.47 -26.38
N VAL A 359 -0.16 4.12 -27.54
CA VAL A 359 0.60 5.35 -27.69
C VAL A 359 0.02 6.44 -26.79
N VAL A 360 -1.31 6.50 -26.68
CA VAL A 360 -1.94 7.49 -25.81
C VAL A 360 -1.55 7.25 -24.36
N ALA A 361 -1.56 5.99 -23.91
CA ALA A 361 -1.16 5.68 -22.55
C ALA A 361 0.29 6.03 -22.30
N GLU A 362 1.17 5.71 -23.26
CA GLU A 362 2.59 6.04 -23.09
C GLU A 362 2.81 7.55 -23.03
N TYR A 363 2.10 8.31 -23.88
CA TYR A 363 2.22 9.75 -23.84
C TYR A 363 1.72 10.32 -22.53
N ALA A 364 0.63 9.77 -21.99
CA ALA A 364 0.13 10.22 -20.70
C ALA A 364 1.14 9.94 -19.59
N ILE A 365 1.78 8.77 -19.63
CA ILE A 365 2.80 8.45 -18.63
C ILE A 365 3.97 9.41 -18.71
N ALA A 366 4.45 9.69 -19.93
CA ALA A 366 5.57 10.60 -20.09
C ALA A 366 5.21 12.02 -19.68
N MET A 367 3.99 12.46 -20.01
CA MET A 367 3.55 13.79 -19.66
C MET A 367 3.42 13.96 -18.14
N ALA A 368 2.90 12.94 -17.46
CA ALA A 368 2.84 12.99 -16.01
C ALA A 368 4.23 12.96 -15.40
N HIS A 369 5.15 12.23 -16.02
CA HIS A 369 6.53 12.20 -15.52
C HIS A 369 7.18 13.57 -15.65
N ARG A 370 6.89 14.30 -16.74
CA ARG A 370 7.47 15.62 -16.91
C ARG A 370 7.01 16.57 -15.82
N ASN A 371 5.74 16.51 -15.44
CA ASN A 371 5.21 17.34 -14.35
C ASN A 371 5.60 16.82 -12.98
N MET A 372 6.28 15.68 -12.91
CA MET A 372 6.72 15.07 -11.66
C MET A 372 5.52 14.63 -10.80
N THR A 373 4.51 14.08 -11.47
CA THR A 373 3.36 13.45 -10.84
C THR A 373 3.35 11.97 -11.23
N LYS A 374 2.26 11.27 -10.87
CA LYS A 374 2.19 9.83 -11.03
C LYS A 374 1.01 9.43 -11.90
N THR A 375 1.08 8.20 -12.40
CA THR A 375 0.04 7.62 -13.24
C THR A 375 -0.29 6.24 -12.69
N ILE A 376 -1.55 5.83 -12.82
CA ILE A 376 -2.00 4.51 -12.43
C ILE A 376 -2.64 3.85 -13.64
N TYR A 377 -2.20 2.63 -13.96
CA TYR A 377 -2.78 1.83 -15.03
C TYR A 377 -3.54 0.67 -14.41
N THR A 378 -4.80 0.50 -14.79
CA THR A 378 -5.65 -0.54 -14.24
C THR A 378 -6.30 -1.34 -15.35
N SER A 379 -6.57 -2.61 -15.06
CA SER A 379 -7.28 -3.50 -15.97
C SER A 379 -8.14 -4.43 -15.14
N PRO A 380 -9.21 -4.98 -15.70
CA PRO A 380 -10.04 -5.94 -14.96
C PRO A 380 -9.58 -7.39 -15.05
N ILE A 381 -8.56 -7.70 -15.85
CA ILE A 381 -8.04 -9.06 -15.98
C ILE A 381 -6.71 -9.13 -15.25
N LYS A 382 -6.59 -10.07 -14.31
CA LYS A 382 -5.40 -10.18 -13.49
C LYS A 382 -4.22 -10.82 -14.21
N ALA A 383 -4.43 -11.40 -15.38
CA ALA A 383 -3.36 -12.01 -16.15
C ALA A 383 -2.67 -11.06 -17.09
N LEU A 384 -3.14 -9.82 -17.20
CA LEU A 384 -2.52 -8.81 -18.05
C LEU A 384 -1.61 -7.86 -17.27
N SER A 385 -1.66 -7.90 -15.94
CA SER A 385 -0.81 -7.01 -15.15
C SER A 385 0.67 -7.32 -15.36
N ASN A 386 1.02 -8.61 -15.36
CA ASN A 386 2.42 -8.99 -15.54
C ASN A 386 2.90 -8.67 -16.95
N GLN A 387 2.08 -8.93 -17.96
CA GLN A 387 2.46 -8.61 -19.34
C GLN A 387 2.65 -7.10 -19.50
N LYS A 388 1.74 -6.31 -18.93
CA LYS A 388 1.87 -4.86 -19.02
C LYS A 388 3.10 -4.36 -18.27
N PHE A 389 3.40 -4.96 -17.11
CA PHE A 389 4.59 -4.60 -16.36
C PHE A 389 5.85 -4.82 -17.20
N ARG A 390 5.97 -6.01 -17.79
CA ARG A 390 7.15 -6.30 -18.60
C ARG A 390 7.23 -5.37 -19.82
N ASP A 391 6.10 -5.15 -20.49
CA ASP A 391 6.10 -4.32 -21.69
C ASP A 391 6.49 -2.88 -21.37
N PHE A 392 5.94 -2.32 -20.29
CA PHE A 392 6.25 -0.95 -19.94
C PHE A 392 7.69 -0.82 -19.47
N LYS A 393 8.19 -1.80 -18.72
CA LYS A 393 9.58 -1.74 -18.29
C LYS A 393 10.54 -1.85 -19.46
N GLU A 394 10.15 -2.57 -20.51
CA GLU A 394 10.99 -2.62 -21.72
C GLU A 394 10.89 -1.33 -22.51
N THR A 395 9.71 -0.71 -22.57
CA THR A 395 9.51 0.45 -23.42
C THR A 395 10.20 1.69 -22.86
N PHE A 396 10.05 1.95 -21.57
CA PHE A 396 10.46 3.22 -21.00
C PHE A 396 11.86 3.14 -20.41
N ASP A 397 12.60 4.24 -20.56
CA ASP A 397 13.88 4.45 -19.89
C ASP A 397 13.80 5.73 -19.09
N ASP A 398 14.45 5.73 -17.92
CA ASP A 398 14.45 6.82 -16.94
C ASP A 398 13.09 6.98 -16.25
N VAL A 399 12.10 6.17 -16.58
CA VAL A 399 10.81 6.16 -15.92
C VAL A 399 10.66 4.83 -15.18
N ASN A 400 10.32 4.90 -13.89
CA ASN A 400 10.15 3.69 -13.10
C ASN A 400 8.76 3.11 -13.29
N ILE A 401 8.68 1.79 -13.22
CA ILE A 401 7.42 1.06 -13.34
C ILE A 401 7.29 0.14 -12.14
N GLY A 402 6.09 0.10 -11.55
CA GLY A 402 5.84 -0.75 -10.41
C GLY A 402 4.62 -1.62 -10.63
N LEU A 403 4.47 -2.61 -9.76
CA LEU A 403 3.37 -3.56 -9.84
C LEU A 403 2.83 -3.83 -8.45
N ILE A 404 1.52 -3.70 -8.28
CA ILE A 404 0.86 -3.91 -6.99
C ILE A 404 -0.21 -4.98 -7.18
N THR A 405 -0.10 -6.06 -6.41
CA THR A 405 -1.12 -7.09 -6.41
C THR A 405 -1.51 -7.42 -4.97
N GLY A 406 -2.28 -8.49 -4.79
CA GLY A 406 -2.80 -8.80 -3.47
C GLY A 406 -1.72 -9.04 -2.42
N ASP A 407 -0.64 -9.70 -2.83
CA ASP A 407 0.45 -10.01 -1.90
C ASP A 407 1.75 -9.31 -2.26
N VAL A 408 2.15 -9.34 -3.53
CA VAL A 408 3.46 -8.85 -3.94
C VAL A 408 3.41 -7.35 -4.20
N GLN A 409 4.54 -6.70 -3.93
CA GLN A 409 4.72 -5.28 -4.23
C GLN A 409 6.10 -5.13 -4.87
N ILE A 410 6.14 -4.53 -6.06
CA ILE A 410 7.38 -4.34 -6.81
C ILE A 410 7.52 -2.86 -7.12
N ASN A 411 8.61 -2.26 -6.65
CA ASN A 411 8.87 -0.83 -6.78
C ASN A 411 7.68 -0.02 -6.31
N PRO A 412 7.37 -0.04 -5.01
CA PRO A 412 6.19 0.71 -4.53
C PRO A 412 6.30 2.20 -4.76
N ASP A 413 7.49 2.77 -4.71
CA ASP A 413 7.69 4.21 -4.93
C ASP A 413 8.15 4.48 -6.35
N ALA A 414 7.30 4.14 -7.30
CA ALA A 414 7.59 4.30 -8.72
C ALA A 414 6.77 5.45 -9.28
N ASN A 415 6.91 5.68 -10.59
CA ASN A 415 6.16 6.73 -11.26
C ASN A 415 4.88 6.20 -11.90
N CYS A 416 4.89 4.97 -12.39
CA CYS A 416 3.72 4.33 -12.97
C CYS A 416 3.49 3.01 -12.25
N LEU A 417 2.33 2.88 -11.60
CA LEU A 417 1.97 1.67 -10.89
C LEU A 417 0.89 0.92 -11.66
N ILE A 418 1.00 -0.40 -11.67
CA ILE A 418 0.08 -1.26 -12.41
C ILE A 418 -0.65 -2.14 -11.42
N MET A 419 -1.98 -2.19 -11.53
CA MET A 419 -2.81 -2.97 -10.63
C MET A 419 -4.11 -3.32 -11.34
N THR A 420 -5.01 -3.96 -10.61
CA THR A 420 -6.36 -4.23 -11.08
C THR A 420 -7.33 -3.25 -10.44
N THR A 421 -8.57 -3.23 -10.96
CA THR A 421 -9.53 -2.23 -10.51
C THR A 421 -9.99 -2.49 -9.08
N GLU A 422 -10.02 -3.75 -8.65
CA GLU A 422 -10.41 -4.05 -7.27
C GLU A 422 -9.39 -3.52 -6.28
N ILE A 423 -8.10 -3.61 -6.61
CA ILE A 423 -7.06 -3.06 -5.74
C ILE A 423 -7.23 -1.55 -5.61
N LEU A 424 -7.50 -0.87 -6.73
CA LEU A 424 -7.72 0.58 -6.70
C LEU A 424 -8.96 0.93 -5.88
N ARG A 425 -10.02 0.15 -6.00
CA ARG A 425 -11.23 0.43 -5.23
C ARG A 425 -10.99 0.27 -3.74
N SER A 426 -10.26 -0.78 -3.36
CA SER A 426 -9.92 -0.96 -1.95
C SER A 426 -9.07 0.22 -1.45
N MET A 427 -8.11 0.66 -2.27
CA MET A 427 -7.29 1.80 -1.90
C MET A 427 -8.13 3.05 -1.70
N LEU A 428 -9.09 3.29 -2.60
CA LEU A 428 -9.94 4.47 -2.49
C LEU A 428 -10.80 4.43 -1.24
N TYR A 429 -11.37 3.27 -0.93
CA TYR A 429 -12.19 3.16 0.27
C TYR A 429 -11.37 3.25 1.55
N ARG A 430 -10.09 2.88 1.51
CA ARG A 430 -9.25 2.92 2.71
C ARG A 430 -8.40 4.18 2.78
N GLY A 431 -8.58 5.13 1.88
CA GLY A 431 -7.88 6.39 1.94
C GLY A 431 -6.38 6.30 1.80
N ALA A 432 -5.91 5.55 0.80
CA ALA A 432 -4.47 5.38 0.61
C ALA A 432 -3.81 6.70 0.23
N ASP A 433 -2.63 6.94 0.80
CA ASP A 433 -1.87 8.15 0.53
C ASP A 433 -1.24 8.16 -0.85
N LEU A 434 -1.28 7.04 -1.57
CA LEU A 434 -0.73 6.99 -2.92
C LEU A 434 -1.46 7.92 -3.87
N ILE A 435 -2.77 8.10 -3.67
CA ILE A 435 -3.58 8.91 -4.58
C ILE A 435 -3.30 10.40 -4.48
N ARG A 436 -2.49 10.82 -3.51
CA ARG A 436 -2.22 12.24 -3.34
C ARG A 436 -1.51 12.83 -4.55
N ASP A 437 -0.56 12.08 -5.13
CA ASP A 437 0.28 12.56 -6.22
C ASP A 437 -0.13 12.02 -7.58
N VAL A 438 -1.25 11.32 -7.67
CA VAL A 438 -1.68 10.73 -8.93
C VAL A 438 -2.40 11.78 -9.76
N GLU A 439 -2.00 11.93 -11.01
CA GLU A 439 -2.59 12.89 -11.94
C GLU A 439 -3.52 12.24 -12.95
N PHE A 440 -3.13 11.08 -13.50
CA PHE A 440 -3.92 10.35 -14.47
C PHE A 440 -4.23 8.95 -13.93
N VAL A 441 -5.42 8.45 -14.25
CA VAL A 441 -5.79 7.06 -14.03
C VAL A 441 -6.27 6.50 -15.37
N ILE A 442 -5.69 5.39 -15.79
CA ILE A 442 -6.00 4.79 -17.08
C ILE A 442 -6.89 3.59 -16.85
N PHE A 443 -8.05 3.57 -17.50
CA PHE A 443 -8.96 2.43 -17.49
C PHE A 443 -8.85 1.71 -18.81
N ASP A 444 -8.50 0.43 -18.77
CA ASP A 444 -8.35 -0.38 -19.96
C ASP A 444 -9.39 -1.49 -19.99
N GLU A 445 -9.75 -1.93 -21.19
CA GLU A 445 -10.72 -3.00 -21.41
C GLU A 445 -12.06 -2.66 -20.75
N VAL A 446 -12.55 -1.44 -21.03
CA VAL A 446 -13.79 -0.99 -20.40
C VAL A 446 -14.98 -1.79 -20.92
N HIS A 447 -14.94 -2.19 -22.19
CA HIS A 447 -16.04 -2.93 -22.79
C HIS A 447 -16.19 -4.34 -22.24
N TYR A 448 -15.18 -4.85 -21.55
CA TYR A 448 -15.18 -6.23 -21.10
C TYR A 448 -16.29 -6.47 -20.09
N VAL A 449 -17.17 -7.43 -20.38
CA VAL A 449 -18.33 -7.74 -19.55
C VAL A 449 -18.33 -9.23 -19.25
N ASN A 450 -18.54 -9.57 -17.98
CA ASN A 450 -18.69 -10.97 -17.58
C ASN A 450 -19.50 -11.00 -16.29
N ASP A 451 -20.64 -11.70 -16.30
CA ASP A 451 -21.56 -11.64 -15.17
C ASP A 451 -20.97 -12.32 -13.94
N GLN A 452 -20.39 -13.50 -14.09
CA GLN A 452 -19.82 -14.24 -12.97
C GLN A 452 -18.38 -13.84 -12.66
N ASP A 453 -18.14 -12.54 -12.48
CA ASP A 453 -16.82 -12.02 -12.15
C ASP A 453 -17.03 -10.77 -11.32
N ARG A 454 -16.64 -10.82 -10.04
CA ARG A 454 -16.88 -9.73 -9.11
C ARG A 454 -15.76 -8.69 -9.11
N GLY A 455 -15.00 -8.61 -10.20
CA GLY A 455 -13.87 -7.70 -10.26
C GLY A 455 -14.03 -6.58 -11.27
N VAL A 456 -15.12 -6.57 -12.02
CA VAL A 456 -15.39 -5.48 -12.96
C VAL A 456 -16.17 -4.40 -12.24
N VAL A 457 -15.48 -3.55 -11.49
CA VAL A 457 -16.11 -2.47 -10.74
C VAL A 457 -15.33 -1.19 -11.06
N TRP A 458 -15.72 -0.50 -12.13
CA TRP A 458 -15.05 0.73 -12.53
C TRP A 458 -15.93 1.96 -12.45
N GLU A 459 -17.24 1.80 -12.30
CA GLU A 459 -18.10 2.96 -12.09
C GLU A 459 -18.05 3.45 -10.65
N GLU A 460 -17.94 2.52 -9.69
CA GLU A 460 -17.71 2.91 -8.31
C GLU A 460 -16.37 3.62 -8.15
N VAL A 461 -15.34 3.14 -8.87
CA VAL A 461 -14.04 3.79 -8.85
C VAL A 461 -14.14 5.22 -9.37
N ILE A 462 -14.87 5.40 -10.48
CA ILE A 462 -15.06 6.74 -11.04
C ILE A 462 -15.80 7.62 -10.04
N ILE A 463 -16.83 7.09 -9.39
CA ILE A 463 -17.61 7.88 -8.44
C ILE A 463 -16.75 8.33 -7.28
N MET A 464 -15.87 7.46 -6.79
CA MET A 464 -15.13 7.73 -5.56
C MET A 464 -13.80 8.44 -5.76
N LEU A 465 -13.42 8.76 -7.01
CA LEU A 465 -12.13 9.40 -7.23
C LEU A 465 -12.16 10.88 -6.84
N PRO A 466 -11.02 11.42 -6.38
CA PRO A 466 -10.99 12.85 -5.99
C PRO A 466 -11.02 13.81 -7.17
N GLN A 467 -10.98 15.11 -6.87
CA GLN A 467 -11.22 16.15 -7.85
C GLN A 467 -10.03 16.40 -8.77
N HIS A 468 -8.82 16.14 -8.32
CA HIS A 468 -7.62 16.49 -9.08
C HIS A 468 -7.19 15.41 -10.06
N VAL A 469 -7.92 14.32 -10.16
CA VAL A 469 -7.54 13.18 -10.99
C VAL A 469 -8.29 13.27 -12.32
N LYS A 470 -7.55 13.08 -13.41
CA LYS A 470 -8.14 13.00 -14.75
C LYS A 470 -8.15 11.54 -15.21
N PHE A 471 -8.90 11.30 -16.29
CA PHE A 471 -9.17 9.94 -16.73
C PHE A 471 -8.72 9.73 -18.17
N ILE A 472 -8.33 8.49 -18.46
CA ILE A 472 -8.03 8.04 -19.82
C ILE A 472 -8.68 6.67 -19.96
N LEU A 473 -9.86 6.62 -20.57
CA LEU A 473 -10.60 5.38 -20.74
C LEU A 473 -10.44 4.85 -22.16
N LEU A 474 -10.11 3.58 -22.27
CA LEU A 474 -9.87 2.92 -23.54
C LEU A 474 -10.77 1.70 -23.67
N SER A 475 -11.32 1.49 -24.86
CA SER A 475 -12.24 0.38 -25.07
C SER A 475 -12.26 0.03 -26.55
N ALA A 476 -12.91 -1.08 -26.87
CA ALA A 476 -13.18 -1.43 -28.25
C ALA A 476 -14.33 -0.57 -28.79
N THR A 477 -14.52 -0.64 -30.10
CA THR A 477 -15.54 0.19 -30.74
C THR A 477 -16.94 -0.24 -30.30
N VAL A 478 -17.71 0.71 -29.79
CA VAL A 478 -19.07 0.44 -29.30
C VAL A 478 -19.99 1.55 -29.77
N PRO A 479 -21.27 1.22 -29.95
CA PRO A 479 -22.26 2.23 -30.36
C PRO A 479 -22.85 3.06 -29.23
N ASN A 480 -22.39 2.86 -27.99
CA ASN A 480 -23.00 3.44 -26.80
C ASN A 480 -22.05 4.39 -26.09
N THR A 481 -21.16 5.04 -26.85
CA THR A 481 -20.07 5.80 -26.25
C THR A 481 -20.53 7.11 -25.61
N TYR A 482 -21.44 7.83 -26.27
CA TYR A 482 -21.74 9.20 -25.85
C TYR A 482 -22.49 9.22 -24.52
N GLU A 483 -23.36 8.22 -24.28
CA GLU A 483 -24.12 8.20 -23.03
C GLU A 483 -23.19 8.07 -21.82
N PHE A 484 -22.24 7.14 -21.88
CA PHE A 484 -21.32 6.96 -20.77
C PHE A 484 -20.35 8.14 -20.64
N ALA A 485 -19.87 8.66 -21.77
CA ALA A 485 -19.01 9.85 -21.68
C ALA A 485 -19.74 11.03 -21.07
N ASN A 486 -21.01 11.22 -21.44
CA ASN A 486 -21.81 12.30 -20.89
C ASN A 486 -22.08 12.10 -19.40
N TRP A 487 -22.36 10.86 -18.99
CA TRP A 487 -22.56 10.61 -17.57
C TRP A 487 -21.30 10.91 -16.77
N ILE A 488 -20.14 10.48 -17.27
CA ILE A 488 -18.89 10.77 -16.58
C ILE A 488 -18.65 12.26 -16.49
N GLY A 489 -18.86 12.98 -17.61
CA GLY A 489 -18.65 14.41 -17.60
C GLY A 489 -19.57 15.15 -16.64
N ARG A 490 -20.85 14.77 -16.63
CA ARG A 490 -21.80 15.40 -15.71
C ARG A 490 -21.46 15.10 -14.26
N THR A 491 -21.18 13.83 -13.95
CA THR A 491 -20.99 13.43 -12.57
C THR A 491 -19.70 14.01 -11.99
N LYS A 492 -18.58 13.88 -12.72
CA LYS A 492 -17.31 14.36 -12.22
C LYS A 492 -17.05 15.83 -12.53
N GLN A 493 -17.87 16.43 -13.39
CA GLN A 493 -17.69 17.83 -13.81
C GLN A 493 -16.32 18.05 -14.45
N LYS A 494 -15.96 17.13 -15.35
CA LYS A 494 -14.73 17.21 -16.13
C LYS A 494 -15.08 17.23 -17.61
N ASN A 495 -14.20 17.82 -18.41
CA ASN A 495 -14.40 17.89 -19.85
C ASN A 495 -13.86 16.62 -20.49
N ILE A 496 -14.75 15.80 -21.04
CA ILE A 496 -14.39 14.55 -21.69
C ILE A 496 -14.47 14.77 -23.20
N TYR A 497 -13.52 14.20 -23.94
CA TYR A 497 -13.53 14.25 -25.39
C TYR A 497 -13.60 12.83 -25.93
N VAL A 498 -14.46 12.64 -26.94
CA VAL A 498 -14.79 11.32 -27.47
C VAL A 498 -14.08 11.14 -28.81
N ILE A 499 -13.14 10.21 -28.87
CA ILE A 499 -12.47 9.82 -30.10
C ILE A 499 -12.89 8.40 -30.44
N SER A 500 -13.41 8.22 -31.65
CA SER A 500 -13.85 6.91 -32.15
C SER A 500 -13.30 6.72 -33.54
N THR A 501 -12.70 5.55 -33.80
CA THR A 501 -12.10 5.28 -35.10
C THR A 501 -12.44 3.87 -35.57
N PRO A 502 -13.05 3.72 -36.75
CA PRO A 502 -13.26 2.39 -37.32
C PRO A 502 -12.16 1.91 -38.25
N LYS A 503 -11.18 2.75 -38.56
CA LYS A 503 -10.12 2.36 -39.49
C LYS A 503 -9.25 1.27 -38.89
N ARG A 504 -8.82 0.34 -39.74
CA ARG A 504 -8.02 -0.80 -39.32
C ARG A 504 -6.69 -0.79 -40.05
N PRO A 505 -5.57 -0.96 -39.33
CA PRO A 505 -4.26 -0.92 -40.01
C PRO A 505 -4.08 -2.00 -41.07
N VAL A 506 -4.64 -3.19 -40.86
CA VAL A 506 -4.55 -4.28 -41.82
C VAL A 506 -5.94 -4.80 -42.10
N PRO A 507 -6.38 -4.85 -43.36
CA PRO A 507 -7.72 -5.36 -43.65
C PRO A 507 -7.83 -6.86 -43.40
N LEU A 508 -9.06 -7.31 -43.22
CA LEU A 508 -9.36 -8.71 -42.95
C LEU A 508 -10.19 -9.30 -44.08
N GLU A 509 -10.01 -10.60 -44.30
CA GLU A 509 -10.88 -11.37 -45.19
C GLU A 509 -11.47 -12.53 -44.39
N ILE A 510 -12.69 -12.92 -44.76
CA ILE A 510 -13.38 -14.05 -44.14
C ILE A 510 -13.59 -15.11 -45.21
N ASN A 511 -13.13 -16.32 -44.92
CA ASN A 511 -13.24 -17.44 -45.84
C ASN A 511 -13.96 -18.60 -45.18
N ILE A 512 -14.23 -19.64 -45.97
CA ILE A 512 -14.84 -20.86 -45.47
C ILE A 512 -14.06 -22.05 -46.04
N TRP A 513 -13.79 -23.04 -45.20
CA TRP A 513 -13.08 -24.23 -45.63
C TRP A 513 -14.05 -25.28 -46.15
N LYS A 515 -14.86 -28.31 -48.08
CA LYS A 515 -14.24 -29.62 -48.27
C LYS A 515 -13.02 -29.51 -49.19
N LYS A 516 -11.83 -29.46 -48.59
CA LYS A 516 -10.57 -29.34 -49.33
C LYS A 516 -10.55 -28.11 -50.22
N GLU A 517 -11.24 -27.05 -49.80
CA GLU A 517 -11.37 -25.84 -50.60
C GLU A 517 -11.48 -24.64 -49.68
N LEU A 518 -11.01 -23.49 -50.17
CA LEU A 518 -11.10 -22.22 -49.45
C LEU A 518 -11.85 -21.23 -50.34
N ILE A 519 -13.11 -20.97 -50.01
CA ILE A 519 -13.99 -20.11 -50.80
C ILE A 519 -14.11 -18.78 -50.07
N PRO A 520 -13.56 -17.69 -50.61
CA PRO A 520 -13.70 -16.38 -49.95
C PRO A 520 -15.15 -15.91 -49.99
N VAL A 521 -15.65 -15.47 -48.83
CA VAL A 521 -17.03 -15.06 -48.70
C VAL A 521 -17.18 -13.58 -48.38
N ILE A 522 -16.19 -12.96 -47.75
CA ILE A 522 -16.20 -11.53 -47.45
C ILE A 522 -14.85 -10.95 -47.84
N ASN A 523 -14.85 -9.94 -48.71
CA ASN A 523 -13.60 -9.34 -49.16
C ASN A 523 -13.14 -8.28 -48.16
N GLN A 524 -12.11 -7.53 -48.53
CA GLN A 524 -11.51 -6.56 -47.63
C GLN A 524 -12.34 -5.30 -47.45
N ASN A 525 -13.40 -5.12 -48.23
CA ASN A 525 -14.28 -3.98 -48.11
C ASN A 525 -15.59 -4.32 -47.40
N SER A 526 -15.60 -5.39 -46.61
CA SER A 526 -16.76 -5.79 -45.80
C SER A 526 -18.01 -6.02 -46.65
N GLU A 527 -17.82 -6.43 -47.90
CA GLU A 527 -18.93 -6.70 -48.81
C GLU A 527 -19.22 -8.19 -48.80
N PHE A 528 -20.38 -8.57 -48.26
CA PHE A 528 -20.78 -9.96 -48.27
C PHE A 528 -20.95 -10.46 -49.70
N LEU A 529 -20.40 -11.62 -49.99
CA LEU A 529 -20.51 -12.24 -51.31
C LEU A 529 -21.50 -13.38 -51.24
N GLU A 530 -22.50 -13.38 -52.12
CA GLU A 530 -23.52 -14.41 -52.13
C GLU A 530 -23.27 -15.48 -53.19
N ALA A 531 -22.59 -15.14 -54.29
CA ALA A 531 -22.27 -16.15 -55.29
C ALA A 531 -21.37 -17.24 -54.72
N ASN A 532 -20.32 -16.83 -54.00
CA ASN A 532 -19.43 -17.81 -53.39
C ASN A 532 -20.11 -18.57 -52.26
N PHE A 533 -21.00 -17.90 -51.52
CA PHE A 533 -21.76 -18.59 -50.48
C PHE A 533 -22.65 -19.67 -51.08
N ARG A 534 -23.32 -19.36 -52.20
CA ARG A 534 -24.13 -20.37 -52.87
C ARG A 534 -23.26 -21.50 -53.43
N LYS A 535 -22.10 -21.16 -53.99
CA LYS A 535 -21.19 -22.19 -54.48
C LYS A 535 -20.74 -23.11 -53.36
N HIS A 536 -20.46 -22.56 -52.18
CA HIS A 536 -20.23 -23.39 -51.01
C HIS A 536 -21.44 -24.26 -50.68
N LYS A 537 -22.64 -23.69 -50.78
CA LYS A 537 -23.84 -24.46 -50.50
C LYS A 537 -23.97 -25.66 -51.44
N GLU A 538 -23.48 -25.51 -52.68
CA GLU A 538 -23.54 -26.62 -53.62
C GLU A 538 -22.59 -27.74 -53.21
N ILE A 539 -21.29 -27.45 -53.16
CA ILE A 539 -20.30 -28.44 -52.74
C ILE A 539 -20.48 -28.79 -51.27
N SER A 610 -13.31 -34.86 -37.14
CA SER A 610 -12.70 -36.12 -37.52
C SER A 610 -11.21 -36.12 -37.24
N LYS A 611 -10.56 -37.26 -37.50
CA LYS A 611 -9.14 -37.43 -37.19
C LYS A 611 -8.21 -36.98 -38.31
N LYS A 612 -8.75 -36.61 -39.47
CA LYS A 612 -7.93 -36.20 -40.60
C LYS A 612 -8.14 -34.75 -41.00
N THR A 613 -8.96 -34.00 -40.25
CA THR A 613 -9.26 -32.62 -40.63
C THR A 613 -8.04 -31.72 -40.44
N TRP A 614 -7.40 -31.79 -39.28
CA TRP A 614 -6.36 -30.85 -38.92
C TRP A 614 -5.04 -31.12 -39.62
N PRO A 615 -4.62 -32.37 -39.82
CA PRO A 615 -3.45 -32.58 -40.70
C PRO A 615 -3.64 -31.98 -42.08
N GLU A 616 -4.84 -32.13 -42.66
CA GLU A 616 -5.10 -31.56 -43.98
C GLU A 616 -5.07 -30.04 -43.94
N ILE A 617 -5.69 -29.44 -42.91
CA ILE A 617 -5.70 -27.98 -42.81
C ILE A 617 -4.28 -27.45 -42.66
N VAL A 618 -3.48 -28.08 -41.80
CA VAL A 618 -2.12 -27.61 -41.56
C VAL A 618 -1.27 -27.78 -42.82
N ASN A 619 -1.42 -28.91 -43.52
CA ASN A 619 -0.67 -29.10 -44.76
C ASN A 619 -1.03 -28.04 -45.80
N TYR A 620 -2.32 -27.75 -45.96
CA TYR A 620 -2.73 -26.73 -46.92
C TYR A 620 -2.18 -25.37 -46.55
N LEU A 621 -2.27 -24.99 -45.27
CA LEU A 621 -1.79 -23.69 -44.85
C LEU A 621 -0.27 -23.58 -44.99
N ARG A 622 0.45 -24.65 -44.68
CA ARG A 622 1.90 -24.63 -44.84
C ARG A 622 2.30 -24.50 -46.30
N LYS A 623 1.59 -25.20 -47.19
CA LYS A 623 1.86 -25.05 -48.62
C LYS A 623 1.57 -23.62 -49.07
N ARG A 624 0.48 -23.04 -48.61
CA ARG A 624 0.14 -21.66 -48.95
C ARG A 624 0.94 -20.64 -48.15
N GLU A 625 1.67 -21.08 -47.11
CA GLU A 625 2.53 -20.20 -46.30
C GLU A 625 1.74 -19.11 -45.58
N LEU A 626 0.73 -19.53 -44.81
CA LEU A 626 -0.09 -18.62 -44.03
C LEU A 626 0.07 -18.87 -42.53
N LEU A 627 1.19 -19.45 -42.12
CA LEU A 627 1.49 -19.71 -40.72
C LEU A 627 2.24 -18.54 -40.11
N PRO A 628 2.19 -18.36 -38.78
CA PRO A 628 1.53 -19.16 -37.74
C PRO A 628 0.01 -19.05 -37.73
N MET A 629 -0.65 -19.96 -37.01
CA MET A 629 -2.10 -20.01 -36.96
C MET A 629 -2.55 -20.17 -35.51
N VAL A 630 -3.78 -19.75 -35.25
CA VAL A 630 -4.44 -19.97 -33.96
C VAL A 630 -5.81 -20.56 -34.24
N VAL A 631 -6.13 -21.67 -33.57
CA VAL A 631 -7.42 -22.33 -33.70
C VAL A 631 -8.19 -22.08 -32.41
N PHE A 632 -9.41 -21.54 -32.54
CA PHE A 632 -10.22 -21.19 -31.39
C PHE A 632 -11.21 -22.32 -31.11
N VAL A 633 -11.00 -23.03 -30.01
CA VAL A 633 -11.80 -24.18 -29.62
C VAL A 633 -12.42 -23.88 -28.27
N PHE A 634 -13.74 -24.01 -28.18
CA PHE A 634 -14.47 -23.71 -26.95
C PHE A 634 -14.70 -24.98 -26.13
N SER A 635 -13.60 -25.64 -25.80
CA SER A 635 -13.60 -26.86 -24.99
C SER A 635 -12.18 -27.14 -24.55
N LYS A 636 -11.99 -27.37 -23.25
CA LYS A 636 -10.64 -27.61 -22.75
C LYS A 636 -10.10 -28.96 -23.22
N LYS A 637 -10.95 -29.98 -23.25
CA LYS A 637 -10.50 -31.32 -23.65
C LYS A 637 -10.32 -31.43 -25.15
N ARG A 638 -11.17 -30.75 -25.93
CA ARG A 638 -11.06 -30.82 -27.38
C ARG A 638 -9.78 -30.18 -27.88
N CYS A 639 -9.29 -29.15 -27.20
CA CYS A 639 -8.01 -28.55 -27.57
C CYS A 639 -6.91 -29.61 -27.54
N GLU A 640 -6.81 -30.34 -26.43
CA GLU A 640 -5.76 -31.34 -26.30
C GLU A 640 -5.96 -32.53 -27.23
N GLU A 641 -7.22 -32.91 -27.46
CA GLU A 641 -7.48 -33.98 -28.41
C GLU A 641 -7.03 -33.61 -29.82
N TYR A 642 -7.36 -32.39 -30.27
CA TYR A 642 -6.93 -31.93 -31.58
C TYR A 642 -5.41 -31.81 -31.63
N ALA A 643 -4.79 -31.36 -30.54
CA ALA A 643 -3.34 -31.24 -30.51
C ALA A 643 -2.68 -32.61 -30.65
N ASP A 644 -3.21 -33.62 -29.98
CA ASP A 644 -2.70 -34.97 -30.12
C ASP A 644 -2.99 -35.58 -31.48
N TRP A 645 -4.01 -35.10 -32.18
CA TRP A 645 -4.26 -35.58 -33.54
C TRP A 645 -3.25 -35.07 -34.57
N LEU A 646 -2.21 -34.34 -34.15
CA LEU A 646 -1.23 -33.78 -35.05
C LEU A 646 0.10 -34.52 -35.01
N GLU A 647 0.10 -35.79 -34.65
CA GLU A 647 1.34 -36.55 -34.58
C GLU A 647 1.93 -36.75 -35.97
N GLY A 648 3.26 -36.73 -36.04
CA GLY A 648 3.97 -36.90 -37.29
C GLY A 648 4.40 -35.62 -37.98
N ILE A 649 3.80 -34.48 -37.62
CA ILE A 649 4.10 -33.20 -38.23
C ILE A 649 5.13 -32.48 -37.38
N ASN A 650 6.08 -31.81 -38.04
CA ASN A 650 7.16 -31.10 -37.37
C ASN A 650 7.35 -29.74 -38.02
N PHE A 651 7.87 -28.79 -37.25
CA PHE A 651 8.06 -27.42 -37.74
C PHE A 651 9.40 -26.81 -37.38
N CYS A 652 10.31 -27.56 -36.76
CA CYS A 652 11.56 -27.00 -36.26
C CYS A 652 12.75 -27.84 -36.69
N ASN A 653 13.89 -27.19 -36.83
CA ASN A 653 15.15 -27.87 -37.09
C ASN A 653 15.95 -27.97 -35.80
N ASN A 654 17.18 -28.46 -35.90
CA ASN A 654 17.97 -28.77 -34.70
C ASN A 654 18.28 -27.52 -33.88
N LYS A 655 18.64 -26.42 -34.54
CA LYS A 655 19.02 -25.22 -33.81
C LYS A 655 17.84 -24.66 -33.01
N GLU A 656 16.67 -24.58 -33.64
CA GLU A 656 15.49 -24.06 -32.95
C GLU A 656 15.07 -24.97 -31.80
N LYS A 657 15.14 -26.29 -32.01
CA LYS A 657 14.80 -27.22 -30.94
C LYS A 657 15.76 -27.05 -29.76
N SER A 658 17.05 -26.89 -30.04
CA SER A 658 18.01 -26.66 -28.96
C SER A 658 17.73 -25.37 -28.23
N GLN A 659 17.38 -24.31 -28.96
CA GLN A 659 17.07 -23.04 -28.30
C GLN A 659 15.86 -23.16 -27.40
N ILE A 660 14.81 -23.84 -27.88
CA ILE A 660 13.60 -24.02 -27.08
C ILE A 660 13.91 -24.87 -25.84
N HIS A 661 14.70 -25.92 -26.01
CA HIS A 661 15.07 -26.78 -24.88
C HIS A 661 15.83 -25.98 -23.83
N MET A 662 16.79 -25.17 -24.26
CA MET A 662 17.55 -24.36 -23.32
C MET A 662 16.65 -23.35 -22.61
N PHE A 663 15.72 -22.73 -23.35
CA PHE A 663 14.83 -21.75 -22.73
C PHE A 663 13.97 -22.40 -21.65
N ILE A 664 13.38 -23.56 -21.95
CA ILE A 664 12.54 -24.25 -20.97
C ILE A 664 13.37 -24.68 -19.77
N GLU A 665 14.58 -25.20 -20.01
CA GLU A 665 15.42 -25.66 -18.91
C GLU A 665 15.80 -24.51 -17.98
N LYS A 666 16.14 -23.35 -18.55
CA LYS A 666 16.44 -22.19 -17.72
C LYS A 666 15.20 -21.67 -17.00
N SER A 667 14.03 -21.78 -17.64
CA SER A 667 12.82 -21.22 -17.04
C SER A 667 12.33 -22.05 -15.86
N ILE A 668 12.46 -23.38 -15.94
CA ILE A 668 11.91 -24.23 -14.88
C ILE A 668 12.95 -24.49 -13.80
N THR A 669 14.03 -23.70 -13.80
CA THR A 669 15.05 -23.82 -12.77
C THR A 669 14.50 -23.51 -11.38
N ARG A 670 13.52 -22.61 -11.30
CA ARG A 670 12.97 -22.17 -10.03
C ARG A 670 12.16 -23.24 -9.31
N LEU A 671 11.86 -24.36 -9.96
CA LEU A 671 11.03 -25.41 -9.39
C LEU A 671 11.87 -26.54 -8.81
N LYS A 672 11.26 -27.30 -7.91
CA LYS A 672 11.88 -28.50 -7.36
C LYS A 672 11.93 -29.59 -8.42
N LYS A 673 12.68 -30.66 -8.12
CA LYS A 673 12.81 -31.76 -9.07
C LYS A 673 11.48 -32.46 -9.29
N GLU A 674 10.71 -32.68 -8.23
CA GLU A 674 9.41 -33.31 -8.39
C GLU A 674 8.41 -32.39 -9.08
N ASP A 675 8.63 -31.07 -9.01
CA ASP A 675 7.77 -30.15 -9.74
C ASP A 675 8.11 -30.15 -11.23
N ARG A 676 9.39 -30.26 -11.58
CA ARG A 676 9.80 -30.30 -12.97
C ARG A 676 9.35 -31.57 -13.68
N ASP A 677 8.98 -32.61 -12.93
CA ASP A 677 8.61 -33.90 -13.49
C ASP A 677 7.11 -34.08 -13.62
N LEU A 678 6.33 -33.02 -13.44
CA LEU A 678 4.89 -33.13 -13.51
C LEU A 678 4.45 -33.49 -14.93
N PRO A 679 3.37 -34.26 -15.07
CA PRO A 679 2.95 -34.72 -16.40
C PRO A 679 2.64 -33.60 -17.39
N GLN A 680 2.03 -32.51 -16.95
CA GLN A 680 1.77 -31.41 -17.88
C GLN A 680 3.07 -30.80 -18.41
N ILE A 681 4.08 -30.67 -17.55
CA ILE A 681 5.35 -30.09 -18.00
C ILE A 681 6.01 -31.00 -19.03
N LEU A 682 5.98 -32.32 -18.80
CA LEU A 682 6.56 -33.24 -19.77
C LEU A 682 5.82 -33.20 -21.10
N LYS A 683 4.49 -33.25 -21.05
CA LYS A 683 3.70 -33.22 -22.29
C LYS A 683 3.87 -31.89 -23.02
N THR A 684 3.91 -30.79 -22.27
CA THR A 684 4.09 -29.47 -22.85
C THR A 684 5.44 -29.36 -23.53
N ARG A 685 6.50 -29.85 -22.89
CA ARG A 685 7.81 -29.84 -23.54
C ARG A 685 7.81 -30.69 -24.79
N SER A 686 7.16 -31.85 -24.74
CA SER A 686 7.11 -32.74 -25.90
C SER A 686 6.44 -32.07 -27.08
N LEU A 687 5.33 -31.37 -26.84
CA LEU A 687 4.67 -30.66 -27.94
C LEU A 687 5.46 -29.41 -28.36
N LEU A 688 6.04 -28.70 -27.40
CA LEU A 688 6.71 -27.44 -27.69
C LEU A 688 7.94 -27.65 -28.57
N GLU A 689 8.68 -28.72 -28.34
CA GLU A 689 9.87 -28.96 -29.16
C GLU A 689 9.55 -29.31 -30.61
N ARG A 690 8.26 -29.30 -31.00
CA ARG A 690 7.87 -29.54 -32.37
C ARG A 690 7.16 -28.34 -33.00
N GLY A 691 6.98 -27.26 -32.26
CA GLY A 691 6.27 -26.10 -32.78
C GLY A 691 4.77 -26.11 -32.56
N ILE A 692 4.28 -26.84 -31.56
CA ILE A 692 2.86 -26.96 -31.26
C ILE A 692 2.66 -26.61 -29.78
N ALA A 693 1.48 -26.08 -29.47
CA ALA A 693 1.19 -25.70 -28.10
C ALA A 693 -0.32 -25.64 -27.90
N VAL A 694 -0.72 -25.64 -26.63
CA VAL A 694 -2.12 -25.57 -26.22
C VAL A 694 -2.25 -24.53 -25.13
N HIS A 695 -3.27 -23.69 -25.23
CA HIS A 695 -3.48 -22.61 -24.26
C HIS A 695 -4.94 -22.60 -23.83
N HIS A 696 -5.18 -22.88 -22.55
CA HIS A 696 -6.53 -22.79 -21.98
C HIS A 696 -6.40 -22.57 -20.48
N GLY A 697 -7.54 -22.52 -19.80
CA GLY A 697 -7.59 -22.19 -18.39
C GLY A 697 -7.30 -23.32 -17.44
N GLY A 698 -7.18 -24.55 -17.95
CA GLY A 698 -6.84 -25.70 -17.15
C GLY A 698 -5.35 -25.96 -17.02
N LEU A 699 -4.52 -25.03 -17.49
CA LEU A 699 -3.08 -25.17 -17.41
C LEU A 699 -2.53 -24.50 -16.15
N LEU A 700 -1.35 -24.95 -15.73
CA LEU A 700 -0.65 -24.27 -14.67
C LEU A 700 -0.20 -22.88 -15.14
N PRO A 701 -0.22 -21.87 -14.28
CA PRO A 701 0.12 -20.51 -14.73
C PRO A 701 1.50 -20.39 -15.35
N ILE A 702 2.50 -21.12 -14.81
CA ILE A 702 3.85 -21.05 -15.36
C ILE A 702 3.88 -21.62 -16.77
N VAL A 703 3.11 -22.67 -17.02
CA VAL A 703 3.04 -23.25 -18.36
C VAL A 703 2.43 -22.25 -19.34
N LYS A 704 1.37 -21.55 -18.92
CA LYS A 704 0.77 -20.55 -19.79
C LYS A 704 1.74 -19.42 -20.09
N GLU A 705 2.48 -18.95 -19.08
CA GLU A 705 3.46 -17.90 -19.30
C GLU A 705 4.56 -18.36 -20.25
N LEU A 706 5.04 -19.59 -20.06
CA LEU A 706 6.07 -20.13 -20.94
C LEU A 706 5.58 -20.19 -22.39
N ILE A 707 4.35 -20.68 -22.58
CA ILE A 707 3.81 -20.80 -23.93
C ILE A 707 3.63 -19.42 -24.57
N GLU A 708 3.10 -18.46 -23.80
CA GLU A 708 2.89 -17.12 -24.34
C GLU A 708 4.22 -16.45 -24.72
N ILE A 709 5.24 -16.60 -23.88
CA ILE A 709 6.54 -16.00 -24.18
C ILE A 709 7.16 -16.66 -25.41
N LEU A 710 7.07 -17.98 -25.52
CA LEU A 710 7.64 -18.66 -26.68
C LEU A 710 6.88 -18.29 -27.95
N PHE A 711 5.57 -18.10 -27.85
CA PHE A 711 4.79 -17.63 -29.00
C PHE A 711 5.19 -16.23 -29.41
N SER A 712 5.42 -15.35 -28.42
CA SER A 712 5.86 -13.99 -28.73
C SER A 712 7.23 -13.99 -29.40
N LYS A 713 8.13 -14.85 -28.94
CA LYS A 713 9.47 -14.90 -29.54
C LYS A 713 9.42 -15.48 -30.96
N GLY A 714 8.41 -16.28 -31.28
CA GLY A 714 8.21 -16.76 -32.62
C GLY A 714 8.64 -18.18 -32.90
N PHE A 715 8.55 -19.08 -31.93
CA PHE A 715 8.93 -20.47 -32.12
C PHE A 715 7.74 -21.40 -32.28
N ILE A 716 6.53 -20.88 -32.32
CA ILE A 716 5.30 -21.68 -32.32
C ILE A 716 4.52 -21.36 -33.59
N LYS A 717 4.13 -22.40 -34.32
CA LYS A 717 3.38 -22.26 -35.55
C LYS A 717 1.91 -22.64 -35.43
N VAL A 718 1.56 -23.52 -34.50
CA VAL A 718 0.19 -23.98 -34.32
C VAL A 718 -0.18 -23.81 -32.85
N LEU A 719 -1.37 -23.26 -32.58
CA LEU A 719 -1.85 -23.06 -31.23
C LEU A 719 -3.35 -23.31 -31.18
N PHE A 720 -3.78 -24.04 -30.17
CA PHE A 720 -5.20 -24.25 -29.88
C PHE A 720 -5.54 -23.50 -28.61
N ALA A 721 -6.51 -22.60 -28.70
CA ALA A 721 -6.79 -21.69 -27.59
C ALA A 721 -8.29 -21.49 -27.41
N THR A 722 -8.67 -21.22 -26.16
CA THR A 722 -10.04 -20.87 -25.82
C THR A 722 -10.18 -19.33 -25.81
N GLU A 723 -11.25 -18.82 -25.20
CA GLU A 723 -11.46 -17.38 -25.14
C GLU A 723 -10.40 -16.66 -24.31
N THR A 724 -9.68 -17.37 -23.45
CA THR A 724 -8.69 -16.73 -22.59
C THR A 724 -7.52 -16.13 -23.38
N PHE A 725 -7.36 -16.49 -24.65
CA PHE A 725 -6.28 -15.98 -25.48
C PHE A 725 -6.69 -14.78 -26.32
N ALA A 726 -7.99 -14.54 -26.49
CA ALA A 726 -8.45 -13.42 -27.31
C ALA A 726 -8.09 -12.08 -26.69
N MET A 727 -8.18 -11.97 -25.37
CA MET A 727 -7.89 -10.71 -24.68
C MET A 727 -6.40 -10.52 -24.41
N GLY A 728 -5.56 -11.46 -24.82
CA GLY A 728 -4.13 -11.37 -24.57
C GLY A 728 -3.50 -10.19 -25.28
N LEU A 729 -2.26 -9.88 -24.87
CA LEU A 729 -1.59 -8.67 -25.32
C LEU A 729 -0.87 -8.88 -26.65
N ASN A 730 0.09 -9.81 -26.69
CA ASN A 730 0.90 -10.06 -27.88
C ASN A 730 0.46 -11.37 -28.51
N LEU A 731 -0.37 -11.26 -29.54
CA LEU A 731 -0.81 -12.43 -30.33
C LEU A 731 -0.65 -12.12 -31.80
N PRO A 732 0.59 -12.05 -32.30
CA PRO A 732 0.81 -11.81 -33.74
C PRO A 732 0.61 -13.10 -34.52
N THR A 733 -0.50 -13.17 -35.26
CA THR A 733 -0.83 -14.35 -36.04
C THR A 733 -1.24 -13.93 -37.45
N ARG A 734 -0.84 -14.72 -38.43
CA ARG A 734 -1.27 -14.47 -39.80
C ARG A 734 -2.71 -14.92 -40.04
N THR A 735 -3.13 -16.01 -39.41
CA THR A 735 -4.45 -16.58 -39.63
C THR A 735 -5.14 -16.86 -38.30
N VAL A 736 -6.47 -16.82 -38.34
CA VAL A 736 -7.32 -17.20 -37.21
C VAL A 736 -8.40 -18.13 -37.73
N ILE A 737 -8.58 -19.27 -37.07
CA ILE A 737 -9.53 -20.29 -37.50
C ILE A 737 -10.60 -20.46 -36.43
N PHE A 738 -11.86 -20.52 -36.87
CA PHE A 738 -13.01 -20.73 -35.98
C PHE A 738 -13.55 -22.12 -36.26
N SER A 739 -13.37 -23.04 -35.30
CA SER A 739 -13.87 -24.40 -35.44
C SER A 739 -15.38 -24.49 -35.24
N SER A 740 -16.03 -23.43 -34.78
CA SER A 740 -17.46 -23.43 -34.54
C SER A 740 -17.90 -21.99 -34.35
N ILE A 741 -19.23 -21.77 -34.32
CA ILE A 741 -19.81 -20.46 -34.11
C ILE A 741 -20.60 -20.40 -32.81
N ARG A 742 -20.84 -21.53 -32.17
CA ARG A 742 -21.63 -21.59 -30.95
C ARG A 742 -20.73 -21.89 -29.76
N LYS A 743 -21.04 -21.28 -28.63
CA LYS A 743 -20.27 -21.46 -27.41
C LYS A 743 -21.20 -21.53 -26.21
N HIS A 744 -20.89 -22.42 -25.27
CA HIS A 744 -21.66 -22.53 -24.05
C HIS A 744 -21.26 -21.42 -23.07
N ASP A 745 -22.25 -20.83 -22.43
CA ASP A 745 -22.00 -19.74 -21.50
C ASP A 745 -22.34 -20.14 -20.07
N ASN A 747 -25.11 -21.69 -19.23
CA ASN A 747 -26.56 -21.66 -19.27
C ASN A 747 -27.09 -22.28 -20.55
N GLY A 748 -26.19 -22.85 -21.35
CA GLY A 748 -26.60 -23.52 -22.57
C GLY A 748 -25.85 -23.05 -23.80
N LEU A 749 -25.87 -23.85 -24.86
CA LEU A 749 -25.19 -23.49 -26.09
C LEU A 749 -25.83 -22.25 -26.71
N ARG A 750 -24.99 -21.31 -27.14
CA ARG A 750 -25.44 -20.02 -27.64
C ARG A 750 -24.50 -19.57 -28.75
N GLU A 751 -25.08 -18.95 -29.78
CA GLU A 751 -24.27 -18.47 -30.90
C GLU A 751 -23.39 -17.30 -30.46
N LEU A 752 -22.26 -17.14 -31.15
CA LEU A 752 -21.33 -16.07 -30.83
C LEU A 752 -21.93 -14.71 -31.19
N THR A 753 -21.76 -13.74 -30.29
CA THR A 753 -22.20 -12.39 -30.58
C THR A 753 -21.25 -11.74 -31.60
N PRO A 754 -21.74 -10.75 -32.35
CA PRO A 754 -20.85 -10.04 -33.29
C PRO A 754 -19.66 -9.39 -32.61
N GLY A 755 -19.81 -8.90 -31.38
CA GLY A 755 -18.69 -8.29 -30.68
C GLY A 755 -17.58 -9.28 -30.38
N GLU A 756 -17.94 -10.47 -29.90
CA GLU A 756 -16.95 -11.49 -29.59
C GLU A 756 -16.22 -11.93 -30.86
N PHE A 757 -16.95 -12.14 -31.95
CA PHE A 757 -16.32 -12.53 -33.20
C PHE A 757 -15.38 -11.44 -33.70
N THR A 758 -15.81 -10.18 -33.62
CA THR A 758 -14.94 -9.09 -34.05
C THR A 758 -13.67 -9.03 -33.21
N GLN A 759 -13.81 -9.16 -31.88
CA GLN A 759 -12.65 -9.11 -31.00
C GLN A 759 -11.67 -10.24 -31.28
N MET A 760 -12.20 -11.46 -31.49
CA MET A 760 -11.31 -12.59 -31.74
C MET A 760 -10.67 -12.50 -33.13
N ALA A 761 -11.42 -12.07 -34.13
CA ALA A 761 -10.91 -12.05 -35.50
C ALA A 761 -10.03 -10.85 -35.79
N GLY A 762 -10.05 -9.82 -34.94
CA GLY A 762 -9.21 -8.67 -35.21
C GLY A 762 -7.72 -8.88 -34.96
N ARG A 763 -7.32 -10.07 -34.50
CA ARG A 763 -5.94 -10.37 -34.21
C ARG A 763 -5.21 -11.01 -35.38
N ALA A 764 -5.86 -11.11 -36.55
CA ALA A 764 -5.34 -11.87 -37.67
C ALA A 764 -4.48 -11.05 -38.62
N GLY A 765 -3.84 -9.98 -38.14
CA GLY A 765 -3.00 -9.17 -38.99
C GLY A 765 -1.73 -8.75 -38.27
N ARG A 766 -0.67 -8.56 -39.05
CA ARG A 766 0.61 -8.10 -38.55
C ARG A 766 1.03 -6.85 -39.33
N ARG A 767 1.35 -5.78 -38.61
CA ARG A 767 1.70 -4.52 -39.23
C ARG A 767 3.13 -4.57 -39.72
N GLY A 768 3.32 -4.38 -41.03
CA GLY A 768 4.62 -4.40 -41.65
C GLY A 768 5.08 -5.76 -42.13
N LEU A 769 4.49 -6.84 -41.62
CA LEU A 769 4.83 -8.19 -42.04
C LEU A 769 3.69 -8.91 -42.76
N ASP A 770 2.51 -8.31 -42.84
CA ASP A 770 1.36 -8.92 -43.49
C ASP A 770 0.71 -7.91 -44.42
N SER A 771 0.17 -8.41 -45.53
CA SER A 771 -0.56 -7.57 -46.46
C SER A 771 -2.06 -7.60 -46.23
N THR A 772 -2.58 -8.71 -45.70
CA THR A 772 -3.99 -8.83 -45.37
C THR A 772 -4.15 -9.88 -44.28
N GLY A 773 -5.31 -9.85 -43.63
CA GLY A 773 -5.63 -10.80 -42.57
C GLY A 773 -6.56 -11.89 -43.07
N THR A 774 -6.21 -13.13 -42.73
CA THR A 774 -6.97 -14.31 -43.14
C THR A 774 -7.72 -14.86 -41.93
N VAL A 775 -9.03 -15.04 -42.09
CA VAL A 775 -9.87 -15.65 -41.07
C VAL A 775 -10.71 -16.73 -41.75
N ILE A 776 -10.72 -17.92 -41.16
CA ILE A 776 -11.35 -19.10 -41.76
C ILE A 776 -12.38 -19.66 -40.79
N VAL A 777 -13.55 -20.02 -41.31
CA VAL A 777 -14.60 -20.66 -40.54
C VAL A 777 -14.75 -22.09 -41.05
N MET A 778 -14.80 -23.05 -40.13
CA MET A 778 -14.78 -24.46 -40.48
C MET A 778 -16.20 -24.99 -40.63
N ALA A 779 -16.47 -25.64 -41.76
CA ALA A 779 -17.77 -26.27 -42.03
C ALA A 779 -17.55 -27.77 -42.21
N TYR A 780 -17.94 -28.54 -41.20
CA TYR A 780 -17.76 -29.99 -41.23
C TYR A 780 -18.89 -30.66 -41.99
N SER A 782 -21.95 -30.97 -44.08
CA SER A 782 -23.20 -30.21 -44.22
C SER A 782 -22.94 -28.71 -44.08
N PRO A 783 -23.65 -27.91 -44.88
CA PRO A 783 -23.38 -26.47 -44.91
C PRO A 783 -23.85 -25.73 -43.67
N LEU A 784 -23.67 -24.42 -43.67
CA LEU A 784 -24.10 -23.55 -42.58
C LEU A 784 -25.09 -22.52 -43.10
N SER A 785 -26.12 -22.24 -42.31
CA SER A 785 -27.17 -21.34 -42.74
C SER A 785 -26.63 -19.92 -42.92
N ILE A 786 -27.36 -19.13 -43.70
CA ILE A 786 -26.91 -17.78 -44.02
C ILE A 786 -27.35 -16.77 -42.96
N ALA A 787 -28.51 -16.96 -42.34
CA ALA A 787 -29.01 -16.00 -41.36
C ALA A 787 -28.06 -15.91 -40.16
N THR A 788 -27.73 -17.06 -39.57
CA THR A 788 -26.83 -17.05 -38.42
C THR A 788 -25.41 -16.63 -38.81
N PHE A 789 -24.96 -16.99 -40.01
CA PHE A 789 -23.64 -16.57 -40.47
C PHE A 789 -23.56 -15.06 -40.58
N LYS A 790 -24.58 -14.44 -41.18
CA LYS A 790 -24.58 -12.99 -41.32
C LYS A 790 -24.74 -12.30 -39.97
N GLU A 791 -25.56 -12.87 -39.08
CA GLU A 791 -25.71 -12.28 -37.74
C GLU A 791 -24.39 -12.32 -36.98
N VAL A 792 -23.68 -13.45 -37.04
CA VAL A 792 -22.44 -13.59 -36.28
C VAL A 792 -21.34 -12.73 -36.87
N THR A 793 -21.21 -12.70 -38.20
CA THR A 793 -20.06 -12.05 -38.82
C THR A 793 -20.29 -10.55 -39.04
N MET A 794 -21.44 -10.18 -39.59
CA MET A 794 -21.78 -8.79 -39.89
C MET A 794 -22.99 -8.41 -39.05
N GLY A 795 -22.74 -7.98 -37.81
CA GLY A 795 -23.83 -7.66 -36.91
C GLY A 795 -23.57 -6.35 -36.19
N VAL A 796 -24.64 -5.83 -35.60
CA VAL A 796 -24.55 -4.61 -34.79
C VAL A 796 -23.72 -4.90 -33.54
N PRO A 797 -22.69 -4.12 -33.23
CA PRO A 797 -21.86 -4.43 -32.07
C PRO A 797 -22.63 -4.31 -30.77
N THR A 798 -22.22 -5.11 -29.79
CA THR A 798 -22.90 -5.14 -28.51
C THR A 798 -22.74 -3.83 -27.78
N ARG A 799 -23.82 -3.36 -27.15
CA ARG A 799 -23.80 -2.09 -26.47
C ARG A 799 -22.99 -2.17 -25.17
N LEU A 800 -22.58 -1.01 -24.68
CA LEU A 800 -21.90 -0.90 -23.41
C LEU A 800 -22.93 -0.88 -22.29
N GLN A 801 -22.80 -1.82 -21.35
CA GLN A 801 -23.76 -2.00 -20.29
C GLN A 801 -23.18 -1.53 -18.95
N SER A 802 -24.07 -1.29 -18.00
CA SER A 802 -23.68 -0.87 -16.66
C SER A 802 -23.62 -2.08 -15.74
N GLN A 803 -22.50 -2.24 -15.04
CA GLN A 803 -22.29 -3.36 -14.15
C GLN A 803 -22.34 -2.96 -12.68
N PHE A 804 -22.83 -1.77 -12.36
CA PHE A 804 -22.92 -1.33 -10.98
C PHE A 804 -23.95 -2.18 -10.23
N ARG A 805 -23.58 -2.61 -9.02
CA ARG A 805 -24.44 -3.45 -8.21
C ARG A 805 -24.34 -3.05 -6.75
N LEU A 806 -25.42 -3.26 -6.02
CA LEU A 806 -25.47 -3.00 -4.58
C LEU A 806 -25.07 -4.25 -3.82
N THR A 807 -24.14 -4.10 -2.88
CA THR A 807 -23.68 -5.20 -2.05
C THR A 807 -23.76 -4.79 -0.59
N TYR A 808 -23.83 -5.79 0.29
CA TYR A 808 -23.89 -5.51 1.72
C TYR A 808 -22.60 -4.89 2.23
N ASN A 809 -21.46 -5.27 1.64
CA ASN A 809 -20.19 -4.69 2.03
C ASN A 809 -20.14 -3.20 1.73
N MET A 810 -20.59 -2.80 0.55
CA MET A 810 -20.58 -1.38 0.19
C MET A 810 -21.52 -0.58 1.08
N ILE A 811 -22.71 -1.11 1.34
CA ILE A 811 -23.67 -0.41 2.20
C ILE A 811 -23.11 -0.26 3.61
N LEU A 812 -22.52 -1.33 4.14
CA LEU A 812 -21.97 -1.28 5.49
C LEU A 812 -20.79 -0.32 5.58
N ASN A 813 -19.92 -0.31 4.56
CA ASN A 813 -18.78 0.60 4.55
C ASN A 813 -19.24 2.06 4.46
N LEU A 814 -20.27 2.33 3.67
CA LEU A 814 -20.75 3.70 3.55
C LEU A 814 -21.53 4.14 4.78
N LEU A 815 -22.17 3.21 5.49
CA LEU A 815 -22.77 3.56 6.77
C LEU A 815 -21.70 3.79 7.82
N ARG A 816 -20.57 3.09 7.71
CA ARG A 816 -19.45 3.32 8.62
C ARG A 816 -18.78 4.66 8.35
N ILE A 817 -18.67 5.04 7.08
CA ILE A 817 -18.17 6.37 6.70
C ILE A 817 -19.39 7.28 6.67
N GLU A 818 -19.69 7.91 7.81
CA GLU A 818 -20.93 8.64 7.98
C GLU A 818 -20.97 9.96 7.22
N ALA A 819 -20.04 10.20 6.30
CA ALA A 819 -19.97 11.48 5.60
C ALA A 819 -20.60 11.45 4.21
N LEU A 820 -20.82 10.28 3.62
CA LEU A 820 -21.43 10.16 2.31
C LEU A 820 -22.68 9.29 2.41
N ARG A 821 -23.82 9.84 2.02
CA ARG A 821 -25.08 9.11 2.06
C ARG A 821 -25.14 8.07 0.96
N VAL A 822 -25.71 6.91 1.29
CA VAL A 822 -25.79 5.82 0.31
C VAL A 822 -26.81 6.15 -0.77
N GLU A 823 -27.90 6.83 -0.41
CA GLU A 823 -28.91 7.20 -1.40
C GLU A 823 -28.33 8.16 -2.45
N GLU A 824 -27.52 9.11 -2.02
CA GLU A 824 -26.90 10.04 -2.97
C GLU A 824 -25.98 9.31 -3.93
N MET A 825 -25.18 8.35 -3.43
CA MET A 825 -24.32 7.59 -4.33
C MET A 825 -25.14 6.73 -5.28
N ILE A 826 -26.27 6.19 -4.80
CA ILE A 826 -27.15 5.40 -5.67
C ILE A 826 -27.70 6.27 -6.80
N LYS A 827 -28.14 7.49 -6.46
CA LYS A 827 -28.77 8.35 -7.46
C LYS A 827 -27.80 8.92 -8.48
N TYR A 828 -26.50 8.75 -8.28
CA TYR A 828 -25.49 9.25 -9.22
C TYR A 828 -24.86 8.12 -10.03
N SER A 829 -25.56 7.00 -10.18
CA SER A 829 -25.12 5.90 -11.01
C SER A 829 -25.76 6.00 -12.39
N PHE A 830 -25.17 5.28 -13.34
CA PHE A 830 -25.67 5.32 -14.71
C PHE A 830 -26.99 4.56 -14.82
N SER A 831 -27.91 5.11 -15.62
CA SER A 831 -29.18 4.46 -15.89
C SER A 831 -29.73 4.96 -17.21
N GLU A 832 -30.02 4.02 -18.12
CA GLU A 832 -30.67 4.39 -19.37
C GLU A 832 -32.07 4.90 -19.09
N ASN A 833 -32.40 6.06 -19.65
CA ASN A 833 -33.69 6.72 -19.43
C ASN A 833 -33.90 7.02 -17.94
N ALA A 834 -33.05 7.90 -17.42
CA ALA A 834 -33.19 8.38 -16.05
C ALA A 834 -34.06 9.63 -16.02
N LYS A 835 -34.69 9.85 -14.87
CA LYS A 835 -35.64 10.95 -14.71
C LYS A 835 -34.89 12.26 -14.55
N GLU A 836 -35.07 13.18 -15.49
CA GLU A 836 -34.44 14.50 -15.45
C GLU A 836 -35.34 15.52 -14.77
N THR A 837 -35.84 15.17 -13.58
CA THR A 837 -36.79 16.00 -12.85
C THR A 837 -36.42 16.06 -11.38
N LEU A 838 -35.15 16.30 -11.10
CA LEU A 838 -34.62 16.35 -9.74
C LEU A 838 -34.36 17.80 -9.37
N GLN A 839 -35.15 18.33 -8.43
CA GLN A 839 -34.93 19.66 -7.88
C GLN A 839 -34.61 19.52 -6.40
N PRO A 840 -33.34 19.56 -6.01
CA PRO A 840 -32.98 19.39 -4.60
C PRO A 840 -33.26 20.66 -3.79
N GLU A 841 -34.33 20.62 -2.99
CA GLU A 841 -34.72 21.73 -2.13
C GLU A 841 -34.90 23.02 -2.93
N HIS A 842 -35.48 22.89 -4.12
CA HIS A 842 -35.73 24.02 -5.01
C HIS A 842 -37.20 24.32 -5.21
N GLU A 843 -38.07 23.31 -5.18
CA GLU A 843 -39.49 23.52 -5.45
C GLU A 843 -40.17 24.40 -4.41
N LYS A 844 -39.61 24.49 -3.21
CA LYS A 844 -40.18 25.39 -2.20
C LYS A 844 -40.09 26.84 -2.66
N GLN A 845 -38.94 27.25 -3.19
CA GLN A 845 -38.79 28.61 -3.69
C GLN A 845 -39.70 28.86 -4.89
N ILE A 846 -39.86 27.86 -5.76
CA ILE A 846 -40.76 28.00 -6.90
C ILE A 846 -42.20 28.20 -6.43
N LYS A 847 -42.63 27.42 -5.44
CA LYS A 847 -43.97 27.58 -4.90
C LYS A 847 -44.14 28.94 -4.23
N VAL A 848 -43.11 29.40 -3.51
CA VAL A 848 -43.18 30.72 -2.86
C VAL A 848 -43.32 31.82 -3.91
N LEU A 849 -42.53 31.74 -4.99
CA LEU A 849 -42.63 32.74 -6.04
C LEU A 849 -43.97 32.68 -6.75
N GLN A 850 -44.52 31.47 -6.94
CA GLN A 850 -45.84 31.34 -7.53
C GLN A 850 -46.90 32.00 -6.65
N GLU A 851 -46.82 31.78 -5.34
CA GLU A 851 -47.75 32.43 -4.41
C GLU A 851 -47.59 33.95 -4.45
N GLU A 852 -46.34 34.42 -4.56
CA GLU A 852 -46.11 35.86 -4.62
C GLU A 852 -46.69 36.47 -5.88
N LEU A 853 -46.52 35.80 -7.02
CA LEU A 853 -47.05 36.34 -8.27
C LEU A 853 -48.57 36.20 -8.35
N GLN A 854 -49.13 35.25 -7.59
CA GLN A 854 -50.58 35.09 -7.59
C GLN A 854 -51.28 36.25 -6.89
N THR A 855 -50.61 36.90 -5.95
CA THR A 855 -51.19 38.00 -5.17
C THR A 855 -50.98 39.35 -5.81
N ILE A 856 -50.37 39.42 -6.99
CA ILE A 856 -50.15 40.70 -7.65
C ILE A 856 -51.47 41.25 -8.18
N GLU A 857 -51.76 42.50 -7.84
CA GLU A 857 -52.99 43.14 -8.27
C GLU A 857 -52.83 43.71 -9.67
N TYR A 858 -53.93 43.68 -10.42
CA TYR A 858 -53.96 44.19 -11.79
C TYR A 858 -55.17 45.08 -11.98
N LYS A 859 -54.98 46.18 -12.73
CA LYS A 859 -56.05 47.10 -13.07
C LYS A 859 -56.05 47.27 -14.58
N SER A 860 -57.00 46.62 -15.25
CA SER A 860 -57.06 46.60 -16.71
C SER A 860 -57.95 47.74 -17.19
N CYS A 861 -57.39 48.60 -18.03
CA CYS A 861 -58.12 49.70 -18.65
C CYS A 861 -58.04 49.57 -20.16
N GLU A 862 -59.12 49.97 -20.83
CA GLU A 862 -59.21 49.82 -22.27
C GLU A 862 -58.15 50.63 -23.01
N ILE A 863 -57.53 51.60 -22.35
CA ILE A 863 -56.48 52.38 -22.99
C ILE A 863 -55.25 51.52 -23.26
N CYS A 864 -54.94 50.59 -22.35
CA CYS A 864 -53.75 49.74 -22.45
C CYS A 864 -54.12 48.29 -22.23
N ASP A 865 -55.14 47.81 -22.93
CA ASP A 865 -55.55 46.41 -22.85
C ASP A 865 -55.44 45.68 -24.17
N ASN A 866 -55.11 46.37 -25.26
CA ASN A 866 -55.07 45.72 -26.57
C ASN A 866 -53.76 44.99 -26.80
N ASP A 867 -52.64 45.72 -26.81
CA ASP A 867 -51.35 45.16 -27.20
C ASP A 867 -50.27 45.52 -26.19
N ILE A 868 -50.59 45.40 -24.90
CA ILE A 868 -49.61 45.75 -23.86
C ILE A 868 -48.48 44.72 -23.82
N GLU A 869 -48.81 43.43 -23.93
CA GLU A 869 -47.77 42.40 -23.85
C GLU A 869 -46.89 42.40 -25.09
N LYS A 870 -47.48 42.63 -26.27
CA LYS A 870 -46.68 42.76 -27.48
C LYS A 870 -45.75 43.97 -27.39
N PHE A 871 -46.26 45.07 -26.84
CA PHE A 871 -45.42 46.26 -26.64
C PHE A 871 -44.27 45.97 -25.68
N LEU A 872 -44.53 45.20 -24.62
CA LEU A 872 -43.48 44.82 -23.69
C LEU A 872 -42.42 43.96 -24.39
N GLU A 873 -42.85 42.96 -25.15
CA GLU A 873 -41.91 42.14 -25.91
C GLU A 873 -41.09 43.02 -26.86
N LEU A 874 -41.74 43.99 -27.50
CA LEU A 874 -41.06 44.82 -28.47
C LEU A 874 -39.97 45.67 -27.81
N MET A 875 -40.27 46.32 -26.69
CA MET A 875 -39.18 47.17 -26.18
C MET A 875 -38.13 46.36 -25.45
N LEU A 876 -38.48 45.16 -24.95
CA LEU A 876 -37.41 44.27 -24.45
C LEU A 876 -36.47 43.85 -25.57
N ALA A 877 -37.02 43.52 -26.75
CA ALA A 877 -36.16 43.21 -27.89
C ALA A 877 -35.33 44.43 -28.29
N TYR A 878 -35.93 45.62 -28.25
CA TYR A 878 -35.19 46.83 -28.58
C TYR A 878 -34.04 47.07 -27.61
N LYS A 879 -34.29 46.87 -26.32
CA LYS A 879 -33.23 47.04 -25.33
C LYS A 879 -32.12 46.02 -25.52
N GLU A 880 -32.48 44.77 -25.82
CA GLU A 880 -31.47 43.75 -26.09
C GLU A 880 -30.61 44.14 -27.29
N ALA A 881 -31.25 44.60 -28.37
CA ALA A 881 -30.50 44.99 -29.56
C ALA A 881 -29.60 46.19 -29.28
N THR A 882 -30.09 47.15 -28.49
CA THR A 882 -29.27 48.31 -28.12
C THR A 882 -28.06 47.88 -27.31
N VAL A 883 -28.24 46.96 -26.36
CA VAL A 883 -27.13 46.49 -25.55
C VAL A 883 -26.10 45.77 -26.43
N ASN A 884 -26.58 44.92 -27.34
CA ASN A 884 -25.67 44.23 -28.25
C ASN A 884 -24.89 45.21 -29.11
N LEU A 885 -25.56 46.25 -29.59
CA LEU A 885 -24.87 47.31 -30.32
C LEU A 885 -23.80 47.97 -29.44
N MET A 886 -24.12 48.18 -28.16
CA MET A 886 -23.18 48.84 -27.27
C MET A 886 -21.93 48.00 -27.05
N GLN A 887 -22.08 46.69 -26.87
CA GLN A 887 -20.87 45.86 -26.74
C GLN A 887 -20.11 45.76 -28.06
N GLU A 888 -20.82 45.66 -29.18
CA GLU A 888 -20.10 45.52 -30.45
C GLU A 888 -19.45 46.84 -30.89
N MET A 889 -19.85 47.96 -30.30
CA MET A 889 -19.24 49.24 -30.63
C MET A 889 -17.97 49.53 -29.84
N VAL A 890 -17.67 48.73 -28.80
CA VAL A 890 -16.49 48.94 -27.98
C VAL A 890 -15.34 48.01 -28.39
N LYS A 891 -15.48 47.31 -29.50
CA LYS A 891 -14.44 46.39 -29.98
C LYS A 891 -13.42 47.07 -30.88
N SER A 892 -13.59 48.36 -31.17
CA SER A 892 -12.68 49.09 -32.02
C SER A 892 -12.29 50.40 -31.36
N PRO A 893 -11.05 50.86 -31.55
CA PRO A 893 -10.62 52.13 -30.95
C PRO A 893 -11.29 53.36 -31.55
N SER A 894 -12.09 53.20 -32.61
CA SER A 894 -12.76 54.35 -33.22
C SER A 894 -13.79 54.98 -32.30
N ILE A 895 -14.19 54.28 -31.24
CA ILE A 895 -15.18 54.82 -30.31
C ILE A 895 -14.65 56.04 -29.56
N LEU A 896 -13.33 56.22 -29.50
CA LEU A 896 -12.77 57.39 -28.81
C LEU A 896 -13.16 58.67 -29.54
N HIS A 897 -13.08 58.67 -30.87
CA HIS A 897 -13.51 59.84 -31.63
C HIS A 897 -15.01 60.03 -31.56
N ILE A 898 -15.77 58.94 -31.47
CA ILE A 898 -17.23 59.04 -31.36
C ILE A 898 -17.62 59.55 -29.99
N LEU A 899 -17.14 58.88 -28.94
CA LEU A 899 -17.45 59.27 -27.56
C LEU A 899 -16.32 60.10 -26.97
N LYS A 900 -16.02 61.22 -27.63
CA LYS A 900 -15.00 62.12 -27.14
C LYS A 900 -15.52 62.88 -25.91
N GLU A 901 -14.57 63.47 -25.18
CA GLU A 901 -14.92 64.16 -23.93
C GLU A 901 -15.85 65.33 -24.21
N GLY A 902 -16.90 65.44 -23.40
CA GLY A 902 -17.85 66.53 -23.49
C GLY A 902 -19.19 66.16 -24.08
N ARG A 903 -19.37 64.94 -24.56
CA ARG A 903 -20.65 64.55 -25.15
C ARG A 903 -21.70 64.35 -24.07
N LEU A 904 -22.92 64.81 -24.36
CA LEU A 904 -24.05 64.54 -23.50
C LEU A 904 -24.65 63.18 -23.86
N VAL A 905 -24.78 62.31 -22.86
CA VAL A 905 -25.22 60.93 -23.08
C VAL A 905 -26.21 60.55 -21.99
N ALA A 906 -27.24 59.81 -22.37
CA ALA A 906 -28.23 59.30 -21.44
C ALA A 906 -27.96 57.82 -21.18
N PHE A 907 -27.86 57.45 -19.90
CA PHE A 907 -27.52 56.09 -19.52
C PHE A 907 -28.40 55.66 -18.36
N ARG A 908 -28.57 54.35 -18.22
CA ARG A 908 -29.35 53.76 -17.15
C ARG A 908 -28.43 53.35 -16.01
N ASP A 909 -28.74 53.82 -14.80
CA ASP A 909 -27.98 53.47 -13.62
C ASP A 909 -28.19 51.99 -13.29
N PRO A 910 -27.45 51.43 -12.33
CA PRO A 910 -27.72 50.05 -11.92
C PRO A 910 -29.14 49.83 -11.41
N ASN A 911 -29.81 50.87 -10.90
CA ASN A 911 -31.18 50.77 -10.42
C ASN A 911 -32.21 51.15 -11.46
N ASP A 912 -31.90 50.98 -12.75
CA ASP A 912 -32.80 51.10 -13.89
C ASP A 912 -33.24 52.54 -14.18
N CYS A 913 -32.72 53.53 -13.47
CA CYS A 913 -33.12 54.92 -13.67
C CYS A 913 -32.29 55.56 -14.76
N LEU A 914 -32.96 56.15 -15.75
CA LEU A 914 -32.29 56.80 -16.88
C LEU A 914 -31.95 58.23 -16.51
N LYS A 915 -30.68 58.59 -16.63
CA LYS A 915 -30.20 59.93 -16.28
C LYS A 915 -29.19 60.40 -17.31
N LEU A 916 -29.01 61.71 -17.38
CA LEU A 916 -28.10 62.34 -18.33
C LEU A 916 -26.77 62.67 -17.67
N GLY A 917 -25.75 62.81 -18.51
CA GLY A 917 -24.43 63.12 -18.00
C GLY A 917 -23.49 63.50 -19.13
N PHE A 918 -22.27 63.84 -18.77
CA PHE A 918 -21.23 64.25 -19.71
C PHE A 918 -20.05 63.30 -19.61
N VAL A 919 -19.68 62.68 -20.72
CA VAL A 919 -18.58 61.74 -20.73
C VAL A 919 -17.26 62.49 -20.60
N PHE A 920 -16.35 61.95 -19.78
CA PHE A 920 -15.07 62.58 -19.51
C PHE A 920 -13.89 61.77 -20.00
N LYS A 921 -13.82 60.48 -19.64
CA LYS A 921 -12.73 59.61 -20.04
C LYS A 921 -13.27 58.23 -20.38
N VAL A 922 -12.59 57.55 -21.29
CA VAL A 922 -12.98 56.21 -21.73
C VAL A 922 -11.79 55.28 -21.59
N SER A 923 -11.98 54.16 -20.91
CA SER A 923 -10.95 53.16 -20.71
C SER A 923 -11.35 51.89 -21.47
N LEU A 924 -10.59 51.54 -22.50
CA LEU A 924 -10.94 50.38 -23.31
C LEU A 924 -10.59 49.07 -22.62
N LYS A 925 -9.53 49.05 -21.82
CA LYS A 925 -9.12 47.82 -21.15
C LYS A 925 -10.20 47.33 -20.20
N ASP A 926 -10.79 48.23 -19.40
CA ASP A 926 -11.84 47.87 -18.48
C ASP A 926 -13.24 48.01 -19.07
N ALA A 927 -13.35 48.54 -20.29
CA ALA A 927 -14.66 48.80 -20.92
C ALA A 927 -15.55 49.64 -20.03
N VAL A 928 -14.96 50.66 -19.40
CA VAL A 928 -15.66 51.52 -18.46
C VAL A 928 -15.40 52.97 -18.85
N CYS A 929 -16.31 53.86 -18.44
CA CYS A 929 -16.18 55.28 -18.74
C CYS A 929 -16.57 56.08 -17.50
N VAL A 930 -15.88 57.20 -17.30
CA VAL A 930 -16.16 58.11 -16.19
C VAL A 930 -16.97 59.27 -16.74
N ILE A 931 -18.21 59.40 -16.25
CA ILE A 931 -19.18 60.35 -16.79
C ILE A 931 -19.55 61.34 -15.70
N MET A 932 -19.49 62.63 -16.03
CA MET A 932 -19.87 63.68 -15.07
C MET A 932 -21.39 63.84 -15.11
N THR A 933 -22.05 63.40 -14.05
CA THR A 933 -23.50 63.53 -13.93
C THR A 933 -23.86 64.86 -13.29
N PHE A 934 -25.07 65.33 -13.61
CA PHE A 934 -25.55 66.58 -13.04
C PHE A 934 -27.01 66.54 -12.64
N THR A 935 -27.62 65.35 -12.53
CA THR A 935 -29.04 65.27 -12.21
C THR A 935 -29.33 64.20 -11.16
N LYS A 936 -30.61 63.99 -10.88
CA LYS A 936 -31.10 62.98 -9.97
C LYS A 936 -31.92 61.94 -10.73
N PRO A 937 -32.01 60.71 -10.24
CA PRO A 937 -32.81 59.69 -10.95
C PRO A 937 -34.27 60.11 -11.07
N TYR A 938 -34.86 59.82 -12.22
CA TYR A 938 -36.24 60.22 -12.51
C TYR A 938 -37.18 59.20 -11.87
N LYS A 939 -37.28 59.29 -10.54
CA LYS A 939 -38.14 58.39 -9.79
C LYS A 939 -39.60 58.74 -10.00
N LEU A 940 -40.45 57.71 -9.94
CA LEU A 940 -41.89 57.91 -10.05
C LEU A 940 -42.40 58.64 -8.81
N PRO A 941 -43.57 59.28 -8.91
CA PRO A 941 -44.11 60.01 -7.74
C PRO A 941 -44.26 59.14 -6.50
N ASN A 942 -44.63 57.88 -6.67
CA ASN A 942 -44.76 56.96 -5.54
C ASN A 942 -43.41 56.40 -5.09
N GLY A 943 -42.35 56.60 -5.87
CA GLY A 943 -41.05 56.09 -5.49
C GLY A 943 -40.63 54.85 -6.24
N GLU A 944 -40.84 54.84 -7.55
CA GLU A 944 -40.49 53.72 -8.41
C GLU A 944 -39.65 54.23 -9.58
N PRO A 945 -38.87 53.36 -10.21
CA PRO A 945 -38.17 53.74 -11.44
C PRO A 945 -38.99 53.46 -12.68
N ASN A 946 -38.74 54.27 -13.72
CA ASN A 946 -39.43 54.14 -14.99
C ASN A 946 -38.65 53.18 -15.88
N HIS A 947 -39.28 52.09 -16.29
CA HIS A 947 -38.62 51.00 -16.98
C HIS A 947 -38.87 51.01 -18.49
N LEU A 948 -39.46 52.06 -19.04
CA LEU A 948 -39.76 52.08 -20.46
C LEU A 948 -38.53 52.51 -21.25
N ILE A 949 -38.66 52.49 -22.58
CA ILE A 949 -37.56 52.83 -23.49
C ILE A 949 -37.75 54.25 -23.98
N TYR A 950 -36.71 55.06 -23.87
CA TYR A 950 -36.75 56.46 -24.29
C TYR A 950 -36.38 56.53 -25.76
N PHE A 951 -37.38 56.75 -26.61
CA PHE A 951 -37.14 56.81 -28.05
C PHE A 951 -36.70 58.23 -28.44
N PRO A 952 -35.51 58.39 -29.03
CA PRO A 952 -35.07 59.73 -29.41
C PRO A 952 -35.91 60.32 -30.53
N LYS A 953 -35.95 61.66 -30.56
CA LYS A 953 -36.65 62.40 -31.60
C LYS A 953 -38.14 62.03 -31.68
N ALA A 954 -38.76 61.83 -30.51
CA ALA A 954 -40.18 61.54 -30.40
C ALA A 954 -40.79 62.61 -29.50
N ASP A 955 -41.21 63.73 -30.10
CA ASP A 955 -41.67 64.87 -29.32
C ASP A 955 -42.91 64.52 -28.50
N GLY A 956 -43.93 63.95 -29.14
CA GLY A 956 -45.14 63.59 -28.43
C GLY A 956 -44.91 62.51 -27.39
N TYR A 957 -44.16 61.48 -27.76
CA TYR A 957 -43.85 60.41 -26.81
C TYR A 957 -43.06 60.94 -25.62
N ARG A 958 -42.05 61.78 -25.89
CA ARG A 958 -41.25 62.35 -24.81
C ARG A 958 -42.11 63.22 -23.90
N ARG A 959 -42.97 64.05 -24.48
CA ARG A 959 -43.84 64.90 -23.66
C ARG A 959 -44.83 64.08 -22.85
N ARG A 960 -45.24 62.92 -23.38
CA ARG A 960 -46.19 62.09 -22.64
C ARG A 960 -45.50 61.35 -21.49
N ASN A 961 -44.30 60.85 -21.70
CA ASN A 961 -43.65 60.03 -20.67
C ASN A 961 -42.64 60.80 -19.83
N PHE A 962 -41.86 61.70 -20.42
CA PHE A 962 -40.86 62.50 -19.69
C PHE A 962 -41.03 63.98 -20.02
N PRO A 963 -42.12 64.60 -19.54
CA PRO A 963 -42.28 66.04 -19.80
C PRO A 963 -41.46 66.89 -18.84
N LYS A 964 -41.17 66.35 -17.66
CA LYS A 964 -40.48 67.08 -16.60
C LYS A 964 -39.23 66.31 -16.17
N PHE A 965 -38.27 67.06 -15.61
CA PHE A 965 -37.04 66.50 -15.13
C PHE A 965 -36.50 67.38 -14.01
N GLN A 966 -35.52 66.85 -13.27
CA GLN A 966 -34.96 67.54 -12.13
C GLN A 966 -33.44 67.54 -12.21
N LYS A 967 -32.83 68.63 -11.74
CA LYS A 967 -31.39 68.82 -11.75
C LYS A 967 -30.88 69.02 -10.34
N THR A 968 -29.64 68.61 -10.10
CA THR A 968 -29.00 68.77 -8.80
C THR A 968 -27.50 68.97 -9.04
N ASP A 969 -26.70 68.80 -7.98
CA ASP A 969 -25.27 69.01 -8.07
C ASP A 969 -24.62 67.94 -8.94
N PHE A 970 -23.29 68.03 -9.08
CA PHE A 970 -22.54 67.16 -9.97
C PHE A 970 -21.59 66.29 -9.17
N TYR A 971 -21.29 65.11 -9.73
CA TYR A 971 -20.39 64.16 -9.09
C TYR A 971 -19.81 63.25 -10.16
N MET A 972 -18.75 62.54 -9.80
CA MET A 972 -18.07 61.62 -10.71
C MET A 972 -18.60 60.21 -10.53
N GLU A 973 -18.83 59.52 -11.65
CA GLU A 973 -19.36 58.17 -11.64
C GLU A 973 -18.61 57.33 -12.66
N GLU A 974 -18.34 56.06 -12.30
CA GLU A 974 -17.72 55.09 -13.21
C GLU A 974 -18.83 54.23 -13.78
N VAL A 975 -19.32 54.59 -14.95
CA VAL A 975 -20.44 53.90 -15.60
C VAL A 975 -19.86 52.84 -16.53
N PRO A 976 -20.24 51.58 -16.39
CA PRO A 976 -19.87 50.58 -17.40
C PRO A 976 -20.45 50.96 -18.75
N VAL A 977 -19.70 50.68 -19.81
CA VAL A 977 -20.12 51.06 -21.15
C VAL A 977 -21.43 50.40 -21.55
N THR A 978 -21.76 49.27 -20.94
CA THR A 978 -23.02 48.59 -21.26
C THR A 978 -24.23 49.45 -20.92
N ALA A 979 -24.15 50.18 -19.79
CA ALA A 979 -25.29 50.93 -19.28
C ALA A 979 -25.67 52.13 -20.14
N ILE A 980 -24.85 52.51 -21.12
CA ILE A 980 -25.16 53.66 -21.96
C ILE A 980 -26.37 53.33 -22.82
N GLU A 981 -27.34 54.26 -22.82
CA GLU A 981 -28.60 54.05 -23.53
C GLU A 981 -28.63 54.76 -24.89
N VAL A 982 -28.39 56.07 -24.91
CA VAL A 982 -28.41 56.83 -26.16
C VAL A 982 -27.42 57.97 -26.06
N ILE A 983 -26.73 58.24 -27.16
CA ILE A 983 -25.73 59.31 -27.24
C ILE A 983 -26.33 60.46 -28.04
N THR A 984 -26.28 61.66 -27.46
CA THR A 984 -26.83 62.84 -28.11
C THR A 984 -25.77 63.51 -28.98
N LYS A 985 -26.25 64.20 -30.03
CA LYS A 985 -25.34 64.87 -30.95
C LYS A 985 -24.70 66.09 -30.31
N ARG A 986 -25.41 66.78 -29.41
CA ARG A 986 -24.88 67.97 -28.78
C ARG A 986 -23.78 67.60 -27.78
N LYS A 987 -22.66 68.32 -27.84
CA LYS A 987 -21.51 68.05 -26.99
C LYS A 987 -21.09 69.33 -26.27
N PHE A 988 -20.50 69.15 -25.10
CA PHE A 988 -20.00 70.25 -24.28
C PHE A 988 -18.58 70.57 -24.73
N ALA A 989 -18.42 71.66 -25.47
CA ALA A 989 -17.11 72.01 -26.01
C ALA A 989 -16.19 72.61 -24.96
N ALA A 990 -16.74 73.22 -23.91
CA ALA A 990 -15.93 73.85 -22.90
C ALA A 990 -15.14 72.81 -22.10
N PRO A 991 -13.95 73.16 -21.62
CA PRO A 991 -13.14 72.18 -20.88
C PRO A 991 -13.81 71.78 -19.57
N LEU A 992 -13.56 70.54 -19.17
CA LEU A 992 -14.08 70.02 -17.91
C LEU A 992 -13.11 70.18 -16.75
N GLY A 993 -11.81 70.27 -17.04
CA GLY A 993 -10.85 70.54 -15.98
C GLY A 993 -11.06 71.90 -15.32
N LYS A 994 -11.50 72.89 -16.11
CA LYS A 994 -11.84 74.18 -15.54
C LYS A 994 -13.01 74.07 -14.57
N VAL A 995 -14.02 73.28 -14.94
CA VAL A 995 -15.16 73.07 -14.04
C VAL A 995 -14.72 72.33 -12.79
N ILE A 996 -13.77 71.40 -12.94
CA ILE A 996 -13.21 70.71 -11.78
C ILE A 996 -12.53 71.72 -10.86
N LYS A 997 -11.74 72.64 -11.44
CA LYS A 997 -11.15 73.73 -10.67
C LYS A 997 -12.18 74.78 -10.27
N LYS A 998 -13.41 74.70 -10.81
CA LYS A 998 -14.51 75.59 -10.44
C LYS A 998 -14.21 77.04 -10.81
N ASP A 999 -13.79 77.25 -12.06
CA ASP A 999 -13.67 78.60 -12.58
C ASP A 999 -15.07 79.21 -12.76
N VAL A 1000 -15.20 80.48 -12.35
CA VAL A 1000 -16.52 81.10 -12.30
C VAL A 1000 -17.16 81.14 -13.68
N ALA A 1001 -16.41 81.64 -14.68
CA ALA A 1001 -16.96 81.72 -16.03
C ALA A 1001 -17.24 80.34 -16.59
N ALA A 1002 -16.35 79.38 -16.35
CA ALA A 1002 -16.54 78.04 -16.87
C ALA A 1002 -17.79 77.39 -16.28
N LEU A 1003 -17.97 77.49 -14.96
CA LEU A 1003 -19.14 76.87 -14.33
C LEU A 1003 -20.42 77.59 -14.72
N ASN A 1004 -20.36 78.92 -14.88
CA ASN A 1004 -21.54 79.66 -15.35
C ASN A 1004 -21.94 79.22 -16.75
N GLU A 1005 -20.97 79.08 -17.66
CA GLU A 1005 -21.27 78.63 -19.01
C GLU A 1005 -21.80 77.20 -19.00
N PHE A 1006 -21.23 76.35 -18.15
CA PHE A 1006 -21.71 74.98 -18.03
C PHE A 1006 -23.16 74.94 -17.55
N ASN A 1007 -23.49 75.77 -16.56
CA ASN A 1007 -24.87 75.82 -16.07
C ASN A 1007 -25.81 76.35 -17.15
N ALA A 1008 -25.37 77.36 -17.91
CA ALA A 1008 -26.22 77.88 -18.98
C ALA A 1008 -26.47 76.81 -20.05
N GLU A 1009 -25.42 76.07 -20.43
CA GLU A 1009 -25.59 75.00 -21.42
C GLU A 1009 -26.51 73.90 -20.88
N THR A 1010 -26.35 73.54 -19.61
CA THR A 1010 -27.22 72.52 -19.02
C THR A 1010 -28.67 72.98 -19.01
N ASN A 1011 -28.90 74.25 -18.67
CA ASN A 1011 -30.27 74.75 -18.62
C ASN A 1011 -30.89 74.81 -20.00
N ASN A 1012 -30.15 75.28 -21.01
CA ASN A 1012 -30.74 75.33 -22.35
C ASN A 1012 -30.88 73.95 -22.97
N ILE A 1013 -30.11 72.96 -22.49
CA ILE A 1013 -30.35 71.59 -22.90
C ILE A 1013 -31.61 71.03 -22.24
N LEU A 1014 -31.77 71.29 -20.94
CA LEU A 1014 -32.95 70.80 -20.22
C LEU A 1014 -34.22 71.53 -20.62
N ASP A 1015 -34.11 72.67 -21.28
CA ASP A 1015 -35.30 73.39 -21.74
C ASP A 1015 -35.97 72.64 -22.90
N GLY A 1016 -35.24 72.48 -24.01
CA GLY A 1016 -35.75 71.76 -25.15
C GLY A 1016 -35.36 70.29 -25.12
N LYS A 1017 -36.35 69.40 -25.13
CA LYS A 1017 -36.11 67.96 -25.01
C LYS A 1017 -36.36 67.30 -26.35
N THR A 1018 -35.32 67.25 -27.18
CA THR A 1018 -35.35 66.55 -28.46
C THR A 1018 -34.43 65.33 -28.45
N LEU A 1019 -33.16 65.53 -28.14
CA LEU A 1019 -32.17 64.47 -28.00
C LEU A 1019 -32.14 63.56 -29.22
N LYS A 1020 -31.80 64.15 -30.35
CA LYS A 1020 -31.73 63.41 -31.60
C LYS A 1020 -30.50 62.50 -31.61
N GLU A 1021 -30.44 61.63 -32.60
CA GLU A 1021 -29.32 60.70 -32.73
C GLU A 1021 -28.04 61.45 -33.09
N ALA A 1022 -26.92 60.93 -32.63
CA ALA A 1022 -25.62 61.53 -32.91
C ALA A 1022 -25.25 61.38 -34.37
N ASN A 1024 -25.43 58.68 -38.07
CA ASN A 1024 -24.06 58.70 -38.53
C ASN A 1024 -23.21 57.68 -37.77
N ILE A 1025 -23.77 57.14 -36.70
CA ILE A 1025 -23.07 56.17 -35.88
C ILE A 1025 -22.89 54.83 -36.58
N GLU A 1026 -23.54 54.63 -37.73
CA GLU A 1026 -23.40 53.39 -38.48
C GLU A 1026 -22.05 53.25 -39.15
N LYS A 1027 -21.23 54.31 -39.15
CA LYS A 1027 -19.92 54.26 -39.79
C LYS A 1027 -18.92 53.39 -39.07
N GLN A 1028 -19.24 52.90 -37.86
CA GLN A 1028 -18.30 52.12 -37.09
C GLN A 1028 -17.92 50.82 -37.80
N GLY A 1029 -18.89 50.13 -38.39
CA GLY A 1029 -18.59 48.89 -39.08
C GLY A 1029 -19.86 48.24 -39.60
N LEU A 1030 -19.67 47.08 -40.24
CA LEU A 1030 -20.79 46.37 -40.83
C LEU A 1030 -21.69 45.75 -39.78
N LYS A 1031 -21.10 45.17 -38.73
CA LYS A 1031 -21.91 44.60 -37.66
C LYS A 1031 -22.70 45.69 -36.94
N ILE A 1032 -22.08 46.84 -36.72
CA ILE A 1032 -22.77 47.98 -36.11
C ILE A 1032 -23.95 48.40 -36.99
N HIS A 1033 -23.72 48.45 -38.31
CA HIS A 1033 -24.80 48.80 -39.23
C HIS A 1033 -25.95 47.80 -39.16
N GLN A 1034 -25.63 46.50 -39.10
CA GLN A 1034 -26.68 45.49 -39.04
C GLN A 1034 -27.47 45.59 -37.74
N ILE A 1035 -26.79 45.78 -36.61
CA ILE A 1035 -27.50 45.90 -35.34
C ILE A 1035 -28.35 47.16 -35.31
N LEU A 1036 -27.85 48.26 -35.87
CA LEU A 1036 -28.64 49.48 -35.95
C LEU A 1036 -29.87 49.29 -36.84
N LEU A 1037 -29.73 48.56 -37.94
CA LEU A 1037 -30.87 48.28 -38.80
C LEU A 1037 -31.91 47.45 -38.05
N ASP A 1038 -31.47 46.45 -37.29
CA ASP A 1038 -32.40 45.66 -36.49
C ASP A 1038 -33.10 46.52 -35.45
N ARG A 1039 -32.35 47.42 -34.80
CA ARG A 1039 -32.94 48.33 -33.82
C ARG A 1039 -34.01 49.21 -34.46
N THR A 1040 -33.71 49.76 -35.64
CA THR A 1040 -34.67 50.62 -36.32
C THR A 1040 -35.91 49.83 -36.75
N ASN A 1041 -35.72 48.58 -37.18
CA ASN A 1041 -36.86 47.74 -37.53
C ASN A 1041 -37.75 47.49 -36.32
N ILE A 1042 -37.14 47.17 -35.18
CA ILE A 1042 -37.91 46.94 -33.96
C ILE A 1042 -38.65 48.22 -33.55
N ARG A 1043 -37.98 49.36 -33.67
CA ARG A 1043 -38.62 50.63 -33.32
C ARG A 1043 -39.79 50.94 -34.26
N ASP A 1044 -39.64 50.66 -35.55
CA ASP A 1044 -40.75 50.87 -36.47
C ASP A 1044 -41.92 49.96 -36.14
N GLU A 1045 -41.63 48.70 -35.81
CA GLU A 1045 -42.71 47.78 -35.45
C GLU A 1045 -43.41 48.22 -34.17
N ILE A 1046 -42.66 48.69 -33.18
CA ILE A 1046 -43.27 49.15 -31.93
C ILE A 1046 -44.05 50.43 -32.17
N PHE A 1047 -43.65 51.23 -33.15
CA PHE A 1047 -44.41 52.45 -33.48
C PHE A 1047 -45.68 52.11 -34.25
N LYS A 1048 -45.69 50.99 -34.98
CA LYS A 1048 -46.87 50.59 -35.73
C LYS A 1048 -48.03 50.17 -34.85
N LEU A 1049 -47.80 49.98 -33.56
CA LEU A 1049 -48.85 49.55 -32.63
C LEU A 1049 -49.64 50.74 -32.12
N LYS A 1050 -50.93 50.52 -31.87
CA LYS A 1050 -51.85 51.57 -31.45
C LYS A 1050 -52.00 51.66 -29.94
N SER A 1051 -51.27 50.86 -29.18
CA SER A 1051 -51.33 50.90 -27.72
C SER A 1051 -50.42 51.97 -27.13
N ILE A 1052 -49.67 52.69 -27.97
CA ILE A 1052 -48.73 53.69 -27.49
C ILE A 1052 -49.37 55.05 -27.23
N LYS A 1053 -50.61 55.27 -27.70
CA LYS A 1053 -51.23 56.58 -27.60
C LYS A 1053 -51.60 56.95 -26.17
N CYS A 1054 -51.73 55.99 -25.28
CA CYS A 1054 -52.16 56.28 -23.92
C CYS A 1054 -51.06 57.03 -23.18
N PRO A 1055 -51.37 58.17 -22.55
CA PRO A 1055 -50.36 58.89 -21.77
C PRO A 1055 -50.06 58.28 -20.41
N ASN A 1056 -50.75 57.20 -20.04
CA ASN A 1056 -50.54 56.52 -18.76
C ASN A 1056 -49.82 55.19 -18.93
N LEU A 1057 -48.90 55.10 -19.89
CA LEU A 1057 -48.12 53.89 -20.06
C LEU A 1057 -47.23 53.63 -18.86
N SER A 1058 -46.79 54.69 -18.17
CA SER A 1058 -46.06 54.53 -16.92
C SER A 1058 -46.93 53.96 -15.82
N GLN A 1059 -48.25 53.96 -15.99
CA GLN A 1059 -49.17 53.47 -14.98
C GLN A 1059 -49.99 52.28 -15.48
N HIS A 1060 -49.51 51.59 -16.51
CA HIS A 1060 -50.20 50.42 -17.04
C HIS A 1060 -49.30 49.22 -17.30
N ILE A 1061 -48.00 49.42 -17.47
CA ILE A 1061 -47.09 48.32 -17.78
C ILE A 1061 -46.30 47.83 -16.57
N VAL A 1062 -46.38 48.53 -15.44
CA VAL A 1062 -45.67 48.08 -14.24
C VAL A 1062 -46.11 46.68 -13.80
N PRO A 1063 -47.40 46.35 -13.72
CA PRO A 1063 -47.75 44.96 -13.40
C PRO A 1063 -47.26 43.96 -14.42
N LYS A 1064 -47.32 44.29 -15.71
CA LYS A 1064 -46.82 43.39 -16.74
C LYS A 1064 -45.31 43.21 -16.62
N PHE A 1065 -44.59 44.29 -16.34
CA PHE A 1065 -43.14 44.20 -16.14
C PHE A 1065 -42.80 43.32 -14.95
N LYS A 1066 -43.51 43.51 -13.84
CA LYS A 1066 -43.26 42.69 -12.66
C LYS A 1066 -43.55 41.22 -12.93
N ALA A 1067 -44.65 40.94 -13.65
CA ALA A 1067 -44.97 39.56 -13.99
C ALA A 1067 -43.89 38.94 -14.87
N HIS A 1068 -43.40 39.69 -15.86
CA HIS A 1068 -42.35 39.17 -16.72
C HIS A 1068 -41.07 38.91 -15.94
N VAL A 1069 -40.70 39.82 -15.04
CA VAL A 1069 -39.50 39.63 -14.24
C VAL A 1069 -39.64 38.39 -13.35
N ILE A 1070 -40.79 38.22 -12.70
CA ILE A 1070 -40.98 37.07 -11.83
C ILE A 1070 -40.95 35.76 -12.64
N LYS A 1071 -41.58 35.76 -13.82
CA LYS A 1071 -41.56 34.57 -14.67
C LYS A 1071 -40.15 34.24 -15.12
N LYS A 1072 -39.36 35.26 -15.50
CA LYS A 1072 -37.99 35.03 -15.90
C LYS A 1072 -37.15 34.48 -14.74
N LYS A 1073 -37.35 35.01 -13.54
CA LYS A 1073 -36.62 34.52 -12.39
C LYS A 1073 -36.97 33.08 -12.07
N ILE A 1074 -38.27 32.74 -12.16
CA ILE A 1074 -38.69 31.37 -11.92
C ILE A 1074 -38.08 30.43 -12.96
N GLU A 1075 -38.10 30.83 -14.23
CA GLU A 1075 -37.53 29.99 -15.28
C GLU A 1075 -36.03 29.83 -15.10
N GLU A 1076 -35.36 30.87 -14.60
CA GLU A 1076 -33.93 30.77 -14.30
C GLU A 1076 -33.69 29.79 -13.15
N LEU A 1077 -34.54 29.83 -12.13
CA LEU A 1077 -34.41 28.91 -11.01
C LEU A 1077 -34.82 27.48 -11.38
N TYR A 1078 -35.46 27.29 -12.52
CA TYR A 1078 -36.00 26.00 -12.96
C TYR A 1078 -34.93 25.03 -13.43
N HIS A 1079 -33.64 25.34 -13.27
CA HIS A 1079 -32.59 24.43 -13.70
C HIS A 1079 -32.61 23.15 -12.87
N LEU A 1080 -32.51 22.01 -13.56
CA LEU A 1080 -32.39 20.70 -12.93
C LEU A 1080 -31.33 19.92 -13.70
N MET A 1081 -30.06 20.11 -13.31
CA MET A 1081 -28.96 19.41 -13.97
C MET A 1081 -28.79 17.98 -13.47
N SER A 1082 -29.43 17.62 -12.37
CA SER A 1082 -29.30 16.29 -11.82
C SER A 1082 -30.11 15.30 -12.64
N ASP A 1083 -29.48 14.19 -13.02
CA ASP A 1083 -30.12 13.09 -13.72
C ASP A 1083 -30.02 11.88 -12.79
N GLN A 1084 -30.99 11.75 -11.89
CA GLN A 1084 -30.95 10.75 -10.83
C GLN A 1084 -31.75 9.51 -11.24
N ASN A 1085 -31.56 8.45 -10.49
CA ASN A 1085 -32.18 7.16 -10.80
C ASN A 1085 -33.51 6.95 -10.10
N LEU A 1086 -33.49 6.94 -8.77
CA LEU A 1086 -34.65 6.63 -7.93
C LEU A 1086 -35.20 5.23 -8.18
N SER A 1087 -34.47 4.40 -8.93
CA SER A 1087 -34.93 3.05 -9.26
C SER A 1087 -34.29 1.97 -8.41
N LEU A 1088 -33.13 2.25 -7.81
CA LEU A 1088 -32.46 1.31 -6.92
C LEU A 1088 -32.82 1.55 -5.46
N LEU A 1089 -33.78 2.43 -5.19
CA LEU A 1089 -34.18 2.77 -3.83
C LEU A 1089 -35.00 1.67 -3.16
N PRO A 1090 -35.97 1.02 -3.84
CA PRO A 1090 -36.64 -0.12 -3.19
C PRO A 1090 -35.70 -1.24 -2.80
N ASP A 1091 -34.72 -1.55 -3.64
CA ASP A 1091 -33.72 -2.57 -3.26
C ASP A 1091 -32.91 -2.13 -2.06
N TYR A 1092 -32.54 -0.84 -2.01
CA TYR A 1092 -31.83 -0.32 -0.87
C TYR A 1092 -32.65 -0.45 0.41
N GLU A 1093 -33.95 -0.14 0.32
CA GLU A 1093 -34.82 -0.25 1.50
C GLU A 1093 -34.95 -1.70 1.96
N LYS A 1094 -35.11 -2.63 1.01
CA LYS A 1094 -35.22 -4.04 1.38
C LYS A 1094 -33.92 -4.56 2.01
N ARG A 1095 -32.78 -4.14 1.48
CA ARG A 1095 -31.51 -4.55 2.07
C ARG A 1095 -31.31 -3.92 3.45
N LEU A 1096 -31.77 -2.70 3.65
CA LEU A 1096 -31.76 -2.12 4.99
C LEU A 1096 -32.61 -2.94 5.95
N ALA A 1097 -33.79 -3.37 5.51
CA ALA A 1097 -34.64 -4.20 6.36
C ALA A 1097 -33.96 -5.52 6.70
N VAL A 1098 -33.30 -6.14 5.72
CA VAL A 1098 -32.59 -7.40 5.99
C VAL A 1098 -31.45 -7.18 6.97
N LEU A 1099 -30.66 -6.12 6.77
CA LEU A 1099 -29.54 -5.85 7.66
C LEU A 1099 -30.02 -5.55 9.08
N LYS A 1100 -31.16 -4.89 9.22
CA LYS A 1100 -31.69 -4.64 10.56
C LYS A 1100 -32.28 -5.90 11.19
N ASP A 1101 -32.86 -6.78 10.37
CA ASP A 1101 -33.51 -7.99 10.89
C ASP A 1101 -32.51 -8.92 11.55
N THR A 1102 -31.35 -9.13 10.93
CA THR A 1102 -30.33 -10.05 11.44
C THR A 1102 -29.33 -9.36 12.36
N GLU A 1103 -29.68 -8.19 12.90
CA GLU A 1103 -28.87 -7.49 13.91
C GLU A 1103 -27.48 -7.15 13.39
N PHE A 1104 -27.40 -6.72 12.14
CA PHE A 1104 -26.16 -6.13 11.62
C PHE A 1104 -26.10 -4.63 11.86
N ILE A 1105 -27.23 -3.95 11.67
CA ILE A 1105 -27.38 -2.53 12.01
C ILE A 1105 -28.66 -2.41 12.85
N ASP A 1106 -28.74 -1.31 13.59
CA ASP A 1106 -29.86 -1.11 14.49
C ASP A 1106 -30.91 -0.21 13.84
N GLN A 1107 -31.93 0.17 14.63
CA GLN A 1107 -33.06 0.92 14.11
C GLN A 1107 -32.67 2.32 13.61
N ASN A 1108 -31.56 2.86 14.09
CA ASN A 1108 -31.08 4.16 13.66
C ASN A 1108 -30.08 4.08 12.51
N HIS A 1109 -29.92 2.89 11.92
CA HIS A 1109 -29.01 2.68 10.79
C HIS A 1109 -27.56 2.93 11.19
N ASN A 1110 -27.19 2.49 12.39
CA ASN A 1110 -25.82 2.53 12.86
C ASN A 1110 -25.21 1.14 12.79
N VAL A 1111 -23.93 1.08 12.43
CA VAL A 1111 -23.26 -0.20 12.25
C VAL A 1111 -22.94 -0.80 13.60
N LEU A 1112 -23.32 -2.07 13.79
CA LEU A 1112 -23.06 -2.79 15.02
C LEU A 1112 -21.75 -3.57 14.90
N LEU A 1113 -21.47 -4.44 15.87
CA LEU A 1113 -20.22 -5.20 15.83
C LEU A 1113 -20.17 -6.17 14.65
N LYS A 1114 -21.29 -6.84 14.38
CA LYS A 1114 -21.33 -7.76 13.25
C LYS A 1114 -21.14 -7.04 11.92
N GLY A 1115 -21.77 -5.88 11.78
CA GLY A 1115 -21.56 -5.09 10.57
C GLY A 1115 -20.13 -4.59 10.47
N ARG A 1116 -19.54 -4.21 11.60
CA ARG A 1116 -18.15 -3.78 11.61
C ARG A 1116 -17.22 -4.89 11.16
N VAL A 1117 -17.48 -6.12 11.60
CA VAL A 1117 -16.68 -7.26 11.16
C VAL A 1117 -16.91 -7.53 9.67
N ALA A 1118 -18.17 -7.46 9.23
CA ALA A 1118 -18.49 -7.75 7.84
C ALA A 1118 -17.97 -6.67 6.89
N CYS A 1119 -17.58 -5.50 7.41
CA CYS A 1119 -16.98 -4.49 6.54
C CYS A 1119 -15.67 -4.97 5.94
N GLU A 1120 -14.95 -5.86 6.63
CA GLU A 1120 -13.64 -6.30 6.17
C GLU A 1120 -13.73 -7.33 5.04
N ILE A 1121 -14.75 -8.18 5.05
CA ILE A 1121 -14.82 -9.31 4.12
C ILE A 1121 -15.26 -8.77 2.76
N ASN A 1122 -14.34 -8.74 1.81
CA ASN A 1122 -14.59 -8.21 0.48
C ASN A 1122 -15.06 -9.27 -0.50
N SER A 1123 -15.25 -10.51 -0.06
CA SER A 1123 -15.71 -11.58 -0.92
C SER A 1123 -17.24 -11.55 -1.00
N GLY A 1124 -17.83 -12.56 -1.64
CA GLY A 1124 -19.25 -12.53 -1.94
C GLY A 1124 -20.18 -12.91 -0.81
N TYR A 1125 -19.67 -13.48 0.28
CA TYR A 1125 -20.50 -13.97 1.38
C TYR A 1125 -19.97 -13.38 2.68
N GLU A 1126 -20.37 -12.15 2.99
CA GLU A 1126 -19.94 -11.50 4.20
C GLU A 1126 -20.75 -11.96 5.41
N LEU A 1127 -22.06 -12.13 5.21
CA LEU A 1127 -22.96 -12.42 6.32
C LEU A 1127 -22.74 -13.82 6.87
N VAL A 1128 -22.64 -14.82 5.99
CA VAL A 1128 -22.44 -16.19 6.43
C VAL A 1128 -21.07 -16.36 7.07
N LEU A 1129 -20.03 -15.77 6.47
CA LEU A 1129 -18.69 -15.86 7.04
C LEU A 1129 -18.62 -15.19 8.41
N THR A 1130 -19.28 -14.03 8.54
CA THR A 1130 -19.33 -13.36 9.84
C THR A 1130 -20.04 -14.20 10.88
N GLU A 1131 -21.18 -14.80 10.51
CA GLU A 1131 -21.89 -15.66 11.45
C GLU A 1131 -21.08 -16.90 11.81
N LEU A 1132 -20.24 -17.37 10.89
CA LEU A 1132 -19.41 -18.54 11.17
C LEU A 1132 -18.28 -18.21 12.14
N ILE A 1133 -17.59 -17.08 11.94
CA ILE A 1133 -16.39 -16.80 12.72
C ILE A 1133 -16.70 -15.96 13.95
N LEU A 1134 -17.97 -15.58 14.14
CA LEU A 1134 -18.31 -14.69 15.25
C LEU A 1134 -18.26 -15.37 16.61
N ASP A 1135 -18.69 -16.63 16.71
CA ASP A 1135 -18.71 -17.34 17.99
C ASP A 1135 -17.47 -18.19 18.17
N ASN A 1136 -17.51 -19.11 19.14
CA ASN A 1136 -16.38 -19.98 19.46
C ASN A 1136 -16.53 -21.37 18.86
N PHE A 1137 -17.14 -21.47 17.67
CA PHE A 1137 -17.30 -22.77 17.03
C PHE A 1137 -15.94 -23.35 16.62
N LEU A 1138 -15.11 -22.55 15.95
CA LEU A 1138 -13.84 -23.00 15.42
C LEU A 1138 -12.73 -23.07 16.47
N GLY A 1139 -13.07 -23.04 17.75
CA GLY A 1139 -12.05 -23.00 18.79
C GLY A 1139 -11.32 -24.30 19.00
N SER A 1140 -11.81 -25.40 18.42
CA SER A 1140 -11.18 -26.71 18.57
C SER A 1140 -10.58 -27.21 17.25
N PHE A 1141 -10.57 -26.39 16.22
CA PHE A 1141 -10.06 -26.78 14.91
C PHE A 1141 -8.55 -26.55 14.83
N GLU A 1142 -7.93 -27.17 13.83
CA GLU A 1142 -6.54 -26.97 13.48
C GLU A 1142 -6.43 -25.98 12.33
N PRO A 1143 -5.26 -25.35 12.15
CA PRO A 1143 -5.13 -24.41 11.02
C PRO A 1143 -5.42 -25.05 9.67
N GLU A 1144 -4.99 -26.29 9.48
CA GLU A 1144 -5.27 -27.00 8.23
C GLU A 1144 -6.76 -27.22 8.05
N GLU A 1145 -7.46 -27.58 9.13
CA GLU A 1145 -8.90 -27.80 9.04
C GLU A 1145 -9.64 -26.50 8.74
N ILE A 1146 -9.20 -25.39 9.34
CA ILE A 1146 -9.86 -24.11 9.07
C ILE A 1146 -9.65 -23.69 7.64
N VAL A 1147 -8.41 -23.80 7.13
CA VAL A 1147 -8.16 -23.40 5.76
C VAL A 1147 -8.85 -24.32 4.77
N ALA A 1148 -9.07 -25.59 5.16
CA ALA A 1148 -9.81 -26.50 4.29
C ALA A 1148 -11.30 -26.17 4.28
N LEU A 1149 -11.85 -25.83 5.44
CA LEU A 1149 -13.27 -25.50 5.53
C LEU A 1149 -13.59 -24.18 4.82
N LEU A 1150 -12.68 -23.21 4.86
CA LEU A 1150 -12.93 -21.94 4.22
C LEU A 1150 -12.93 -22.01 2.70
N SER A 1151 -12.63 -23.18 2.11
CA SER A 1151 -12.59 -23.30 0.67
C SER A 1151 -13.98 -23.37 0.04
N VAL A 1152 -15.03 -23.54 0.83
CA VAL A 1152 -16.38 -23.56 0.29
C VAL A 1152 -16.76 -22.20 -0.27
N PHE A 1153 -16.20 -21.13 0.28
CA PHE A 1153 -16.55 -19.78 -0.14
C PHE A 1153 -15.81 -19.32 -1.39
N VAL A 1154 -14.86 -20.11 -1.90
CA VAL A 1154 -14.09 -19.74 -3.08
C VAL A 1154 -14.19 -20.77 -4.19
N TYR A 1155 -14.89 -21.88 -3.97
CA TYR A 1155 -15.01 -22.93 -4.97
C TYR A 1155 -16.41 -22.92 -5.54
N GLU A 1156 -16.50 -22.84 -6.87
CA GLU A 1156 -17.79 -22.70 -7.55
C GLU A 1156 -18.67 -23.95 -7.41
N GLY A 1157 -18.08 -25.10 -7.14
CA GLY A 1157 -18.85 -26.30 -6.85
C GLY A 1157 -19.42 -27.01 -8.06
N LYS A 1158 -19.02 -26.64 -9.27
CA LYS A 1158 -19.54 -27.28 -10.48
C LYS A 1158 -18.62 -28.43 -10.86
N THR A 1159 -18.98 -29.64 -10.45
CA THR A 1159 -18.19 -30.83 -10.75
C THR A 1159 -19.13 -32.01 -10.95
N ARG A 1160 -18.62 -33.02 -11.66
CA ARG A 1160 -19.39 -34.21 -11.98
C ARG A 1160 -19.01 -35.43 -11.14
N GLU A 1161 -17.75 -35.53 -10.73
CA GLU A 1161 -17.31 -36.70 -9.97
C GLU A 1161 -17.97 -36.73 -8.60
N GLU A 1162 -18.30 -37.94 -8.14
CA GLU A 1162 -18.95 -38.10 -6.85
C GLU A 1162 -18.00 -37.72 -5.72
N GLU A 1163 -18.56 -37.14 -4.66
CA GLU A 1163 -17.75 -36.69 -3.53
C GLU A 1163 -17.23 -37.90 -2.75
N PRO A 1164 -15.95 -37.95 -2.42
CA PRO A 1164 -15.44 -39.00 -1.54
C PRO A 1164 -15.78 -38.70 -0.09
N PRO A 1165 -15.63 -39.67 0.81
CA PRO A 1165 -15.92 -39.42 2.23
C PRO A 1165 -14.99 -38.35 2.80
N ILE A 1166 -15.52 -37.61 3.78
CA ILE A 1166 -14.73 -36.57 4.42
C ILE A 1166 -13.57 -37.19 5.18
N VAL A 1167 -12.43 -36.51 5.15
CA VAL A 1167 -11.20 -37.04 5.74
C VAL A 1167 -11.08 -36.79 7.23
N THR A 1168 -11.94 -35.93 7.80
CA THR A 1168 -11.87 -35.60 9.21
C THR A 1168 -13.28 -35.33 9.74
N PRO A 1169 -13.63 -35.85 10.92
CA PRO A 1169 -14.97 -35.58 11.47
C PRO A 1169 -15.28 -34.10 11.67
N ARG A 1170 -14.29 -33.31 12.08
CA ARG A 1170 -14.53 -31.89 12.31
C ARG A 1170 -14.87 -31.18 11.01
N LEU A 1171 -14.35 -31.66 9.88
CA LEU A 1171 -14.77 -31.10 8.59
C LEU A 1171 -16.24 -31.35 8.34
N ALA A 1172 -16.74 -32.55 8.70
CA ALA A 1172 -18.17 -32.83 8.56
C ALA A 1172 -18.99 -31.92 9.48
N LYS A 1173 -18.52 -31.70 10.70
CA LYS A 1173 -19.24 -30.81 11.60
C LYS A 1173 -19.31 -29.40 11.05
N GLY A 1174 -18.20 -28.90 10.51
CA GLY A 1174 -18.20 -27.58 9.90
C GLY A 1174 -19.11 -27.50 8.69
N LYS A 1175 -19.15 -28.57 7.89
CA LYS A 1175 -20.08 -28.63 6.77
C LYS A 1175 -21.52 -28.48 7.24
N GLN A 1176 -21.90 -29.23 8.28
CA GLN A 1176 -23.26 -29.14 8.80
C GLN A 1176 -23.57 -27.74 9.32
N ARG A 1177 -22.63 -27.14 10.04
CA ARG A 1177 -22.86 -25.80 10.58
C ARG A 1177 -23.05 -24.77 9.47
N ILE A 1178 -22.19 -24.82 8.45
CA ILE A 1178 -22.31 -23.86 7.35
C ILE A 1178 -23.64 -24.06 6.63
N GLU A 1179 -24.06 -25.32 6.44
CA GLU A 1179 -25.33 -25.56 5.77
C GLU A 1179 -26.50 -24.98 6.55
N GLU A 1180 -26.53 -25.16 7.88
CA GLU A 1180 -27.65 -24.64 8.64
C GLU A 1180 -27.64 -23.11 8.67
N ILE A 1181 -26.45 -22.50 8.77
CA ILE A 1181 -26.36 -21.04 8.73
C ILE A 1181 -26.91 -20.51 7.41
N TYR A 1182 -26.52 -21.15 6.30
CA TYR A 1182 -26.99 -20.67 5.00
C TYR A 1182 -28.49 -20.89 4.83
N LYS A 1183 -29.03 -21.98 5.35
CA LYS A 1183 -30.48 -22.18 5.27
C LYS A 1183 -31.23 -21.10 6.01
N LYS A 1184 -30.77 -20.76 7.23
CA LYS A 1184 -31.41 -19.70 8.00
C LYS A 1184 -31.32 -18.36 7.27
N MET A 1185 -30.13 -18.03 6.75
CA MET A 1185 -29.96 -16.77 6.05
C MET A 1185 -30.82 -16.70 4.78
N LEU A 1186 -30.93 -17.81 4.07
CA LEU A 1186 -31.75 -17.85 2.86
C LEU A 1186 -33.22 -17.64 3.18
N CYS A 1187 -33.70 -18.24 4.27
CA CYS A 1187 -35.07 -17.99 4.70
C CYS A 1187 -35.29 -16.52 5.03
N VAL A 1188 -34.35 -15.91 5.74
CA VAL A 1188 -34.46 -14.48 6.05
C VAL A 1188 -34.49 -13.64 4.77
N PHE A 1189 -33.61 -13.99 3.81
CA PHE A 1189 -33.57 -13.26 2.55
C PHE A 1189 -34.91 -13.36 1.82
N ASN A 1190 -35.46 -14.57 1.73
CA ASN A 1190 -36.70 -14.75 0.98
C ASN A 1190 -37.91 -14.19 1.71
N THR A 1191 -37.79 -13.91 3.00
CA THR A 1191 -38.87 -13.22 3.69
C THR A 1191 -39.12 -11.84 3.10
N HIS A 1192 -38.05 -11.10 2.80
CA HIS A 1192 -38.15 -9.72 2.31
C HIS A 1192 -38.20 -9.62 0.79
N GLN A 1193 -38.29 -10.75 0.09
CA GLN A 1193 -38.45 -10.77 -1.36
C GLN A 1193 -37.32 -10.06 -2.09
N ILE A 1194 -36.10 -10.24 -1.62
CA ILE A 1194 -34.92 -9.71 -2.31
C ILE A 1194 -34.56 -10.65 -3.46
N PRO A 1195 -34.40 -10.14 -4.68
CA PRO A 1195 -33.94 -11.00 -5.78
C PRO A 1195 -32.54 -11.55 -5.50
N LEU A 1196 -32.33 -12.79 -5.90
CA LEU A 1196 -31.09 -13.50 -5.63
C LEU A 1196 -30.37 -13.82 -6.93
N THR A 1197 -29.05 -13.74 -6.91
CA THR A 1197 -28.25 -14.11 -8.07
C THR A 1197 -28.27 -15.64 -8.25
N GLN A 1198 -27.70 -16.07 -9.37
CA GLN A 1198 -27.67 -17.51 -9.67
C GLN A 1198 -26.82 -18.27 -8.65
N ASP A 1199 -25.71 -17.67 -8.21
CA ASP A 1199 -24.84 -18.35 -7.26
C ASP A 1199 -25.43 -18.38 -5.86
N GLU A 1200 -26.06 -17.28 -5.44
CA GLU A 1200 -26.59 -17.22 -4.08
C GLU A 1200 -27.74 -18.19 -3.88
N ALA A 1201 -28.61 -18.34 -4.88
CA ALA A 1201 -29.77 -19.21 -4.75
C ALA A 1201 -29.40 -20.68 -4.86
N GLU A 1202 -28.39 -21.02 -5.65
CA GLU A 1202 -27.99 -22.40 -5.89
C GLU A 1202 -26.76 -22.79 -5.08
N PHE A 1203 -26.58 -22.18 -3.90
CA PHE A 1203 -25.40 -22.46 -3.09
C PHE A 1203 -25.39 -23.90 -2.60
N LEU A 1204 -26.48 -24.35 -1.99
CA LEU A 1204 -26.54 -25.67 -1.38
C LEU A 1204 -26.93 -26.76 -2.38
N ASP A 1205 -27.18 -26.42 -3.63
CA ASP A 1205 -27.49 -27.42 -4.65
C ASP A 1205 -26.24 -27.97 -5.31
N ARG A 1206 -25.22 -27.14 -5.50
CA ARG A 1206 -23.96 -27.57 -6.07
C ARG A 1206 -23.05 -28.17 -4.99
N LYS A 1207 -22.17 -29.06 -5.41
CA LYS A 1207 -21.25 -29.74 -4.51
C LYS A 1207 -20.07 -28.82 -4.21
N ARG A 1208 -20.31 -27.87 -3.31
CA ARG A 1208 -19.34 -26.82 -2.99
C ARG A 1208 -18.34 -27.24 -1.92
N PHE A 1209 -18.51 -28.41 -1.31
CA PHE A 1209 -17.59 -28.92 -0.30
C PHE A 1209 -16.66 -30.00 -0.85
N ALA A 1210 -16.40 -29.98 -2.16
CA ALA A 1210 -15.68 -31.05 -2.82
C ALA A 1210 -14.18 -30.80 -2.92
N MET A 1211 -13.67 -29.74 -2.31
CA MET A 1211 -12.24 -29.46 -2.32
C MET A 1211 -11.64 -29.41 -0.92
N MET A 1212 -12.39 -29.83 0.10
CA MET A 1212 -11.85 -29.80 1.46
C MET A 1212 -10.70 -30.80 1.63
N ASN A 1213 -10.83 -31.98 1.04
CA ASN A 1213 -9.77 -32.98 1.15
C ASN A 1213 -8.49 -32.51 0.45
N VAL A 1214 -8.62 -31.91 -0.74
CA VAL A 1214 -7.46 -31.48 -1.49
C VAL A 1214 -6.72 -30.38 -0.74
N VAL A 1215 -7.45 -29.39 -0.24
CA VAL A 1215 -6.83 -28.30 0.49
C VAL A 1215 -6.23 -28.81 1.79
N TYR A 1216 -6.89 -29.77 2.44
CA TYR A 1216 -6.33 -30.36 3.66
C TYR A 1216 -4.99 -31.02 3.38
N GLU A 1217 -4.92 -31.86 2.35
CA GLU A 1217 -3.67 -32.56 2.06
C GLU A 1217 -2.60 -31.62 1.56
N TRP A 1218 -2.97 -30.54 0.86
CA TRP A 1218 -1.97 -29.54 0.48
C TRP A 1218 -1.41 -28.84 1.71
N ALA A 1219 -2.26 -28.54 2.69
CA ALA A 1219 -1.78 -27.87 3.89
C ALA A 1219 -0.99 -28.81 4.79
N ARG A 1220 -1.21 -30.12 4.69
CA ARG A 1220 -0.44 -31.05 5.52
C ARG A 1220 1.00 -31.14 5.06
N GLY A 1221 1.24 -31.08 3.75
CA GLY A 1221 2.59 -31.12 3.24
C GLY A 1221 2.78 -32.03 2.05
N LEU A 1222 1.70 -32.56 1.51
CA LEU A 1222 1.79 -33.42 0.33
C LEU A 1222 2.20 -32.62 -0.89
N SER A 1223 2.88 -33.28 -1.82
CA SER A 1223 3.32 -32.64 -3.05
C SER A 1223 2.17 -32.52 -4.04
N PHE A 1224 2.40 -31.74 -5.10
CA PHE A 1224 1.37 -31.52 -6.10
C PHE A 1224 0.98 -32.79 -6.85
N LYS A 1225 1.87 -33.78 -6.90
CA LYS A 1225 1.58 -35.01 -7.64
C LYS A 1225 0.44 -35.79 -6.98
N GLU A 1226 0.53 -36.02 -5.67
CA GLU A 1226 -0.55 -36.70 -4.97
C GLU A 1226 -1.83 -35.89 -5.01
N ILE A 1227 -1.70 -34.57 -4.85
CA ILE A 1227 -2.86 -33.69 -4.89
C ILE A 1227 -3.60 -33.84 -6.20
N MET A 1228 -2.87 -33.87 -7.32
CA MET A 1228 -3.52 -34.04 -8.61
C MET A 1228 -4.04 -35.46 -8.79
N GLU A 1229 -3.37 -36.45 -8.20
CA GLU A 1229 -3.86 -37.82 -8.31
C GLU A 1229 -5.13 -38.04 -7.49
N MET A 1230 -5.44 -37.15 -6.56
CA MET A 1230 -6.66 -37.28 -5.76
C MET A 1230 -7.70 -36.20 -6.03
N SER A 1231 -7.35 -35.14 -6.79
CA SER A 1231 -8.25 -34.01 -6.94
C SER A 1231 -9.37 -34.32 -7.93
N PRO A 1232 -10.53 -33.69 -7.76
CA PRO A 1232 -11.62 -33.81 -8.73
C PRO A 1232 -11.65 -32.74 -9.82
N GLU A 1233 -10.59 -31.93 -9.96
CA GLU A 1233 -10.59 -30.83 -10.91
C GLU A 1233 -9.25 -30.83 -11.64
N ALA A 1234 -9.00 -29.78 -12.41
CA ALA A 1234 -7.76 -29.62 -13.15
C ALA A 1234 -6.76 -28.81 -12.32
N GLU A 1235 -5.55 -28.63 -12.88
CA GLU A 1235 -4.50 -27.92 -12.16
C GLU A 1235 -4.84 -26.45 -11.96
N GLY A 1236 -5.40 -25.81 -12.99
CA GLY A 1236 -5.70 -24.39 -12.89
C GLY A 1236 -6.73 -24.08 -11.82
N THR A 1237 -7.76 -24.91 -11.71
CA THR A 1237 -8.79 -24.68 -10.70
C THR A 1237 -8.22 -24.79 -9.29
N VAL A 1238 -7.38 -25.80 -9.04
CA VAL A 1238 -6.77 -25.98 -7.73
C VAL A 1238 -5.88 -24.80 -7.39
N VAL A 1239 -5.05 -24.37 -8.35
CA VAL A 1239 -4.17 -23.23 -8.11
C VAL A 1239 -4.98 -21.98 -7.79
N ARG A 1240 -6.07 -21.75 -8.54
CA ARG A 1240 -6.92 -20.60 -8.31
C ARG A 1240 -7.55 -20.64 -6.92
N VAL A 1241 -8.03 -21.81 -6.51
CA VAL A 1241 -8.70 -21.94 -5.21
C VAL A 1241 -7.72 -21.62 -4.09
N ILE A 1242 -6.50 -22.17 -4.16
CA ILE A 1242 -5.52 -21.91 -3.10
C ILE A 1242 -5.09 -20.44 -3.11
N THR A 1243 -4.92 -19.86 -4.30
CA THR A 1243 -4.54 -18.46 -4.40
C THR A 1243 -5.58 -17.55 -3.77
N TRP A 1244 -6.87 -17.83 -4.00
CA TRP A 1244 -7.92 -17.03 -3.35
C TRP A 1244 -8.00 -17.31 -1.86
N LEU A 1245 -7.72 -18.54 -1.44
CA LEU A 1245 -7.72 -18.86 -0.01
C LEU A 1245 -6.68 -18.04 0.74
N ASP A 1246 -5.58 -17.69 0.09
CA ASP A 1246 -4.61 -16.79 0.72
C ASP A 1246 -5.25 -15.48 1.16
N GLU A 1247 -5.97 -14.83 0.24
CA GLU A 1247 -6.62 -13.55 0.56
C GLU A 1247 -7.76 -13.73 1.56
N ILE A 1248 -8.48 -14.86 1.50
CA ILE A 1248 -9.49 -15.14 2.50
C ILE A 1248 -8.84 -15.22 3.88
N CYS A 1249 -7.68 -15.86 3.98
CA CYS A 1249 -6.97 -15.94 5.26
C CYS A 1249 -6.59 -14.54 5.75
N ARG A 1250 -6.14 -13.68 4.85
CA ARG A 1250 -5.81 -12.31 5.23
C ARG A 1250 -7.03 -11.58 5.83
N GLU A 1251 -8.18 -11.70 5.14
CA GLU A 1251 -9.39 -11.04 5.63
C GLU A 1251 -9.82 -11.59 6.99
N VAL A 1252 -9.73 -12.91 7.17
CA VAL A 1252 -10.11 -13.49 8.45
C VAL A 1252 -9.15 -13.04 9.55
N LYS A 1253 -7.87 -12.86 9.23
CA LYS A 1253 -6.94 -12.30 10.21
C LYS A 1253 -7.38 -10.92 10.67
N THR A 1254 -7.73 -10.05 9.73
CA THR A 1254 -8.19 -8.71 10.10
C THR A 1254 -9.47 -8.77 10.93
N ALA A 1255 -10.41 -9.61 10.52
CA ALA A 1255 -11.67 -9.73 11.27
C ALA A 1255 -11.43 -10.25 12.68
N SER A 1256 -10.49 -11.19 12.83
CA SER A 1256 -10.17 -11.71 14.17
C SER A 1256 -9.51 -10.65 15.03
N ILE A 1257 -8.68 -9.79 14.43
CA ILE A 1257 -8.14 -8.67 15.18
C ILE A 1257 -9.26 -7.75 15.67
N ILE A 1258 -10.29 -7.57 14.84
CA ILE A 1258 -11.42 -6.73 15.25
C ILE A 1258 -12.20 -7.39 16.38
N ILE A 1259 -12.51 -8.69 16.25
CA ILE A 1259 -13.36 -9.37 17.22
C ILE A 1259 -12.69 -9.44 18.59
N GLY A 1260 -11.42 -9.84 18.62
CA GLY A 1260 -10.71 -10.00 19.86
C GLY A 1260 -10.30 -11.44 20.13
N ASN A 1261 -10.10 -12.20 19.06
CA ASN A 1261 -9.75 -13.61 19.14
C ASN A 1261 -8.29 -13.76 18.70
N SER A 1262 -7.39 -13.93 19.68
CA SER A 1262 -5.97 -14.07 19.37
C SER A 1262 -5.65 -15.44 18.79
N THR A 1263 -6.30 -16.49 19.32
CA THR A 1263 -6.02 -17.84 18.84
C THR A 1263 -6.35 -18.00 17.37
N LEU A 1264 -7.49 -17.43 16.94
CA LEU A 1264 -7.85 -17.48 15.53
C LEU A 1264 -6.84 -16.72 14.68
N HIS A 1265 -6.36 -15.58 15.17
CA HIS A 1265 -5.35 -14.80 14.46
C HIS A 1265 -4.08 -15.63 14.24
N MET A 1266 -3.60 -16.28 15.30
CA MET A 1266 -2.41 -17.12 15.19
C MET A 1266 -2.64 -18.29 14.24
N LYS A 1267 -3.82 -18.91 14.32
CA LYS A 1267 -4.11 -20.04 13.44
C LYS A 1267 -4.13 -19.61 11.97
N MET A 1268 -4.72 -18.45 11.69
CA MET A 1268 -4.79 -17.99 10.31
C MET A 1268 -3.42 -17.61 9.77
N SER A 1269 -2.58 -16.96 10.59
CA SER A 1269 -1.23 -16.66 10.15
C SER A 1269 -0.43 -17.93 9.89
N ARG A 1270 -0.59 -18.93 10.77
CA ARG A 1270 0.09 -20.20 10.57
C ARG A 1270 -0.36 -20.89 9.28
N ALA A 1271 -1.66 -20.89 9.01
CA ALA A 1271 -2.17 -21.52 7.79
C ALA A 1271 -1.69 -20.78 6.55
N GLN A 1272 -1.62 -19.44 6.63
CA GLN A 1272 -1.10 -18.67 5.51
C GLN A 1272 0.34 -19.04 5.21
N GLU A 1273 1.16 -19.19 6.25
CA GLU A 1273 2.52 -19.64 6.02
C GLU A 1273 2.58 -21.10 5.54
N LEU A 1274 1.60 -21.91 5.93
CA LEU A 1274 1.61 -23.32 5.58
C LEU A 1274 1.29 -23.55 4.10
N ILE A 1275 0.34 -22.80 3.55
CA ILE A 1275 -0.13 -23.10 2.19
C ILE A 1275 0.61 -22.33 1.09
N LYS A 1276 1.51 -21.41 1.45
CA LYS A 1276 2.16 -20.55 0.47
C LYS A 1276 3.55 -21.10 0.17
N ARG A 1277 3.63 -21.93 -0.87
CA ARG A 1277 4.88 -22.61 -1.21
C ARG A 1277 4.76 -23.24 -2.59
N ASP A 1278 5.92 -23.64 -3.12
CA ASP A 1278 6.05 -24.56 -4.26
C ASP A 1278 5.45 -23.93 -5.53
N ILE A 1279 5.01 -24.78 -6.46
CA ILE A 1279 4.66 -24.34 -7.80
C ILE A 1279 3.39 -23.50 -7.80
N VAL A 1280 2.53 -23.67 -6.80
CA VAL A 1280 1.28 -22.92 -6.77
C VAL A 1280 1.56 -21.43 -6.67
N PHE A 1281 2.56 -21.04 -5.88
CA PHE A 1281 2.91 -19.64 -5.68
C PHE A 1281 4.26 -19.29 -6.30
N ALA A 1282 4.65 -20.02 -7.34
CA ALA A 1282 5.91 -19.75 -8.01
C ALA A 1282 5.89 -18.37 -8.68
N ALA A 1283 7.05 -17.72 -8.67
CA ALA A 1283 7.16 -16.38 -9.22
C ALA A 1283 6.90 -16.38 -10.72
N SER A 1284 6.37 -15.27 -11.21
CA SER A 1284 6.02 -15.16 -12.62
C SER A 1284 7.25 -15.07 -13.49
N LEU A 1285 7.13 -15.57 -14.72
CA LEU A 1285 8.21 -15.50 -15.69
C LEU A 1285 8.39 -14.11 -16.27
N TYR A 1286 7.47 -13.18 -16.00
CA TYR A 1286 7.62 -11.79 -16.42
C TYR A 1286 8.39 -10.94 -15.41
N LEU A 1287 8.58 -11.43 -14.19
CA LEU A 1287 9.35 -10.70 -13.19
C LEU A 1287 10.81 -11.13 -13.21
N SER B 2 11.78 -6.61 -2.37
CA SER B 2 12.11 -7.30 -1.13
C SER B 2 11.03 -8.30 -0.76
N LYS B 3 10.31 -8.80 -1.75
CA LYS B 3 9.21 -9.74 -1.52
C LYS B 3 9.21 -10.94 -2.45
N VAL B 4 9.97 -10.92 -3.55
CA VAL B 4 10.04 -12.06 -4.47
C VAL B 4 11.50 -12.38 -4.71
N PHE B 5 11.86 -13.64 -4.51
CA PHE B 5 13.22 -14.12 -4.73
C PHE B 5 13.18 -15.32 -5.67
N ILE B 6 14.01 -15.29 -6.70
CA ILE B 6 14.03 -16.32 -7.73
C ILE B 6 15.40 -17.00 -7.71
N ALA B 7 15.40 -18.33 -7.73
CA ALA B 7 16.66 -19.07 -7.81
C ALA B 7 17.34 -18.83 -9.14
N THR B 8 18.66 -18.65 -9.10
CA THR B 8 19.45 -18.32 -10.28
C THR B 8 20.41 -19.44 -10.67
N ALA B 9 21.30 -19.82 -9.76
CA ALA B 9 22.31 -20.84 -10.04
C ALA B 9 22.48 -21.71 -8.80
N ASN B 10 23.07 -22.89 -9.02
CA ASN B 10 23.10 -23.89 -7.96
C ASN B 10 24.30 -24.81 -8.18
N ALA B 11 24.71 -25.48 -7.12
CA ALA B 11 25.84 -26.42 -7.18
C ALA B 11 25.69 -27.41 -6.05
N GLY B 12 25.64 -28.70 -6.37
CA GLY B 12 25.46 -29.75 -5.39
C GLY B 12 26.75 -30.51 -5.16
N LYS B 13 26.89 -31.04 -3.94
CA LYS B 13 28.09 -31.77 -3.53
C LYS B 13 29.35 -30.95 -3.77
N ALA B 14 29.27 -29.66 -3.40
CA ALA B 14 30.38 -28.75 -3.68
C ALA B 14 31.63 -29.11 -2.89
N HIS B 15 31.48 -29.52 -1.65
CA HIS B 15 32.60 -29.88 -0.79
C HIS B 15 32.44 -31.32 -0.29
N ASP B 16 33.49 -31.83 0.33
CA ASP B 16 33.49 -33.18 0.88
C ASP B 16 33.03 -33.23 2.33
N ALA B 17 32.78 -32.09 2.96
CA ALA B 17 32.28 -32.04 4.33
C ALA B 17 31.35 -30.84 4.44
N ASP B 18 31.01 -30.48 5.67
CA ASP B 18 30.07 -29.40 5.90
C ASP B 18 30.65 -28.06 5.46
N ILE B 19 29.83 -27.27 4.76
CA ILE B 19 30.22 -25.93 4.34
C ILE B 19 29.79 -24.97 5.44
N PHE B 20 30.76 -24.49 6.22
CA PHE B 20 30.47 -23.77 7.45
C PHE B 20 30.29 -22.28 7.27
N SER B 21 30.88 -21.67 6.24
CA SER B 21 30.77 -20.23 6.06
C SER B 21 30.90 -19.88 4.59
N VAL B 22 30.49 -18.66 4.24
CA VAL B 22 30.61 -18.14 2.89
C VAL B 22 30.78 -16.62 2.97
N SER B 23 31.47 -16.07 1.98
CA SER B 23 31.66 -14.63 1.85
C SER B 23 31.75 -14.28 0.38
N ALA B 24 31.55 -13.01 0.07
CA ALA B 24 31.52 -12.57 -1.32
C ALA B 24 32.13 -11.19 -1.48
N CYS B 25 32.62 -10.93 -2.68
CA CYS B 25 33.10 -9.61 -3.07
C CYS B 25 32.54 -9.32 -4.46
N ASN B 26 33.06 -8.27 -5.11
CA ASN B 26 32.57 -7.94 -6.44
C ASN B 26 32.98 -8.98 -7.47
N SER B 27 34.17 -9.56 -7.33
CA SER B 27 34.71 -10.46 -8.34
C SER B 27 34.23 -11.89 -8.18
N PHE B 28 34.13 -12.40 -6.95
CA PHE B 28 33.87 -13.82 -6.77
C PHE B 28 33.23 -14.07 -5.41
N THR B 29 32.83 -15.32 -5.21
CA THR B 29 32.29 -15.81 -3.95
C THR B 29 33.19 -16.92 -3.42
N VAL B 30 33.57 -16.84 -2.15
CA VAL B 30 34.51 -17.78 -1.55
C VAL B 30 33.80 -18.52 -0.43
N SER B 31 34.06 -19.82 -0.33
CA SER B 31 33.47 -20.67 0.70
C SER B 31 34.55 -21.56 1.31
N CYS B 32 34.31 -21.98 2.56
CA CYS B 32 35.20 -22.87 3.27
C CYS B 32 34.43 -24.11 3.71
N SER B 33 35.16 -25.15 4.09
CA SER B 33 34.53 -26.40 4.49
C SER B 33 35.44 -27.17 5.44
N GLY B 34 34.90 -28.24 6.00
CA GLY B 34 35.63 -29.08 6.93
C GLY B 34 36.63 -30.02 6.31
N ASP B 35 36.61 -30.17 4.98
CA ASP B 35 37.64 -30.97 4.33
C ASP B 35 38.98 -30.26 4.27
N GLY B 36 39.00 -28.96 4.51
CA GLY B 36 40.24 -28.20 4.49
C GLY B 36 40.54 -27.45 3.23
N TYR B 37 39.60 -27.36 2.30
CA TYR B 37 39.81 -26.68 1.03
C TYR B 37 39.15 -25.32 1.03
N LEU B 38 39.67 -24.44 0.17
CA LEU B 38 39.12 -23.10 -0.05
C LEU B 38 38.73 -23.00 -1.51
N LYS B 39 37.47 -22.66 -1.77
CA LYS B 39 36.93 -22.64 -3.12
C LYS B 39 36.52 -21.23 -3.49
N VAL B 40 36.71 -20.88 -4.76
CA VAL B 40 36.38 -19.57 -5.30
C VAL B 40 35.40 -19.76 -6.44
N TRP B 41 34.29 -19.04 -6.38
CA TRP B 41 33.24 -19.09 -7.40
C TRP B 41 33.13 -17.74 -8.07
N ASP B 42 33.35 -17.71 -9.39
CA ASP B 42 33.33 -16.45 -10.12
C ASP B 42 31.92 -15.88 -10.18
N ASN B 43 31.78 -14.61 -9.81
CA ASN B 43 30.47 -13.97 -9.78
C ASN B 43 29.98 -13.61 -11.17
N LYS B 44 30.88 -13.23 -12.07
CA LYS B 44 30.52 -12.83 -13.43
C LYS B 44 30.40 -14.09 -14.28
N LEU B 45 29.19 -14.63 -14.34
CA LEU B 45 28.87 -15.82 -15.13
C LEU B 45 28.09 -15.42 -16.38
N LEU B 46 27.80 -16.43 -17.20
CA LEU B 46 26.98 -16.28 -18.39
C LEU B 46 25.71 -17.09 -18.24
N ASP B 47 24.91 -17.11 -19.30
CA ASP B 47 23.66 -17.87 -19.30
C ASP B 47 23.94 -19.35 -19.48
N ASN B 48 23.27 -20.17 -18.68
CA ASN B 48 23.36 -21.63 -18.77
C ASN B 48 24.80 -22.11 -18.67
N GLU B 49 25.54 -21.54 -17.73
CA GLU B 49 26.92 -21.96 -17.45
C GLU B 49 26.98 -22.60 -16.07
N ASN B 50 27.50 -23.80 -16.00
CA ASN B 50 27.56 -24.54 -14.74
C ASN B 50 28.55 -23.86 -13.81
N PRO B 51 28.16 -23.49 -12.58
CA PRO B 51 29.10 -22.84 -11.67
C PRO B 51 30.31 -23.68 -11.31
N LYS B 52 30.22 -25.01 -11.40
CA LYS B 52 31.38 -25.84 -11.13
C LYS B 52 32.43 -25.77 -12.22
N ASP B 53 32.05 -25.24 -13.40
CA ASP B 53 33.04 -25.02 -14.44
C ASP B 53 33.92 -23.82 -14.13
N LYS B 54 33.33 -22.77 -13.56
CA LYS B 54 34.08 -21.58 -13.13
C LYS B 54 34.31 -21.63 -11.62
N SER B 55 35.22 -22.51 -11.21
CA SER B 55 35.54 -22.66 -9.80
C SER B 55 37.00 -23.05 -9.65
N TYR B 56 37.62 -22.57 -8.56
CA TYR B 56 39.04 -22.78 -8.31
C TYR B 56 39.22 -23.11 -6.83
N SER B 57 39.91 -24.22 -6.54
CA SER B 57 40.05 -24.72 -5.19
C SER B 57 41.50 -24.71 -4.75
N HIS B 58 41.71 -24.58 -3.44
CA HIS B 58 43.05 -24.56 -2.87
C HIS B 58 43.02 -25.23 -1.50
N PHE B 59 43.99 -26.11 -1.24
CA PHE B 59 44.06 -26.82 0.02
C PHE B 59 44.77 -25.97 1.07
N VAL B 60 44.18 -25.90 2.26
CA VAL B 60 44.69 -25.00 3.29
C VAL B 60 45.19 -25.77 4.50
N HIS B 61 44.32 -26.51 5.18
CA HIS B 61 44.68 -27.20 6.41
C HIS B 61 43.96 -28.53 6.50
N LYS B 62 44.68 -29.54 7.03
CA LYS B 62 44.10 -30.87 7.19
C LYS B 62 42.98 -30.90 8.22
N SER B 63 42.95 -29.93 9.14
CA SER B 63 41.95 -29.93 10.19
C SER B 63 40.57 -29.49 9.70
N GLY B 64 40.52 -28.57 8.75
CA GLY B 64 39.28 -28.02 8.27
C GLY B 64 39.15 -26.53 8.61
N LEU B 65 38.24 -25.87 7.92
CA LEU B 65 38.02 -24.44 8.06
C LEU B 65 36.56 -24.17 8.42
N HIS B 66 36.33 -23.13 9.21
CA HIS B 66 34.96 -22.76 9.56
C HIS B 66 34.64 -21.28 9.45
N HIS B 67 35.62 -20.41 9.25
CA HIS B 67 35.38 -18.99 9.05
C HIS B 67 36.18 -18.48 7.85
N VAL B 68 35.63 -17.48 7.16
CA VAL B 68 36.30 -16.89 6.01
C VAL B 68 35.77 -15.48 5.84
N ASP B 69 36.63 -14.60 5.32
CA ASP B 69 36.23 -13.24 4.95
C ASP B 69 37.14 -12.75 3.83
N VAL B 70 36.63 -11.84 3.02
CA VAL B 70 37.35 -11.34 1.86
C VAL B 70 37.36 -9.82 1.88
N LEU B 71 38.47 -9.23 1.45
CA LEU B 71 38.64 -7.79 1.35
C LEU B 71 39.06 -7.44 -0.07
N GLN B 72 38.30 -6.57 -0.72
CA GLN B 72 38.65 -6.07 -2.04
C GLN B 72 38.60 -4.55 -2.03
N ALA B 73 39.69 -3.93 -2.49
CA ALA B 73 39.79 -2.48 -2.55
C ALA B 73 40.64 -2.09 -3.74
N ILE B 74 40.48 -0.84 -4.18
CA ILE B 74 41.19 -0.36 -5.35
C ILE B 74 42.57 0.19 -4.98
N PHE B 79 46.49 -0.24 -8.57
CA PHE B 79 46.81 -1.43 -7.78
C PHE B 79 45.56 -2.00 -7.11
N GLU B 80 45.21 -3.22 -7.47
CA GLU B 80 44.03 -3.89 -6.96
C GLU B 80 44.47 -5.05 -6.08
N LEU B 81 44.06 -5.01 -4.81
CA LEU B 81 44.38 -6.07 -3.86
C LEU B 81 43.11 -6.83 -3.48
N CYS B 82 43.23 -8.15 -3.38
CA CYS B 82 42.13 -8.99 -2.94
C CYS B 82 42.67 -9.99 -1.93
N LEU B 83 42.23 -9.87 -0.69
CA LEU B 83 42.73 -10.67 0.42
C LEU B 83 41.65 -11.60 0.93
N VAL B 84 42.07 -12.77 1.42
CA VAL B 84 41.20 -13.72 2.08
C VAL B 84 41.83 -14.11 3.40
N ALA B 85 41.03 -14.07 4.47
CA ALA B 85 41.45 -14.52 5.79
C ALA B 85 40.52 -15.62 6.26
N THR B 86 41.08 -16.68 6.84
CA THR B 86 40.29 -17.81 7.27
C THR B 86 40.83 -18.37 8.58
N THR B 87 39.98 -19.09 9.30
CA THR B 87 40.32 -19.73 10.55
C THR B 87 40.08 -21.24 10.44
N SER B 88 41.02 -22.02 10.96
CA SER B 88 40.95 -23.46 10.91
C SER B 88 40.50 -24.04 12.25
N PHE B 89 40.10 -25.31 12.22
CA PHE B 89 39.62 -25.97 13.43
C PHE B 89 40.68 -26.10 14.50
N SER B 90 41.97 -26.12 14.12
CA SER B 90 43.02 -26.15 15.14
C SER B 90 43.19 -24.81 15.82
N GLY B 91 42.92 -23.71 15.11
CA GLY B 91 42.95 -22.40 15.72
C GLY B 91 43.92 -21.43 15.08
N ASP B 92 44.25 -21.66 13.82
CA ASP B 92 45.20 -20.82 13.10
C ASP B 92 44.49 -19.71 12.34
N LEU B 93 45.21 -18.63 12.10
CA LEU B 93 44.72 -17.50 11.30
C LEU B 93 45.60 -17.41 10.05
N LEU B 94 44.98 -17.59 8.88
CA LEU B 94 45.70 -17.77 7.64
C LEU B 94 45.22 -16.76 6.60
N PHE B 95 46.17 -16.09 5.94
CA PHE B 95 45.88 -15.04 4.98
C PHE B 95 46.38 -15.44 3.61
N TYR B 96 45.57 -15.17 2.59
CA TYR B 96 45.93 -15.49 1.21
C TYR B 96 45.61 -14.31 0.32
N ARG B 97 46.41 -14.15 -0.73
CA ARG B 97 46.22 -13.09 -1.71
C ARG B 97 45.75 -13.69 -3.03
N ILE B 98 44.68 -13.13 -3.58
CA ILE B 98 44.05 -13.64 -4.79
C ILE B 98 44.49 -12.79 -5.97
N THR B 99 45.01 -13.43 -7.01
CA THR B 99 45.43 -12.74 -8.23
C THR B 99 44.93 -13.52 -9.43
N ARG B 100 44.51 -12.80 -10.46
CA ARG B 100 43.99 -13.44 -11.66
C ARG B 100 45.09 -13.75 -12.67
N LYS B 105 43.19 -16.89 -17.62
CA LYS B 105 42.65 -16.14 -16.49
C LYS B 105 42.40 -17.04 -15.29
N LYS B 106 43.43 -17.77 -14.87
CA LYS B 106 43.35 -18.61 -13.69
C LYS B 106 43.43 -17.76 -12.43
N VAL B 107 43.31 -18.40 -11.28
CA VAL B 107 43.36 -17.73 -9.99
C VAL B 107 44.57 -18.25 -9.22
N ILE B 108 45.36 -17.34 -8.68
CA ILE B 108 46.61 -17.65 -7.99
C ILE B 108 46.43 -17.38 -6.51
N PHE B 109 46.80 -18.36 -5.69
CA PHE B 109 46.75 -18.24 -4.24
C PHE B 109 48.17 -18.05 -3.71
N GLU B 110 48.42 -16.92 -3.04
CA GLU B 110 49.71 -16.64 -2.43
C GLU B 110 49.52 -16.60 -0.92
N LYS B 111 50.21 -17.49 -0.21
CA LYS B 111 50.17 -17.48 1.24
C LYS B 111 50.99 -16.32 1.78
N LEU B 112 50.41 -15.56 2.70
CA LEU B 112 51.06 -14.43 3.33
C LEU B 112 51.34 -14.74 4.79
N ASP B 113 52.55 -14.40 5.24
CA ASP B 113 52.95 -14.57 6.64
C ASP B 113 52.92 -13.20 7.29
N LEU B 114 51.79 -12.87 7.92
CA LEU B 114 51.56 -11.55 8.47
C LEU B 114 51.62 -11.49 9.99
N LEU B 115 51.52 -12.63 10.67
CA LEU B 115 51.53 -12.66 12.13
C LEU B 115 52.92 -13.04 12.62
N ASP B 116 53.34 -12.40 13.71
CA ASP B 116 54.67 -12.65 14.28
C ASP B 116 54.66 -13.98 15.02
N SER B 117 55.76 -14.30 15.70
CA SER B 117 55.88 -15.60 16.35
C SER B 117 55.01 -15.67 17.61
N ASP B 118 54.95 -14.58 18.38
CA ASP B 118 54.15 -14.59 19.60
C ASP B 118 52.66 -14.56 19.32
N MET B 119 52.26 -14.12 18.12
CA MET B 119 50.85 -14.09 17.74
C MET B 119 50.38 -15.39 17.13
N LYS B 120 51.26 -16.36 16.95
CA LYS B 120 50.90 -17.66 16.39
C LYS B 120 50.58 -18.69 17.45
N LYS B 121 50.64 -18.33 18.73
CA LYS B 121 50.33 -19.24 19.82
C LYS B 121 48.88 -19.13 20.29
N HIS B 122 48.08 -18.28 19.66
CA HIS B 122 46.70 -18.08 20.05
C HIS B 122 45.76 -18.90 19.17
N SER B 123 44.65 -19.34 19.76
CA SER B 123 43.62 -20.06 19.04
C SER B 123 42.48 -19.10 18.72
N PHE B 124 42.25 -18.86 17.44
CA PHE B 124 41.23 -17.91 17.00
C PHE B 124 39.96 -18.64 16.61
N TRP B 125 38.83 -17.95 16.75
CA TRP B 125 37.55 -18.49 16.32
C TRP B 125 36.91 -17.66 15.21
N ALA B 126 36.69 -16.37 15.42
CA ALA B 126 35.96 -15.53 14.48
C ALA B 126 36.84 -14.41 13.96
N LEU B 127 36.43 -13.82 12.84
CA LEU B 127 37.22 -12.78 12.20
C LEU B 127 36.31 -11.95 11.29
N LYS B 128 36.75 -10.73 11.01
CA LYS B 128 35.98 -9.83 10.16
C LYS B 128 36.90 -8.73 9.63
N TRP B 129 36.68 -8.31 8.40
CA TRP B 129 37.44 -7.25 7.76
C TRP B 129 36.70 -5.92 7.90
N GLY B 130 37.46 -4.86 8.17
CA GLY B 130 36.91 -3.52 8.16
C GLY B 130 37.54 -2.68 7.07
N ALA B 131 36.75 -2.33 6.06
CA ALA B 131 37.27 -1.62 4.90
C ALA B 131 37.32 -0.11 5.15
N SER B 132 38.27 0.54 4.50
CA SER B 132 38.43 1.98 4.65
C SER B 132 37.27 2.71 3.99
N ASN B 133 36.83 3.79 4.63
CA ASN B 133 35.75 4.61 4.12
C ASN B 133 36.10 6.09 4.20
N SER B 138 42.86 3.41 7.17
CA SER B 138 43.47 2.12 6.89
C SER B 138 42.49 0.98 7.15
N HIS B 139 42.61 -0.09 6.36
CA HIS B 139 41.77 -1.26 6.57
C HIS B 139 42.11 -1.93 7.89
N ARG B 140 41.12 -2.56 8.50
CA ARG B 140 41.27 -3.14 9.83
C ARG B 140 40.76 -4.57 9.85
N LEU B 141 41.33 -5.37 10.74
CA LEU B 141 40.92 -6.75 10.96
C LEU B 141 40.63 -6.95 12.43
N VAL B 142 39.54 -7.64 12.73
CA VAL B 142 39.15 -7.97 14.09
C VAL B 142 39.02 -9.47 14.21
N ALA B 143 39.27 -9.99 15.41
CA ALA B 143 39.23 -11.42 15.65
C ALA B 143 38.93 -11.68 17.11
N THR B 144 38.38 -12.86 17.39
CA THR B 144 38.05 -13.29 18.74
C THR B 144 38.87 -14.52 19.12
N ASP B 145 39.07 -14.69 20.41
CA ASP B 145 39.88 -15.74 20.98
C ASP B 145 39.00 -16.70 21.79
N VAL B 146 39.48 -17.93 21.95
CA VAL B 146 38.74 -18.89 22.77
C VAL B 146 38.75 -18.49 24.24
N LYS B 147 39.65 -17.58 24.64
CA LYS B 147 39.69 -17.08 26.00
C LYS B 147 38.79 -15.87 26.22
N GLY B 148 38.20 -15.32 25.17
CA GLY B 148 37.29 -14.20 25.30
C GLY B 148 37.93 -12.84 25.11
N THR B 149 38.83 -12.74 24.13
CA THR B 149 39.54 -11.51 23.85
C THR B 149 39.34 -11.14 22.38
N THR B 150 39.36 -9.84 22.10
CA THR B 150 39.23 -9.31 20.74
C THR B 150 40.48 -8.53 20.39
N TYR B 151 41.04 -8.81 19.22
CA TYR B 151 42.26 -8.17 18.75
C TYR B 151 41.96 -7.24 17.59
N ILE B 152 42.64 -6.10 17.55
CA ILE B 152 42.43 -5.08 16.54
C ILE B 152 43.73 -4.89 15.77
N TRP B 153 43.65 -4.94 14.45
CA TRP B 153 44.82 -4.78 13.59
C TRP B 153 44.55 -3.70 12.56
N LYS B 154 45.63 -3.09 12.07
CA LYS B 154 45.61 -2.20 10.93
C LYS B 154 46.46 -2.79 9.82
N PHE B 155 45.93 -2.83 8.61
CA PHE B 155 46.60 -3.44 7.48
C PHE B 155 47.21 -2.37 6.59
N HIS B 156 48.52 -2.46 6.35
CA HIS B 156 49.22 -1.54 5.45
C HIS B 156 49.75 -2.32 4.27
N PRO B 157 49.23 -2.11 3.06
CA PRO B 157 49.72 -2.90 1.92
C PRO B 157 51.09 -2.48 1.43
N PHE B 158 51.39 -1.19 1.42
CA PHE B 158 52.67 -0.68 0.95
C PHE B 158 53.50 -0.18 2.13
N ALA B 159 54.79 0.02 1.85
CA ALA B 159 55.73 0.53 2.86
C ALA B 159 55.68 2.04 2.91
N ASN B 168 55.39 -0.03 -3.72
CA ASN B 168 55.94 -1.38 -3.59
C ASN B 168 55.08 -2.24 -2.68
N TRP B 169 54.87 -3.49 -3.09
CA TRP B 169 54.08 -4.43 -2.30
C TRP B 169 54.91 -4.91 -1.11
N SER B 170 54.41 -4.63 0.10
CA SER B 170 55.08 -5.04 1.32
C SER B 170 54.08 -5.03 2.47
N PRO B 171 53.21 -6.04 2.57
CA PRO B 171 52.12 -5.97 3.55
C PRO B 171 52.62 -6.18 4.96
N THR B 172 52.04 -5.41 5.89
CA THR B 172 52.31 -5.57 7.31
C THR B 172 51.00 -5.45 8.07
N LEU B 173 50.90 -6.17 9.18
CA LEU B 173 49.77 -6.10 10.09
C LEU B 173 50.25 -5.48 11.40
N GLU B 174 49.62 -4.38 11.80
CA GLU B 174 50.02 -3.64 12.98
C GLU B 174 48.98 -3.81 14.08
N LEU B 175 49.41 -4.28 15.24
CA LEU B 175 48.49 -4.50 16.35
C LEU B 175 48.15 -3.17 17.01
N GLN B 176 46.85 -2.91 17.20
CA GLN B 176 46.38 -1.67 17.78
C GLN B 176 46.03 -1.82 19.25
N GLY B 177 45.37 -2.92 19.61
CA GLY B 177 45.05 -3.17 21.00
C GLY B 177 44.14 -4.37 21.13
N THR B 178 43.80 -4.67 22.39
CA THR B 178 42.92 -5.78 22.72
C THR B 178 41.80 -5.30 23.63
N VAL B 179 40.69 -6.03 23.62
CA VAL B 179 39.55 -5.78 24.49
C VAL B 179 39.28 -7.06 25.26
N GLU B 180 39.31 -6.98 26.59
CA GLU B 180 39.09 -8.14 27.43
C GLU B 180 37.59 -8.41 27.59
N SER B 181 37.29 -9.60 28.10
CA SER B 181 35.89 -9.98 28.30
C SER B 181 35.31 -9.21 29.49
N PRO B 182 34.03 -8.82 29.41
CA PRO B 182 33.42 -8.11 30.54
C PRO B 182 33.37 -8.94 31.81
N MET B 183 33.21 -10.25 31.70
CA MET B 183 33.05 -11.12 32.86
C MET B 183 34.26 -12.04 33.04
N SER B 186 36.04 -15.57 32.46
CA SER B 186 35.96 -15.33 31.03
C SER B 186 35.09 -16.37 30.35
N GLN B 187 34.45 -15.98 29.25
CA GLN B 187 33.56 -16.86 28.49
C GLN B 187 34.03 -16.93 27.05
N PHE B 188 33.48 -17.89 26.32
CA PHE B 188 33.84 -18.09 24.92
C PHE B 188 33.29 -16.95 24.06
N ALA B 189 34.16 -16.35 23.26
CA ALA B 189 33.76 -15.32 22.31
C ALA B 189 33.41 -15.98 20.98
N THR B 190 32.15 -15.85 20.57
CA THR B 190 31.64 -16.63 19.44
C THR B 190 31.44 -15.81 18.17
N SER B 191 31.31 -14.50 18.26
CA SER B 191 30.99 -13.70 17.09
C SER B 191 31.53 -12.28 17.28
N VAL B 192 31.69 -11.57 16.16
CA VAL B 192 32.27 -10.24 16.17
C VAL B 192 31.79 -9.50 14.92
N ASP B 193 31.68 -8.18 15.03
CA ASP B 193 31.34 -7.34 13.89
C ASP B 193 31.94 -5.96 14.11
N ILE B 194 32.09 -5.23 13.01
CA ILE B 194 32.62 -3.87 13.04
C ILE B 194 31.79 -3.00 12.10
N SER B 195 31.41 -1.82 12.56
CA SER B 195 30.57 -0.91 11.79
C SER B 195 31.42 0.09 11.04
N GLU B 196 30.77 0.82 10.12
CA GLU B 196 31.45 1.86 9.36
C GLU B 196 31.62 3.15 10.14
N ARG B 197 30.94 3.30 11.27
CA ARG B 197 31.08 4.47 12.12
C ARG B 197 32.10 4.28 13.23
N GLY B 198 32.70 3.09 13.33
CA GLY B 198 33.75 2.87 14.31
C GLY B 198 33.28 2.22 15.61
N LEU B 199 32.50 1.15 15.50
CA LEU B 199 32.05 0.39 16.66
C LEU B 199 32.35 -1.08 16.44
N ILE B 200 32.57 -1.79 17.54
CA ILE B 200 32.85 -3.22 17.54
C ILE B 200 31.86 -3.90 18.47
N ALA B 201 31.24 -4.99 18.01
CA ALA B 201 30.31 -5.78 18.79
C ALA B 201 30.86 -7.19 18.95
N THR B 202 30.84 -7.71 20.17
CA THR B 202 31.32 -9.06 20.46
C THR B 202 30.24 -9.84 21.18
N GLY B 203 29.99 -11.07 20.74
CA GLY B 203 29.00 -11.93 21.35
C GLY B 203 29.67 -13.07 22.11
N PHE B 204 29.05 -13.50 23.19
CA PHE B 204 29.59 -14.53 24.05
C PHE B 204 28.59 -15.68 24.18
N ASN B 205 29.04 -16.74 24.83
CA ASN B 205 28.26 -17.98 24.91
C ASN B 205 27.28 -18.01 26.07
N ASN B 206 27.18 -16.94 26.86
CA ASN B 206 26.16 -16.84 27.89
C ASN B 206 25.04 -15.88 27.52
N GLY B 207 25.08 -15.28 26.34
CA GLY B 207 24.07 -14.34 25.91
C GLY B 207 24.40 -12.88 26.11
N THR B 208 25.65 -12.56 26.43
CA THR B 208 26.07 -11.20 26.68
C THR B 208 26.76 -10.61 25.45
N VAL B 209 26.43 -9.36 25.14
CA VAL B 209 27.01 -8.64 24.02
C VAL B 209 27.70 -7.39 24.56
N GLN B 210 28.92 -7.14 24.11
CA GLN B 210 29.68 -5.95 24.48
C GLN B 210 29.95 -5.11 23.25
N ILE B 211 29.76 -3.80 23.38
CA ILE B 211 30.03 -2.84 22.32
C ILE B 211 31.10 -1.88 22.81
N SER B 212 32.14 -1.69 21.99
CA SER B 212 33.28 -0.87 22.35
C SER B 212 33.63 0.06 21.20
N GLU B 213 34.40 1.10 21.51
CA GLU B 213 34.76 2.13 20.54
C GLU B 213 36.03 1.75 19.81
N LEU B 214 36.04 1.98 18.50
CA LEU B 214 37.17 1.57 17.68
C LEU B 214 38.39 2.45 17.91
N SER B 215 38.20 3.76 17.96
CA SER B 215 39.33 4.69 18.07
C SER B 215 39.93 4.73 19.46
N THR B 216 39.22 4.24 20.48
CA THR B 216 39.66 4.32 21.86
C THR B 216 39.86 2.97 22.52
N LEU B 217 39.23 1.91 22.01
CA LEU B 217 39.28 0.57 22.61
C LEU B 217 38.69 0.55 24.02
N ARG B 218 37.70 1.42 24.26
CA ARG B 218 37.01 1.50 25.53
C ARG B 218 35.57 1.03 25.35
N PRO B 219 35.08 0.13 26.20
CA PRO B 219 33.71 -0.36 26.04
C PRO B 219 32.69 0.74 26.26
N LEU B 220 31.57 0.62 25.55
CA LEU B 220 30.48 1.59 25.64
C LEU B 220 29.24 1.01 26.30
N TYR B 221 28.70 -0.08 25.77
CA TYR B 221 27.48 -0.67 26.28
C TYR B 221 27.70 -2.16 26.55
N ASN B 222 26.81 -2.72 27.35
CA ASN B 222 26.92 -4.12 27.74
C ASN B 222 25.51 -4.57 28.13
N PHE B 223 24.81 -5.22 27.21
CA PHE B 223 23.44 -5.65 27.44
C PHE B 223 23.33 -7.16 27.29
N GLU B 224 22.53 -7.76 28.17
CA GLU B 224 22.32 -9.20 28.20
C GLU B 224 20.93 -9.50 27.64
N SER B 225 20.87 -10.43 26.69
CA SER B 225 19.62 -10.81 26.02
C SER B 225 19.34 -12.28 26.34
N GLN B 226 18.72 -12.52 27.49
CA GLN B 226 18.29 -13.86 27.88
C GLN B 226 16.83 -13.78 28.27
N HIS B 227 16.03 -14.75 27.82
CA HIS B 227 14.65 -14.82 28.29
C HIS B 227 14.60 -15.26 29.76
N SER B 228 15.45 -16.19 30.15
CA SER B 228 15.55 -16.61 31.54
C SER B 228 16.92 -17.21 31.78
N MET B 229 17.29 -17.30 33.06
CA MET B 229 18.55 -17.89 33.47
C MET B 229 18.35 -19.18 34.26
N ILE B 230 17.20 -19.84 34.10
CA ILE B 230 16.97 -21.12 34.76
C ILE B 230 17.94 -22.16 34.22
N ASN B 231 18.16 -22.19 32.91
CA ASN B 231 19.08 -23.12 32.26
C ASN B 231 20.11 -22.34 31.46
N ASN B 232 21.25 -22.99 31.20
CA ASN B 232 22.39 -22.34 30.57
C ASN B 232 22.37 -22.48 29.05
N SER B 233 21.21 -22.73 28.45
CA SER B 233 21.13 -22.89 26.99
C SER B 233 20.79 -21.57 26.30
N ASN B 234 21.56 -20.53 26.61
CA ASN B 234 21.51 -19.25 25.92
C ASN B 234 22.89 -18.98 25.35
N SER B 235 22.95 -18.51 24.11
CA SER B 235 24.24 -18.29 23.47
C SER B 235 24.06 -17.42 22.24
N ILE B 236 24.91 -16.42 22.08
CA ILE B 236 24.88 -15.54 20.93
C ILE B 236 25.52 -16.25 19.74
N ARG B 237 24.81 -16.28 18.62
CA ARG B 237 25.32 -16.93 17.41
C ARG B 237 25.72 -15.96 16.32
N SER B 238 25.15 -14.75 16.28
CA SER B 238 25.45 -13.80 15.23
C SER B 238 25.10 -12.40 15.72
N VAL B 239 25.97 -11.44 15.41
CA VAL B 239 25.72 -10.02 15.64
C VAL B 239 25.99 -9.28 14.34
N LYS B 240 25.09 -8.36 13.99
CA LYS B 240 25.20 -7.63 12.74
C LYS B 240 24.88 -6.17 12.97
N PHE B 241 25.59 -5.29 12.26
CA PHE B 241 25.34 -3.86 12.29
C PHE B 241 24.55 -3.45 11.05
N SER B 242 23.65 -2.48 11.22
CA SER B 242 22.90 -1.97 10.10
C SER B 242 23.83 -1.23 9.14
N PRO B 243 23.52 -1.21 7.84
CA PRO B 243 24.35 -0.45 6.90
C PRO B 243 24.45 1.02 7.26
N GLN B 244 23.42 1.60 7.86
CA GLN B 244 23.54 2.95 8.41
C GLN B 244 24.37 2.96 9.69
N GLY B 245 24.50 1.83 10.37
CA GLY B 245 25.28 1.73 11.58
C GLY B 245 24.56 2.11 12.86
N SER B 246 23.28 2.49 12.77
CA SER B 246 22.53 2.94 13.93
C SER B 246 21.70 1.84 14.58
N LEU B 247 21.80 0.61 14.10
CA LEU B 247 21.02 -0.51 14.61
C LEU B 247 21.91 -1.73 14.73
N LEU B 248 21.56 -2.62 15.66
CA LEU B 248 22.29 -3.87 15.84
C LEU B 248 21.30 -5.00 16.03
N ALA B 249 21.49 -6.09 15.29
CA ALA B 249 20.66 -7.28 15.38
C ALA B 249 21.45 -8.40 16.02
N ILE B 250 20.77 -9.19 16.86
CA ILE B 250 21.41 -10.26 17.62
C ILE B 250 20.58 -11.54 17.46
N ALA B 251 21.24 -12.62 17.10
CA ALA B 251 20.63 -13.94 17.02
C ALA B 251 21.17 -14.80 18.17
N HIS B 252 20.27 -15.39 18.95
CA HIS B 252 20.68 -16.15 20.12
C HIS B 252 19.75 -17.34 20.31
N ASP B 253 20.20 -18.29 21.11
CA ASP B 253 19.44 -19.49 21.43
C ASP B 253 18.50 -19.24 22.60
N SER B 254 17.37 -19.96 22.60
CA SER B 254 16.51 -20.07 23.79
C SER B 254 16.08 -21.53 23.90
N ASN B 255 16.94 -22.34 24.52
CA ASN B 255 16.71 -23.75 24.85
C ASN B 255 15.91 -24.49 23.77
N SER B 256 16.52 -24.66 22.59
CA SER B 256 15.97 -25.32 21.42
C SER B 256 15.11 -24.43 20.53
N PHE B 257 15.14 -23.12 20.75
CA PHE B 257 14.46 -22.17 19.89
C PHE B 257 15.45 -21.13 19.37
N GLY B 258 15.04 -20.39 18.35
CA GLY B 258 15.86 -19.33 17.80
C GLY B 258 15.20 -17.97 17.92
N CYS B 259 15.91 -16.98 18.43
CA CYS B 259 15.35 -15.66 18.70
C CYS B 259 16.22 -14.57 18.09
N ILE B 260 15.57 -13.47 17.69
CA ILE B 260 16.25 -12.29 17.17
C ILE B 260 15.74 -11.07 17.93
N THR B 261 16.68 -10.24 18.40
CA THR B 261 16.36 -9.02 19.12
C THR B 261 17.08 -7.84 18.49
N LEU B 262 16.38 -6.71 18.37
CA LEU B 262 16.92 -5.50 17.76
C LEU B 262 17.24 -4.48 18.84
N TYR B 263 18.42 -3.88 18.76
CA TYR B 263 18.86 -2.85 19.69
C TYR B 263 19.26 -1.60 18.91
N GLU B 264 19.30 -0.48 19.62
CA GLU B 264 19.63 0.81 19.05
C GLU B 264 20.99 1.24 19.59
N THR B 265 21.96 1.43 18.68
CA THR B 265 23.36 1.50 19.09
C THR B 265 23.80 2.89 19.53
N GLU B 266 23.02 3.93 19.27
CA GLU B 266 23.45 5.27 19.65
C GLU B 266 23.30 5.52 21.15
N PHE B 267 22.28 4.94 21.78
CA PHE B 267 22.07 5.07 23.21
C PHE B 267 21.98 3.74 23.94
N GLY B 268 21.87 2.62 23.23
CA GLY B 268 21.87 1.31 23.85
C GLY B 268 20.59 0.93 24.54
N GLU B 269 19.50 0.83 23.77
CA GLU B 269 18.21 0.48 24.34
C GLU B 269 17.52 -0.55 23.46
N ARG B 270 16.72 -1.41 24.10
CA ARG B 270 16.03 -2.48 23.41
C ARG B 270 14.86 -1.91 22.61
N ILE B 271 14.74 -2.34 21.35
CA ILE B 271 13.67 -1.89 20.47
C ILE B 271 12.53 -2.89 20.43
N GLY B 272 12.84 -4.16 20.22
CA GLY B 272 11.82 -5.18 20.13
C GLY B 272 12.43 -6.52 19.76
N SER B 273 11.57 -7.40 19.25
CA SER B 273 12.00 -8.72 18.82
C SER B 273 11.19 -9.13 17.60
N LEU B 274 11.76 -10.03 16.82
CA LEU B 274 11.10 -10.60 15.66
C LEU B 274 10.57 -11.99 16.04
N SER B 275 9.30 -12.23 15.75
CA SER B 275 8.65 -13.46 16.18
C SER B 275 7.55 -13.85 15.20
N VAL B 276 7.18 -15.12 15.23
CA VAL B 276 6.18 -15.68 14.32
C VAL B 276 5.59 -16.92 15.00
N PRO B 277 4.31 -17.22 14.81
CA PRO B 277 3.76 -18.47 15.35
C PRO B 277 4.40 -19.69 14.69
N THR B 278 4.90 -20.60 15.51
CA THR B 278 5.57 -21.79 15.03
C THR B 278 5.13 -23.03 15.81
N GLU B 287 6.61 -16.32 20.01
CA GLU B 287 7.61 -15.47 20.67
C GLU B 287 8.99 -15.74 20.13
N PHE B 288 9.07 -16.56 19.08
CA PHE B 288 10.33 -17.03 18.53
C PHE B 288 10.36 -16.77 17.04
N ALA B 289 11.57 -16.54 16.53
CA ALA B 289 11.74 -16.23 15.11
C ALA B 289 11.82 -17.50 14.27
N HIS B 290 12.55 -18.50 14.74
CA HIS B 290 12.71 -19.75 14.02
C HIS B 290 12.35 -20.92 14.93
N SER B 291 12.14 -22.07 14.31
CA SER B 291 11.70 -23.25 15.06
C SER B 291 12.84 -23.96 15.78
N SER B 292 14.05 -23.96 15.21
CA SER B 292 15.15 -24.72 15.80
C SER B 292 16.27 -23.82 16.34
N TRP B 293 16.92 -23.05 15.49
CA TRP B 293 18.06 -22.21 15.86
C TRP B 293 18.32 -21.24 14.73
N VAL B 294 18.79 -20.05 15.07
CA VAL B 294 19.15 -19.04 14.07
C VAL B 294 20.66 -19.00 13.96
N MET B 295 21.17 -19.29 12.76
CA MET B 295 22.60 -19.44 12.52
C MET B 295 23.28 -18.17 12.06
N SER B 296 22.63 -17.39 11.19
CA SER B 296 23.28 -16.24 10.58
C SER B 296 22.25 -15.15 10.30
N LEU B 297 22.75 -13.92 10.14
CA LEU B 297 21.94 -12.75 9.87
C LEU B 297 22.58 -11.96 8.73
N SER B 298 21.79 -11.08 8.11
CA SER B 298 22.29 -10.27 7.01
C SER B 298 21.30 -9.13 6.72
N PHE B 299 21.85 -7.95 6.47
CA PHE B 299 21.09 -6.78 6.06
C PHE B 299 21.26 -6.55 4.56
N ASN B 300 20.25 -5.92 3.94
CA ASN B 300 20.37 -5.55 2.54
C ASN B 300 21.07 -4.20 2.43
N ASP B 301 21.18 -3.68 1.21
CA ASP B 301 22.00 -2.48 0.97
C ASP B 301 21.44 -1.27 1.72
N SER B 302 20.12 -1.10 1.73
CA SER B 302 19.51 0.05 2.38
C SER B 302 19.26 -0.15 3.86
N GLY B 303 19.43 -1.37 4.38
CA GLY B 303 19.18 -1.62 5.78
C GLY B 303 17.71 -1.69 6.15
N GLU B 304 16.83 -1.89 5.19
CA GLU B 304 15.40 -1.95 5.44
C GLU B 304 14.88 -3.37 5.62
N THR B 305 15.62 -4.37 5.17
CA THR B 305 15.21 -5.77 5.25
C THR B 305 16.31 -6.58 5.92
N LEU B 306 15.90 -7.53 6.75
CA LEU B 306 16.81 -8.44 7.42
C LEU B 306 16.44 -9.87 7.07
N CYS B 307 17.46 -10.71 6.84
CA CYS B 307 17.28 -12.11 6.54
C CYS B 307 17.98 -12.95 7.60
N SER B 308 17.34 -14.05 7.99
CA SER B 308 17.90 -14.96 8.97
C SER B 308 17.86 -16.39 8.44
N ALA B 309 18.86 -17.18 8.80
CA ALA B 309 18.97 -18.57 8.39
C ALA B 309 18.76 -19.46 9.60
N GLY B 310 17.97 -20.52 9.43
CA GLY B 310 17.58 -21.38 10.52
C GLY B 310 18.06 -22.80 10.35
N TRP B 311 18.31 -23.46 11.48
CA TRP B 311 18.60 -24.89 11.50
C TRP B 311 17.40 -25.74 11.07
N ASP B 312 16.21 -25.16 11.08
CA ASP B 312 15.00 -25.86 10.63
C ASP B 312 14.86 -25.88 9.12
N GLY B 313 15.74 -25.22 8.39
CA GLY B 313 15.75 -25.31 6.94
C GLY B 313 14.93 -24.23 6.27
N LYS B 314 14.97 -23.01 6.80
CA LYS B 314 14.16 -21.92 6.28
C LYS B 314 14.96 -20.64 6.26
N LEU B 315 14.59 -19.75 5.34
CA LEU B 315 15.07 -18.38 5.32
C LEU B 315 13.86 -17.46 5.47
N ARG B 316 13.92 -16.55 6.43
CA ARG B 316 12.83 -15.62 6.70
C ARG B 316 13.33 -14.19 6.54
N PHE B 317 12.47 -13.33 6.00
CA PHE B 317 12.80 -11.94 5.74
C PHE B 317 11.86 -11.06 6.55
N TRP B 318 12.42 -10.01 7.17
CA TRP B 318 11.72 -9.19 8.13
C TRP B 318 11.81 -7.72 7.74
N ASP B 319 10.77 -6.98 8.09
CA ASP B 319 10.75 -5.52 7.91
C ASP B 319 11.22 -4.87 9.21
N VAL B 320 12.26 -4.04 9.12
CA VAL B 320 12.91 -3.52 10.31
C VAL B 320 12.01 -2.53 11.04
N LYS B 321 11.35 -1.64 10.30
CA LYS B 321 10.55 -0.61 10.95
C LYS B 321 9.31 -1.18 11.61
N THR B 322 8.59 -2.06 10.92
CA THR B 322 7.36 -2.63 11.46
C THR B 322 7.58 -3.91 12.25
N LYS B 323 8.79 -4.49 12.20
CA LYS B 323 9.11 -5.70 12.95
C LYS B 323 8.17 -6.85 12.62
N GLU B 324 7.85 -6.99 11.33
CA GLU B 324 6.91 -8.00 10.87
C GLU B 324 7.55 -8.84 9.77
N ARG B 325 7.20 -10.12 9.74
CA ARG B 325 7.74 -11.02 8.72
C ARG B 325 7.16 -10.67 7.36
N ILE B 326 8.00 -10.78 6.33
CA ILE B 326 7.61 -10.48 4.95
C ILE B 326 7.44 -11.74 4.13
N THR B 327 8.47 -12.58 4.07
CA THR B 327 8.46 -13.76 3.21
C THR B 327 9.21 -14.90 3.89
N THR B 328 9.13 -16.08 3.30
CA THR B 328 9.80 -17.27 3.79
C THR B 328 10.23 -18.13 2.61
N LEU B 329 11.45 -18.64 2.66
CA LEU B 329 11.97 -19.56 1.65
C LEU B 329 12.23 -20.91 2.28
N ASN B 330 11.94 -21.98 1.53
CA ASN B 330 12.12 -23.34 1.99
C ASN B 330 13.25 -24.02 1.23
N MET B 331 14.07 -24.77 1.95
CA MET B 331 15.22 -25.46 1.38
C MET B 331 14.93 -26.95 1.29
N HIS B 332 15.16 -27.53 0.10
CA HIS B 332 15.03 -28.96 -0.12
C HIS B 332 16.28 -29.48 -0.79
N CYS B 333 16.52 -30.78 -0.63
CA CYS B 333 17.64 -31.41 -1.33
C CYS B 333 17.37 -31.55 -2.82
N ASP B 334 16.12 -31.42 -3.25
CA ASP B 334 15.73 -31.59 -4.64
C ASP B 334 15.82 -30.30 -5.44
N ASP B 335 16.30 -29.21 -4.84
CA ASP B 335 16.46 -27.96 -5.56
C ASP B 335 17.63 -27.97 -6.54
N ILE B 336 18.51 -28.98 -6.46
CA ILE B 336 19.69 -29.02 -7.30
C ILE B 336 19.29 -29.26 -8.74
N GLU B 337 19.89 -28.48 -9.66
CA GLU B 337 19.53 -28.60 -11.07
C GLU B 337 20.02 -29.90 -11.68
N ILE B 338 21.24 -30.31 -11.36
CA ILE B 338 21.80 -31.56 -11.85
C ILE B 338 21.38 -32.68 -10.92
N GLU B 339 20.76 -33.71 -11.47
CA GLU B 339 20.18 -34.77 -10.66
C GLU B 339 21.23 -35.68 -10.03
N GLU B 340 22.46 -35.69 -10.56
CA GLU B 340 23.50 -36.56 -10.04
C GLU B 340 24.16 -35.98 -8.80
N ASP B 341 23.96 -34.70 -8.50
CA ASP B 341 24.56 -34.05 -7.35
C ASP B 341 23.58 -33.90 -6.19
N ILE B 342 22.43 -34.57 -6.25
CA ILE B 342 21.45 -34.48 -5.17
C ILE B 342 21.84 -35.46 -4.08
N LEU B 343 22.03 -34.95 -2.86
CA LEU B 343 22.41 -35.75 -1.70
C LEU B 343 21.19 -35.87 -0.80
N ALA B 344 20.42 -36.95 -0.99
CA ALA B 344 19.18 -37.13 -0.24
C ALA B 344 19.45 -37.59 1.19
N VAL B 345 20.47 -38.41 1.40
CA VAL B 345 20.82 -38.91 2.72
C VAL B 345 22.32 -38.76 2.93
N ASP B 346 22.73 -38.76 4.19
CA ASP B 346 24.15 -38.68 4.51
C ASP B 346 24.73 -40.09 4.68
N GLU B 347 25.94 -40.17 5.22
CA GLU B 347 26.64 -41.45 5.33
C GLU B 347 26.01 -42.38 6.37
N HIS B 348 25.09 -41.88 7.21
CA HIS B 348 24.47 -42.68 8.25
C HIS B 348 23.03 -43.07 7.92
N GLY B 349 22.47 -42.56 6.84
CA GLY B 349 21.11 -42.87 6.46
C GLY B 349 20.08 -41.84 6.85
N ASP B 350 20.46 -40.81 7.59
CA ASP B 350 19.51 -39.78 7.99
C ASP B 350 19.07 -38.95 6.81
N SER B 351 17.80 -38.55 6.82
CA SER B 351 17.22 -37.82 5.70
C SER B 351 17.72 -36.39 5.65
N LEU B 352 17.94 -35.89 4.43
CA LEU B 352 18.32 -34.51 4.18
C LEU B 352 17.28 -33.82 3.28
N ALA B 353 16.00 -34.20 3.47
CA ALA B 353 14.95 -33.64 2.63
C ALA B 353 14.73 -32.16 2.89
N GLU B 354 14.93 -31.71 4.13
CA GLU B 354 14.82 -30.30 4.49
C GLU B 354 16.05 -29.93 5.31
N PRO B 355 17.14 -29.53 4.67
CA PRO B 355 18.40 -29.32 5.37
C PRO B 355 18.53 -27.93 5.98
N GLY B 356 19.23 -27.87 7.11
CA GLY B 356 19.46 -26.60 7.77
C GLY B 356 20.48 -25.76 7.04
N VAL B 357 20.33 -24.44 7.16
CA VAL B 357 21.17 -23.47 6.48
C VAL B 357 22.27 -23.03 7.44
N PHE B 358 23.52 -23.05 6.96
CA PHE B 358 24.65 -22.66 7.80
C PHE B 358 24.88 -21.15 7.79
N ASP B 359 24.82 -20.52 6.62
CA ASP B 359 25.19 -19.12 6.49
C ASP B 359 24.43 -18.52 5.32
N VAL B 360 24.26 -17.20 5.36
CA VAL B 360 23.54 -16.47 4.32
C VAL B 360 24.22 -15.12 4.14
N LYS B 361 24.16 -14.60 2.91
CA LYS B 361 24.86 -13.37 2.56
C LYS B 361 24.08 -12.61 1.50
N PHE B 362 23.97 -11.29 1.67
CA PHE B 362 23.44 -10.41 0.64
C PHE B 362 24.56 -9.92 -0.25
N LEU B 363 24.27 -9.80 -1.54
CA LEU B 363 25.22 -9.33 -2.53
C LEU B 363 24.73 -8.01 -3.11
N LYS B 364 25.62 -7.03 -3.20
CA LYS B 364 25.24 -5.70 -3.64
C LYS B 364 24.84 -5.72 -5.12
N LYS B 365 24.15 -4.67 -5.54
CA LYS B 365 23.70 -4.57 -6.91
C LYS B 365 24.89 -4.45 -7.87
N GLY B 366 24.83 -5.21 -8.96
CA GLY B 366 25.90 -5.21 -9.94
C GLY B 366 27.01 -6.20 -9.67
N TRP B 367 27.00 -6.86 -8.51
CA TRP B 367 28.03 -7.85 -8.22
C TRP B 367 27.85 -9.11 -9.05
N ARG B 368 26.61 -9.59 -9.15
CA ARG B 368 26.32 -10.82 -9.86
C ARG B 368 25.28 -10.61 -10.94
N LEU B 375 21.45 -5.62 -11.98
CA LEU B 375 20.24 -4.81 -11.92
C LEU B 375 19.74 -4.64 -10.50
N ASN B 376 19.49 -5.76 -9.81
CA ASN B 376 18.98 -5.76 -8.44
C ASN B 376 19.94 -6.55 -7.55
N GLU B 377 19.57 -6.65 -6.27
CA GLU B 377 20.39 -7.34 -5.29
C GLU B 377 20.34 -8.86 -5.52
N SER B 378 21.17 -9.57 -4.75
CA SER B 378 21.29 -11.01 -4.87
C SER B 378 21.51 -11.60 -3.49
N LEU B 379 21.51 -12.93 -3.41
CA LEU B 379 21.62 -13.62 -2.14
C LEU B 379 22.28 -14.97 -2.36
N CYS B 380 23.01 -15.43 -1.35
CA CYS B 380 23.69 -16.72 -1.38
C CYS B 380 23.58 -17.39 -0.03
N CYS B 381 23.52 -18.73 -0.03
CA CYS B 381 23.45 -19.49 1.21
C CYS B 381 24.04 -20.88 1.00
N VAL B 382 24.45 -21.49 2.10
CA VAL B 382 25.03 -22.84 2.10
C VAL B 382 24.27 -23.70 3.12
N CYS B 383 24.10 -24.98 2.81
CA CYS B 383 23.20 -25.85 3.54
C CYS B 383 23.92 -27.14 3.96
N LEU B 384 23.17 -28.02 4.64
CA LEU B 384 23.70 -29.29 5.14
C LEU B 384 23.88 -30.35 4.05
N ASP B 385 23.23 -30.21 2.90
CA ASP B 385 23.38 -31.17 1.82
C ASP B 385 24.60 -30.87 0.96
N ARG B 386 25.56 -30.10 1.48
CA ARG B 386 26.79 -29.75 0.76
C ARG B 386 26.47 -29.04 -0.56
N SER B 387 25.54 -28.10 -0.51
CA SER B 387 25.14 -27.33 -1.68
C SER B 387 25.30 -25.85 -1.41
N ILE B 388 25.55 -25.09 -2.48
CA ILE B 388 25.63 -23.64 -2.44
C ILE B 388 24.65 -23.10 -3.47
N ARG B 389 23.84 -22.12 -3.06
CA ARG B 389 22.70 -21.67 -3.85
C ARG B 389 22.68 -20.16 -3.96
N TRP B 390 22.20 -19.68 -5.10
CA TRP B 390 22.14 -18.25 -5.40
C TRP B 390 20.72 -17.86 -5.76
N PHE B 391 20.33 -16.64 -5.37
CA PHE B 391 18.98 -16.14 -5.59
C PHE B 391 19.02 -14.73 -6.15
N ARG B 392 17.92 -14.31 -6.75
CA ARG B 392 17.79 -13.01 -7.39
C ARG B 392 16.51 -12.35 -6.92
N GLU B 393 16.54 -11.03 -6.75
CA GLU B 393 15.37 -10.28 -6.33
C GLU B 393 14.61 -9.74 -7.53
N ALA B 394 13.30 -9.98 -7.55
CA ALA B 394 12.47 -9.51 -8.65
C ALA B 394 12.34 -7.99 -8.61
N GLY B 395 12.23 -7.40 -9.80
CA GLY B 395 12.09 -5.95 -9.91
C GLY B 395 13.07 -5.33 -10.88
N LYS C 3 -20.56 -68.91 26.86
CA LYS C 3 -19.21 -69.18 26.37
C LYS C 3 -18.20 -69.17 27.52
N VAL C 4 -17.51 -70.30 27.70
CA VAL C 4 -16.50 -70.45 28.74
C VAL C 4 -15.24 -71.02 28.12
N PHE C 5 -14.13 -70.84 28.84
CA PHE C 5 -12.82 -71.32 28.40
C PHE C 5 -12.17 -72.09 29.55
N ILE C 6 -11.50 -73.20 29.20
CA ILE C 6 -10.88 -74.07 30.18
C ILE C 6 -9.38 -74.12 29.90
N ALA C 7 -8.59 -74.02 30.98
CA ALA C 7 -7.14 -74.10 30.84
C ALA C 7 -6.73 -75.48 30.34
N THR C 8 -5.83 -75.50 29.36
CA THR C 8 -5.40 -76.73 28.71
C THR C 8 -3.97 -77.10 29.03
N ALA C 9 -3.02 -76.20 28.81
CA ALA C 9 -1.61 -76.49 29.05
C ALA C 9 -0.92 -75.24 29.58
N ASN C 10 0.20 -75.46 30.26
CA ASN C 10 0.94 -74.37 30.88
C ASN C 10 2.42 -74.70 30.88
N ALA C 11 3.25 -73.66 30.89
CA ALA C 11 4.70 -73.84 30.88
C ALA C 11 5.32 -72.59 31.53
N GLY C 12 5.71 -72.72 32.80
CA GLY C 12 6.31 -71.60 33.49
C GLY C 12 7.80 -71.47 33.21
N LYS C 13 8.32 -70.27 33.46
CA LYS C 13 9.72 -69.95 33.22
C LYS C 13 10.13 -70.27 31.78
N ALA C 14 9.25 -69.92 30.84
CA ALA C 14 9.50 -70.23 29.43
C ALA C 14 10.73 -69.50 28.92
N HIS C 15 10.83 -68.20 29.20
CA HIS C 15 11.94 -67.38 28.74
C HIS C 15 12.68 -66.80 29.94
N ASP C 16 13.93 -66.40 29.69
CA ASP C 16 14.73 -65.79 30.74
C ASP C 16 14.34 -64.34 31.00
N ALA C 17 13.85 -63.64 30.00
CA ALA C 17 13.43 -62.24 30.12
C ALA C 17 11.96 -62.13 29.75
N ASP C 18 11.48 -60.88 29.68
CA ASP C 18 10.07 -60.63 29.41
C ASP C 18 9.69 -61.15 28.02
N ILE C 19 8.59 -61.90 27.96
CA ILE C 19 8.03 -62.35 26.69
C ILE C 19 7.11 -61.25 26.18
N PHE C 20 7.48 -60.65 25.05
CA PHE C 20 6.81 -59.45 24.57
C PHE C 20 5.72 -59.71 23.54
N SER C 21 5.88 -60.75 22.72
CA SER C 21 4.93 -61.01 21.65
C SER C 21 4.78 -62.51 21.45
N VAL C 22 3.62 -62.91 20.94
CA VAL C 22 3.33 -64.30 20.63
C VAL C 22 2.61 -64.36 19.29
N SER C 23 2.80 -65.46 18.58
CA SER C 23 2.10 -65.71 17.33
C SER C 23 2.04 -67.21 17.11
N ALA C 24 1.12 -67.64 16.25
CA ALA C 24 0.94 -69.06 16.02
C ALA C 24 0.42 -69.30 14.61
N CYS C 25 0.59 -70.53 14.14
CA CYS C 25 0.09 -70.96 12.85
C CYS C 25 -0.53 -72.34 13.03
N ASN C 26 -0.83 -73.00 11.91
CA ASN C 26 -1.48 -74.31 11.95
C ASN C 26 -0.57 -75.42 12.47
N SER C 27 0.71 -75.15 12.65
CA SER C 27 1.64 -76.18 13.10
C SER C 27 2.39 -75.80 14.37
N PHE C 28 2.74 -74.53 14.54
CA PHE C 28 3.64 -74.11 15.61
C PHE C 28 3.10 -72.85 16.28
N THR C 29 3.62 -72.60 17.48
CA THR C 29 3.43 -71.35 18.19
C THR C 29 4.80 -70.76 18.50
N VAL C 30 4.98 -69.48 18.19
CA VAL C 30 6.28 -68.83 18.36
C VAL C 30 6.14 -67.74 19.41
N SER C 31 7.24 -67.47 20.11
CA SER C 31 7.26 -66.43 21.13
C SER C 31 8.65 -65.85 21.22
N CYS C 32 8.74 -64.53 21.20
CA CYS C 32 10.01 -63.82 21.34
C CYS C 32 10.12 -63.21 22.73
N SER C 33 11.35 -62.85 23.10
CA SER C 33 11.60 -62.29 24.42
C SER C 33 12.76 -61.33 24.33
N GLY C 34 13.08 -60.71 25.47
CA GLY C 34 14.20 -59.79 25.53
C GLY C 34 15.55 -60.42 25.67
N ASP C 35 15.61 -61.74 25.87
CA ASP C 35 16.89 -62.43 25.95
C ASP C 35 17.50 -62.71 24.59
N GLY C 36 16.77 -62.47 23.51
CA GLY C 36 17.26 -62.72 22.18
C GLY C 36 16.92 -64.08 21.60
N TYR C 37 16.10 -64.86 22.29
CA TYR C 37 15.67 -66.16 21.80
C TYR C 37 14.26 -66.07 21.21
N LEU C 38 13.98 -66.94 20.26
CA LEU C 38 12.62 -67.20 19.81
C LEU C 38 12.39 -68.70 19.90
N LYS C 39 11.28 -69.09 20.52
CA LYS C 39 10.99 -70.49 20.79
C LYS C 39 9.77 -70.93 19.99
N VAL C 40 9.88 -72.11 19.39
CA VAL C 40 8.80 -72.70 18.59
C VAL C 40 8.20 -73.82 19.39
N TRP C 41 6.91 -73.71 19.70
CA TRP C 41 6.18 -74.67 20.51
C TRP C 41 5.28 -75.51 19.60
N ASP C 42 5.38 -76.83 19.73
CA ASP C 42 4.56 -77.73 18.95
C ASP C 42 3.11 -77.62 19.38
N ASN C 43 2.20 -77.66 18.41
CA ASN C 43 0.77 -77.55 18.67
C ASN C 43 0.08 -78.88 18.86
N LYS C 44 0.80 -79.99 18.73
CA LYS C 44 0.21 -81.32 18.88
C LYS C 44 0.97 -82.15 19.90
N ASN C 50 3.53 -82.28 28.79
CA ASN C 50 3.83 -80.86 28.86
C ASN C 50 4.44 -80.36 27.54
N PRO C 51 4.18 -79.09 27.20
CA PRO C 51 4.74 -78.54 25.96
C PRO C 51 6.21 -78.14 26.05
N LYS C 52 6.81 -78.20 27.24
CA LYS C 52 8.23 -77.88 27.36
C LYS C 52 9.09 -78.95 26.69
N ASP C 53 8.60 -80.18 26.59
CA ASP C 53 9.33 -81.25 25.94
C ASP C 53 9.20 -81.20 24.42
N LYS C 54 8.38 -80.31 23.88
CA LYS C 54 8.18 -80.15 22.46
C LYS C 54 8.55 -78.73 22.01
N SER C 55 9.61 -78.18 22.61
CA SER C 55 10.01 -76.81 22.36
C SER C 55 11.47 -76.76 21.94
N TYR C 56 11.80 -75.72 21.16
CA TYR C 56 13.15 -75.52 20.65
C TYR C 56 13.50 -74.04 20.77
N SER C 57 14.79 -73.75 20.80
CA SER C 57 15.27 -72.39 21.00
C SER C 57 16.35 -72.05 19.99
N HIS C 58 16.39 -70.78 19.58
CA HIS C 58 17.39 -70.26 18.65
C HIS C 58 17.77 -68.86 19.09
N PHE C 59 19.00 -68.46 18.77
CA PHE C 59 19.53 -67.16 19.14
C PHE C 59 19.57 -66.25 17.93
N VAL C 60 18.98 -65.06 18.06
CA VAL C 60 18.89 -64.09 16.96
C VAL C 60 19.79 -62.89 17.19
N HIS C 61 19.55 -62.15 18.26
CA HIS C 61 20.27 -60.91 18.52
C HIS C 61 20.44 -60.76 20.03
N LYS C 62 21.54 -60.14 20.43
CA LYS C 62 21.82 -59.96 21.85
C LYS C 62 21.05 -58.82 22.48
N SER C 63 20.44 -57.95 21.67
CA SER C 63 19.70 -56.81 22.21
C SER C 63 18.27 -57.14 22.57
N GLY C 64 17.78 -58.32 22.21
CA GLY C 64 16.42 -58.72 22.48
C GLY C 64 15.50 -58.51 21.30
N LEU C 65 14.29 -59.06 21.43
CA LEU C 65 13.26 -58.96 20.41
C LEU C 65 11.96 -58.53 21.05
N HIS C 66 11.15 -57.75 20.31
CA HIS C 66 9.89 -57.28 20.83
C HIS C 66 8.70 -57.50 19.91
N HIS C 67 8.90 -57.98 18.68
CA HIS C 67 7.80 -58.27 17.78
C HIS C 67 8.10 -59.55 17.02
N VAL C 68 7.05 -60.25 16.60
CA VAL C 68 7.20 -61.49 15.85
C VAL C 68 5.89 -61.76 15.11
N ASP C 69 6.00 -62.44 13.97
CA ASP C 69 4.84 -62.86 13.20
C ASP C 69 5.21 -64.09 12.38
N VAL C 70 4.19 -64.85 11.98
CA VAL C 70 4.37 -66.09 11.25
C VAL C 70 3.53 -66.06 9.99
N LEU C 71 4.11 -66.52 8.88
CA LEU C 71 3.40 -66.70 7.63
C LEU C 71 3.49 -68.15 7.20
N GLN C 72 2.34 -68.77 6.94
CA GLN C 72 2.29 -70.14 6.45
C GLN C 72 1.35 -70.21 5.26
N ALA C 73 1.79 -70.90 4.21
CA ALA C 73 0.99 -71.07 3.01
C ALA C 73 1.48 -72.27 2.19
N GLU C 80 4.41 -75.90 0.97
CA GLU C 80 4.86 -76.02 2.35
C GLU C 80 5.82 -74.88 2.70
N LEU C 81 5.26 -73.73 3.06
CA LEU C 81 6.03 -72.54 3.38
C LEU C 81 5.73 -72.11 4.81
N CYS C 82 6.78 -71.74 5.53
CA CYS C 82 6.64 -71.27 6.91
C CYS C 82 7.76 -70.27 7.16
N LEU C 83 7.39 -69.01 7.40
CA LEU C 83 8.36 -67.92 7.50
C LEU C 83 8.08 -67.12 8.77
N VAL C 84 9.14 -66.61 9.38
CA VAL C 84 9.07 -65.88 10.64
C VAL C 84 9.85 -64.58 10.51
N ALA C 85 9.22 -63.48 10.89
CA ALA C 85 9.85 -62.16 10.91
C ALA C 85 9.82 -61.60 12.32
N THR C 86 10.90 -60.93 12.72
CA THR C 86 11.01 -60.38 14.06
C THR C 86 11.81 -59.09 14.02
N THR C 87 11.60 -58.25 15.03
CA THR C 87 12.27 -56.97 15.15
C THR C 87 13.00 -56.91 16.50
N SER C 88 14.20 -56.34 16.49
CA SER C 88 15.06 -56.27 17.65
C SER C 88 15.02 -54.88 18.29
N PHE C 89 15.59 -54.78 19.49
CA PHE C 89 15.73 -53.50 20.16
C PHE C 89 16.83 -52.64 19.55
N SER C 90 17.61 -53.20 18.61
CA SER C 90 18.60 -52.46 17.85
C SER C 90 18.05 -51.87 16.57
N GLY C 91 16.75 -52.04 16.32
CA GLY C 91 16.15 -51.57 15.08
C GLY C 91 16.26 -52.52 13.92
N ASP C 92 16.75 -53.73 14.14
CA ASP C 92 16.93 -54.69 13.06
C ASP C 92 15.61 -55.39 12.71
N LEU C 93 15.60 -56.05 11.56
CA LEU C 93 14.43 -56.75 11.07
C LEU C 93 14.91 -58.01 10.37
N LEU C 94 14.64 -59.18 10.97
CA LEU C 94 15.26 -60.43 10.56
C LEU C 94 14.20 -61.45 10.15
N PHE C 95 14.57 -62.29 9.18
CA PHE C 95 13.71 -63.35 8.67
C PHE C 95 14.34 -64.71 8.91
N TYR C 96 13.49 -65.72 9.10
CA TYR C 96 13.92 -67.09 9.29
C TYR C 96 12.97 -68.03 8.57
N ARG C 97 13.54 -69.02 7.87
CA ARG C 97 12.75 -70.06 7.21
C ARG C 97 12.81 -71.31 8.08
N ILE C 98 11.70 -71.61 8.74
CA ILE C 98 11.66 -72.75 9.66
C ILE C 98 11.51 -74.06 8.89
N PHE C 109 15.57 -73.64 11.13
CA PHE C 109 16.08 -72.28 11.23
C PHE C 109 17.13 -72.01 10.17
N GLU C 110 16.81 -71.12 9.23
CA GLU C 110 17.70 -70.82 8.10
C GLU C 110 17.54 -69.34 7.78
N LYS C 111 18.49 -68.54 8.24
CA LYS C 111 18.38 -67.08 8.17
C LYS C 111 18.47 -66.60 6.72
N LEU C 112 17.50 -65.80 6.30
CA LEU C 112 17.46 -65.25 4.96
C LEU C 112 18.02 -63.84 4.93
N ASP C 113 18.33 -63.38 3.72
CA ASP C 113 18.86 -62.03 3.47
C ASP C 113 17.99 -61.38 2.40
N LEU C 114 16.94 -60.67 2.83
CA LEU C 114 16.00 -60.05 1.91
C LEU C 114 16.09 -58.54 1.86
N LEU C 115 16.71 -57.91 2.85
CA LEU C 115 16.79 -56.46 2.92
C LEU C 115 18.06 -55.96 2.22
N ASP C 116 17.91 -54.85 1.49
CA ASP C 116 19.03 -54.24 0.79
C ASP C 116 19.97 -53.57 1.80
N SER C 117 21.18 -53.23 1.31
CA SER C 117 22.17 -52.61 2.18
C SER C 117 21.71 -51.25 2.68
N ASP C 118 21.12 -50.43 1.81
CA ASP C 118 20.68 -49.11 2.23
C ASP C 118 19.40 -49.19 3.08
N MET C 119 18.56 -50.20 2.84
CA MET C 119 17.36 -50.37 3.65
C MET C 119 17.70 -50.93 5.02
N LYS C 120 18.83 -51.63 5.15
CA LYS C 120 19.25 -52.16 6.44
C LYS C 120 19.74 -51.07 7.38
N LYS C 121 19.90 -49.83 6.90
CA LYS C 121 20.33 -48.73 7.74
C LYS C 121 19.18 -48.08 8.51
N HIS C 122 17.94 -48.45 8.20
CA HIS C 122 16.79 -47.87 8.87
C HIS C 122 16.59 -48.51 10.25
N SER C 123 15.67 -47.94 11.01
CA SER C 123 15.26 -48.46 12.31
C SER C 123 13.79 -48.83 12.22
N PHE C 124 13.47 -50.07 12.60
CA PHE C 124 12.12 -50.59 12.49
C PHE C 124 11.58 -50.94 13.86
N TRP C 125 10.27 -50.76 14.04
CA TRP C 125 9.63 -51.06 15.32
C TRP C 125 8.63 -52.20 15.23
N ALA C 126 7.61 -52.09 14.39
CA ALA C 126 6.52 -53.05 14.36
C ALA C 126 6.36 -53.62 12.96
N LEU C 127 5.73 -54.80 12.89
CA LEU C 127 5.53 -55.47 11.62
C LEU C 127 4.25 -56.28 11.65
N LYS C 128 3.81 -56.72 10.47
CA LYS C 128 2.64 -57.58 10.35
C LYS C 128 2.68 -58.27 9.00
N TRP C 129 2.52 -59.59 9.01
CA TRP C 129 2.45 -60.35 7.76
C TRP C 129 1.04 -60.26 7.19
N GLY C 130 0.92 -59.65 6.02
CA GLY C 130 -0.36 -59.61 5.35
C GLY C 130 -0.52 -60.74 4.37
N ALA C 131 -1.19 -61.82 4.79
CA ALA C 131 -1.33 -63.00 3.95
C ALA C 131 -2.48 -62.84 2.97
N SER C 138 -0.66 -61.74 -4.06
CA SER C 138 0.69 -61.87 -3.54
C SER C 138 0.74 -61.52 -2.05
N HIS C 139 1.70 -62.10 -1.35
CA HIS C 139 1.88 -61.83 0.07
C HIS C 139 2.37 -60.39 0.28
N ARG C 140 2.10 -59.86 1.47
CA ARG C 140 2.49 -58.51 1.82
C ARG C 140 3.23 -58.51 3.15
N LEU C 141 4.13 -57.57 3.31
CA LEU C 141 4.78 -57.29 4.58
C LEU C 141 4.72 -55.80 4.83
N VAL C 142 4.29 -55.41 6.03
CA VAL C 142 4.19 -54.01 6.41
C VAL C 142 5.00 -53.81 7.68
N ALA C 143 5.77 -52.72 7.73
CA ALA C 143 6.58 -52.40 8.88
C ALA C 143 6.56 -50.89 9.11
N THR C 144 6.80 -50.49 10.36
CA THR C 144 6.88 -49.09 10.73
C THR C 144 8.29 -48.77 11.21
N ASP C 145 8.62 -47.49 11.22
CA ASP C 145 9.92 -47.00 11.64
C ASP C 145 9.77 -46.16 12.91
N VAL C 146 10.92 -45.73 13.45
CA VAL C 146 10.93 -44.87 14.62
C VAL C 146 10.66 -43.41 14.28
N LYS C 147 10.73 -43.05 13.00
CA LYS C 147 10.47 -41.68 12.56
C LYS C 147 9.05 -41.47 12.08
N GLY C 148 8.18 -42.48 12.20
CA GLY C 148 6.80 -42.36 11.78
C GLY C 148 6.50 -42.82 10.38
N THR C 149 7.41 -43.53 9.72
CA THR C 149 7.23 -43.95 8.35
C THR C 149 6.80 -45.41 8.29
N THR C 150 5.89 -45.72 7.39
CA THR C 150 5.37 -47.07 7.20
C THR C 150 5.83 -47.60 5.85
N TYR C 151 6.37 -48.81 5.84
CA TYR C 151 6.91 -49.42 4.64
C TYR C 151 6.08 -50.64 4.25
N ILE C 152 5.78 -50.76 2.96
CA ILE C 152 4.99 -51.86 2.42
C ILE C 152 5.82 -52.58 1.37
N TRP C 153 5.92 -53.89 1.49
CA TRP C 153 6.70 -54.72 0.58
C TRP C 153 5.79 -55.72 -0.13
N LYS C 154 6.41 -56.62 -0.87
CA LYS C 154 5.70 -57.67 -1.60
C LYS C 154 6.63 -58.86 -1.73
N PHE C 155 6.31 -59.96 -1.04
CA PHE C 155 7.19 -61.11 -0.95
C PHE C 155 7.01 -62.02 -2.17
N HIS C 156 8.12 -62.36 -2.82
CA HIS C 156 8.13 -63.26 -3.96
C HIS C 156 8.99 -64.47 -3.65
N PRO C 157 8.41 -65.66 -3.44
CA PRO C 157 9.18 -66.88 -3.16
C PRO C 157 10.02 -67.32 -4.35
N SER C 170 14.23 -69.26 -4.46
CA SER C 170 14.90 -67.96 -4.52
C SER C 170 13.96 -66.84 -4.08
N PRO C 171 13.97 -66.52 -2.79
CA PRO C 171 13.07 -65.50 -2.25
C PRO C 171 13.63 -64.10 -2.37
N THR C 172 12.75 -63.16 -2.70
CA THR C 172 13.13 -61.75 -2.84
C THR C 172 12.01 -60.87 -2.30
N LEU C 173 12.40 -59.65 -1.92
CA LEU C 173 11.46 -58.61 -1.54
C LEU C 173 11.60 -57.45 -2.53
N GLU C 174 10.49 -56.74 -2.76
CA GLU C 174 10.53 -55.56 -3.60
C GLU C 174 9.56 -54.52 -3.03
N LEU C 175 10.08 -53.32 -2.81
CA LEU C 175 9.35 -52.29 -2.09
C LEU C 175 8.24 -51.72 -2.96
N GLN C 176 7.00 -51.89 -2.52
CA GLN C 176 5.85 -51.36 -3.26
C GLN C 176 5.71 -49.85 -3.07
N GLY C 177 6.04 -49.35 -1.89
CA GLY C 177 5.92 -47.94 -1.62
C GLY C 177 6.17 -47.63 -0.15
N THR C 178 5.86 -46.39 0.22
CA THR C 178 6.01 -45.94 1.59
C THR C 178 4.98 -44.86 1.89
N VAL C 179 4.67 -44.72 3.18
CA VAL C 179 3.72 -43.72 3.65
C VAL C 179 4.40 -42.90 4.74
N GLU C 180 4.32 -41.57 4.63
CA GLU C 180 5.00 -40.68 5.56
C GLU C 180 4.11 -40.34 6.75
N SER C 181 4.68 -39.65 7.71
CA SER C 181 3.94 -39.26 8.90
C SER C 181 2.90 -38.20 8.55
N PRO C 182 1.64 -38.35 8.95
CA PRO C 182 0.66 -37.29 8.67
C PRO C 182 1.02 -35.95 9.28
N MET C 183 1.60 -35.94 10.48
CA MET C 183 1.84 -34.71 11.23
C MET C 183 3.27 -34.23 11.06
N THR C 184 3.46 -32.93 11.32
CA THR C 184 4.78 -32.31 11.31
C THR C 184 4.90 -31.44 12.56
N PRO C 185 5.87 -31.68 13.45
CA PRO C 185 6.95 -32.69 13.39
C PRO C 185 6.42 -34.11 13.54
N SER C 186 7.20 -35.08 13.04
CA SER C 186 6.76 -36.46 13.01
C SER C 186 6.72 -37.05 14.42
N GLN C 187 6.12 -38.23 14.53
CA GLN C 187 5.94 -38.93 15.80
C GLN C 187 6.34 -40.39 15.64
N PHE C 188 6.28 -41.12 16.73
CA PHE C 188 6.65 -42.53 16.75
C PHE C 188 5.49 -43.39 16.27
N ALA C 189 5.76 -44.28 15.33
CA ALA C 189 4.74 -45.18 14.79
C ALA C 189 4.74 -46.48 15.59
N THR C 190 3.73 -46.65 16.44
CA THR C 190 3.73 -47.72 17.42
C THR C 190 3.03 -48.98 16.96
N SER C 191 1.98 -48.85 16.15
CA SER C 191 1.17 -50.00 15.75
C SER C 191 0.90 -49.95 14.26
N VAL C 192 0.60 -51.11 13.68
CA VAL C 192 0.26 -51.20 12.27
C VAL C 192 -0.55 -52.48 12.06
N ASP C 193 -1.49 -52.43 11.13
CA ASP C 193 -2.25 -53.61 10.73
C ASP C 193 -2.66 -53.47 9.28
N ILE C 194 -2.97 -54.60 8.66
CA ILE C 194 -3.41 -54.64 7.26
C ILE C 194 -4.60 -55.60 7.16
N SER C 195 -5.61 -55.20 6.43
CA SER C 195 -6.84 -55.98 6.27
C SER C 195 -6.83 -56.76 4.97
N GLU C 196 -7.71 -57.76 4.90
CA GLU C 196 -7.82 -58.59 3.70
C GLU C 196 -8.44 -57.84 2.53
N ARG C 197 -9.17 -56.76 2.80
CA ARG C 197 -9.81 -55.99 1.74
C ARG C 197 -8.92 -54.90 1.17
N GLY C 198 -7.74 -54.68 1.74
CA GLY C 198 -6.81 -53.72 1.18
C GLY C 198 -6.74 -52.39 1.91
N LEU C 199 -6.72 -52.44 3.24
CA LEU C 199 -6.62 -51.23 4.05
C LEU C 199 -5.47 -51.37 5.04
N ILE C 200 -4.86 -50.25 5.38
CA ILE C 200 -3.72 -50.19 6.29
C ILE C 200 -4.01 -49.15 7.36
N ALA C 201 -3.78 -49.51 8.62
CA ALA C 201 -4.02 -48.63 9.76
C ALA C 201 -2.73 -48.48 10.56
N THR C 202 -2.37 -47.23 10.85
CA THR C 202 -1.16 -46.93 11.61
C THR C 202 -1.54 -46.07 12.81
N GLY C 203 -1.06 -46.45 13.99
CA GLY C 203 -1.29 -45.71 15.22
C GLY C 203 0.00 -45.10 15.71
N PHE C 204 -0.11 -43.91 16.29
CA PHE C 204 1.05 -43.15 16.76
C PHE C 204 0.97 -42.95 18.26
N ASN C 205 2.06 -42.43 18.84
CA ASN C 205 2.16 -42.27 20.27
C ASN C 205 1.41 -41.04 20.78
N ASN C 206 0.94 -40.16 19.90
CA ASN C 206 0.19 -38.98 20.31
C ASN C 206 -1.32 -39.20 20.27
N GLY C 207 -1.78 -40.40 19.92
CA GLY C 207 -3.19 -40.70 19.86
C GLY C 207 -3.84 -40.61 18.50
N THR C 208 -3.06 -40.46 17.44
CA THR C 208 -3.60 -40.33 16.10
C THR C 208 -3.54 -41.67 15.36
N VAL C 209 -4.61 -41.98 14.65
CA VAL C 209 -4.69 -43.17 13.81
C VAL C 209 -5.00 -42.72 12.39
N GLN C 210 -4.19 -43.18 11.43
CA GLN C 210 -4.36 -42.84 10.03
C GLN C 210 -4.68 -44.09 9.24
N ILE C 211 -5.72 -44.04 8.41
CA ILE C 211 -6.12 -45.13 7.53
C ILE C 211 -5.68 -44.78 6.12
N SER C 212 -4.97 -45.70 5.48
CA SER C 212 -4.47 -45.50 4.13
C SER C 212 -4.74 -46.73 3.29
N GLU C 213 -4.87 -46.52 1.98
CA GLU C 213 -5.14 -47.62 1.08
C GLU C 213 -3.87 -48.38 0.75
N LEU C 214 -4.05 -49.59 0.22
CA LEU C 214 -2.93 -50.40 -0.26
C LEU C 214 -2.76 -50.34 -1.77
N SER C 215 -3.84 -50.08 -2.51
CA SER C 215 -3.76 -50.02 -3.96
C SER C 215 -2.99 -48.78 -4.42
N THR C 216 -3.32 -47.62 -3.86
CA THR C 216 -2.73 -46.36 -4.27
C THR C 216 -1.87 -45.70 -3.21
N LEU C 217 -1.81 -46.25 -2.01
CA LEU C 217 -1.00 -45.72 -0.91
C LEU C 217 -1.41 -44.30 -0.54
N ARG C 218 -2.68 -43.96 -0.72
CA ARG C 218 -3.15 -42.63 -0.38
C ARG C 218 -3.93 -42.65 0.94
N PRO C 219 -3.86 -41.56 1.71
CA PRO C 219 -4.61 -41.51 2.98
C PRO C 219 -6.11 -41.49 2.72
N LEU C 220 -6.86 -42.06 3.66
CA LEU C 220 -8.31 -42.11 3.59
C LEU C 220 -8.98 -41.42 4.77
N TYR C 221 -8.54 -41.70 6.00
CA TYR C 221 -9.13 -41.13 7.19
C TYR C 221 -8.04 -40.65 8.14
N ASN C 222 -8.46 -39.91 9.17
CA ASN C 222 -7.53 -39.38 10.15
C ASN C 222 -8.31 -39.10 11.42
N PHE C 223 -8.09 -39.92 12.45
CA PHE C 223 -8.75 -39.76 13.74
C PHE C 223 -7.76 -39.28 14.78
N GLU C 224 -8.19 -38.36 15.63
CA GLU C 224 -7.37 -37.83 16.72
C GLU C 224 -8.17 -37.98 18.01
N SER C 225 -8.08 -39.17 18.61
CA SER C 225 -8.79 -39.44 19.85
C SER C 225 -7.90 -39.16 21.06
N ASN C 231 0.55 -34.45 33.39
CA ASN C 231 1.07 -35.51 32.52
C ASN C 231 -0.03 -36.51 32.18
N ASN C 232 -0.28 -36.67 30.88
CA ASN C 232 -1.28 -37.60 30.39
C ASN C 232 -0.70 -38.41 29.25
N SER C 233 -1.25 -39.60 29.05
CA SER C 233 -0.84 -40.50 27.97
C SER C 233 -2.03 -40.82 27.09
N ASN C 234 -1.80 -40.87 25.77
CA ASN C 234 -2.84 -41.22 24.83
C ASN C 234 -2.30 -42.14 23.73
N SER C 235 -1.28 -42.92 24.04
CA SER C 235 -0.60 -43.71 23.03
C SER C 235 -1.50 -44.82 22.49
N ILE C 236 -1.45 -45.03 21.18
CA ILE C 236 -2.23 -46.08 20.53
C ILE C 236 -1.45 -47.39 20.67
N ARG C 237 -1.98 -48.31 21.48
CA ARG C 237 -1.26 -49.54 21.77
C ARG C 237 -1.50 -50.61 20.71
N SER C 238 -2.72 -50.70 20.18
CA SER C 238 -3.06 -51.76 19.26
C SER C 238 -4.17 -51.32 18.34
N VAL C 239 -4.13 -51.81 17.11
CA VAL C 239 -5.18 -51.57 16.12
C VAL C 239 -5.46 -52.88 15.40
N LYS C 240 -6.73 -53.17 15.15
CA LYS C 240 -7.12 -54.43 14.53
C LYS C 240 -8.27 -54.23 13.56
N PHE C 241 -8.30 -55.06 12.51
CA PHE C 241 -9.38 -55.12 11.56
C PHE C 241 -10.20 -56.39 11.79
N SER C 242 -11.52 -56.26 11.73
CA SER C 242 -12.37 -57.44 11.83
C SER C 242 -12.17 -58.34 10.62
N PRO C 243 -12.08 -59.65 10.81
CA PRO C 243 -11.83 -60.54 9.66
C PRO C 243 -12.92 -60.49 8.61
N GLN C 244 -14.17 -60.31 9.01
CA GLN C 244 -15.29 -60.23 8.08
C GLN C 244 -16.09 -58.98 8.39
N GLY C 245 -16.34 -58.17 7.37
CA GLY C 245 -17.10 -56.95 7.51
C GLY C 245 -16.23 -55.72 7.39
N SER C 246 -16.74 -54.62 7.93
CA SER C 246 -16.07 -53.31 7.92
C SER C 246 -16.06 -52.77 9.34
N LEU C 247 -15.05 -53.13 10.11
CA LEU C 247 -14.95 -52.70 11.50
C LEU C 247 -13.49 -52.61 11.91
N LEU C 248 -13.11 -51.51 12.55
CA LEU C 248 -11.77 -51.29 13.04
C LEU C 248 -11.82 -51.06 14.54
N ALA C 249 -11.04 -51.82 15.29
CA ALA C 249 -10.95 -51.70 16.73
C ALA C 249 -9.61 -51.07 17.10
N ILE C 250 -9.64 -50.05 17.95
CA ILE C 250 -8.46 -49.30 18.33
C ILE C 250 -8.32 -49.36 19.85
N ALA C 251 -7.19 -49.88 20.33
CA ALA C 251 -6.90 -49.92 21.75
C ALA C 251 -6.32 -48.59 22.16
N HIS C 252 -7.18 -47.68 22.61
CA HIS C 252 -6.81 -46.33 22.99
C HIS C 252 -6.20 -46.32 24.40
N ASP C 253 -5.59 -45.20 24.76
CA ASP C 253 -4.99 -45.02 26.07
C ASP C 253 -5.53 -43.75 26.72
N SER C 254 -5.91 -43.85 27.98
CA SER C 254 -6.27 -42.71 28.80
C SER C 254 -5.12 -42.42 29.76
N ASN C 255 -5.35 -41.52 30.71
CA ASN C 255 -4.35 -41.29 31.74
C ASN C 255 -4.34 -42.47 32.70
N SER C 256 -3.54 -43.49 32.39
CA SER C 256 -3.42 -44.73 33.16
C SER C 256 -4.67 -45.60 33.10
N PHE C 257 -5.49 -45.44 32.06
CA PHE C 257 -6.68 -46.26 31.88
C PHE C 257 -6.69 -46.81 30.46
N GLY C 258 -7.37 -47.93 30.28
CA GLY C 258 -7.46 -48.60 29.00
C GLY C 258 -8.85 -48.42 28.38
N CYS C 259 -8.87 -47.94 27.14
CA CYS C 259 -10.11 -47.69 26.42
C CYS C 259 -10.06 -48.39 25.06
N ILE C 260 -11.22 -48.88 24.63
CA ILE C 260 -11.38 -49.50 23.31
C ILE C 260 -12.49 -48.76 22.59
N THR C 261 -12.21 -48.33 21.36
CA THR C 261 -13.15 -47.57 20.56
C THR C 261 -13.31 -48.22 19.20
N LEU C 262 -14.54 -48.27 18.71
CA LEU C 262 -14.86 -48.95 17.46
C LEU C 262 -15.24 -47.93 16.39
N TYR C 263 -14.56 -48.02 15.25
CA TYR C 263 -14.88 -47.24 14.07
C TYR C 263 -15.28 -48.18 12.94
N GLU C 264 -16.02 -47.64 11.97
CA GLU C 264 -16.45 -48.40 10.80
C GLU C 264 -15.92 -47.74 9.54
N THR C 265 -15.41 -48.56 8.62
CA THR C 265 -14.77 -48.06 7.42
C THR C 265 -15.80 -47.73 6.35
N GLU C 266 -15.31 -47.17 5.24
CA GLU C 266 -16.09 -46.75 4.08
C GLU C 266 -16.91 -45.50 4.37
N PHE C 267 -16.97 -45.10 5.64
CA PHE C 267 -17.53 -43.81 6.03
C PHE C 267 -16.73 -43.07 7.08
N GLY C 268 -15.91 -43.76 7.87
CA GLY C 268 -15.13 -43.10 8.91
C GLY C 268 -15.95 -42.52 10.03
N GLU C 269 -16.94 -43.25 10.53
CA GLU C 269 -17.82 -42.78 11.59
C GLU C 269 -17.59 -43.59 12.87
N ARG C 270 -17.48 -42.88 13.99
CA ARG C 270 -17.34 -43.52 15.29
C ARG C 270 -18.67 -44.11 15.72
N ILE C 271 -18.66 -45.37 16.14
CA ILE C 271 -19.90 -46.07 16.48
C ILE C 271 -20.03 -46.36 17.97
N GLY C 272 -19.00 -46.09 18.76
CA GLY C 272 -19.12 -46.25 20.20
C GLY C 272 -17.83 -46.78 20.79
N SER C 273 -17.91 -47.16 22.06
CA SER C 273 -16.77 -47.65 22.79
C SER C 273 -17.21 -48.74 23.75
N LEU C 274 -16.30 -49.66 24.06
CA LEU C 274 -16.55 -50.72 25.01
C LEU C 274 -16.17 -50.26 26.42
N SER C 275 -17.02 -50.57 27.39
CA SER C 275 -16.80 -50.15 28.76
C SER C 275 -17.41 -51.17 29.70
N VAL C 276 -16.93 -51.16 30.93
CA VAL C 276 -17.41 -52.08 31.96
C VAL C 276 -17.46 -51.38 33.32
N GLU C 287 -15.83 -44.46 30.70
CA GLU C 287 -15.89 -45.36 29.56
C GLU C 287 -14.56 -46.09 29.38
N PHE C 288 -14.19 -46.88 30.38
CA PHE C 288 -12.93 -47.61 30.39
C PHE C 288 -13.20 -49.10 30.37
N ALA C 289 -12.51 -49.81 29.48
CA ALA C 289 -12.68 -51.26 29.37
C ALA C 289 -11.83 -52.02 30.37
N HIS C 290 -10.69 -51.45 30.77
CA HIS C 290 -9.80 -52.07 31.74
C HIS C 290 -9.38 -51.03 32.76
N SER C 291 -8.98 -51.52 33.93
CA SER C 291 -8.49 -50.64 34.99
C SER C 291 -7.03 -50.23 34.79
N SER C 292 -6.35 -50.81 33.81
CA SER C 292 -5.00 -50.42 33.45
C SER C 292 -4.93 -50.34 31.92
N TRP C 293 -3.72 -50.24 31.38
CA TRP C 293 -3.55 -50.14 29.94
C TRP C 293 -4.05 -51.41 29.25
N VAL C 294 -4.63 -51.24 28.07
CA VAL C 294 -5.02 -52.36 27.22
C VAL C 294 -3.86 -52.62 26.26
N MET C 295 -3.33 -53.85 26.30
CA MET C 295 -2.11 -54.15 25.56
C MET C 295 -2.37 -54.66 24.15
N SER C 296 -3.35 -55.53 23.97
CA SER C 296 -3.57 -56.12 22.66
C SER C 296 -5.04 -56.48 22.49
N LEU C 297 -5.44 -56.64 21.22
CA LEU C 297 -6.78 -57.04 20.85
C LEU C 297 -6.70 -58.29 19.97
N SER C 298 -7.84 -58.96 19.81
CA SER C 298 -7.87 -60.17 18.98
C SER C 298 -9.32 -60.49 18.64
N PHE C 299 -9.55 -60.80 17.36
CA PHE C 299 -10.83 -61.29 16.88
C PHE C 299 -10.76 -62.81 16.69
N ASN C 300 -11.94 -63.43 16.60
CA ASN C 300 -12.02 -64.84 16.28
C ASN C 300 -12.33 -65.03 14.80
N ASP C 301 -12.46 -66.29 14.39
CA ASP C 301 -12.70 -66.59 12.98
C ASP C 301 -14.00 -65.99 12.50
N SER C 302 -15.07 -66.10 13.30
CA SER C 302 -16.35 -65.53 12.91
C SER C 302 -16.31 -64.01 12.91
N GLY C 303 -15.62 -63.41 13.88
CA GLY C 303 -15.58 -61.97 14.01
C GLY C 303 -16.63 -61.38 14.92
N GLU C 304 -17.33 -62.19 15.70
CA GLU C 304 -18.40 -61.71 16.56
C GLU C 304 -17.92 -61.37 17.97
N THR C 305 -16.89 -62.05 18.46
CA THR C 305 -16.33 -61.75 19.77
C THR C 305 -14.93 -61.17 19.63
N LEU C 306 -14.61 -60.21 20.51
CA LEU C 306 -13.32 -59.55 20.52
C LEU C 306 -12.72 -59.68 21.90
N CYS C 307 -11.50 -60.22 21.97
CA CYS C 307 -10.80 -60.43 23.23
C CYS C 307 -9.77 -59.33 23.43
N SER C 308 -9.72 -58.78 24.64
CA SER C 308 -8.78 -57.72 24.98
C SER C 308 -7.94 -58.15 26.17
N ALA C 309 -6.64 -57.88 26.08
CA ALA C 309 -5.69 -58.15 27.16
C ALA C 309 -5.24 -56.83 27.77
N GLY C 310 -5.20 -56.78 29.10
CA GLY C 310 -4.85 -55.56 29.80
C GLY C 310 -3.72 -55.78 30.79
N TRP C 311 -3.17 -54.67 31.27
CA TRP C 311 -2.11 -54.68 32.27
C TRP C 311 -2.64 -54.95 33.67
N ASP C 312 -3.90 -55.35 33.81
CA ASP C 312 -4.47 -55.71 35.10
C ASP C 312 -4.63 -57.21 35.26
N GLY C 313 -4.08 -58.02 34.34
CA GLY C 313 -4.15 -59.45 34.47
C GLY C 313 -5.49 -60.08 34.16
N LYS C 314 -6.30 -59.44 33.32
CA LYS C 314 -7.63 -59.92 33.01
C LYS C 314 -7.84 -59.98 31.50
N LEU C 315 -8.63 -60.96 31.07
CA LEU C 315 -9.00 -61.14 29.67
C LEU C 315 -10.51 -61.00 29.57
N ARG C 316 -10.98 -59.88 29.02
CA ARG C 316 -12.40 -59.60 28.89
C ARG C 316 -12.84 -59.84 27.45
N PHE C 317 -13.92 -60.58 27.29
CA PHE C 317 -14.47 -60.89 25.98
C PHE C 317 -15.72 -60.05 25.74
N TRP C 318 -15.83 -59.51 24.53
CA TRP C 318 -16.88 -58.57 24.18
C TRP C 318 -17.66 -59.08 22.98
N ASP C 319 -18.88 -58.58 22.84
CA ASP C 319 -19.76 -58.93 21.73
C ASP C 319 -19.81 -57.77 20.75
N VAL C 320 -19.50 -58.04 19.48
CA VAL C 320 -19.39 -56.97 18.50
C VAL C 320 -20.75 -56.36 18.21
N LYS C 321 -21.77 -57.20 18.02
CA LYS C 321 -23.08 -56.69 17.61
C LYS C 321 -23.73 -55.84 18.70
N THR C 322 -23.75 -56.34 19.93
CA THR C 322 -24.42 -55.64 21.02
C THR C 322 -23.49 -54.67 21.76
N LYS C 323 -22.19 -54.70 21.49
CA LYS C 323 -21.22 -53.86 22.19
C LYS C 323 -21.30 -54.06 23.70
N GLU C 324 -21.44 -55.31 24.11
CA GLU C 324 -21.60 -55.65 25.52
C GLU C 324 -20.61 -56.73 25.92
N ARG C 325 -20.24 -56.72 27.20
CA ARG C 325 -19.28 -57.69 27.71
C ARG C 325 -19.92 -59.06 27.87
N ILE C 326 -19.09 -60.10 27.77
CA ILE C 326 -19.54 -61.49 27.83
C ILE C 326 -19.00 -62.19 29.08
N THR C 327 -17.68 -62.30 29.20
CA THR C 327 -17.07 -63.02 30.31
C THR C 327 -15.69 -62.44 30.59
N THR C 328 -15.21 -62.70 31.81
CA THR C 328 -13.91 -62.23 32.26
C THR C 328 -13.10 -63.40 32.77
N LEU C 329 -11.81 -63.43 32.42
CA LEU C 329 -10.89 -64.48 32.83
C LEU C 329 -9.69 -63.84 33.50
N ASN C 330 -9.40 -64.25 34.73
CA ASN C 330 -8.32 -63.67 35.51
C ASN C 330 -7.10 -64.59 35.48
N MET C 331 -5.95 -64.04 35.09
CA MET C 331 -4.74 -64.84 34.99
C MET C 331 -4.23 -65.28 36.35
N HIS C 332 -4.44 -64.48 37.39
CA HIS C 332 -3.98 -64.83 38.73
C HIS C 332 -4.96 -65.78 39.43
N LEU C 343 -14.54 -52.75 37.55
CA LEU C 343 -13.26 -52.08 37.72
C LEU C 343 -13.10 -51.57 39.15
N ALA C 344 -11.96 -51.88 39.76
CA ALA C 344 -11.66 -51.45 41.12
C ALA C 344 -10.51 -50.46 41.07
N VAL C 345 -10.77 -49.24 41.53
CA VAL C 345 -9.76 -48.18 41.60
C VAL C 345 -9.65 -47.74 43.06
N ASP C 346 -8.43 -47.79 43.60
CA ASP C 346 -8.26 -47.54 45.02
C ASP C 346 -8.63 -46.11 45.40
N GLU C 347 -7.81 -45.13 45.02
CA GLU C 347 -8.21 -43.73 45.13
C GLU C 347 -7.74 -42.84 43.98
N HIS C 348 -6.66 -43.18 43.27
CA HIS C 348 -6.11 -42.32 42.24
C HIS C 348 -6.41 -42.79 40.82
N GLY C 349 -6.53 -44.08 40.61
CA GLY C 349 -6.60 -44.64 39.26
C GLY C 349 -5.75 -45.89 39.19
N ASP C 350 -5.19 -46.28 40.32
CA ASP C 350 -4.38 -47.49 40.40
C ASP C 350 -5.29 -48.71 40.42
N SER C 351 -4.99 -49.68 39.56
CA SER C 351 -5.73 -50.94 39.56
C SER C 351 -5.41 -51.73 40.83
N LEU C 352 -6.43 -52.34 41.42
CA LEU C 352 -6.21 -53.21 42.57
C LEU C 352 -5.53 -54.51 42.19
N ALA C 353 -5.54 -54.87 40.91
CA ALA C 353 -4.94 -56.10 40.44
C ALA C 353 -3.47 -55.88 40.07
N GLU C 354 -2.77 -56.98 39.83
CA GLU C 354 -1.34 -56.97 39.53
C GLU C 354 -1.10 -56.91 38.02
N PRO C 355 0.05 -56.42 37.60
CA PRO C 355 0.36 -56.37 36.16
C PRO C 355 0.25 -57.74 35.52
N GLY C 356 -0.36 -57.77 34.33
CA GLY C 356 -0.72 -59.02 33.70
C GLY C 356 -0.14 -59.33 32.32
N VAL C 357 -0.99 -59.25 31.31
CA VAL C 357 -0.77 -59.88 30.01
C VAL C 357 -0.09 -58.91 29.06
N PHE C 358 0.86 -59.44 28.29
CA PHE C 358 1.54 -58.69 27.23
C PHE C 358 0.83 -58.83 25.89
N ASP C 359 0.47 -60.05 25.50
CA ASP C 359 -0.13 -60.29 24.20
C ASP C 359 -1.11 -61.45 24.30
N VAL C 360 -2.09 -61.46 23.39
CA VAL C 360 -3.06 -62.52 23.28
C VAL C 360 -3.30 -62.82 21.80
N LYS C 361 -3.73 -64.05 21.51
CA LYS C 361 -3.88 -64.48 20.12
C LYS C 361 -4.90 -65.61 20.06
N PHE C 362 -5.94 -65.42 19.26
CA PHE C 362 -6.90 -66.50 19.00
C PHE C 362 -6.32 -67.53 18.05
N LEU C 363 -6.67 -68.79 18.29
CA LEU C 363 -6.33 -69.89 17.40
C LEU C 363 -7.60 -70.50 16.85
N LYS C 364 -7.67 -70.66 15.53
CA LYS C 364 -8.88 -71.19 14.93
C LYS C 364 -8.98 -72.70 15.16
N LYS C 365 -10.15 -73.25 14.81
CA LYS C 365 -10.43 -74.64 15.10
C LYS C 365 -9.51 -75.56 14.31
N GLY C 366 -9.11 -76.67 14.94
CA GLY C 366 -8.22 -77.63 14.34
C GLY C 366 -6.76 -77.49 14.76
N TRP C 367 -6.38 -76.34 15.29
CA TRP C 367 -5.01 -76.11 15.72
C TRP C 367 -4.78 -76.68 17.11
N GLU C 377 -12.36 -73.74 19.18
CA GLU C 377 -11.33 -72.71 19.10
C GLU C 377 -10.56 -72.60 20.40
N SER C 378 -9.32 -72.10 20.31
CA SER C 378 -8.45 -71.92 21.46
C SER C 378 -7.79 -70.55 21.37
N LEU C 379 -6.97 -70.24 22.36
CA LEU C 379 -6.23 -68.99 22.37
C LEU C 379 -4.93 -69.19 23.14
N CYS C 380 -4.01 -68.24 22.96
CA CYS C 380 -2.71 -68.28 23.61
C CYS C 380 -2.47 -66.97 24.33
N CYS C 381 -1.73 -67.05 25.44
CA CYS C 381 -1.52 -65.90 26.31
C CYS C 381 -0.10 -65.92 26.86
N VAL C 382 0.53 -64.75 26.88
CA VAL C 382 1.85 -64.56 27.48
C VAL C 382 1.72 -63.52 28.58
N CYS C 383 2.29 -63.82 29.75
CA CYS C 383 2.09 -63.03 30.95
C CYS C 383 3.40 -62.48 31.47
N LEU C 384 3.30 -61.63 32.49
CA LEU C 384 4.47 -61.08 33.16
C LEU C 384 5.21 -62.13 33.98
N ASP C 385 4.55 -63.22 34.34
CA ASP C 385 5.14 -64.28 35.15
C ASP C 385 6.08 -65.18 34.34
N ARG C 386 6.46 -64.76 33.14
CA ARG C 386 7.35 -65.54 32.28
C ARG C 386 6.79 -66.93 32.00
N SER C 387 5.48 -66.99 31.75
CA SER C 387 4.80 -68.24 31.41
C SER C 387 3.87 -68.00 30.24
N ILE C 388 3.67 -69.06 29.46
CA ILE C 388 2.80 -69.03 28.29
C ILE C 388 1.67 -70.04 28.52
N ARG C 389 0.43 -69.58 28.36
CA ARG C 389 -0.75 -70.34 28.74
C ARG C 389 -1.65 -70.57 27.54
N TRP C 390 -2.20 -71.77 27.44
CA TRP C 390 -3.15 -72.13 26.40
C TRP C 390 -4.50 -72.44 27.03
N PHE C 391 -5.57 -72.02 26.37
CA PHE C 391 -6.92 -72.23 26.88
C PHE C 391 -7.78 -72.95 25.85
N SER D 285 -32.12 47.29 -76.22
CA SER D 285 -33.05 46.77 -75.23
C SER D 285 -32.37 46.58 -73.88
N LEU D 286 -33.15 46.16 -72.88
CA LEU D 286 -32.59 45.89 -71.57
C LEU D 286 -31.60 44.74 -71.62
N LEU D 287 -31.95 43.66 -72.32
CA LEU D 287 -31.07 42.49 -72.39
C LEU D 287 -29.75 42.82 -73.06
N ALA D 288 -29.80 43.56 -74.17
CA ALA D 288 -28.58 43.90 -74.90
C ALA D 288 -27.66 44.77 -74.04
N TRP D 289 -28.22 45.78 -73.38
CA TRP D 289 -27.42 46.64 -72.53
C TRP D 289 -26.84 45.89 -71.34
N GLN D 290 -27.63 45.00 -70.73
CA GLN D 290 -27.13 44.20 -69.62
C GLN D 290 -25.98 43.32 -70.05
N LYS D 291 -26.12 42.65 -71.19
CA LYS D 291 -25.05 41.78 -71.68
C LYS D 291 -23.80 42.60 -72.04
N TYR D 292 -23.99 43.75 -72.67
CA TYR D 292 -22.85 44.60 -73.03
C TYR D 292 -22.11 45.07 -71.79
N PHE D 293 -22.85 45.49 -70.75
CA PHE D 293 -22.21 45.96 -69.53
C PHE D 293 -21.49 44.82 -68.81
N GLU D 294 -22.10 43.63 -68.79
CA GLU D 294 -21.47 42.50 -68.12
C GLU D 294 -20.23 42.02 -68.88
N TRP D 295 -20.22 42.13 -70.21
CA TRP D 295 -19.11 41.66 -71.01
C TRP D 295 -18.02 42.71 -71.21
N THR D 296 -18.34 43.99 -71.04
CA THR D 296 -17.34 45.05 -71.24
C THR D 296 -16.34 45.03 -70.09
N ASP D 297 -15.22 44.35 -70.27
CA ASP D 297 -14.22 44.25 -69.23
C ASP D 297 -13.40 45.54 -69.15
N TYR D 298 -13.24 46.06 -67.94
CA TYR D 298 -12.47 47.26 -67.69
C TYR D 298 -11.19 46.91 -66.95
N GLU D 299 -10.07 47.47 -67.39
CA GLU D 299 -8.84 47.34 -66.62
C GLU D 299 -8.98 47.99 -65.25
N ASP D 300 -9.62 49.16 -65.20
CA ASP D 300 -10.02 49.80 -63.96
C ASP D 300 -11.45 50.27 -64.10
N LEU D 301 -12.24 50.11 -63.03
CA LEU D 301 -13.64 50.46 -63.08
C LEU D 301 -13.88 51.96 -63.23
N ASP D 302 -12.87 52.78 -62.95
CA ASP D 302 -13.02 54.22 -63.02
C ASP D 302 -12.99 54.76 -64.44
N ASN D 303 -12.59 53.95 -65.42
CA ASN D 303 -12.54 54.36 -66.81
C ASN D 303 -13.83 54.06 -67.56
N MET D 304 -14.85 53.55 -66.88
CA MET D 304 -16.11 53.23 -67.51
C MET D 304 -16.79 54.51 -68.02
N ASP D 305 -17.55 54.36 -69.09
CA ASP D 305 -18.22 55.50 -69.73
C ASP D 305 -19.34 55.99 -68.81
N ALA D 306 -19.02 56.99 -67.99
CA ALA D 306 -20.00 57.49 -67.03
C ALA D 306 -21.26 58.06 -67.66
N PRO D 307 -21.20 58.87 -68.73
CA PRO D 307 -22.46 59.27 -69.39
C PRO D 307 -23.27 58.08 -69.89
N LEU D 308 -22.61 57.00 -70.31
CA LEU D 308 -23.33 55.79 -70.69
C LEU D 308 -24.05 55.19 -69.50
N ILE D 309 -23.41 55.21 -68.32
CA ILE D 309 -24.07 54.74 -67.11
C ILE D 309 -25.29 55.61 -66.79
N ILE D 310 -25.14 56.92 -66.96
CA ILE D 310 -26.26 57.83 -66.72
C ILE D 310 -27.42 57.51 -67.67
N LYS D 311 -27.10 57.30 -68.95
CA LYS D 311 -28.13 56.98 -69.94
C LYS D 311 -28.84 55.68 -69.59
N TYR D 312 -28.07 54.65 -69.23
CA TYR D 312 -28.67 53.36 -68.90
C TYR D 312 -29.52 53.44 -67.64
N PHE D 313 -29.06 54.19 -66.63
CA PHE D 313 -29.85 54.31 -65.41
C PHE D 313 -31.12 55.10 -65.64
N LYS D 314 -31.06 56.13 -66.50
CA LYS D 314 -32.28 56.85 -66.86
C LYS D 314 -33.23 55.94 -67.63
N LYS D 315 -32.71 55.11 -68.52
CA LYS D 315 -33.56 54.20 -69.28
C LYS D 315 -34.15 53.11 -68.40
N PHE D 316 -33.32 52.46 -67.58
CA PHE D 316 -33.74 51.33 -66.75
C PHE D 316 -33.21 51.52 -65.34
N PRO D 317 -33.84 52.37 -64.53
CA PRO D 317 -33.40 52.53 -63.13
C PRO D 317 -33.64 51.30 -62.28
N LYS D 318 -34.50 50.38 -62.71
CA LYS D 318 -34.87 49.23 -61.88
C LYS D 318 -33.83 48.12 -61.87
N ASP D 319 -32.87 48.14 -62.79
CA ASP D 319 -31.91 47.04 -62.88
C ASP D 319 -30.99 47.03 -61.68
N PRO D 320 -30.81 45.88 -61.01
CA PRO D 320 -29.90 45.84 -59.85
C PRO D 320 -28.47 46.23 -60.19
N LEU D 321 -27.98 45.80 -61.35
CA LEU D 321 -26.63 46.23 -61.76
C LEU D 321 -26.60 47.73 -62.03
N ALA D 322 -27.69 48.28 -62.57
CA ALA D 322 -27.74 49.72 -62.81
C ALA D 322 -27.65 50.50 -61.51
N MET D 323 -28.40 50.07 -60.48
CA MET D 323 -28.33 50.79 -59.22
C MET D 323 -27.00 50.55 -58.50
N ILE D 324 -26.39 49.37 -58.70
CA ILE D 324 -25.06 49.13 -58.16
C ILE D 324 -24.06 50.10 -58.79
N LEU D 325 -24.14 50.27 -60.10
CA LEU D 325 -23.25 51.21 -60.79
C LEU D 325 -23.52 52.64 -60.35
N TYR D 326 -24.79 52.99 -60.16
CA TYR D 326 -25.13 54.33 -59.69
C TYR D 326 -24.55 54.59 -58.29
N SER D 327 -24.64 53.60 -57.40
CA SER D 327 -24.04 53.75 -56.08
C SER D 327 -22.53 53.85 -56.17
N TRP D 328 -21.91 53.09 -57.08
CA TRP D 328 -20.47 53.19 -57.28
C TRP D 328 -20.07 54.60 -57.75
N LEU D 329 -20.84 55.17 -58.68
CA LEU D 329 -20.56 56.52 -59.13
C LEU D 329 -20.77 57.54 -58.02
N SER D 330 -21.83 57.36 -57.22
CA SER D 330 -22.12 58.31 -56.15
C SER D 330 -21.11 58.22 -55.00
N SER D 331 -20.43 57.09 -54.86
CA SER D 331 -19.46 56.94 -53.78
C SER D 331 -18.31 57.94 -53.94
N LYS D 332 -17.88 58.50 -52.81
CA LYS D 332 -16.77 59.44 -52.81
C LYS D 332 -15.46 58.78 -53.20
N LEU D 333 -15.40 57.45 -53.21
CA LEU D 333 -14.16 56.73 -53.46
C LEU D 333 -13.78 56.72 -54.93
N SER D 334 -14.76 56.78 -55.83
CA SER D 334 -14.50 56.66 -57.26
C SER D 334 -13.93 57.96 -57.82
N LYS D 335 -13.40 57.87 -59.05
CA LYS D 335 -12.87 59.03 -59.73
C LYS D 335 -13.93 59.85 -60.44
N TYR D 336 -15.17 59.37 -60.49
CA TYR D 336 -16.22 60.06 -61.21
C TYR D 336 -16.70 61.29 -60.44
N ASP D 337 -17.27 62.24 -61.18
CA ASP D 337 -17.84 63.47 -60.64
C ASP D 337 -19.25 63.58 -61.21
N ILE D 338 -20.23 63.09 -60.45
CA ILE D 338 -21.61 63.03 -60.95
C ILE D 338 -22.16 64.44 -61.19
N LYS D 339 -21.86 65.37 -60.30
CA LYS D 339 -22.41 66.73 -60.43
C LYS D 339 -21.94 67.40 -61.72
N SER D 340 -20.65 67.27 -62.03
CA SER D 340 -20.12 67.86 -63.25
C SER D 340 -20.76 67.23 -64.48
N LEU D 341 -20.94 65.90 -64.46
CA LEU D 341 -21.56 65.21 -65.59
C LEU D 341 -22.99 65.65 -65.78
N GLU D 342 -23.75 65.77 -64.70
CA GLU D 342 -25.14 66.22 -64.81
C GLU D 342 -25.21 67.66 -65.29
N SER D 343 -24.29 68.50 -64.85
CA SER D 343 -24.23 69.87 -65.38
C SER D 343 -23.84 69.87 -66.86
N ALA D 344 -23.06 68.88 -67.29
CA ALA D 344 -22.67 68.73 -68.69
C ALA D 344 -23.58 67.79 -69.46
N ASN D 345 -24.60 67.23 -68.82
CA ASN D 345 -25.53 66.33 -69.49
C ASN D 345 -26.87 66.29 -68.76
N ILE D 405 -15.21 66.10 -37.60
CA ILE D 405 -14.49 65.00 -38.25
C ILE D 405 -14.60 63.73 -37.41
N GLU D 406 -15.05 62.65 -38.05
CA GLU D 406 -15.24 61.37 -37.40
C GLU D 406 -14.49 60.29 -38.19
N ILE D 407 -14.39 59.11 -37.59
CA ILE D 407 -13.67 57.98 -38.18
C ILE D 407 -14.71 56.99 -38.70
N GLY D 408 -14.61 56.68 -39.99
CA GLY D 408 -15.58 55.83 -40.66
C GLY D 408 -15.66 56.16 -42.13
N LEU D 409 -15.78 55.15 -42.99
CA LEU D 409 -15.69 55.36 -44.43
C LEU D 409 -16.88 54.82 -45.22
N LEU D 410 -17.51 53.74 -44.78
CA LEU D 410 -18.58 53.14 -45.55
C LEU D 410 -19.81 54.04 -45.58
N GLU D 411 -20.60 53.91 -46.64
CA GLU D 411 -21.79 54.72 -46.86
C GLU D 411 -23.03 53.84 -46.71
N GLU D 412 -24.05 54.37 -46.02
CA GLU D 412 -25.26 53.60 -45.74
C GLU D 412 -25.97 53.21 -47.04
N GLU D 413 -26.17 54.16 -47.95
CA GLU D 413 -26.91 53.89 -49.17
C GLU D 413 -26.18 52.85 -50.03
N VAL D 414 -24.87 53.01 -50.19
CA VAL D 414 -24.11 52.09 -51.03
C VAL D 414 -24.14 50.68 -50.45
N VAL D 415 -23.92 50.56 -49.14
CA VAL D 415 -23.94 49.24 -48.50
C VAL D 415 -25.31 48.60 -48.64
N THR D 416 -26.37 49.38 -48.40
CA THR D 416 -27.72 48.83 -48.50
C THR D 416 -28.03 48.37 -49.92
N VAL D 417 -27.69 49.18 -50.91
CA VAL D 417 -27.97 48.83 -52.31
C VAL D 417 -27.19 47.60 -52.73
N LEU D 418 -25.91 47.54 -52.36
CA LEU D 418 -25.09 46.40 -52.75
C LEU D 418 -25.55 45.13 -52.05
N THR D 419 -25.96 45.22 -50.78
CA THR D 419 -26.50 44.06 -50.09
C THR D 419 -27.78 43.58 -50.75
N GLU D 420 -28.67 44.52 -51.11
CA GLU D 420 -29.89 44.14 -51.81
C GLU D 420 -29.60 43.45 -53.13
N ASN D 421 -28.65 43.99 -53.90
CA ASN D 421 -28.33 43.42 -55.20
C ASN D 421 -27.70 42.04 -55.07
N ILE D 422 -26.84 41.85 -54.06
CA ILE D 422 -26.20 40.55 -53.91
C ILE D 422 -27.20 39.52 -53.36
N VAL D 423 -28.20 39.97 -52.60
CA VAL D 423 -29.26 39.05 -52.18
C VAL D 423 -30.16 38.68 -53.35
N LYS D 424 -30.36 39.62 -54.29
CA LYS D 424 -31.31 39.36 -55.37
C LYS D 424 -30.69 38.56 -56.52
N CYS D 425 -29.48 38.91 -56.95
CA CYS D 425 -28.94 38.37 -58.19
C CYS D 425 -28.33 36.98 -58.01
N LYS D 426 -27.34 36.88 -57.13
CA LYS D 426 -26.60 35.65 -56.83
C LYS D 426 -25.66 35.27 -57.96
N ASN D 427 -25.73 35.96 -59.10
CA ASN D 427 -24.89 35.62 -60.24
C ASN D 427 -24.72 36.88 -61.11
N ASN D 428 -23.60 37.57 -60.93
CA ASN D 428 -23.25 38.70 -61.78
C ASN D 428 -21.76 39.00 -61.59
N ILE D 429 -21.00 38.94 -62.68
CA ILE D 429 -19.57 39.18 -62.59
C ILE D 429 -19.28 40.62 -62.16
N LEU D 430 -19.97 41.59 -62.80
CA LEU D 430 -19.74 42.99 -62.48
C LEU D 430 -20.17 43.32 -61.06
N ALA D 431 -21.31 42.78 -60.62
CA ALA D 431 -21.77 43.03 -59.25
C ALA D 431 -20.78 42.47 -58.23
N HIS D 432 -20.30 41.24 -58.45
CA HIS D 432 -19.32 40.66 -57.54
C HIS D 432 -18.04 41.48 -57.53
N ARG D 433 -17.59 41.92 -58.71
CA ARG D 433 -16.36 42.71 -58.78
C ARG D 433 -16.51 44.03 -58.02
N ILE D 434 -17.63 44.72 -58.22
CA ILE D 434 -17.85 45.99 -57.54
C ILE D 434 -17.93 45.79 -56.03
N LEU D 435 -18.66 44.75 -55.60
CA LEU D 435 -18.78 44.47 -54.17
C LEU D 435 -17.42 44.16 -53.56
N CYS D 436 -16.61 43.35 -54.24
CA CYS D 436 -15.28 43.03 -53.73
C CYS D 436 -14.40 44.27 -53.66
N GLN D 437 -14.45 45.12 -54.70
CA GLN D 437 -13.65 46.34 -54.69
C GLN D 437 -14.04 47.24 -53.52
N TYR D 438 -15.34 47.42 -53.31
CA TYR D 438 -15.80 48.23 -52.19
C TYR D 438 -15.37 47.62 -50.86
N TYR D 439 -15.42 46.28 -50.76
CA TYR D 439 -14.96 45.61 -49.55
C TYR D 439 -13.50 45.93 -49.26
N LEU D 440 -12.59 45.59 -50.17
CA LEU D 440 -11.20 45.75 -49.77
C LEU D 440 -10.78 47.21 -49.72
N LEU D 441 -11.52 48.11 -50.38
CA LEU D 441 -11.21 49.53 -50.24
C LEU D 441 -11.70 50.07 -48.91
N THR D 442 -12.80 49.52 -48.38
CA THR D 442 -13.32 49.88 -47.07
C THR D 442 -12.65 49.12 -45.93
N LYS D 443 -11.48 48.52 -46.19
CA LYS D 443 -10.76 47.73 -45.20
C LYS D 443 -11.63 46.59 -44.66
N GLU D 444 -12.24 45.84 -45.58
CA GLU D 444 -13.11 44.71 -45.25
C GLU D 444 -12.53 43.47 -45.94
N TYR D 445 -11.62 42.79 -45.25
CA TYR D 445 -10.98 41.60 -45.81
C TYR D 445 -11.72 40.32 -45.44
N GLU D 446 -11.99 40.13 -44.14
CA GLU D 446 -12.65 38.90 -43.70
C GLU D 446 -14.06 38.79 -44.25
N ALA D 447 -14.81 39.90 -44.24
CA ALA D 447 -16.17 39.88 -44.77
C ALA D 447 -16.20 39.67 -46.27
N ALA D 448 -15.10 39.94 -46.97
CA ALA D 448 -15.04 39.79 -48.42
C ALA D 448 -14.64 38.39 -48.86
N LEU D 449 -14.21 37.52 -47.94
CA LEU D 449 -13.76 36.19 -48.35
C LEU D 449 -14.85 35.35 -49.00
N PRO D 450 -16.05 35.20 -48.40
CA PRO D 450 -17.09 34.40 -49.09
C PRO D 450 -17.50 34.99 -50.42
N TYR D 451 -17.54 36.32 -50.53
CA TYR D 451 -17.94 36.93 -51.79
C TYR D 451 -16.87 36.75 -52.86
N ILE D 452 -15.60 36.82 -52.47
CA ILE D 452 -14.52 36.53 -53.42
C ILE D 452 -14.56 35.06 -53.84
N LYS D 453 -14.92 34.17 -52.91
CA LYS D 453 -15.08 32.77 -53.27
C LYS D 453 -16.21 32.57 -54.27
N ASN D 454 -17.33 33.27 -54.06
CA ASN D 454 -18.43 33.20 -55.02
C ASN D 454 -18.01 33.78 -56.37
N GLY D 455 -17.23 34.86 -56.36
CA GLY D 455 -16.77 35.44 -57.61
C GLY D 455 -15.81 34.53 -58.36
N ILE D 456 -14.93 33.83 -57.65
CA ILE D 456 -14.03 32.89 -58.30
C ILE D 456 -14.82 31.70 -58.82
N SER D 457 -15.89 31.30 -58.12
CA SER D 457 -16.76 30.25 -58.64
C SER D 457 -17.44 30.70 -59.94
N LEU D 458 -17.89 31.95 -59.98
CA LEU D 458 -18.53 32.46 -61.20
C LEU D 458 -17.53 32.58 -62.34
N ILE D 459 -16.30 33.00 -62.05
CA ILE D 459 -15.29 33.10 -63.10
C ILE D 459 -14.90 31.71 -63.60
N ALA D 460 -14.89 30.71 -62.71
CA ALA D 460 -14.67 29.33 -63.14
C ALA D 460 -15.83 28.85 -64.01
N TYR D 461 -17.06 29.24 -63.65
CA TYR D 461 -18.22 28.93 -64.48
C TYR D 461 -18.04 29.51 -65.89
N ASN D 462 -17.62 30.77 -65.98
CA ASN D 462 -17.42 31.41 -67.27
C ASN D 462 -16.29 30.75 -68.05
N ILE D 463 -15.21 30.38 -67.36
CA ILE D 463 -14.09 29.70 -68.02
C ILE D 463 -14.54 28.36 -68.59
N LYS D 464 -15.31 27.60 -67.81
CA LYS D 464 -15.83 26.33 -68.31
C LYS D 464 -16.86 26.53 -69.41
N ASP D 465 -17.49 27.69 -69.46
CA ASP D 465 -18.46 28.01 -70.50
C ASP D 465 -17.80 28.79 -71.64
N HIS D 469 -12.87 34.03 -72.98
CA HIS D 469 -12.09 33.77 -71.76
C HIS D 469 -11.04 34.85 -71.54
N LEU D 470 -11.49 36.08 -71.35
CA LEU D 470 -10.58 37.19 -71.08
C LEU D 470 -10.05 37.08 -69.66
N PRO D 471 -8.73 37.00 -69.46
CA PRO D 471 -8.19 36.92 -68.09
C PRO D 471 -8.05 38.25 -67.38
N LEU D 472 -8.58 39.33 -67.96
CA LEU D 472 -8.48 40.64 -67.32
C LEU D 472 -9.22 40.67 -65.99
N THR D 473 -10.41 40.06 -65.94
CA THR D 473 -11.16 39.98 -64.69
C THR D 473 -10.57 38.94 -63.74
N LYS D 474 -10.08 37.82 -64.29
CA LYS D 474 -9.49 36.79 -63.45
C LYS D 474 -8.26 37.30 -62.73
N ARG D 475 -7.43 38.08 -63.41
CA ARG D 475 -6.25 38.66 -62.77
C ARG D 475 -6.63 39.60 -61.65
N GLU D 476 -7.65 40.45 -61.87
CA GLU D 476 -8.10 41.36 -60.82
C GLU D 476 -8.64 40.60 -59.62
N PHE D 477 -9.41 39.54 -59.86
CA PHE D 477 -9.95 38.76 -58.76
C PHE D 477 -8.83 38.03 -58.01
N SER D 478 -7.83 37.53 -58.72
CA SER D 478 -6.69 36.91 -58.06
C SER D 478 -5.92 37.92 -57.21
N LEU D 479 -5.77 39.14 -57.72
CA LEU D 479 -5.13 40.19 -56.92
C LEU D 479 -5.93 40.50 -55.67
N ASP D 480 -7.25 40.57 -55.80
CA ASP D 480 -8.09 40.81 -54.63
C ASP D 480 -7.95 39.71 -53.60
N LEU D 481 -7.97 38.45 -54.06
CA LEU D 481 -7.83 37.32 -53.13
C LEU D 481 -6.46 37.32 -52.47
N ALA D 482 -5.41 37.64 -53.24
CA ALA D 482 -4.06 37.67 -52.68
C ALA D 482 -3.92 38.78 -51.64
N THR D 483 -4.52 39.95 -51.90
CA THR D 483 -4.49 41.02 -50.91
C THR D 483 -5.26 40.62 -49.65
N VAL D 484 -6.40 39.94 -49.82
CA VAL D 484 -7.16 39.47 -48.66
C VAL D 484 -6.33 38.49 -47.84
N TYR D 485 -5.66 37.55 -48.50
CA TYR D 485 -4.80 36.62 -47.79
C TYR D 485 -3.66 37.33 -47.08
N THR D 486 -3.05 38.31 -47.74
CA THR D 486 -1.91 39.01 -47.16
C THR D 486 -2.32 39.82 -45.93
N TYR D 487 -3.48 40.47 -45.98
CA TYR D 487 -3.87 41.35 -44.88
C TYR D 487 -4.51 40.56 -43.74
N VAL D 488 -5.54 39.76 -44.05
CA VAL D 488 -6.29 39.07 -43.00
C VAL D 488 -5.40 38.05 -42.29
N ASP D 489 -4.67 37.25 -43.07
CA ASP D 489 -3.83 36.20 -42.48
C ASP D 489 -2.35 36.51 -42.66
N PRO D 491 -0.25 35.04 -40.06
CA PRO D 491 0.86 34.41 -40.76
C PRO D 491 0.58 32.96 -41.15
N LYS D 492 -0.69 32.67 -41.45
CA LYS D 492 -1.09 31.34 -41.89
C LYS D 492 -1.19 31.21 -43.40
N ASP D 493 -1.75 32.22 -44.08
CA ASP D 493 -1.90 32.20 -45.53
C ASP D 493 -0.84 33.04 -46.23
N HIS D 494 0.22 33.44 -45.51
CA HIS D 494 1.26 34.26 -46.13
C HIS D 494 1.97 33.50 -47.25
N ASN D 495 2.28 32.22 -47.04
CA ASN D 495 2.98 31.44 -48.04
C ASN D 495 2.12 31.24 -49.28
N ALA D 496 0.82 31.00 -49.10
CA ALA D 496 -0.08 30.85 -50.23
C ALA D 496 -0.16 32.15 -51.03
N ALA D 497 -0.26 33.29 -50.34
CA ALA D 497 -0.29 34.57 -51.03
C ALA D 497 1.02 34.84 -51.77
N LEU D 498 2.15 34.44 -51.17
CA LEU D 498 3.44 34.61 -51.84
C LEU D 498 3.51 33.75 -53.10
N LYS D 499 3.04 32.51 -53.03
CA LYS D 499 3.02 31.65 -54.21
C LYS D 499 2.10 32.24 -55.28
N LEU D 500 0.96 32.78 -54.87
CA LEU D 500 0.05 33.42 -55.83
C LEU D 500 0.70 34.62 -56.49
N TYR D 501 1.43 35.43 -55.70
CA TYR D 501 2.16 36.56 -56.27
C TYR D 501 3.24 36.09 -57.25
N ASP D 502 3.95 35.02 -56.91
CA ASP D 502 4.97 34.49 -57.81
C ASP D 502 4.34 34.04 -59.14
N ASN D 503 3.22 33.33 -59.06
CA ASN D 503 2.53 32.90 -60.27
C ASN D 503 2.04 34.09 -61.08
N ILE D 504 1.49 35.11 -60.41
CA ILE D 504 0.98 36.29 -61.10
C ILE D 504 2.12 37.01 -61.82
N LEU D 505 3.25 37.19 -61.13
CA LEU D 505 4.39 37.87 -61.74
C LEU D 505 4.96 37.07 -62.90
N SER D 506 5.01 35.75 -62.77
CA SER D 506 5.52 34.92 -63.86
C SER D 506 4.60 34.97 -65.08
N GLY D 507 3.28 34.95 -64.86
CA GLY D 507 2.34 34.92 -65.96
C GLY D 507 2.07 36.27 -66.60
N ASP D 508 2.23 37.37 -65.87
CA ASP D 508 1.94 38.69 -66.38
C ASP D 508 3.19 39.56 -66.50
N PHE D 509 3.92 39.76 -65.39
CA PHE D 509 5.12 40.59 -65.37
C PHE D 509 4.83 42.00 -65.88
N SER D 510 3.62 42.50 -65.63
CA SER D 510 3.23 43.83 -66.07
C SER D 510 2.47 44.62 -65.02
N ASN D 511 2.28 44.09 -63.82
CA ASN D 511 1.56 44.77 -62.76
C ASN D 511 2.52 45.10 -61.62
N ILE D 512 2.58 46.37 -61.24
CA ILE D 512 3.40 46.78 -60.11
C ILE D 512 2.71 46.53 -58.77
N GLN D 513 1.40 46.28 -58.79
CA GLN D 513 0.69 45.94 -57.55
C GLN D 513 1.19 44.63 -56.97
N ALA D 514 1.39 43.62 -57.82
CA ALA D 514 1.95 42.35 -57.35
C ALA D 514 3.37 42.54 -56.83
N LYS D 515 4.16 43.36 -57.51
CA LYS D 515 5.52 43.62 -57.06
C LYS D 515 5.53 44.27 -55.69
N MET D 516 4.67 45.26 -55.48
CA MET D 516 4.64 45.93 -54.17
C MET D 516 4.06 45.03 -53.10
N GLY D 517 3.12 44.15 -53.44
CA GLY D 517 2.65 43.18 -52.48
C GLY D 517 3.72 42.20 -52.06
N LYS D 518 4.50 41.71 -53.02
CA LYS D 518 5.62 40.82 -52.68
C LYS D 518 6.66 41.57 -51.86
N GLY D 519 6.87 42.85 -52.16
CA GLY D 519 7.77 43.65 -51.34
C GLY D 519 7.26 43.81 -49.91
N ILE D 520 5.96 43.99 -49.75
CA ILE D 520 5.37 44.07 -48.41
C ILE D 520 5.58 42.75 -47.67
N ILE D 521 5.34 41.63 -48.35
CA ILE D 521 5.51 40.33 -47.71
C ILE D 521 6.97 40.11 -47.32
N PHE D 522 7.90 40.54 -48.17
CA PHE D 522 9.31 40.42 -47.85
C PHE D 522 9.70 41.33 -46.69
N ILE D 523 9.10 42.52 -46.61
CA ILE D 523 9.41 43.44 -45.52
C ILE D 523 8.91 42.90 -44.19
N GLU D 524 7.67 42.41 -44.16
CA GLU D 524 7.10 41.92 -42.90
C GLU D 524 7.81 40.67 -42.40
N ARG D 525 8.51 39.94 -43.27
CA ARG D 525 9.25 38.75 -42.89
C ARG D 525 10.72 39.01 -42.68
N LYS D 526 11.11 40.29 -42.61
CA LYS D 526 12.50 40.71 -42.39
C LYS D 526 13.42 40.26 -43.53
N ASN D 527 12.87 39.98 -44.70
CA ASN D 527 13.65 39.60 -45.87
C ASN D 527 13.78 40.83 -46.76
N TRP D 528 14.81 41.63 -46.50
CA TRP D 528 14.97 42.91 -47.18
C TRP D 528 15.84 42.81 -48.43
N LYS D 529 16.63 41.74 -48.58
CA LYS D 529 17.60 41.69 -49.68
C LYS D 529 16.92 41.83 -51.03
N ASP D 530 15.83 41.09 -51.24
CA ASP D 530 15.03 41.25 -52.45
C ASP D 530 14.22 42.53 -52.44
N ALA D 531 13.91 43.06 -51.25
CA ALA D 531 13.08 44.25 -51.16
C ALA D 531 13.77 45.47 -51.77
N MET D 532 15.07 45.63 -51.53
CA MET D 532 15.78 46.76 -52.12
C MET D 532 15.75 46.68 -53.64
N THR D 533 16.00 45.49 -54.20
CA THR D 533 15.99 45.34 -55.66
C THR D 533 14.60 45.63 -56.22
N LEU D 534 13.56 45.07 -55.60
CA LEU D 534 12.20 45.27 -56.11
C LEU D 534 11.81 46.73 -56.04
N LEU D 535 12.09 47.38 -54.90
CA LEU D 535 11.71 48.78 -54.74
C LEU D 535 12.49 49.68 -55.68
N THR D 536 13.78 49.41 -55.87
CA THR D 536 14.56 50.19 -56.82
C THR D 536 14.03 50.03 -58.23
N GLN D 537 13.67 48.81 -58.63
CA GLN D 537 13.12 48.59 -59.96
C GLN D 537 11.80 49.32 -60.13
N VAL D 538 10.92 49.26 -59.12
CA VAL D 538 9.63 49.94 -59.22
C VAL D 538 9.83 51.46 -59.29
N HIS D 539 10.73 52.00 -58.45
CA HIS D 539 10.99 53.44 -58.46
C HIS D 539 11.59 53.88 -59.79
N GLU D 540 12.45 53.06 -60.38
CA GLU D 540 12.97 53.36 -61.71
C GLU D 540 11.86 53.35 -62.75
N GLN D 541 10.92 52.40 -62.63
CA GLN D 541 9.78 52.36 -63.54
C GLN D 541 8.95 53.63 -63.45
N SER D 542 8.69 54.11 -62.23
CA SER D 542 7.90 55.31 -62.02
C SER D 542 8.30 55.93 -60.69
N PRO D 543 9.16 56.96 -60.71
CA PRO D 543 9.58 57.65 -59.48
C PRO D 543 8.60 58.74 -59.04
N ASN D 544 7.31 58.41 -59.07
CA ASN D 544 6.26 59.37 -58.74
C ASN D 544 5.31 58.90 -57.65
N ASN D 545 5.11 57.59 -57.51
CA ASN D 545 4.26 57.07 -56.46
C ASN D 545 4.86 57.39 -55.10
N LEU D 546 4.14 58.19 -54.30
CA LEU D 546 4.66 58.61 -53.00
C LEU D 546 4.89 57.41 -52.08
N GLU D 547 3.94 56.47 -52.07
CA GLU D 547 4.11 55.29 -51.23
C GLU D 547 5.30 54.44 -51.70
N VAL D 548 5.51 54.32 -53.01
CA VAL D 548 6.64 53.56 -53.52
C VAL D 548 7.95 54.17 -53.03
N LEU D 549 8.06 55.50 -53.13
CA LEU D 549 9.24 56.18 -52.59
C LEU D 549 9.36 55.97 -51.09
N SER D 550 8.23 55.91 -50.39
CA SER D 550 8.26 55.67 -48.95
C SER D 550 8.89 54.32 -48.64
N GLU D 551 8.43 53.25 -49.29
CA GLU D 551 9.03 51.94 -49.01
C GLU D 551 10.47 51.88 -49.48
N LEU D 552 10.79 52.53 -50.61
CA LEU D 552 12.18 52.52 -51.09
C LEU D 552 13.11 53.15 -50.06
N SER D 553 12.73 54.32 -49.54
CA SER D 553 13.53 54.98 -48.52
C SER D 553 13.59 54.15 -47.24
N TRP D 554 12.48 53.52 -46.86
CA TRP D 554 12.47 52.63 -45.70
C TRP D 554 13.50 51.53 -45.84
N SER D 555 13.47 50.81 -46.97
CA SER D 555 14.39 49.70 -47.19
C SER D 555 15.83 50.18 -47.25
N LYS D 556 16.07 51.33 -47.90
CA LYS D 556 17.42 51.86 -47.95
C LYS D 556 17.93 52.22 -46.56
N ALA D 557 17.07 52.81 -45.73
CA ALA D 557 17.48 53.23 -44.39
C ALA D 557 17.74 52.04 -43.48
N HIS D 558 17.01 50.94 -43.66
CA HIS D 558 17.17 49.80 -42.75
C HIS D 558 18.56 49.19 -42.82
N MET D 559 19.31 49.42 -43.90
CA MET D 559 20.70 48.97 -43.95
C MET D 559 21.44 49.74 -45.04
N GLY D 560 22.64 50.21 -44.70
CA GLY D 560 23.50 50.86 -45.67
C GLY D 560 23.30 52.36 -45.80
N TYR D 561 22.53 52.77 -46.80
CA TYR D 561 22.41 54.17 -47.17
C TYR D 561 21.36 54.86 -46.29
N MET D 562 21.79 55.90 -45.57
CA MET D 562 20.89 56.70 -44.76
C MET D 562 20.89 58.17 -45.14
N ASP D 563 21.72 58.59 -46.09
CA ASP D 563 21.83 60.00 -46.45
C ASP D 563 20.52 60.52 -47.03
N GLU D 564 20.10 59.97 -48.17
CA GLU D 564 18.89 60.41 -48.84
C GLU D 564 17.65 59.63 -48.41
N ALA D 565 17.80 58.67 -47.49
CA ALA D 565 16.65 57.94 -46.99
C ALA D 565 15.68 58.86 -46.25
N LEU D 566 16.23 59.78 -45.44
CA LEU D 566 15.38 60.76 -44.77
C LEU D 566 14.69 61.66 -45.78
N ALA D 567 15.43 62.14 -46.78
CA ALA D 567 14.87 63.07 -47.76
C ALA D 567 13.89 62.39 -48.71
N GLY D 568 13.93 61.06 -48.81
CA GLY D 568 12.98 60.37 -49.67
C GLY D 568 11.54 60.56 -49.23
N LEU D 569 11.29 60.53 -47.93
CA LEU D 569 9.95 60.73 -47.39
C LEU D 569 9.49 62.18 -47.46
N ASP D 570 10.41 63.13 -47.68
CA ASP D 570 10.03 64.53 -47.72
C ASP D 570 9.08 64.81 -48.88
N THR D 571 9.39 64.29 -50.06
CA THR D 571 8.48 64.44 -51.19
C THR D 571 7.19 63.65 -50.99
N VAL D 572 7.19 62.67 -50.09
CA VAL D 572 5.97 61.94 -49.80
C VAL D 572 5.07 62.73 -48.85
N ILE D 573 5.65 63.26 -47.77
CA ILE D 573 4.85 64.00 -46.80
C ILE D 573 4.37 65.33 -47.40
N LYS D 574 5.22 65.99 -48.17
CA LYS D 574 4.87 67.31 -48.70
C LYS D 574 3.81 67.23 -49.78
N GLY D 575 3.80 66.14 -50.55
CA GLY D 575 2.91 66.01 -51.69
C GLY D 575 1.56 65.39 -51.43
N ILE D 576 1.20 65.15 -50.16
CA ILE D 576 -0.09 64.52 -49.87
C ILE D 576 -1.24 65.48 -50.14
N LYS D 577 -1.31 66.57 -49.37
CA LYS D 577 -2.40 67.55 -49.47
C LYS D 577 -3.76 66.85 -49.41
N GLY D 578 -3.88 65.89 -48.50
CA GLY D 578 -5.10 65.10 -48.38
C GLY D 578 -5.94 65.44 -47.17
N MET D 579 -7.25 65.15 -47.26
CA MET D 579 -8.17 65.44 -46.17
C MET D 579 -9.01 64.25 -45.74
N ASP D 580 -8.92 63.11 -46.41
CA ASP D 580 -9.69 61.94 -46.01
C ASP D 580 -9.02 61.24 -44.84
N LEU D 581 -9.75 60.29 -44.24
CA LEU D 581 -9.19 59.50 -43.15
C LEU D 581 -7.99 58.70 -43.63
N ARG D 582 -8.08 58.13 -44.83
CA ARG D 582 -6.95 57.41 -45.40
C ARG D 582 -5.75 58.33 -45.56
N SER D 583 -5.98 59.56 -46.04
CA SER D 583 -4.89 60.52 -46.18
C SER D 583 -4.29 60.86 -44.82
N ILE D 584 -5.13 61.03 -43.80
CA ILE D 584 -4.63 61.39 -42.48
C ILE D 584 -3.76 60.27 -41.91
N ASP D 585 -4.23 59.02 -42.01
CA ASP D 585 -3.44 57.93 -41.46
C ASP D 585 -2.19 57.66 -42.31
N PHE D 586 -2.24 57.93 -43.61
CA PHE D 586 -1.05 57.80 -44.43
C PHE D 586 0.00 58.85 -44.05
N ARG D 587 -0.44 60.08 -43.77
CA ARG D 587 0.48 61.10 -43.30
C ARG D 587 1.07 60.71 -41.95
N ALA D 588 0.24 60.17 -41.05
CA ALA D 588 0.75 59.71 -39.76
C ALA D 588 1.77 58.59 -39.94
N LEU D 589 1.50 57.65 -40.84
CA LEU D 589 2.43 56.56 -41.10
C LEU D 589 3.74 57.08 -41.67
N ASN D 590 3.67 58.05 -42.59
CA ASN D 590 4.88 58.62 -43.15
C ASN D 590 5.70 59.35 -42.10
N LEU D 591 5.03 60.09 -41.21
CA LEU D 591 5.74 60.76 -40.13
C LEU D 591 6.41 59.76 -39.20
N TRP D 592 5.69 58.67 -38.86
CA TRP D 592 6.29 57.65 -38.02
C TRP D 592 7.49 57.00 -38.69
N ARG D 593 7.37 56.71 -39.99
CA ARG D 593 8.48 56.11 -40.73
C ARG D 593 9.69 57.03 -40.74
N GLN D 594 9.47 58.33 -40.99
CA GLN D 594 10.60 59.25 -41.03
C GLN D 594 11.25 59.38 -39.66
N ALA D 595 10.44 59.42 -38.59
CA ALA D 595 11.01 59.47 -37.25
C ALA D 595 11.82 58.20 -36.95
N LYS D 596 11.29 57.05 -37.35
CA LYS D 596 11.97 55.79 -37.07
C LYS D 596 13.30 55.70 -37.81
N VAL D 597 13.31 56.00 -39.11
CA VAL D 597 14.56 55.98 -39.85
C VAL D 597 15.50 57.07 -39.36
N TYR D 598 14.95 58.15 -38.82
CA TYR D 598 15.77 59.26 -38.37
C TYR D 598 16.53 58.89 -37.11
N ILE D 599 15.84 58.26 -36.14
CA ILE D 599 16.55 57.77 -34.97
C ILE D 599 17.46 56.59 -35.33
N MET D 600 17.07 55.80 -36.33
CA MET D 600 17.94 54.71 -36.79
C MET D 600 19.27 55.25 -37.32
N LYS D 601 19.22 56.32 -38.11
CA LYS D 601 20.44 56.96 -38.57
C LYS D 601 21.18 57.63 -37.41
N HIS D 602 20.44 58.17 -36.44
CA HIS D 602 21.06 58.76 -35.27
C HIS D 602 21.74 57.72 -34.38
N ALA D 603 21.42 56.44 -34.55
CA ALA D 603 22.07 55.40 -33.77
C ALA D 603 23.56 55.34 -34.07
N SER D 604 23.93 55.46 -35.35
CA SER D 604 25.33 55.43 -35.74
C SER D 604 25.96 56.81 -35.67
N ALA D 608 25.69 62.25 -27.07
CA ALA D 608 26.02 63.67 -27.02
C ALA D 608 25.05 64.49 -27.87
N LYS D 609 24.96 64.12 -29.15
CA LYS D 609 24.05 64.82 -30.06
C LYS D 609 22.61 64.59 -29.66
N GLN D 610 21.81 65.67 -29.68
CA GLN D 610 20.41 65.60 -29.28
C GLN D 610 19.47 66.27 -30.27
N GLU D 611 19.99 66.87 -31.35
CA GLU D 611 19.11 67.46 -32.36
C GLU D 611 18.28 66.39 -33.05
N ASN D 612 18.87 65.21 -33.27
CA ASN D 612 18.13 64.12 -33.89
C ASN D 612 16.96 63.66 -33.02
N VAL D 613 17.21 63.52 -31.71
CA VAL D 613 16.16 63.10 -30.79
C VAL D 613 15.06 64.15 -30.76
N LYS D 614 15.43 65.42 -30.70
CA LYS D 614 14.43 66.49 -30.66
C LYS D 614 13.59 66.52 -31.93
N CYS D 615 14.24 66.34 -33.09
CA CYS D 615 13.50 66.34 -34.35
C CYS D 615 12.54 65.17 -34.43
N ALA D 616 12.98 63.98 -34.03
CA ALA D 616 12.10 62.82 -34.01
C ALA D 616 10.94 63.04 -33.04
N PHE D 617 11.22 63.65 -31.89
CA PHE D 617 10.17 63.97 -30.94
C PHE D 617 9.14 64.90 -31.55
N LYS D 618 9.59 65.94 -32.26
CA LYS D 618 8.66 66.87 -32.88
C LYS D 618 7.81 66.18 -33.94
N LEU D 619 8.43 65.34 -34.76
CA LEU D 619 7.67 64.63 -35.80
C LEU D 619 6.63 63.70 -35.17
N LEU D 620 7.01 62.98 -34.12
CA LEU D 620 6.06 62.07 -33.47
C LEU D 620 4.93 62.84 -32.79
N ILE D 621 5.26 64.00 -32.20
CA ILE D 621 4.23 64.83 -31.57
C ILE D 621 3.25 65.31 -32.63
N GLN D 622 3.75 65.74 -33.78
CA GLN D 622 2.86 66.17 -34.86
C GLN D 622 1.97 65.02 -35.34
N SER D 623 2.55 63.82 -35.47
CA SER D 623 1.75 62.66 -35.88
C SER D 623 0.65 62.36 -34.87
N ILE D 624 0.98 62.39 -33.58
CA ILE D 624 0.00 62.11 -32.55
C ILE D 624 -1.10 63.18 -32.55
N LYS D 625 -0.71 64.44 -32.78
CA LYS D 625 -1.70 65.51 -32.85
C LYS D 625 -2.64 65.35 -34.03
N ILE D 626 -2.11 64.96 -35.19
CA ILE D 626 -2.96 64.80 -36.37
C ILE D 626 -3.71 63.48 -36.40
N LEU D 627 -3.39 62.54 -35.52
CA LEU D 627 -4.07 61.26 -35.49
C LEU D 627 -4.92 61.04 -34.24
N ASP D 628 -4.36 61.29 -33.06
CA ASP D 628 -5.00 61.15 -31.74
C ASP D 628 -5.37 59.71 -31.41
N THR D 629 -5.07 58.75 -32.28
CA THR D 629 -5.25 57.33 -31.97
C THR D 629 -4.10 56.49 -32.49
N PHE D 630 -2.99 57.12 -32.89
CA PHE D 630 -1.90 56.43 -33.58
C PHE D 630 -1.00 55.79 -32.53
N ALA D 631 -1.30 54.53 -32.21
CA ALA D 631 -0.56 53.82 -31.17
C ALA D 631 0.94 53.75 -31.41
N PRO D 632 1.44 53.48 -32.63
CA PRO D 632 2.90 53.47 -32.82
C PRO D 632 3.57 54.78 -32.47
N GLY D 633 2.87 55.91 -32.59
CA GLY D 633 3.44 57.18 -32.16
C GLY D 633 3.71 57.21 -30.67
N PHE D 634 2.72 56.78 -29.88
CA PHE D 634 2.92 56.68 -28.44
C PHE D 634 4.00 55.66 -28.09
N SER D 635 4.05 54.55 -28.84
CA SER D 635 5.07 53.54 -28.59
C SER D 635 6.47 54.11 -28.81
N THR D 636 6.68 54.81 -29.92
CA THR D 636 7.98 55.40 -30.20
C THR D 636 8.32 56.51 -29.21
N LEU D 637 7.31 57.29 -28.81
CA LEU D 637 7.56 58.32 -27.79
C LEU D 637 8.00 57.71 -26.48
N GLY D 638 7.36 56.61 -26.06
CA GLY D 638 7.78 55.93 -24.86
C GLY D 638 9.17 55.33 -25.00
N ASP D 639 9.49 54.79 -26.17
CA ASP D 639 10.83 54.28 -26.42
C ASP D 639 11.88 55.38 -26.25
N ILE D 640 11.62 56.54 -26.85
CA ILE D 640 12.57 57.65 -26.74
C ILE D 640 12.69 58.11 -25.29
N TYR D 641 11.56 58.25 -24.60
CA TYR D 641 11.59 58.72 -23.22
C TYR D 641 12.33 57.75 -22.32
N CYS D 642 12.18 56.45 -22.55
CA CYS D 642 12.87 55.47 -21.71
C CYS D 642 14.36 55.41 -22.03
N HIS D 643 14.72 55.51 -23.30
CA HIS D 643 16.10 55.28 -23.69
C HIS D 643 16.99 56.51 -23.52
N TYR D 644 16.54 57.68 -24.00
CA TYR D 644 17.40 58.84 -24.10
C TYR D 644 17.15 59.89 -23.02
N TYR D 645 15.90 60.31 -22.84
CA TYR D 645 15.61 61.37 -21.87
C TYR D 645 15.68 60.89 -20.43
N LYS D 646 15.72 59.57 -20.20
CA LYS D 646 15.83 59.01 -18.86
C LYS D 646 14.74 59.52 -17.93
N ASP D 647 13.50 59.47 -18.42
CA ASP D 647 12.33 59.87 -17.66
C ASP D 647 11.42 58.65 -17.42
N HIS D 648 10.75 58.67 -16.28
CA HIS D 648 9.94 57.52 -15.84
C HIS D 648 8.45 57.72 -16.12
N LEU D 649 7.87 58.78 -15.57
CA LEU D 649 6.42 58.96 -15.65
C LEU D 649 5.96 59.16 -17.09
N ARG D 650 6.70 59.95 -17.87
CA ARG D 650 6.29 60.22 -19.24
C ARG D 650 6.29 58.94 -20.08
N ALA D 651 7.35 58.14 -19.95
CA ALA D 651 7.42 56.88 -20.68
C ALA D 651 6.30 55.94 -20.26
N PHE D 652 6.01 55.89 -18.95
CA PHE D 652 4.92 55.04 -18.48
C PHE D 652 3.59 55.47 -19.06
N LYS D 653 3.31 56.78 -19.07
CA LYS D 653 2.04 57.26 -19.61
C LYS D 653 1.93 56.98 -21.10
N CYS D 654 3.01 57.22 -21.85
CA CYS D 654 2.98 56.95 -23.29
C CYS D 654 2.76 55.48 -23.57
N TYR D 655 3.46 54.61 -22.85
CA TYR D 655 3.30 53.17 -23.04
C TYR D 655 1.90 52.72 -22.64
N PHE D 656 1.36 53.30 -21.57
CA PHE D 656 0.01 52.96 -21.14
C PHE D 656 -1.02 53.32 -22.20
N LYS D 657 -0.89 54.51 -22.79
CA LYS D 657 -1.79 54.90 -23.87
C LYS D 657 -1.63 53.98 -25.08
N ALA D 658 -0.39 53.65 -25.43
CA ALA D 658 -0.15 52.79 -26.59
C ALA D 658 -0.76 51.41 -26.38
N PHE D 659 -0.60 50.84 -25.18
CA PHE D 659 -1.15 49.51 -24.93
C PHE D 659 -2.67 49.53 -24.85
N ASP D 660 -3.23 50.58 -24.25
CA ASP D 660 -4.69 50.69 -24.18
C ASP D 660 -5.29 50.81 -25.57
N LEU D 661 -4.66 51.60 -26.44
CA LEU D 661 -5.14 51.70 -27.82
C LEU D 661 -4.89 50.41 -28.58
N ASP D 662 -3.69 49.84 -28.46
CA ASP D 662 -3.35 48.61 -29.14
C ASP D 662 -3.46 47.40 -28.22
N ASP D 665 1.10 44.52 -28.72
CA ASP D 665 2.16 45.46 -28.37
C ASP D 665 3.01 44.89 -27.24
N TYR D 666 4.09 44.21 -27.62
CA TYR D 666 4.87 43.47 -26.64
C TYR D 666 5.66 44.40 -25.72
N THR D 667 6.33 45.41 -26.29
CA THR D 667 7.23 46.23 -25.49
C THR D 667 6.47 47.09 -24.50
N ALA D 668 5.35 47.69 -24.91
CA ALA D 668 4.56 48.50 -23.99
C ALA D 668 4.01 47.67 -22.85
N ALA D 669 3.47 46.49 -23.17
CA ALA D 669 2.95 45.61 -22.13
C ALA D 669 4.04 45.17 -21.17
N LYS D 670 5.22 44.85 -21.70
CA LYS D 670 6.33 44.45 -20.84
C LYS D 670 6.74 45.60 -19.92
N TYR D 671 6.82 46.82 -20.45
CA TYR D 671 7.20 47.95 -19.63
C TYR D 671 6.19 48.21 -18.51
N ILE D 672 4.89 48.18 -18.83
CA ILE D 672 3.88 48.41 -17.81
C ILE D 672 3.89 47.30 -16.77
N THR D 673 4.02 46.05 -17.21
CA THR D 673 4.05 44.93 -16.27
C THR D 673 5.27 44.99 -15.36
N GLU D 674 6.41 45.39 -15.90
CA GLU D 674 7.59 45.56 -15.06
C GLU D 674 7.42 46.71 -14.08
N THR D 675 6.76 47.79 -14.50
CA THR D 675 6.51 48.90 -13.59
C THR D 675 5.60 48.49 -12.44
N TYR D 676 4.52 47.76 -12.75
CA TYR D 676 3.63 47.28 -11.70
C TYR D 676 4.31 46.27 -10.78
N ALA D 677 4.98 45.27 -11.37
CA ALA D 677 5.53 44.17 -10.58
C ALA D 677 6.59 44.63 -9.59
N SER D 678 7.23 45.76 -9.84
CA SER D 678 8.28 46.25 -8.95
C SER D 678 7.73 47.09 -7.80
N LYS D 679 6.43 47.39 -7.78
CA LYS D 679 5.88 48.20 -6.69
C LYS D 679 5.87 47.46 -5.36
N PRO D 680 5.31 46.24 -5.25
CA PRO D 680 4.63 45.37 -6.22
C PRO D 680 3.11 45.53 -6.21
N ASN D 681 2.49 45.28 -7.37
CA ASN D 681 1.03 45.30 -7.51
C ASN D 681 0.69 44.16 -8.47
N TRP D 682 0.45 42.98 -7.90
CA TRP D 682 0.32 41.79 -8.72
C TRP D 682 -1.05 41.65 -9.39
N GLN D 683 -2.08 42.34 -8.87
CA GLN D 683 -3.38 42.29 -9.52
C GLN D 683 -3.36 43.03 -10.85
N ALA D 684 -2.81 44.24 -10.86
CA ALA D 684 -2.73 45.01 -12.09
C ALA D 684 -1.78 44.36 -13.10
N ALA D 685 -0.64 43.85 -12.62
CA ALA D 685 0.28 43.14 -13.51
C ALA D 685 -0.38 41.89 -14.08
N SER D 686 -1.14 41.18 -13.25
CA SER D 686 -1.87 40.01 -13.74
C SER D 686 -2.88 40.41 -14.80
N SER D 687 -3.58 41.54 -14.60
CA SER D 687 -4.55 41.98 -15.59
C SER D 687 -3.87 42.32 -16.91
N ILE D 688 -2.74 43.03 -16.86
CA ILE D 688 -2.03 43.38 -18.09
C ILE D 688 -1.53 42.12 -18.81
N ALA D 689 -0.92 41.21 -18.06
CA ALA D 689 -0.39 39.99 -18.67
C ALA D 689 -1.51 39.12 -19.24
N SER D 690 -2.62 39.02 -18.52
CA SER D 690 -3.74 38.22 -19.02
C SER D 690 -4.35 38.83 -20.26
N ARG D 691 -4.46 40.16 -20.32
CA ARG D 691 -4.93 40.81 -21.53
C ARG D 691 -3.99 40.56 -22.70
N LEU D 692 -2.68 40.61 -22.45
CA LEU D 692 -1.71 40.34 -23.51
C LEU D 692 -1.82 38.90 -24.01
N ILE D 693 -1.99 37.94 -23.08
CA ILE D 693 -2.09 36.54 -23.49
C ILE D 693 -3.38 36.30 -24.25
N LYS D 694 -4.50 36.81 -23.74
CA LYS D 694 -5.80 36.56 -24.37
C LYS D 694 -5.97 37.30 -25.68
N GLY D 695 -5.21 38.39 -25.89
CA GLY D 695 -5.32 39.11 -27.15
C GLY D 695 -4.93 38.28 -28.35
N GLU D 696 -3.97 37.37 -28.19
CA GLU D 696 -3.47 36.49 -29.25
C GLU D 696 -2.82 37.27 -30.39
N LYS D 697 -2.49 38.54 -30.17
CA LYS D 697 -1.81 39.36 -31.16
C LYS D 697 -0.30 39.37 -30.98
N ALA D 698 0.23 38.62 -30.02
CA ALA D 698 1.67 38.56 -29.79
C ALA D 698 2.11 37.13 -29.51
N LYS D 699 1.47 36.15 -30.13
CA LYS D 699 1.80 34.75 -29.89
C LYS D 699 3.20 34.38 -30.38
N ALA D 700 3.77 35.17 -31.28
CA ALA D 700 5.12 34.88 -31.76
C ALA D 700 6.16 35.19 -30.69
N GLU D 701 6.01 36.32 -30.00
CA GLU D 701 6.95 36.69 -28.94
C GLU D 701 6.72 35.92 -27.66
N LEU D 702 5.58 35.26 -27.51
CA LEU D 702 5.26 34.47 -26.33
C LEU D 702 5.78 33.05 -26.42
N ARG D 703 6.41 32.67 -27.52
CA ARG D 703 7.03 31.35 -27.66
C ARG D 703 8.48 31.34 -27.21
N SER D 704 9.05 32.48 -26.86
CA SER D 704 10.42 32.58 -26.38
C SER D 704 10.56 33.24 -25.02
N ASN D 705 9.66 34.15 -24.66
CA ASN D 705 9.65 34.81 -23.36
C ASN D 705 8.48 34.30 -22.55
N ASN D 706 8.74 33.93 -21.29
CA ASN D 706 7.74 33.28 -20.45
C ASN D 706 7.35 34.11 -19.23
N TRP D 707 7.55 35.43 -19.28
CA TRP D 707 7.19 36.24 -18.13
C TRP D 707 5.67 36.41 -17.93
N PRO D 708 4.83 36.42 -18.97
CA PRO D 708 3.38 36.57 -18.70
C PRO D 708 2.79 35.44 -17.88
N PHE D 709 3.11 34.19 -18.23
CA PHE D 709 2.57 33.04 -17.48
C PHE D 709 3.09 33.04 -16.05
N ARG D 710 4.37 33.37 -15.86
CA ARG D 710 4.91 33.45 -14.51
C ARG D 710 4.21 34.54 -13.71
N VAL D 711 3.92 35.68 -14.34
CA VAL D 711 3.23 36.76 -13.64
C VAL D 711 1.83 36.34 -13.22
N VAL D 712 1.09 35.69 -14.13
CA VAL D 712 -0.25 35.24 -13.79
C VAL D 712 -0.21 34.20 -12.66
N GLY D 713 0.73 33.27 -12.73
CA GLY D 713 0.85 32.28 -11.66
C GLY D 713 1.21 32.89 -10.32
N ILE D 714 2.14 33.85 -10.32
CA ILE D 714 2.51 34.50 -9.07
C ILE D 714 1.34 35.27 -8.49
N ALA D 715 0.57 35.95 -9.35
CA ALA D 715 -0.59 36.69 -8.87
C ALA D 715 -1.64 35.76 -8.26
N HIS D 716 -1.86 34.59 -8.88
CA HIS D 716 -2.74 33.61 -8.26
C HIS D 716 -2.19 33.14 -6.91
N LEU D 717 -0.87 32.93 -6.83
CA LEU D 717 -0.26 32.44 -5.61
C LEU D 717 -0.40 33.45 -4.47
N GLU D 718 -0.26 34.75 -4.78
CA GLU D 718 -0.33 35.77 -3.72
C GLU D 718 -1.71 35.82 -3.09
N LYS D 719 -2.77 35.71 -3.89
CA LYS D 719 -4.13 35.71 -3.35
C LYS D 719 -4.46 34.42 -2.59
N GLN D 720 -3.52 33.49 -2.49
CA GLN D 720 -3.65 32.26 -1.71
C GLN D 720 -4.72 31.35 -2.31
N GLU D 721 -4.75 31.23 -3.63
CA GLU D 721 -5.53 30.22 -4.33
C GLU D 721 -4.55 29.43 -5.20
N GLU D 722 -3.92 28.43 -4.57
CA GLU D 722 -2.77 27.77 -5.15
C GLU D 722 -3.11 26.68 -6.15
N SER D 723 -4.37 26.25 -6.20
CA SER D 723 -4.78 25.27 -7.20
C SER D 723 -4.97 25.88 -8.57
N ASP D 724 -5.13 27.21 -8.65
CA ASP D 724 -5.34 27.89 -9.91
C ASP D 724 -4.04 28.31 -10.59
N SER D 725 -2.93 28.32 -9.88
CA SER D 725 -1.66 28.74 -10.44
C SER D 725 -0.84 27.58 -11.00
N ILE D 726 -1.27 26.34 -10.81
CA ILE D 726 -0.50 25.19 -11.24
C ILE D 726 -0.39 25.16 -12.76
N GLU D 727 -1.51 25.39 -13.44
CA GLU D 727 -1.51 25.39 -14.90
C GLU D 727 -0.62 26.50 -15.46
N TRP D 728 -0.67 27.67 -14.84
CA TRP D 728 0.14 28.79 -15.32
C TRP D 728 1.62 28.53 -15.12
N PHE D 729 2.00 27.97 -13.97
CA PHE D 729 3.41 27.66 -13.74
C PHE D 729 3.90 26.56 -14.68
N GLN D 730 3.07 25.55 -14.93
CA GLN D 730 3.45 24.51 -15.89
C GLN D 730 3.61 25.09 -17.29
N SER D 731 2.70 25.99 -17.69
CA SER D 731 2.79 26.62 -19.00
C SER D 731 4.06 27.46 -19.11
N ALA D 732 4.40 28.18 -18.05
CA ALA D 732 5.64 28.96 -18.06
C ALA D 732 6.86 28.06 -18.15
N LEU D 733 6.83 26.90 -17.48
CA LEU D 733 7.96 25.98 -17.56
C LEU D 733 8.02 25.26 -18.90
N ARG D 734 6.93 25.20 -19.66
CA ARG D 734 6.98 24.59 -20.98
C ARG D 734 7.75 25.44 -21.98
N VAL D 735 7.86 26.74 -21.74
CA VAL D 735 8.59 27.63 -22.64
C VAL D 735 10.05 27.74 -22.26
N ASP D 736 10.35 27.93 -20.98
CA ASP D 736 11.72 28.04 -20.46
C ASP D 736 11.90 27.03 -19.34
N PRO D 737 12.41 25.83 -19.65
CA PRO D 737 12.56 24.80 -18.61
C PRO D 737 13.62 25.12 -17.58
N ASN D 738 14.44 26.16 -17.77
CA ASN D 738 15.51 26.51 -16.86
C ASN D 738 15.14 27.64 -15.90
N ASP D 739 13.85 27.97 -15.81
CA ASP D 739 13.38 29.05 -14.95
C ASP D 739 13.29 28.53 -13.52
N VAL D 740 14.20 28.98 -12.65
CA VAL D 740 14.23 28.49 -11.28
C VAL D 740 13.02 29.00 -10.50
N GLU D 741 12.64 30.25 -10.70
CA GLU D 741 11.54 30.83 -9.93
C GLU D 741 10.22 30.12 -10.25
N SER D 742 10.03 29.73 -11.50
CA SER D 742 8.84 28.96 -11.86
C SER D 742 8.83 27.61 -11.16
N TRP D 743 9.99 26.96 -11.06
CA TRP D 743 10.07 25.68 -10.35
C TRP D 743 9.72 25.86 -8.87
N VAL D 744 10.24 26.91 -8.25
CA VAL D 744 9.94 27.15 -6.84
C VAL D 744 8.44 27.41 -6.65
N GLY D 745 7.85 28.22 -7.54
CA GLY D 745 6.43 28.48 -7.44
C GLY D 745 5.58 27.23 -7.64
N LEU D 746 5.93 26.39 -8.60
CA LEU D 746 5.17 25.17 -8.84
C LEU D 746 5.27 24.21 -7.66
N GLY D 747 6.47 24.06 -7.10
CA GLY D 747 6.61 23.21 -5.93
C GLY D 747 5.82 23.74 -4.74
N GLN D 748 5.81 25.05 -4.58
CA GLN D 748 5.03 25.66 -3.50
C GLN D 748 3.54 25.40 -3.69
N ALA D 749 3.07 25.47 -4.93
CA ALA D 749 1.67 25.15 -5.22
C ALA D 749 1.33 23.70 -4.93
N TYR D 750 2.18 22.76 -5.36
CA TYR D 750 1.95 21.36 -5.01
C TYR D 750 1.92 21.15 -3.49
N HIS D 751 2.84 21.76 -2.76
CA HIS D 751 2.80 21.57 -1.30
C HIS D 751 1.52 22.13 -0.72
N ALA D 752 1.08 23.29 -1.18
CA ALA D 752 -0.16 23.87 -0.68
C ALA D 752 -1.39 23.03 -1.05
N CYS D 753 -1.33 22.25 -2.13
CA CYS D 753 -2.47 21.45 -2.54
C CYS D 753 -2.49 20.04 -1.98
N GLY D 754 -1.44 19.61 -1.29
CA GLY D 754 -1.41 18.28 -0.71
C GLY D 754 -0.73 17.23 -1.57
N ARG D 755 0.37 17.59 -2.21
CA ARG D 755 1.12 16.75 -3.14
C ARG D 755 2.58 16.69 -2.74
N ILE D 756 2.82 16.30 -1.48
CA ILE D 756 4.12 16.50 -0.83
C ILE D 756 5.26 15.90 -1.64
N GLU D 757 5.10 14.66 -2.11
CA GLU D 757 6.19 14.00 -2.82
C GLU D 757 6.53 14.70 -4.13
N ALA D 758 5.51 15.13 -4.88
CA ALA D 758 5.76 15.89 -6.10
C ALA D 758 6.48 17.18 -5.79
N SER D 759 6.12 17.84 -4.68
CA SER D 759 6.81 19.06 -4.28
C SER D 759 8.27 18.79 -3.96
N ILE D 760 8.56 17.66 -3.30
CA ILE D 760 9.94 17.31 -3.01
C ILE D 760 10.72 17.13 -4.30
N LYS D 761 10.13 16.43 -5.29
CA LYS D 761 10.81 16.25 -6.58
C LYS D 761 11.07 17.59 -7.26
N VAL D 762 10.08 18.49 -7.23
CA VAL D 762 10.22 19.78 -7.90
C VAL D 762 11.32 20.61 -7.23
N PHE D 763 11.34 20.62 -5.89
CA PHE D 763 12.38 21.38 -5.19
C PHE D 763 13.76 20.78 -5.41
N ASP D 764 13.86 19.45 -5.51
CA ASP D 764 15.12 18.84 -5.87
C ASP D 764 15.60 19.29 -7.24
N LYS D 765 14.67 19.36 -8.22
CA LYS D 765 15.04 19.86 -9.54
C LYS D 765 15.53 21.30 -9.47
N ALA D 766 14.83 22.13 -8.70
CA ALA D 766 15.23 23.53 -8.57
C ALA D 766 16.62 23.67 -7.96
N ILE D 767 16.93 22.84 -6.95
CA ILE D 767 18.25 22.87 -6.35
C ILE D 767 19.30 22.38 -7.32
N GLN D 768 18.97 21.38 -8.14
CA GLN D 768 19.91 20.89 -9.15
C GLN D 768 20.24 21.98 -10.16
N LEU D 769 19.24 22.77 -10.56
CA LEU D 769 19.49 23.86 -11.51
C LEU D 769 20.42 24.91 -10.92
N ARG D 770 20.21 25.28 -9.66
CA ARG D 770 21.03 26.30 -9.00
C ARG D 770 21.31 25.88 -7.57
N PRO D 771 22.53 25.39 -7.28
CA PRO D 771 22.82 24.87 -5.93
C PRO D 771 22.92 25.95 -4.87
N SER D 772 22.99 27.22 -5.24
CA SER D 772 23.14 28.31 -4.28
C SER D 772 21.81 28.89 -3.83
N HIS D 773 20.69 28.33 -4.28
CA HIS D 773 19.38 28.84 -3.90
C HIS D 773 19.01 28.33 -2.52
N THR D 774 18.79 29.26 -1.58
CA THR D 774 18.52 28.89 -0.20
C THR D 774 17.05 28.66 0.08
N PHE D 775 16.15 29.38 -0.60
CA PHE D 775 14.73 29.17 -0.37
C PHE D 775 14.26 27.83 -0.90
N ALA D 776 14.83 27.36 -2.02
CA ALA D 776 14.50 26.03 -2.49
C ALA D 776 14.92 24.96 -1.48
N GLN D 777 16.09 25.12 -0.88
CA GLN D 777 16.54 24.17 0.13
C GLN D 777 15.65 24.20 1.36
N TYR D 778 15.26 25.40 1.80
CA TYR D 778 14.37 25.51 2.95
C TYR D 778 13.03 24.83 2.66
N PHE D 779 12.46 25.09 1.49
CA PHE D 779 11.18 24.48 1.13
C PHE D 779 11.30 22.96 1.03
N LYS D 780 12.40 22.47 0.47
CA LYS D 780 12.59 21.02 0.35
C LYS D 780 12.71 20.37 1.73
N ALA D 781 13.43 21.01 2.65
CA ALA D 781 13.52 20.46 4.00
C ALA D 781 12.16 20.46 4.70
N ILE D 782 11.40 21.54 4.55
CA ILE D 782 10.08 21.60 5.17
C ILE D 782 9.17 20.51 4.60
N SER D 783 9.24 20.29 3.28
CA SER D 783 8.40 19.26 2.67
C SER D 783 8.87 17.86 3.01
N LEU D 784 10.17 17.67 3.23
CA LEU D 784 10.68 16.36 3.65
C LEU D 784 10.27 16.04 5.08
N CYS D 785 10.13 17.06 5.94
CA CYS D 785 9.64 16.83 7.29
C CYS D 785 8.23 16.25 7.30
N ASP D 786 7.44 16.48 6.26
CA ASP D 786 6.04 16.05 6.22
C ASP D 786 5.87 14.57 5.91
N VAL D 787 6.92 13.87 5.46
CA VAL D 787 6.84 12.46 5.15
C VAL D 787 7.71 11.62 6.08
N GLY D 788 8.18 12.20 7.17
CA GLY D 788 8.88 11.43 8.18
C GLY D 788 10.35 11.17 7.92
N GLU D 789 11.00 12.01 7.13
CA GLU D 789 12.44 11.88 6.86
C GLU D 789 13.15 13.03 7.55
N TYR D 790 13.50 12.82 8.81
CA TYR D 790 14.03 13.90 9.64
C TYR D 790 15.54 14.07 9.53
N LEU D 791 16.28 13.01 9.21
CA LEU D 791 17.73 13.14 9.10
C LEU D 791 18.12 14.02 7.93
N GLU D 792 17.58 13.74 6.74
CA GLU D 792 17.91 14.55 5.57
C GLU D 792 17.44 15.98 5.74
N SER D 793 16.23 16.17 6.26
CA SER D 793 15.70 17.51 6.46
C SER D 793 16.55 18.29 7.46
N LEU D 794 16.95 17.64 8.55
CA LEU D 794 17.78 18.31 9.55
C LEU D 794 19.15 18.66 8.99
N ASP D 795 19.73 17.78 8.17
CA ASP D 795 21.01 18.10 7.55
C ASP D 795 20.90 19.32 6.64
N ILE D 796 19.87 19.34 5.77
CA ILE D 796 19.69 20.45 4.86
C ILE D 796 19.49 21.75 5.63
N LEU D 797 18.64 21.71 6.67
CA LEU D 797 18.33 22.93 7.40
C LEU D 797 19.52 23.41 8.23
N GLU D 798 20.32 22.49 8.78
CA GLU D 798 21.51 22.89 9.51
C GLU D 798 22.51 23.58 8.58
N LYS D 799 22.71 23.02 7.38
CA LYS D 799 23.60 23.66 6.42
C LYS D 799 23.07 25.04 6.02
N VAL D 800 21.77 25.15 5.78
CA VAL D 800 21.20 26.44 5.37
C VAL D 800 21.33 27.47 6.49
N CYS D 801 21.06 27.07 7.74
CA CYS D 801 21.18 28.00 8.85
C CYS D 801 22.62 28.38 9.11
N GLN D 802 23.57 27.50 8.79
CA GLN D 802 24.97 27.86 8.91
C GLN D 802 25.40 28.80 7.80
N GLU D 803 24.74 28.73 6.64
CA GLU D 803 25.06 29.65 5.55
C GLU D 803 24.52 31.04 5.83
N ALA D 804 23.20 31.17 5.98
CA ALA D 804 22.55 32.45 6.24
C ALA D 804 21.93 32.39 7.63
N ALA D 805 22.66 32.90 8.62
CA ALA D 805 22.26 32.78 10.02
C ALA D 805 21.49 33.99 10.53
N THR D 806 21.13 34.93 9.66
CA THR D 806 20.48 36.17 10.09
C THR D 806 19.01 36.23 9.73
N GLU D 807 18.45 35.20 9.11
CA GLU D 807 17.03 35.17 8.79
C GLU D 807 16.30 34.30 9.81
N GLU D 808 15.23 34.86 10.39
CA GLU D 808 14.50 34.14 11.43
C GLU D 808 13.70 32.98 10.87
N SER D 809 13.33 33.05 9.59
CA SER D 809 12.51 31.99 8.99
C SER D 809 13.20 30.64 9.05
N PHE D 810 14.48 30.60 8.69
CA PHE D 810 15.22 29.34 8.69
C PHE D 810 15.39 28.81 10.11
N GLN D 811 15.64 29.70 11.07
CA GLN D 811 15.80 29.29 12.46
C GLN D 811 14.51 28.68 13.00
N ILE D 812 13.37 29.31 12.71
CA ILE D 812 12.09 28.77 13.17
C ILE D 812 11.79 27.45 12.47
N GLY D 813 12.16 27.32 11.19
CA GLY D 813 11.98 26.05 10.51
C GLY D 813 12.80 24.93 11.11
N LEU D 814 14.05 25.23 11.48
CA LEU D 814 14.88 24.23 12.13
C LEU D 814 14.29 23.82 13.47
N VAL D 815 13.81 24.79 14.24
CA VAL D 815 13.19 24.46 15.53
C VAL D 815 11.98 23.56 15.33
N GLU D 816 11.15 23.87 14.33
CA GLU D 816 9.96 23.06 14.08
C GLU D 816 10.32 21.64 13.68
N VAL D 817 11.33 21.48 12.82
CA VAL D 817 11.72 20.13 12.40
C VAL D 817 12.29 19.34 13.58
N LEU D 818 13.09 19.98 14.42
CA LEU D 818 13.61 19.30 15.60
C LEU D 818 12.49 18.84 16.53
N MET D 819 11.51 19.72 16.76
CA MET D 819 10.38 19.36 17.63
C MET D 819 9.60 18.19 17.07
N ARG D 820 9.32 18.22 15.76
CA ARG D 820 8.54 17.14 15.16
C ARG D 820 9.31 15.82 15.19
N CYS D 821 10.63 15.87 14.95
CA CYS D 821 11.43 14.66 15.02
C CYS D 821 11.40 14.06 16.43
N SER D 822 11.54 14.91 17.46
CA SER D 822 11.51 14.39 18.83
C SER D 822 10.15 13.78 19.16
N LEU D 823 9.07 14.43 18.73
CA LEU D 823 7.74 13.89 19.00
C LEU D 823 7.53 12.54 18.31
N ASP D 824 7.97 12.41 17.06
CA ASP D 824 7.86 11.13 16.36
C ASP D 824 8.69 10.05 17.05
N LEU D 825 9.90 10.39 17.49
CA LEU D 825 10.74 9.40 18.16
C LEU D 825 10.10 8.95 19.47
N TYR D 826 9.48 9.87 20.21
CA TYR D 826 8.73 9.46 21.39
C TYR D 826 7.60 8.51 21.02
N SER D 827 6.88 8.82 19.94
CA SER D 827 5.75 7.99 19.54
C SER D 827 6.20 6.58 19.18
N GLN D 828 7.35 6.44 18.52
CA GLN D 828 7.79 5.15 18.02
C GLN D 828 8.52 4.31 19.07
N GLY D 829 8.70 4.82 20.29
CA GLY D 829 9.32 4.05 21.36
C GLY D 829 10.77 4.33 21.62
N PHE D 830 11.40 5.23 20.87
CA PHE D 830 12.80 5.61 21.07
C PHE D 830 12.83 6.70 22.14
N LEU D 831 12.69 6.27 23.39
CA LEU D 831 12.55 7.22 24.50
C LEU D 831 13.85 7.90 24.88
N LEU D 832 14.99 7.37 24.46
CA LEU D 832 16.28 7.94 24.86
C LEU D 832 16.80 8.98 23.89
N LYS D 833 16.53 8.82 22.60
CA LYS D 833 16.95 9.81 21.61
C LYS D 833 16.06 11.06 21.66
N SER D 834 14.80 10.87 22.04
CA SER D 834 13.84 11.98 22.03
C SER D 834 14.23 13.05 23.03
N VAL D 835 14.74 12.66 24.20
CA VAL D 835 15.13 13.64 25.21
C VAL D 835 16.33 14.46 24.73
N SER D 836 17.30 13.82 24.10
CA SER D 836 18.46 14.55 23.59
C SER D 836 18.05 15.52 22.50
N ILE D 837 17.16 15.09 21.59
CA ILE D 837 16.70 16.02 20.56
C ILE D 837 15.88 17.15 21.16
N ALA D 838 15.13 16.88 22.23
CA ALA D 838 14.42 17.95 22.93
C ALA D 838 15.38 18.98 23.50
N LYS D 839 16.48 18.51 24.11
CA LYS D 839 17.48 19.44 24.63
C LYS D 839 18.11 20.27 23.52
N ASP D 840 18.38 19.64 22.37
CA ASP D 840 18.92 20.39 21.24
C ASP D 840 17.94 21.45 20.76
N THR D 841 16.65 21.11 20.70
CA THR D 841 15.64 22.09 20.31
C THR D 841 15.60 23.26 21.29
N ILE D 842 15.69 22.97 22.59
CA ILE D 842 15.70 24.04 23.58
C ILE D 842 16.91 24.95 23.37
N GLU D 843 18.07 24.35 23.06
CA GLU D 843 19.26 25.16 22.80
C GLU D 843 19.08 26.09 21.61
N ARG D 844 18.52 25.56 20.51
CA ARG D 844 18.28 26.39 19.34
C ARG D 844 17.30 27.52 19.65
N ILE D 845 16.25 27.21 20.41
CA ILE D 845 15.26 28.23 20.78
C ILE D 845 15.92 29.31 21.61
N LYS D 846 16.78 28.93 22.54
CA LYS D 846 17.51 29.91 23.35
C LYS D 846 18.35 30.81 22.47
N ILE D 847 19.08 30.23 21.53
CA ILE D 847 19.92 31.04 20.64
C ILE D 847 19.06 32.05 19.88
N ILE D 848 17.95 31.58 19.31
CA ILE D 848 17.04 32.48 18.59
C ILE D 848 16.62 33.64 19.48
N ILE D 849 15.97 33.32 20.59
CA ILE D 849 15.34 34.35 21.43
C ILE D 849 16.39 35.33 21.96
N SER D 850 17.53 34.82 22.41
CA SER D 850 18.53 35.69 23.01
C SER D 850 19.26 36.52 21.96
N GLU D 851 19.93 35.85 21.02
CA GLU D 851 20.79 36.57 20.09
C GLU D 851 20.00 37.26 18.98
N LEU D 852 19.13 36.51 18.30
CA LEU D 852 18.44 37.09 17.15
C LEU D 852 17.36 38.09 17.57
N LYS D 853 17.00 38.14 18.85
CA LYS D 853 16.05 39.10 19.39
C LYS D 853 14.69 39.02 18.70
N CYS D 854 14.35 37.84 18.17
CA CYS D 854 13.08 37.63 17.51
C CYS D 854 12.09 36.98 18.47
N GLU D 855 10.81 37.06 18.13
CA GLU D 855 9.76 36.46 18.94
C GLU D 855 8.47 36.41 18.14
N ASN D 856 7.79 35.26 18.19
CA ASN D 856 6.46 35.11 17.63
C ASN D 856 5.80 33.95 18.35
N GLN D 857 4.53 33.72 18.02
CA GLN D 857 3.76 32.69 18.71
C GLN D 857 4.29 31.28 18.44
N GLN D 858 4.81 31.05 17.24
CA GLN D 858 5.20 29.70 16.84
C GLN D 858 6.33 29.15 17.70
N VAL D 859 7.31 29.98 18.02
CA VAL D 859 8.46 29.49 18.78
C VAL D 859 8.04 29.09 20.19
N TRP D 860 7.13 29.86 20.80
CA TRP D 860 6.64 29.50 22.13
C TRP D 860 5.76 28.25 22.07
N ILE D 861 4.98 28.10 21.00
CA ILE D 861 4.21 26.87 20.83
C ILE D 861 5.13 25.67 20.75
N TYR D 862 6.22 25.77 19.98
CA TYR D 862 7.16 24.66 19.86
C TYR D 862 7.85 24.37 21.19
N LEU D 863 8.24 25.41 21.92
CA LEU D 863 8.86 25.20 23.22
C LEU D 863 7.91 24.48 24.17
N SER D 864 6.65 24.89 24.21
CA SER D 864 5.67 24.22 25.07
C SER D 864 5.49 22.77 24.64
N GLN D 865 5.43 22.51 23.33
CA GLN D 865 5.27 21.14 22.86
C GLN D 865 6.45 20.27 23.25
N VAL D 866 7.66 20.81 23.17
CA VAL D 866 8.84 19.99 23.43
C VAL D 866 9.13 19.86 24.93
N LEU D 867 8.59 20.76 25.75
CA LEU D 867 8.82 20.67 27.20
C LEU D 867 8.03 19.54 27.86
N ARG D 868 7.10 18.90 27.16
CA ARG D 868 6.30 17.85 27.75
C ARG D 868 7.00 16.49 27.75
N LEU D 869 8.01 16.31 26.89
CA LEU D 869 8.74 15.05 26.87
C LEU D 869 9.56 14.86 28.13
N PHE D 870 9.91 15.95 28.82
CA PHE D 870 10.59 15.82 30.10
C PHE D 870 9.65 15.39 31.21
N ILE D 871 8.34 15.61 31.04
CA ILE D 871 7.37 15.19 32.03
C ILE D 871 6.86 13.78 31.74
N TRP D 872 6.73 13.42 30.46
CA TRP D 872 6.27 12.07 30.12
C TRP D 872 7.36 11.04 30.40
N ILE D 873 8.59 11.32 29.99
CA ILE D 873 9.73 10.42 30.26
C ILE D 873 10.35 10.92 31.57
N GLU D 874 9.82 10.42 32.69
CA GLU D 874 10.21 10.93 33.99
C GLU D 874 11.56 10.40 34.47
N SER D 875 12.09 9.36 33.84
CA SER D 875 13.41 8.87 34.20
C SER D 875 14.55 9.77 33.71
N LYS D 876 14.26 10.72 32.83
CA LYS D 876 15.27 11.62 32.29
C LYS D 876 14.98 13.08 32.60
N VAL D 877 14.15 13.35 33.62
CA VAL D 877 13.80 14.71 33.97
C VAL D 877 14.96 15.46 34.60
N ASP D 878 16.02 14.76 34.99
CA ASP D 878 17.18 15.38 35.61
C ASP D 878 18.11 16.02 34.59
N THR D 879 17.86 15.85 33.29
CA THR D 879 18.64 16.50 32.24
C THR D 879 17.94 17.75 31.72
N LEU D 880 17.12 18.38 32.53
CA LEU D 880 16.39 19.58 32.12
C LEU D 880 17.34 20.78 32.12
N PRO D 881 17.43 21.52 31.01
CA PRO D 881 18.30 22.72 30.95
C PRO D 881 17.69 23.95 31.61
N VAL D 882 17.81 24.03 32.93
CA VAL D 882 17.19 25.11 33.67
C VAL D 882 17.86 26.45 33.36
N GLU D 883 19.19 26.45 33.18
CA GLU D 883 19.90 27.70 32.93
C GLU D 883 19.49 28.30 31.58
N SER D 884 19.44 27.47 30.54
CA SER D 884 19.00 27.96 29.23
C SER D 884 17.56 28.45 29.28
N LEU D 885 16.71 27.75 30.04
CA LEU D 885 15.31 28.14 30.12
C LEU D 885 15.13 29.47 30.84
N VAL D 886 15.84 29.67 31.95
CA VAL D 886 15.72 30.95 32.64
C VAL D 886 16.32 32.07 31.80
N SER D 887 17.39 31.78 31.04
CA SER D 887 17.92 32.80 30.13
C SER D 887 16.90 33.17 29.06
N ILE D 888 16.25 32.18 28.48
CA ILE D 888 15.27 32.45 27.41
C ILE D 888 14.09 33.24 27.95
N PHE D 889 13.64 32.91 29.17
CA PHE D 889 12.48 33.61 29.72
C PHE D 889 12.83 35.00 30.22
N GLU D 890 14.04 35.21 30.73
CA GLU D 890 14.43 36.54 31.18
C GLU D 890 14.77 37.47 30.02
N ASN D 891 15.29 36.92 28.91
CA ASN D 891 15.61 37.77 27.76
C ASN D 891 14.37 38.42 27.19
N SER D 892 13.27 37.68 27.09
CA SER D 892 12.02 38.22 26.57
C SER D 892 11.36 39.14 27.59
N GLU D 898 -1.81 38.66 33.52
CA GLU D 898 -1.94 39.22 34.85
C GLU D 898 -3.25 38.79 35.51
N GLU D 899 -4.22 38.42 34.68
CA GLU D 899 -5.51 37.97 35.19
C GLU D 899 -5.41 36.56 35.78
N ILE D 900 -4.66 35.68 35.14
CA ILE D 900 -4.51 34.31 35.61
C ILE D 900 -3.35 34.14 36.58
N ASP D 901 -2.45 35.12 36.67
CA ASP D 901 -1.30 35.00 37.57
C ASP D 901 -1.71 35.03 39.03
N SER D 902 -2.93 35.46 39.34
CA SER D 902 -3.43 35.45 40.70
C SER D 902 -4.08 34.14 41.10
N VAL D 903 -4.28 33.23 40.16
CA VAL D 903 -4.92 31.95 40.43
C VAL D 903 -3.90 30.83 40.59
N ASP D 904 -2.96 30.71 39.66
CA ASP D 904 -1.91 29.70 39.74
C ASP D 904 -0.62 30.21 40.36
N ASN D 905 -0.41 31.53 40.39
CA ASN D 905 0.75 32.14 41.02
C ASN D 905 2.06 31.61 40.42
N ILE D 906 2.14 31.66 39.09
CA ILE D 906 3.34 31.27 38.35
C ILE D 906 3.98 32.54 37.82
N LYS D 907 5.15 32.88 38.36
CA LYS D 907 5.88 34.07 37.94
C LYS D 907 7.36 33.75 37.86
N ILE D 908 8.03 34.33 36.86
CA ILE D 908 9.45 34.06 36.65
C ILE D 908 10.27 34.58 37.82
N ASP D 909 9.87 35.71 38.39
CA ASP D 909 10.63 36.30 39.49
C ASP D 909 10.65 35.43 40.74
N THR D 910 9.67 34.54 40.90
CA THR D 910 9.57 33.68 42.08
C THR D 910 9.26 32.24 41.67
N LEU D 911 9.85 31.78 40.58
CA LEU D 911 9.59 30.42 40.11
C LEU D 911 10.46 29.41 40.86
N LEU D 912 11.79 29.56 40.74
CA LEU D 912 12.73 28.63 41.35
C LEU D 912 13.01 28.95 42.81
N ASP D 913 12.31 29.92 43.40
CA ASP D 913 12.58 30.31 44.78
C ASP D 913 12.27 29.18 45.76
N SER D 914 11.14 28.50 45.57
CA SER D 914 10.73 27.46 46.50
C SER D 914 11.63 26.24 46.37
N THR D 915 12.17 25.79 47.51
CA THR D 915 13.05 24.62 47.56
C THR D 915 12.23 23.41 47.99
N THR D 916 12.88 22.23 47.93
CA THR D 916 12.27 20.96 48.30
C THR D 916 11.10 20.61 47.37
N ASP D 917 11.41 20.59 46.07
CA ASP D 917 10.48 20.14 45.06
C ASP D 917 11.26 19.46 43.95
N ASP D 918 10.65 18.43 43.35
CA ASP D 918 11.33 17.65 42.33
C ASP D 918 11.43 18.44 41.04
N ASN D 919 12.13 17.85 40.06
CA ASN D 919 12.29 18.50 38.76
C ASN D 919 11.03 18.44 37.93
N VAL D 920 10.12 17.50 38.23
CA VAL D 920 8.86 17.40 37.50
C VAL D 920 8.02 18.66 37.72
N SER D 921 7.99 19.15 38.96
CA SER D 921 7.29 20.39 39.24
C SER D 921 7.89 21.57 38.49
N ILE D 922 9.22 21.63 38.41
CA ILE D 922 9.89 22.69 37.67
C ILE D 922 9.52 22.63 36.20
N ALA D 923 9.50 21.42 35.63
CA ALA D 923 9.13 21.26 34.22
C ALA D 923 7.69 21.68 33.98
N CYS D 924 6.78 21.33 34.90
CA CYS D 924 5.38 21.72 34.75
C CYS D 924 5.22 23.24 34.81
N LYS D 925 5.93 23.88 35.74
CA LYS D 925 5.85 25.34 35.84
C LYS D 925 6.42 26.01 34.60
N PHE D 926 7.51 25.47 34.05
CA PHE D 926 8.06 26.03 32.81
C PHE D 926 7.09 25.86 31.65
N LEU D 927 6.39 24.72 31.60
CA LEU D 927 5.38 24.53 30.58
C LEU D 927 4.26 25.57 30.69
N ILE D 928 3.81 25.84 31.92
CA ILE D 928 2.78 26.85 32.13
C ILE D 928 3.27 28.22 31.68
N LEU D 929 4.50 28.58 32.06
CA LEU D 929 5.04 29.88 31.68
C LEU D 929 5.19 30.00 30.17
N ALA D 930 5.64 28.92 29.50
CA ALA D 930 5.78 28.96 28.06
C ALA D 930 4.43 29.14 27.38
N SER D 931 3.39 28.50 27.92
CA SER D 931 2.05 28.71 27.37
C SER D 931 1.60 30.15 27.57
N LYS D 932 1.87 30.72 28.73
CA LYS D 932 1.39 32.08 29.03
C LYS D 932 2.18 33.15 28.29
N TYR D 933 3.41 32.88 27.88
CA TYR D 933 4.22 33.89 27.19
C TYR D 933 3.94 33.98 25.69
N SER D 934 3.14 33.09 25.12
CA SER D 934 2.97 33.04 23.68
C SER D 934 1.97 34.09 23.20
N VAL D 935 2.19 35.35 23.56
CA VAL D 935 1.28 36.41 23.20
C VAL D 935 1.78 37.08 21.93
N SER D 936 0.84 37.60 21.13
CA SER D 936 1.16 38.26 19.87
C SER D 936 1.93 39.55 20.09
N ALA D 944 -11.02 37.01 13.42
CA ALA D 944 -12.19 37.34 14.21
C ALA D 944 -12.08 36.75 15.61
N GLY D 945 -11.01 37.09 16.31
CA GLY D 945 -10.81 36.61 17.67
C GLY D 945 -10.60 35.13 17.79
N THR D 946 -9.92 34.51 16.82
CA THR D 946 -9.58 33.10 16.90
C THR D 946 -8.24 32.87 17.58
N VAL D 947 -7.27 33.76 17.36
CA VAL D 947 -5.95 33.60 17.95
C VAL D 947 -6.01 33.78 19.46
N ARG D 948 -6.82 34.73 19.94
CA ARG D 948 -6.97 34.91 21.39
C ARG D 948 -7.61 33.69 22.03
N ALA D 949 -8.64 33.14 21.39
CA ALA D 949 -9.28 31.93 21.91
C ALA D 949 -8.30 30.76 21.94
N SER D 950 -7.49 30.61 20.89
CA SER D 950 -6.51 29.54 20.87
C SER D 950 -5.45 29.74 21.95
N TYR D 951 -5.05 31.00 22.18
CA TYR D 951 -4.10 31.32 23.24
C TYR D 951 -4.64 30.88 24.61
N TRP D 952 -5.88 31.26 24.91
CA TRP D 952 -6.46 30.88 26.19
C TRP D 952 -6.67 29.37 26.30
N TYR D 953 -7.02 28.73 25.19
CA TYR D 953 -7.17 27.27 25.19
C TYR D 953 -5.85 26.58 25.51
N ASN D 954 -4.75 27.06 24.92
CA ASN D 954 -3.45 26.48 25.19
C ASN D 954 -3.06 26.66 26.65
N ILE D 955 -3.33 27.84 27.20
CA ILE D 955 -3.07 28.06 28.62
C ILE D 955 -3.87 27.06 29.47
N GLY D 956 -5.14 26.87 29.13
CA GLY D 956 -5.96 25.94 29.88
C GLY D 956 -5.46 24.51 29.80
N ILE D 957 -5.03 24.08 28.61
CA ILE D 957 -4.52 22.71 28.45
C ILE D 957 -3.24 22.52 29.27
N SER D 958 -2.35 23.52 29.27
CA SER D 958 -1.14 23.41 30.06
C SER D 958 -1.44 23.32 31.55
N GLU D 959 -2.37 24.14 32.04
CA GLU D 959 -2.75 24.08 33.45
C GLU D 959 -3.39 22.73 33.78
N LEU D 960 -4.19 22.19 32.86
CA LEU D 960 -4.80 20.88 33.08
C LEU D 960 -3.73 19.79 33.21
N THR D 961 -2.73 19.82 32.33
CA THR D 961 -1.64 18.84 32.44
C THR D 961 -0.90 18.97 33.76
N ALA D 962 -0.61 20.20 34.17
CA ALA D 962 0.07 20.40 35.45
C ALA D 962 -0.76 19.89 36.62
N PHE D 963 -2.08 20.13 36.58
CA PHE D 963 -2.96 19.65 37.65
C PHE D 963 -3.01 18.13 37.68
N ILE D 964 -3.06 17.49 36.52
CA ILE D 964 -3.10 16.03 36.48
C ILE D 964 -1.81 15.46 37.05
N THR D 965 -0.67 16.03 36.68
CA THR D 965 0.60 15.48 37.12
C THR D 965 0.84 15.73 38.61
N LEU D 966 0.59 16.95 39.08
CA LEU D 966 0.91 17.32 40.46
C LEU D 966 -0.24 17.12 41.44
N LYS D 967 -1.48 17.14 40.96
CA LYS D 967 -2.66 16.91 41.80
C LYS D 967 -2.78 17.96 42.90
N GLU D 968 -2.92 19.22 42.48
CA GLU D 968 -3.12 20.33 43.39
C GLU D 968 -4.30 21.17 42.94
N PRO D 969 -5.12 21.66 43.89
CA PRO D 969 -6.36 22.34 43.51
C PRO D 969 -6.17 23.62 42.72
N GLN D 970 -5.08 24.37 42.97
CA GLN D 970 -4.96 25.70 42.39
C GLN D 970 -4.78 25.69 40.87
N TYR D 971 -4.40 24.55 40.29
CA TYR D 971 -4.26 24.47 38.85
C TYR D 971 -5.58 24.16 38.16
N ARG D 972 -6.47 23.44 38.84
CA ARG D 972 -7.79 23.17 38.28
C ARG D 972 -8.58 24.46 38.08
N ASP D 973 -8.50 25.38 39.04
CA ASP D 973 -9.22 26.65 38.91
C ASP D 973 -8.66 27.49 37.78
N ALA D 974 -7.34 27.51 37.61
CA ALA D 974 -6.75 28.24 36.49
C ALA D 974 -7.16 27.64 35.15
N ALA D 975 -7.19 26.30 35.07
CA ALA D 975 -7.66 25.66 33.85
C ALA D 975 -9.11 26.01 33.56
N ILE D 976 -9.96 26.03 34.59
CA ILE D 976 -11.36 26.37 34.40
C ILE D 976 -11.51 27.81 33.94
N PHE D 977 -10.74 28.73 34.55
CA PHE D 977 -10.75 30.13 34.13
C PHE D 977 -10.38 30.27 32.66
N ALA D 978 -9.28 29.64 32.25
CA ALA D 978 -8.83 29.76 30.87
C ALA D 978 -9.84 29.16 29.90
N PHE D 979 -10.40 27.99 30.25
CA PHE D 979 -11.37 27.35 29.37
C PHE D 979 -12.64 28.18 29.24
N LYS D 980 -13.12 28.77 30.33
CA LYS D 980 -14.30 29.62 30.26
C LYS D 980 -14.04 30.86 29.41
N LYS D 981 -12.87 31.48 29.56
CA LYS D 981 -12.56 32.64 28.72
C LYS D 981 -12.48 32.27 27.25
N SER D 982 -11.85 31.14 26.94
CA SER D 982 -11.75 30.71 25.54
C SER D 982 -13.12 30.39 24.97
N ILE D 983 -14.00 29.77 25.77
CA ILE D 983 -15.34 29.45 25.29
C ILE D 983 -16.14 30.72 25.06
N GLN D 984 -15.93 31.74 25.91
CA GLN D 984 -16.56 33.03 25.67
C GLN D 984 -16.09 33.65 24.36
N LEU D 985 -14.80 33.55 24.07
CA LEU D 985 -14.28 34.12 22.83
C LEU D 985 -14.74 33.34 21.59
N GLN D 986 -14.88 32.02 21.71
CA GLN D 986 -15.35 31.20 20.59
C GLN D 986 -15.88 29.89 21.14
N SER D 987 -17.17 29.64 20.95
CA SER D 987 -17.84 28.46 21.49
C SER D 987 -18.04 27.35 20.46
N ASN D 988 -17.44 27.48 19.28
CA ASN D 988 -17.65 26.53 18.20
C ASN D 988 -16.70 25.35 18.22
N THR D 989 -15.69 25.36 19.10
CA THR D 989 -14.65 24.34 19.10
C THR D 989 -14.96 23.25 20.14
N SER D 990 -14.59 22.02 19.78
CA SER D 990 -14.90 20.84 20.60
C SER D 990 -13.85 20.57 21.66
N GLU D 991 -12.57 20.82 21.37
CA GLU D 991 -11.52 20.52 22.33
C GLU D 991 -11.65 21.35 23.60
N THR D 992 -12.19 22.57 23.49
CA THR D 992 -12.40 23.38 24.68
C THR D 992 -13.44 22.76 25.60
N TRP D 993 -14.53 22.23 25.02
CA TRP D 993 -15.53 21.54 25.82
C TRP D 993 -14.98 20.25 26.40
N ILE D 994 -14.13 19.53 25.65
CA ILE D 994 -13.48 18.34 26.20
C ILE D 994 -12.65 18.72 27.42
N GLY D 995 -11.83 19.76 27.29
CA GLY D 995 -11.00 20.18 28.42
C GLY D 995 -11.81 20.63 29.61
N LEU D 996 -12.89 21.35 29.37
CA LEU D 996 -13.75 21.81 30.47
C LEU D 996 -14.43 20.62 31.16
N GLY D 997 -14.82 19.61 30.39
CA GLY D 997 -15.39 18.42 30.99
C GLY D 997 -14.39 17.67 31.84
N ILE D 998 -13.15 17.54 31.36
CA ILE D 998 -12.11 16.88 32.16
C ILE D 998 -11.81 17.67 33.41
N ALA D 999 -11.85 19.00 33.32
CA ALA D 999 -11.46 19.84 34.45
C ALA D 999 -12.40 19.66 35.64
N THR D 1000 -13.72 19.64 35.39
CA THR D 1000 -14.72 19.55 36.45
C THR D 1000 -15.20 18.11 36.67
N MET D 1001 -14.45 17.13 36.18
CA MET D 1001 -14.88 15.74 36.24
C MET D 1001 -15.00 15.22 37.67
N ASP D 1002 -14.33 15.86 38.63
CA ASP D 1002 -14.39 15.45 40.03
C ASP D 1002 -15.33 16.28 40.88
N ILE D 1003 -15.64 17.51 40.47
CA ILE D 1003 -16.49 18.37 41.27
C ILE D 1003 -17.97 18.08 41.02
N ASN D 1004 -18.42 18.26 39.79
CA ASN D 1004 -19.82 18.06 39.43
C ASN D 1004 -19.89 17.18 38.20
N PHE D 1005 -20.47 15.99 38.35
CA PHE D 1005 -20.52 15.04 37.23
C PHE D 1005 -21.57 15.45 36.20
N ARG D 1006 -22.60 16.18 36.60
CA ARG D 1006 -23.62 16.61 35.65
C ARG D 1006 -23.07 17.60 34.63
N VAL D 1007 -22.28 18.57 35.10
CA VAL D 1007 -21.67 19.54 34.19
C VAL D 1007 -20.68 18.85 33.27
N SER D 1008 -19.90 17.89 33.81
CA SER D 1008 -18.96 17.14 32.99
C SER D 1008 -19.67 16.35 31.91
N GLN D 1009 -20.78 15.69 32.26
CA GLN D 1009 -21.55 14.96 31.27
C GLN D 1009 -22.10 15.88 30.20
N HIS D 1010 -22.61 17.05 30.61
CA HIS D 1010 -23.11 18.03 29.64
C HIS D 1010 -22.00 18.46 28.69
N CYS D 1011 -20.82 18.75 29.22
CA CYS D 1011 -19.70 19.19 28.37
C CYS D 1011 -19.28 18.09 27.40
N PHE D 1012 -19.20 16.85 27.88
CA PHE D 1012 -18.84 15.75 27.00
C PHE D 1012 -19.87 15.54 25.90
N ILE D 1013 -21.16 15.68 26.22
CA ILE D 1013 -22.21 15.52 25.22
C ILE D 1013 -22.13 16.63 24.18
N LYS D 1014 -21.92 17.87 24.61
CA LYS D 1014 -21.77 18.97 23.65
C LYS D 1014 -20.55 18.77 22.77
N ALA D 1015 -19.45 18.27 23.36
CA ALA D 1015 -18.25 17.99 22.58
C ALA D 1015 -18.51 16.92 21.53
N THR D 1016 -19.26 15.87 21.89
CA THR D 1016 -19.64 14.87 20.90
C THR D 1016 -20.47 15.49 19.78
N ALA D 1017 -21.39 16.38 20.14
CA ALA D 1017 -22.25 16.99 19.14
C ALA D 1017 -21.44 17.85 18.16
N LEU D 1018 -20.46 18.60 18.68
CA LEU D 1018 -19.67 19.48 17.81
C LEU D 1018 -18.77 18.67 16.89
N GLU D 1019 -18.07 17.67 17.42
CA GLU D 1019 -17.15 16.83 16.65
C GLU D 1019 -17.54 15.38 16.89
N PRO D 1020 -18.35 14.79 16.00
CA PRO D 1020 -18.83 13.42 16.23
C PRO D 1020 -17.86 12.33 15.79
N LYS D 1021 -16.82 12.64 15.03
CA LYS D 1021 -15.83 11.66 14.63
C LYS D 1021 -14.67 11.56 15.61
N ALA D 1022 -14.87 12.00 16.84
CA ALA D 1022 -13.85 11.91 17.88
C ALA D 1022 -14.29 10.85 18.89
N THR D 1023 -13.43 9.85 19.11
CA THR D 1023 -13.76 8.75 19.99
C THR D 1023 -13.27 8.93 21.41
N ASN D 1024 -12.51 9.98 21.70
CA ASN D 1024 -12.02 10.20 23.05
C ASN D 1024 -13.10 10.72 23.98
N THR D 1025 -14.09 11.44 23.44
CA THR D 1025 -15.20 11.91 24.26
C THR D 1025 -16.01 10.74 24.81
N TRP D 1026 -16.25 9.72 23.99
CA TRP D 1026 -16.99 8.55 24.45
C TRP D 1026 -16.23 7.82 25.55
N PHE D 1027 -14.91 7.68 25.41
CA PHE D 1027 -14.12 7.05 26.47
C PHE D 1027 -14.13 7.87 27.74
N ASN D 1028 -14.04 9.20 27.61
CA ASN D 1028 -14.12 10.07 28.79
C ASN D 1028 -15.45 9.90 29.50
N LEU D 1029 -16.54 9.85 28.75
CA LEU D 1029 -17.86 9.71 29.34
C LEU D 1029 -18.01 8.34 30.01
N ALA D 1030 -17.49 7.28 29.38
CA ALA D 1030 -17.53 5.96 29.98
C ALA D 1030 -16.72 5.89 31.28
N MET D 1031 -15.55 6.52 31.29
CA MET D 1031 -14.74 6.54 32.51
C MET D 1031 -15.41 7.38 33.60
N LEU D 1032 -16.11 8.45 33.22
CA LEU D 1032 -16.88 9.20 34.21
C LEU D 1032 -18.01 8.36 34.78
N GLY D 1033 -18.67 7.57 33.94
CA GLY D 1033 -19.68 6.66 34.45
C GLY D 1033 -19.11 5.62 35.39
N LEU D 1034 -17.93 5.10 35.07
CA LEU D 1034 -17.27 4.17 35.96
C LEU D 1034 -16.82 4.83 37.26
N LYS D 1035 -16.55 6.14 37.23
CA LYS D 1035 -16.10 6.83 38.43
C LYS D 1035 -17.20 6.91 39.48
N LYS D 1036 -18.46 7.06 39.04
CA LYS D 1036 -19.60 7.14 39.94
C LYS D 1036 -20.27 5.79 40.13
N LYS D 1037 -19.63 4.70 39.70
CA LYS D 1037 -20.13 3.34 39.90
C LYS D 1037 -21.47 3.12 39.20
N ASP D 1038 -21.45 3.28 37.88
CA ASP D 1038 -22.59 2.95 37.02
C ASP D 1038 -22.07 1.99 35.95
N THR D 1039 -22.10 0.70 36.26
CA THR D 1039 -21.44 -0.30 35.42
C THR D 1039 -22.15 -0.49 34.09
N GLU D 1040 -23.48 -0.51 34.09
CA GLU D 1040 -24.21 -0.79 32.85
C GLU D 1040 -24.11 0.36 31.85
N PHE D 1041 -24.15 1.60 32.33
CA PHE D 1041 -23.97 2.74 31.45
C PHE D 1041 -22.59 2.71 30.78
N ALA D 1042 -21.56 2.44 31.58
CA ALA D 1042 -20.21 2.36 31.04
C ALA D 1042 -20.09 1.21 30.06
N GLN D 1043 -20.74 0.08 30.35
CA GLN D 1043 -20.70 -1.06 29.44
C GLN D 1043 -21.34 -0.72 28.10
N GLN D 1044 -22.48 -0.04 28.12
CA GLN D 1044 -23.13 0.35 26.87
C GLN D 1044 -22.27 1.31 26.06
N VAL D 1045 -21.70 2.31 26.73
CA VAL D 1045 -20.83 3.27 26.03
C VAL D 1045 -19.61 2.56 25.45
N LEU D 1046 -19.03 1.62 26.20
CA LEU D 1046 -17.87 0.90 25.70
C LEU D 1046 -18.22 -0.02 24.55
N ASN D 1047 -19.41 -0.62 24.55
CA ASN D 1047 -19.84 -1.41 23.40
C ASN D 1047 -19.93 -0.54 22.16
N LYS D 1048 -20.52 0.66 22.29
CA LYS D 1048 -20.56 1.57 21.15
C LYS D 1048 -19.16 1.96 20.70
N LEU D 1049 -18.27 2.24 21.65
CA LEU D 1049 -16.91 2.64 21.30
C LEU D 1049 -16.16 1.51 20.58
N GLN D 1050 -16.34 0.27 21.03
CA GLN D 1050 -15.74 -0.86 20.36
C GLN D 1050 -16.27 -1.01 18.94
N SER D 1051 -17.58 -0.77 18.76
CA SER D 1051 -18.12 -0.76 17.41
C SER D 1051 -17.60 0.40 16.58
N LEU D 1052 -17.09 1.45 17.21
CA LEU D 1052 -16.62 2.64 16.49
C LEU D 1052 -15.12 2.67 16.25
N ALA D 1053 -14.31 2.29 17.23
CA ALA D 1053 -12.85 2.35 17.13
C ALA D 1053 -12.22 1.05 17.64
N PRO D 1054 -12.35 -0.04 16.88
CA PRO D 1054 -11.78 -1.31 17.35
C PRO D 1054 -10.27 -1.31 17.50
N GLN D 1055 -9.56 -0.57 16.65
CA GLN D 1055 -8.10 -0.58 16.67
C GLN D 1055 -7.53 0.08 17.92
N ASP D 1056 -8.33 0.88 18.61
CA ASP D 1056 -7.88 1.49 19.86
C ASP D 1056 -7.83 0.45 20.97
N SER D 1057 -6.99 0.72 21.98
CA SER D 1057 -6.81 -0.21 23.08
C SER D 1057 -7.55 0.20 24.35
N SER D 1058 -8.03 1.44 24.43
CA SER D 1058 -8.74 1.89 25.63
C SER D 1058 -10.04 1.14 25.89
N PRO D 1059 -10.92 0.92 24.90
CA PRO D 1059 -12.16 0.17 25.20
C PRO D 1059 -11.91 -1.22 25.76
N TRP D 1060 -10.88 -1.91 25.26
CA TRP D 1060 -10.57 -3.24 25.78
C TRP D 1060 -10.13 -3.18 27.23
N LEU D 1061 -9.34 -2.16 27.58
CA LEU D 1061 -8.93 -1.97 28.97
C LEU D 1061 -10.13 -1.69 29.86
N GLY D 1062 -11.07 -0.86 29.40
CA GLY D 1062 -12.25 -0.59 30.19
C GLY D 1062 -13.13 -1.81 30.39
N MET D 1063 -13.33 -2.59 29.31
CA MET D 1063 -14.09 -3.83 29.42
C MET D 1063 -13.42 -4.79 30.38
N ALA D 1064 -12.09 -4.90 30.32
CA ALA D 1064 -11.38 -5.80 31.22
C ALA D 1064 -11.53 -5.36 32.67
N LEU D 1065 -11.48 -4.05 32.92
CA LEU D 1065 -11.68 -3.56 34.28
C LEU D 1065 -13.07 -3.90 34.79
N ILE D 1066 -14.10 -3.70 33.95
CA ILE D 1066 -15.46 -4.00 34.37
C ILE D 1066 -15.60 -5.50 34.67
N LEU D 1067 -15.07 -6.35 33.78
CA LEU D 1067 -15.17 -7.80 33.98
C LEU D 1067 -14.42 -8.23 35.22
N GLU D 1068 -13.25 -7.64 35.48
CA GLU D 1068 -12.50 -7.98 36.68
C GLU D 1068 -13.27 -7.60 37.94
N GLU D 1069 -13.94 -6.44 37.91
CA GLU D 1069 -14.77 -6.07 39.05
C GLU D 1069 -15.94 -7.04 39.22
N GLN D 1070 -16.53 -7.48 38.10
CA GLN D 1070 -17.70 -8.36 38.18
C GLN D 1070 -17.35 -9.70 38.80
N GLY D 1071 -16.20 -10.27 38.44
CA GLY D 1071 -15.78 -11.53 39.01
C GLY D 1071 -15.25 -12.54 38.02
N ASP D 1072 -15.39 -12.26 36.73
CA ASP D 1072 -14.89 -13.15 35.69
C ASP D 1072 -13.36 -13.06 35.63
N ILE D 1073 -12.74 -14.19 35.34
CA ILE D 1073 -11.28 -14.33 35.38
C ILE D 1073 -10.72 -14.61 33.99
N ILE D 1074 -11.31 -15.55 33.27
CA ILE D 1074 -10.79 -15.92 31.95
C ILE D 1074 -11.00 -14.78 30.95
N GLY D 1075 -12.22 -14.24 30.92
CA GLY D 1075 -12.49 -13.15 30.00
C GLY D 1075 -11.69 -11.90 30.30
N SER D 1076 -11.50 -11.61 31.60
CA SER D 1076 -10.69 -10.47 31.99
C SER D 1076 -9.25 -10.64 31.50
N SER D 1077 -8.69 -11.83 31.65
CA SER D 1077 -7.33 -12.07 31.18
C SER D 1077 -7.23 -11.95 29.67
N LYS D 1078 -8.21 -12.49 28.94
CA LYS D 1078 -8.19 -12.37 27.49
C LYS D 1078 -8.26 -10.91 27.05
N LEU D 1079 -9.12 -10.12 27.69
CA LEU D 1079 -9.25 -8.72 27.30
C LEU D 1079 -8.00 -7.92 27.66
N PHE D 1080 -7.39 -8.21 28.81
CA PHE D 1080 -6.14 -7.55 29.17
C PHE D 1080 -5.04 -7.86 28.16
N ALA D 1081 -4.94 -9.12 27.74
CA ALA D 1081 -3.93 -9.49 26.74
C ALA D 1081 -4.19 -8.78 25.42
N HIS D 1082 -5.46 -8.71 24.99
CA HIS D 1082 -5.77 -8.03 23.74
C HIS D 1082 -5.43 -6.54 23.82
N SER D 1083 -5.76 -5.90 24.94
CA SER D 1083 -5.42 -4.50 25.11
C SER D 1083 -3.92 -4.27 25.07
N PHE D 1084 -3.16 -5.13 25.76
CA PHE D 1084 -1.70 -4.98 25.76
C PHE D 1084 -1.13 -5.15 24.36
N ILE D 1085 -1.61 -6.14 23.61
CA ILE D 1085 -1.08 -6.37 22.27
C ILE D 1085 -1.43 -5.20 21.35
N LEU D 1086 -2.67 -4.69 21.45
CA LEU D 1086 -3.07 -3.58 20.60
C LEU D 1086 -2.33 -2.29 20.96
N SER D 1087 -1.92 -2.13 22.22
CA SER D 1087 -1.29 -0.89 22.65
C SER D 1087 0.01 -0.62 21.91
N ASN D 1088 0.82 -1.66 21.69
CA ASN D 1088 2.12 -1.54 21.03
C ASN D 1088 3.02 -0.55 21.77
N GLY D 1089 3.10 -0.70 23.08
CA GLY D 1089 4.02 0.06 23.90
C GLY D 1089 3.67 1.51 24.12
N ARG D 1090 2.45 1.93 23.83
CA ARG D 1090 2.05 3.33 23.93
C ARG D 1090 1.27 3.65 25.19
N SER D 1091 0.93 2.66 26.01
CA SER D 1091 0.14 2.88 27.21
C SER D 1091 0.86 2.28 28.42
N LYS D 1092 1.01 3.08 29.47
CA LYS D 1092 1.56 2.56 30.73
C LYS D 1092 0.53 1.71 31.46
N ALA D 1093 -0.74 2.12 31.42
CA ALA D 1093 -1.79 1.39 32.11
C ALA D 1093 -1.93 -0.02 31.56
N ALA D 1094 -1.86 -0.18 30.24
CA ALA D 1094 -1.98 -1.49 29.64
C ALA D 1094 -0.85 -2.41 30.10
N GLN D 1095 0.38 -1.90 30.11
CA GLN D 1095 1.53 -2.70 30.55
C GLN D 1095 1.38 -3.10 32.00
N PHE D 1096 1.02 -2.15 32.86
CA PHE D 1096 0.88 -2.43 34.28
C PHE D 1096 -0.20 -3.47 34.54
N MET D 1097 -1.36 -3.30 33.91
CA MET D 1097 -2.47 -4.23 34.12
C MET D 1097 -2.13 -5.62 33.60
N TYR D 1098 -1.47 -5.70 32.44
CA TYR D 1098 -1.10 -7.00 31.90
C TYR D 1098 -0.11 -7.72 32.82
N ALA D 1099 0.90 -6.99 33.31
CA ALA D 1099 1.87 -7.62 34.20
C ALA D 1099 1.21 -8.08 35.50
N LYS D 1100 0.31 -7.26 36.05
CA LYS D 1100 -0.38 -7.65 37.28
C LYS D 1100 -1.24 -8.90 37.05
N ASN D 1101 -1.93 -8.96 35.91
CA ASN D 1101 -2.78 -10.11 35.63
C ASN D 1101 -1.95 -11.39 35.49
N VAL D 1102 -0.86 -11.31 34.71
CA VAL D 1102 0.00 -12.47 34.53
C VAL D 1102 0.57 -12.94 35.86
N LEU D 1103 0.98 -12.00 36.71
CA LEU D 1103 1.48 -12.38 38.03
C LEU D 1103 0.39 -13.01 38.89
N GLU D 1104 -0.82 -12.47 38.83
CA GLU D 1104 -1.92 -13.00 39.63
C GLU D 1104 -2.36 -14.38 39.20
N ASN D 1105 -2.13 -14.76 37.94
CA ASN D 1105 -2.56 -16.08 37.49
C ASN D 1105 -1.53 -17.18 37.71
N HIS D 1106 -0.30 -16.86 38.12
CA HIS D 1106 0.78 -17.84 38.16
C HIS D 1106 1.61 -17.71 39.44
N ILE D 1107 0.95 -17.65 40.59
CA ILE D 1107 1.64 -17.60 41.88
C ILE D 1107 1.48 -18.90 42.66
N ASN D 1108 0.24 -19.38 42.80
CA ASN D 1108 -0.03 -20.63 43.49
C ASN D 1108 -0.79 -21.58 42.58
N ASN D 1109 -0.42 -21.61 41.30
CA ASN D 1109 -1.13 -22.40 40.32
C ASN D 1109 -0.55 -23.79 40.12
N GLY D 1110 0.56 -24.11 40.78
CA GLY D 1110 1.17 -25.42 40.61
C GLY D 1110 1.79 -25.60 39.24
N ASP D 1111 2.82 -24.83 38.93
CA ASP D 1111 3.51 -24.88 37.65
C ASP D 1111 4.93 -25.41 37.84
N ASP D 1112 5.52 -25.85 36.73
CA ASP D 1112 6.89 -26.34 36.73
C ASP D 1112 7.70 -25.55 35.70
N GLU D 1113 9.01 -25.47 35.94
CA GLU D 1113 9.89 -24.69 35.07
C GLU D 1113 9.90 -25.22 33.64
N ARG D 1114 9.49 -26.47 33.42
CA ARG D 1114 9.53 -27.05 32.09
C ARG D 1114 8.40 -26.58 31.19
N ASP D 1115 7.42 -25.87 31.72
CA ASP D 1115 6.33 -25.34 30.91
C ASP D 1115 6.83 -24.10 30.16
N ILE D 1116 6.82 -24.18 28.83
CA ILE D 1116 7.37 -23.10 28.02
C ILE D 1116 6.46 -21.86 28.07
N GLU D 1117 5.14 -22.07 28.04
CA GLU D 1117 4.20 -20.96 27.95
C GLU D 1117 4.27 -20.06 29.17
N THR D 1118 4.36 -20.66 30.36
CA THR D 1118 4.44 -19.86 31.58
C THR D 1118 5.72 -19.02 31.62
N VAL D 1119 6.84 -19.63 31.24
CA VAL D 1119 8.10 -18.90 31.21
C VAL D 1119 8.04 -17.74 30.22
N GLU D 1120 7.44 -17.97 29.05
CA GLU D 1120 7.33 -16.91 28.06
C GLU D 1120 6.41 -15.80 28.55
N LYS D 1121 5.33 -16.14 29.25
CA LYS D 1121 4.45 -15.12 29.83
C LYS D 1121 5.22 -14.28 30.84
N LEU D 1122 6.00 -14.93 31.71
CA LEU D 1122 6.77 -14.18 32.70
C LEU D 1122 7.79 -13.27 32.04
N THR D 1123 8.44 -13.76 30.97
CA THR D 1123 9.41 -12.93 30.26
C THR D 1123 8.75 -11.71 29.63
N THR D 1124 7.58 -11.89 29.01
CA THR D 1124 6.87 -10.77 28.43
C THR D 1124 6.46 -9.76 29.49
N ALA D 1125 6.01 -10.25 30.65
CA ALA D 1125 5.65 -9.35 31.74
C ALA D 1125 6.85 -8.55 32.22
N SER D 1126 8.01 -9.19 32.30
CA SER D 1126 9.22 -8.50 32.73
C SER D 1126 9.61 -7.41 31.73
N ILE D 1127 9.53 -7.71 30.44
CA ILE D 1127 9.84 -6.70 29.42
C ILE D 1127 8.87 -5.52 29.51
N ALA D 1128 7.58 -5.82 29.68
CA ALA D 1128 6.58 -4.76 29.81
C ALA D 1128 6.86 -3.89 31.02
N LEU D 1129 7.25 -4.50 32.14
CA LEU D 1129 7.55 -3.72 33.33
C LEU D 1129 8.80 -2.86 33.17
N GLU D 1130 9.80 -3.34 32.44
CA GLU D 1130 10.97 -2.50 32.15
C GLU D 1130 10.58 -1.28 31.32
N GLN D 1131 9.78 -1.49 30.28
CA GLN D 1131 9.32 -0.37 29.47
C GLN D 1131 8.47 0.59 30.30
N PHE D 1132 7.66 0.06 31.21
CA PHE D 1132 6.89 0.90 32.11
C PHE D 1132 7.79 1.74 33.01
N PHE D 1133 8.85 1.13 33.55
CA PHE D 1133 9.76 1.84 34.44
C PHE D 1133 10.54 2.92 33.71
N LYS D 1134 10.72 2.78 32.39
CA LYS D 1134 11.38 3.85 31.64
C LYS D 1134 10.61 5.16 31.73
N LYS D 1135 9.28 5.10 31.92
CA LYS D 1135 8.45 6.30 31.95
C LYS D 1135 8.03 6.71 33.35
N SER D 1136 7.69 5.77 34.23
CA SER D 1136 7.20 6.08 35.57
C SER D 1136 7.93 5.24 36.61
N PRO D 1137 9.16 5.61 36.95
CA PRO D 1137 9.86 4.91 38.03
C PRO D 1137 9.28 5.30 39.39
N ASP D 1138 9.85 4.76 40.46
CA ASP D 1138 9.40 5.08 41.83
C ASP D 1138 7.93 4.75 42.02
N SER D 1139 7.50 3.64 41.43
CA SER D 1139 6.14 3.12 41.61
C SER D 1139 6.22 1.84 42.45
N GLN D 1140 5.67 1.90 43.66
CA GLN D 1140 5.88 0.82 44.63
C GLN D 1140 5.29 -0.50 44.16
N PHE D 1141 4.05 -0.48 43.66
CA PHE D 1141 3.39 -1.71 43.26
C PHE D 1141 4.09 -2.35 42.07
N ALA D 1142 4.48 -1.53 41.09
CA ALA D 1142 5.19 -2.05 39.92
C ALA D 1142 6.54 -2.63 40.32
N LEU D 1143 7.23 -1.99 41.26
CA LEU D 1143 8.51 -2.51 41.72
C LEU D 1143 8.35 -3.85 42.44
N GLN D 1144 7.30 -3.98 43.26
CA GLN D 1144 7.05 -5.25 43.92
C GLN D 1144 6.75 -6.36 42.91
N CYS D 1145 5.92 -6.05 41.91
CA CYS D 1145 5.62 -7.04 40.88
C CYS D 1145 6.86 -7.42 40.10
N ALA D 1146 7.72 -6.44 39.80
CA ALA D 1146 8.95 -6.71 39.07
C ALA D 1146 9.86 -7.62 39.88
N LEU D 1147 9.98 -7.37 41.18
CA LEU D 1147 10.81 -8.24 42.01
C LEU D 1147 10.24 -9.66 42.04
N LEU D 1148 8.92 -9.78 42.16
CA LEU D 1148 8.31 -11.11 42.16
C LEU D 1148 8.59 -11.87 40.87
N THR D 1149 8.52 -11.19 39.73
CA THR D 1149 8.78 -11.85 38.45
C THR D 1149 10.26 -12.19 38.30
N LEU D 1150 11.14 -11.26 38.66
CA LEU D 1150 12.58 -11.47 38.44
C LEU D 1150 13.12 -12.58 39.33
N GLU D 1151 12.66 -12.65 40.59
CA GLU D 1151 13.11 -13.72 41.47
C GLU D 1151 12.71 -15.09 40.92
N ARG D 1152 11.64 -15.14 40.15
CA ARG D 1152 11.16 -16.39 39.59
C ARG D 1152 11.79 -16.71 38.24
N LEU D 1153 12.31 -15.72 37.53
CA LEU D 1153 13.07 -15.96 36.30
C LEU D 1153 14.56 -16.15 36.53
N HIS D 1154 15.02 -16.12 37.79
CA HIS D 1154 16.44 -16.26 38.16
C HIS D 1154 17.28 -15.10 37.63
N HIS D 1155 16.70 -13.91 37.50
CA HIS D 1155 17.41 -12.71 37.07
C HIS D 1155 17.74 -11.91 38.32
N TYR D 1156 18.89 -12.20 38.92
CA TYR D 1156 19.17 -11.70 40.26
C TYR D 1156 19.83 -10.32 40.29
N GLU D 1157 20.56 -9.92 39.24
CA GLU D 1157 21.20 -8.61 39.25
C GLU D 1157 20.18 -7.48 39.07
N ASN D 1158 19.26 -7.65 38.11
CA ASN D 1158 18.18 -6.69 37.93
C ASN D 1158 17.32 -6.62 39.19
N ALA D 1159 17.07 -7.78 39.81
CA ALA D 1159 16.33 -7.81 41.06
C ALA D 1159 17.08 -7.04 42.14
N ASN D 1160 18.40 -7.18 42.19
CA ASN D 1160 19.19 -6.44 43.19
C ASN D 1160 19.04 -4.94 43.00
N GLU D 1161 19.16 -4.48 41.75
CA GLU D 1161 19.04 -3.04 41.49
C GLU D 1161 17.64 -2.51 41.86
N LEU D 1162 16.60 -3.21 41.39
CA LEU D 1162 15.24 -2.77 41.65
C LEU D 1162 14.92 -2.82 43.15
N ALA D 1163 15.43 -3.83 43.84
CA ALA D 1163 15.18 -3.94 45.28
C ALA D 1163 15.92 -2.87 46.06
N ASN D 1164 17.12 -2.49 45.62
CA ASN D 1164 17.80 -1.35 46.24
C ASN D 1164 16.97 -0.08 46.09
N ARG D 1165 16.44 0.15 44.88
CA ARG D 1165 15.59 1.32 44.66
C ARG D 1165 14.37 1.30 45.57
N LEU D 1166 13.69 0.15 45.62
CA LEU D 1166 12.46 0.04 46.42
C LEU D 1166 12.76 0.20 47.90
N ILE D 1167 13.86 -0.37 48.39
CA ILE D 1167 14.22 -0.25 49.79
C ILE D 1167 14.51 1.20 50.14
N GLY D 1168 15.21 1.91 49.25
CA GLY D 1168 15.40 3.34 49.48
C GLY D 1168 14.10 4.10 49.54
N ILE D 1169 13.16 3.79 48.65
CA ILE D 1169 11.87 4.48 48.63
C ILE D 1169 11.14 4.26 49.95
N LEU D 1170 11.03 3.00 50.38
CA LEU D 1170 10.31 2.70 51.62
C LEU D 1170 11.01 3.28 52.84
N GLU D 1171 12.35 3.32 52.83
CA GLU D 1171 13.06 3.92 53.95
C GLU D 1171 12.81 5.42 54.01
N LYS D 1172 12.78 6.10 52.86
CA LYS D 1172 12.47 7.53 52.85
C LYS D 1172 11.03 7.79 53.31
N LYS D 1173 10.10 6.94 52.86
CA LYS D 1173 8.69 7.16 53.16
C LYS D 1173 8.37 7.00 54.65
N PHE D 1174 9.26 6.40 55.43
CA PHE D 1174 9.03 6.25 56.86
C PHE D 1174 10.14 6.93 57.66
N GLN D 1178 5.78 6.99 60.72
CA GLN D 1178 5.83 5.96 61.75
C GLN D 1178 4.45 5.32 61.93
N ASP D 1179 4.31 4.09 61.43
CA ASP D 1179 3.05 3.36 61.48
C ASP D 1179 3.35 1.89 61.71
N GLU D 1180 2.33 1.04 61.51
CA GLU D 1180 2.46 -0.39 61.70
C GLU D 1180 2.57 -1.15 60.39
N ARG D 1181 1.67 -0.88 59.43
CA ARG D 1181 1.71 -1.58 58.15
C ARG D 1181 3.01 -1.29 57.39
N GLU D 1182 3.59 -0.12 57.61
CA GLU D 1182 4.88 0.19 57.00
C GLU D 1182 5.95 -0.79 57.47
N LEU D 1183 5.97 -1.11 58.76
CA LEU D 1183 6.95 -2.06 59.27
C LEU D 1183 6.74 -3.45 58.68
N PHE D 1184 5.48 -3.88 58.55
CA PHE D 1184 5.22 -5.21 58.00
C PHE D 1184 5.64 -5.29 56.53
N ASN D 1185 5.31 -4.27 55.74
CA ASN D 1185 5.73 -4.26 54.34
C ASN D 1185 7.25 -4.21 54.23
N PHE D 1186 7.90 -3.46 55.11
CA PHE D 1186 9.36 -3.44 55.15
C PHE D 1186 9.93 -4.81 55.47
N ALA D 1187 9.31 -5.53 56.41
CA ALA D 1187 9.79 -6.86 56.75
C ALA D 1187 9.65 -7.83 55.58
N ILE D 1188 8.52 -7.76 54.87
CA ILE D 1188 8.32 -8.63 53.70
C ILE D 1188 9.34 -8.31 52.62
N ILE D 1189 9.57 -7.01 52.37
CA ILE D 1189 10.54 -6.61 51.35
C ILE D 1189 11.95 -7.07 51.74
N LYS D 1190 12.28 -6.98 53.03
CA LYS D 1190 13.60 -7.43 53.48
C LYS D 1190 13.74 -8.94 53.36
N GLY D 1191 12.66 -9.68 53.58
CA GLY D 1191 12.70 -11.12 53.36
C GLY D 1191 12.96 -11.49 51.92
N GLN D 1192 12.26 -10.83 50.99
CA GLN D 1192 12.52 -11.06 49.57
C GLN D 1192 13.95 -10.66 49.20
N PHE D 1193 14.44 -9.58 49.80
CA PHE D 1193 15.78 -9.08 49.49
C PHE D 1193 16.85 -10.04 50.00
N ALA D 1194 16.61 -10.65 51.16
CA ALA D 1194 17.47 -11.72 51.64
C ALA D 1194 17.44 -12.93 50.71
N ARG D 1195 16.25 -13.26 50.19
CA ARG D 1195 16.18 -14.34 49.20
C ARG D 1195 17.02 -14.03 47.98
N ILE D 1196 16.99 -12.77 47.53
CA ILE D 1196 17.78 -12.38 46.36
C ILE D 1196 19.27 -12.52 46.63
N HIS D 1197 19.74 -12.10 47.82
CA HIS D 1197 21.15 -12.33 48.15
C HIS D 1197 21.50 -13.81 48.24
N LEU D 1198 20.60 -14.62 48.81
CA LEU D 1198 20.88 -16.05 48.89
C LEU D 1198 21.03 -16.64 47.49
N GLY D 1199 20.15 -16.25 46.57
CA GLY D 1199 20.27 -16.72 45.21
C GLY D 1199 21.45 -16.16 44.45
N LEU D 1200 21.96 -14.99 44.87
CA LEU D 1200 23.04 -14.33 44.17
C LEU D 1200 24.43 -14.79 44.62
N GLY D 1201 24.54 -15.53 45.71
CA GLY D 1201 25.81 -15.98 46.21
C GLY D 1201 26.39 -15.17 47.35
N ASN D 1202 25.68 -14.17 47.85
CA ASN D 1202 26.14 -13.34 48.96
C ASN D 1202 25.44 -13.84 50.22
N PHE D 1203 26.09 -14.79 50.90
CA PHE D 1203 25.46 -15.46 52.03
C PHE D 1203 25.44 -14.60 53.29
N GLU D 1204 26.47 -13.80 53.51
CA GLU D 1204 26.50 -12.94 54.70
C GLU D 1204 25.40 -11.89 54.64
N LEU D 1205 25.23 -11.23 53.49
CA LEU D 1205 24.18 -10.24 53.36
C LEU D 1205 22.80 -10.87 53.48
N SER D 1206 22.63 -12.07 52.91
CA SER D 1206 21.37 -12.78 53.05
C SER D 1206 21.06 -13.08 54.51
N ILE D 1207 22.07 -13.53 55.27
CA ILE D 1207 21.86 -13.81 56.68
C ILE D 1207 21.48 -12.54 57.43
N GLU D 1208 22.17 -11.44 57.14
CA GLU D 1208 21.88 -10.19 57.83
C GLU D 1208 20.45 -9.72 57.56
N ASN D 1209 20.05 -9.72 56.29
CA ASN D 1209 18.71 -9.29 55.92
C ASN D 1209 17.65 -10.20 56.52
N ALA D 1210 17.89 -11.51 56.51
CA ALA D 1210 16.93 -12.44 57.08
C ALA D 1210 16.77 -12.22 58.57
N ASP D 1211 17.88 -11.99 59.28
CA ASP D 1211 17.80 -11.71 60.71
C ASP D 1211 17.04 -10.43 60.98
N LEU D 1212 17.32 -9.38 60.20
CA LEU D 1212 16.62 -8.11 60.42
C LEU D 1212 15.12 -8.26 60.17
N SER D 1213 14.75 -8.98 59.11
CA SER D 1213 13.33 -9.19 58.82
C SER D 1213 12.66 -10.05 59.90
N GLN D 1214 13.35 -11.09 60.36
CA GLN D 1214 12.80 -11.94 61.40
C GLN D 1214 12.60 -11.20 62.71
N GLY D 1215 13.48 -10.26 63.02
CA GLY D 1215 13.37 -9.53 64.29
C GLY D 1215 12.07 -8.76 64.41
N ILE D 1216 11.62 -8.14 63.32
CA ILE D 1216 10.45 -7.26 63.40
C ILE D 1216 9.14 -8.03 63.26
N ILE D 1217 9.16 -9.30 62.88
CA ILE D 1217 7.94 -10.06 62.69
C ILE D 1217 7.97 -11.32 63.55
N SER D 1218 8.76 -11.29 64.62
CA SER D 1218 8.91 -12.46 65.49
C SER D 1218 7.73 -12.66 66.44
N GLU D 1219 6.83 -11.69 66.54
CA GLU D 1219 5.71 -11.75 67.47
C GLU D 1219 4.40 -11.47 66.75
N SER D 1220 4.21 -12.13 65.60
CA SER D 1220 2.98 -11.97 64.84
C SER D 1220 2.29 -13.31 64.63
N LYS D 1224 0.05 -14.37 56.28
CA LYS D 1224 1.06 -13.62 55.55
C LYS D 1224 2.40 -13.64 56.29
N SER D 1225 2.33 -13.68 57.62
CA SER D 1225 3.54 -13.75 58.42
C SER D 1225 4.16 -15.14 58.40
N MET D 1226 3.34 -16.19 58.23
CA MET D 1226 3.87 -17.54 58.17
C MET D 1226 4.75 -17.74 56.95
N LYS D 1227 4.35 -17.15 55.81
CA LYS D 1227 5.17 -17.24 54.61
C LYS D 1227 6.53 -16.59 54.82
N THR D 1228 6.55 -15.40 55.43
CA THR D 1228 7.81 -14.73 55.68
C THR D 1228 8.67 -15.51 56.67
N LYS D 1229 8.04 -16.10 57.68
CA LYS D 1229 8.80 -16.92 58.64
C LYS D 1229 9.44 -18.12 57.97
N ILE D 1230 8.68 -18.80 57.10
CA ILE D 1230 9.23 -19.95 56.37
C ILE D 1230 10.38 -19.52 55.49
N SER D 1231 10.22 -18.40 54.77
CA SER D 1231 11.27 -17.91 53.89
C SER D 1231 12.53 -17.56 54.67
N ASN D 1232 12.38 -16.90 55.81
CA ASN D 1232 13.53 -16.55 56.63
C ASN D 1232 14.25 -17.80 57.13
N HIS D 1233 13.50 -18.81 57.58
CA HIS D 1233 14.12 -20.04 58.05
C HIS D 1233 14.89 -20.71 56.92
N ILE D 1234 14.29 -20.80 55.74
CA ILE D 1234 14.95 -21.46 54.61
C ILE D 1234 16.22 -20.71 54.24
N CYS D 1235 16.14 -19.39 54.14
CA CYS D 1235 17.30 -18.60 53.72
C CYS D 1235 18.42 -18.67 54.74
N LEU D 1236 18.10 -18.58 56.03
CA LEU D 1236 19.13 -18.67 57.06
C LEU D 1236 19.79 -20.05 57.04
N GLY D 1237 18.99 -21.11 56.94
CA GLY D 1237 19.57 -22.45 56.90
C GLY D 1237 20.47 -22.67 55.71
N LEU D 1238 20.01 -22.27 54.52
CA LEU D 1238 20.82 -22.48 53.32
C LEU D 1238 22.04 -21.59 53.30
N SER D 1239 21.96 -20.37 53.84
CA SER D 1239 23.12 -19.51 53.91
C SER D 1239 24.16 -20.08 54.88
N TYR D 1240 23.72 -20.61 56.02
CA TYR D 1240 24.67 -21.17 56.97
C TYR D 1240 25.27 -22.47 56.47
N PHE D 1241 24.50 -23.25 55.70
CA PHE D 1241 25.04 -24.52 55.19
C PHE D 1241 26.22 -24.29 54.26
N PHE D 1242 26.14 -23.30 53.38
CA PHE D 1242 27.21 -23.01 52.44
C PHE D 1242 28.38 -22.32 53.13
N ASP D 1245 30.61 -22.27 56.15
CA ASP D 1245 30.08 -23.60 56.39
C ASP D 1245 29.97 -23.90 57.88
N PHE D 1246 28.91 -23.38 58.50
CA PHE D 1246 28.64 -23.60 59.92
C PHE D 1246 27.48 -24.58 60.02
N ASP D 1247 27.79 -25.85 60.29
CA ASP D 1247 26.78 -26.89 60.28
C ASP D 1247 25.87 -26.84 61.51
N GLN D 1248 26.36 -26.29 62.62
CA GLN D 1248 25.54 -26.24 63.84
C GLN D 1248 24.37 -25.29 63.68
N THR D 1249 24.61 -24.10 63.14
CA THR D 1249 23.54 -23.14 62.93
C THR D 1249 22.53 -23.67 61.91
N LEU D 1250 23.03 -24.30 60.84
CA LEU D 1250 22.14 -24.88 59.84
C LEU D 1250 21.28 -25.98 60.47
N ASN D 1251 21.88 -26.84 61.29
CA ASN D 1251 21.12 -27.90 61.95
C ASN D 1251 20.04 -27.32 62.85
N GLN D 1252 20.39 -26.31 63.65
CA GLN D 1252 19.40 -25.71 64.53
C GLN D 1252 18.27 -25.06 63.74
N PHE D 1253 18.60 -24.38 62.64
CA PHE D 1253 17.57 -23.69 61.87
C PHE D 1253 16.66 -24.67 61.13
N GLN D 1254 17.21 -25.77 60.63
CA GLN D 1254 16.36 -26.76 59.97
C GLN D 1254 15.54 -27.55 60.97
N GLU D 1255 16.05 -27.74 62.20
CA GLU D 1255 15.21 -28.30 63.25
C GLU D 1255 14.13 -27.34 63.70
N LEU D 1256 14.34 -26.03 63.48
CA LEU D 1256 13.31 -25.05 63.81
C LEU D 1256 12.10 -25.20 62.89
N LEU D 1257 12.33 -25.51 61.61
CA LEU D 1257 11.24 -25.70 60.67
C LEU D 1257 10.35 -26.88 61.06
N ASP D 1262 4.97 -30.71 55.55
CA ASP D 1262 4.30 -31.27 54.37
C ASP D 1262 4.85 -30.65 53.08
N SER D 1263 4.01 -30.68 52.04
CA SER D 1263 4.29 -30.12 50.73
C SER D 1263 5.37 -30.89 49.99
N LYS D 1264 5.98 -31.87 50.64
CA LYS D 1264 6.82 -32.88 50.00
C LYS D 1264 8.14 -32.32 49.52
N HIS D 1265 8.29 -30.99 49.54
CA HIS D 1265 9.49 -30.34 49.03
C HIS D 1265 10.39 -29.81 50.13
N LEU D 1266 9.81 -29.22 51.18
CA LEU D 1266 10.59 -28.82 52.34
C LEU D 1266 11.26 -30.03 52.98
N VAL D 1267 10.54 -31.15 53.07
CA VAL D 1267 11.10 -32.36 53.66
C VAL D 1267 12.29 -32.85 52.84
N VAL D 1268 12.14 -32.88 51.52
CA VAL D 1268 13.23 -33.36 50.67
C VAL D 1268 14.44 -32.45 50.78
N LEU D 1269 14.22 -31.12 50.77
CA LEU D 1269 15.33 -30.18 50.88
C LEU D 1269 16.05 -30.34 52.22
N ILE D 1270 15.29 -30.46 53.30
CA ILE D 1270 15.89 -30.60 54.63
C ILE D 1270 16.67 -31.90 54.72
N ALA D 1271 16.11 -32.99 54.18
CA ALA D 1271 16.83 -34.27 54.20
C ALA D 1271 18.11 -34.19 53.41
N LYS D 1272 18.09 -33.55 52.24
CA LYS D 1272 19.30 -33.39 51.44
C LYS D 1272 20.36 -32.63 52.22
N VAL D 1273 19.98 -31.52 52.84
CA VAL D 1273 20.94 -30.69 53.57
C VAL D 1273 21.52 -31.47 54.75
N LEU D 1274 20.65 -32.14 55.52
CA LEU D 1274 21.11 -32.87 56.69
C LEU D 1274 22.02 -34.03 56.31
N TYR D 1275 21.70 -34.73 55.22
CA TYR D 1275 22.57 -35.80 54.75
C TYR D 1275 23.91 -35.25 54.30
N ASP D 1276 23.91 -34.13 53.58
CA ASP D 1276 25.17 -33.55 53.12
C ASP D 1276 25.98 -32.95 54.26
N VAL D 1277 25.36 -32.74 55.44
CA VAL D 1277 26.12 -32.29 56.60
C VAL D 1277 27.21 -33.31 56.94
N GLY D 1278 26.85 -34.59 56.97
CA GLY D 1278 27.81 -35.65 57.16
C GLY D 1278 27.86 -36.29 58.53
N GLU D 1279 26.90 -36.00 59.40
CA GLU D 1279 26.87 -36.58 60.73
C GLU D 1279 25.91 -37.76 60.80
N SER D 1280 26.23 -38.72 61.68
CA SER D 1280 25.37 -39.88 61.85
C SER D 1280 23.99 -39.46 62.38
N ASP D 1281 23.97 -38.56 63.35
CA ASP D 1281 22.70 -38.07 63.88
C ASP D 1281 21.91 -37.34 62.81
N THR D 1282 22.58 -36.54 61.98
CA THR D 1282 21.88 -35.82 60.91
C THR D 1282 21.29 -36.79 59.90
N LYS D 1283 22.05 -37.82 59.52
CA LYS D 1283 21.53 -38.81 58.58
C LYS D 1283 20.34 -39.57 59.17
N GLU D 1284 20.44 -39.95 60.44
CA GLU D 1284 19.33 -40.63 61.10
C GLU D 1284 18.09 -39.75 61.15
N ILE D 1285 18.28 -38.45 61.44
CA ILE D 1285 17.15 -37.52 61.49
C ILE D 1285 16.50 -37.40 60.11
N ALA D 1286 17.32 -37.29 59.07
CA ALA D 1286 16.78 -37.19 57.71
C ALA D 1286 15.97 -38.43 57.35
N LEU D 1287 16.53 -39.61 57.65
CA LEU D 1287 15.82 -40.86 57.34
C LEU D 1287 14.51 -40.95 58.13
N GLN D 1288 14.55 -40.59 59.41
CA GLN D 1288 13.34 -40.65 60.23
C GLN D 1288 12.27 -39.70 59.73
N GLU D 1289 12.67 -38.49 59.32
CA GLU D 1289 11.69 -37.53 58.80
C GLU D 1289 11.08 -38.00 57.48
N LEU D 1290 11.91 -38.55 56.58
CA LEU D 1290 11.38 -39.04 55.32
C LEU D 1290 10.43 -40.21 55.55
N THR D 1291 10.78 -41.14 56.45
CA THR D 1291 9.90 -42.26 56.74
C THR D 1291 8.61 -41.79 57.41
N GLU D 1292 8.70 -40.76 58.27
CA GLU D 1292 7.51 -40.21 58.88
C GLU D 1292 6.58 -39.61 57.83
N TYR D 1293 7.13 -38.88 56.86
CA TYR D 1293 6.29 -38.34 55.79
C TYR D 1293 5.65 -39.48 55.00
N ILE D 1294 6.42 -40.53 54.70
CA ILE D 1294 5.88 -41.65 53.94
C ILE D 1294 4.73 -42.31 54.70
N ALA D 1295 4.89 -42.50 56.01
CA ALA D 1295 3.86 -43.14 56.81
C ALA D 1295 2.66 -42.24 57.08
N THR D 1296 2.83 -40.91 56.97
CA THR D 1296 1.74 -39.99 57.26
C THR D 1296 0.93 -39.64 56.01
N SER D 1297 1.59 -39.11 54.99
CA SER D 1297 0.91 -38.56 53.82
C SER D 1297 0.84 -39.52 52.65
N GLY D 1298 1.21 -40.78 52.85
CA GLY D 1298 1.17 -41.76 51.78
C GLY D 1298 2.50 -41.91 51.07
N ALA D 1299 2.42 -42.51 49.89
CA ALA D 1299 3.60 -42.84 49.10
C ALA D 1299 3.68 -41.95 47.86
N ASP D 1300 4.90 -41.59 47.49
CA ASP D 1300 5.16 -40.78 46.31
C ASP D 1300 6.50 -41.17 45.71
N LEU D 1301 6.85 -40.52 44.60
CA LEU D 1301 8.02 -40.94 43.84
C LEU D 1301 9.30 -40.30 44.36
N LEU D 1302 9.27 -38.99 44.62
CA LEU D 1302 10.48 -38.27 45.00
C LEU D 1302 11.05 -38.77 46.32
N VAL D 1303 10.18 -39.00 47.31
CA VAL D 1303 10.66 -39.44 48.61
C VAL D 1303 11.28 -40.83 48.51
N THR D 1304 10.64 -41.74 47.77
CA THR D 1304 11.19 -43.07 47.60
C THR D 1304 12.53 -43.03 46.87
N LEU D 1305 12.64 -42.18 45.85
CA LEU D 1305 13.91 -42.06 45.13
C LEU D 1305 15.01 -41.52 46.04
N THR D 1306 14.68 -40.55 46.89
CA THR D 1306 15.68 -40.01 47.81
C THR D 1306 16.12 -41.06 48.82
N ILE D 1307 15.17 -41.83 49.36
CA ILE D 1307 15.52 -42.90 50.29
C ILE D 1307 16.40 -43.93 49.61
N ALA D 1308 16.06 -44.30 48.37
CA ALA D 1308 16.85 -45.28 47.64
C ALA D 1308 18.27 -44.78 47.40
N ALA D 1309 18.42 -43.51 47.03
CA ALA D 1309 19.75 -42.95 46.81
C ALA D 1309 20.56 -42.94 48.10
N MET D 1310 19.94 -42.55 49.21
CA MET D 1310 20.65 -42.54 50.48
C MET D 1310 21.08 -43.94 50.89
N SER D 1311 20.19 -44.94 50.72
CA SER D 1311 20.53 -46.31 51.07
C SER D 1311 21.65 -46.84 50.18
N ILE D 1312 21.62 -46.51 48.89
CA ILE D 1312 22.66 -46.97 47.97
C ILE D 1312 24.00 -46.36 48.35
N LEU D 1313 24.02 -45.07 48.70
CA LEU D 1313 25.27 -44.43 49.07
C LEU D 1313 25.80 -44.95 50.41
N ASP D 1314 24.90 -45.23 51.36
CA ASP D 1314 25.33 -45.74 52.65
C ASP D 1314 25.71 -47.21 52.61
N ASP D 1315 25.29 -47.94 51.59
CA ASP D 1315 25.61 -49.36 51.41
C ASP D 1315 25.07 -50.19 52.58
N LYS D 1316 23.76 -50.15 52.73
CA LYS D 1316 23.05 -50.98 53.70
C LYS D 1316 22.39 -52.14 52.97
N ARG D 1317 22.82 -53.37 53.28
CA ARG D 1317 22.37 -54.54 52.53
C ARG D 1317 20.96 -54.97 52.92
N GLU D 1318 20.58 -54.82 54.19
CA GLU D 1318 19.29 -55.33 54.65
C GLU D 1318 18.14 -54.60 53.98
N ASP D 1319 18.22 -53.28 53.88
CA ASP D 1319 17.12 -52.50 53.30
C ASP D 1319 17.17 -52.45 51.78
N LEU D 1320 18.31 -52.82 51.17
CA LEU D 1320 18.45 -52.70 49.73
C LEU D 1320 17.47 -53.60 48.99
N SER D 1321 17.26 -54.83 49.47
CA SER D 1321 16.33 -55.74 48.81
C SER D 1321 14.90 -55.21 48.87
N ILE D 1322 14.50 -54.68 50.03
CA ILE D 1322 13.15 -54.12 50.16
C ILE D 1322 12.98 -52.91 49.25
N ILE D 1323 14.01 -52.06 49.18
CA ILE D 1323 13.94 -50.90 48.29
C ILE D 1323 13.83 -51.35 46.84
N LEU D 1324 14.59 -52.37 46.45
CA LEU D 1324 14.52 -52.87 45.08
C LEU D 1324 13.13 -53.42 44.76
N GLU D 1325 12.56 -54.18 45.69
CA GLU D 1325 11.23 -54.73 45.46
C GLU D 1325 10.19 -53.62 45.32
N GLU D 1326 10.25 -52.62 46.21
CA GLU D 1326 9.29 -51.52 46.12
C GLU D 1326 9.46 -50.73 44.83
N LEU D 1327 10.70 -50.51 44.41
CA LEU D 1327 10.95 -49.79 43.16
C LEU D 1327 10.44 -50.57 41.96
N LYS D 1328 10.58 -51.89 41.98
CA LYS D 1328 10.08 -52.70 40.88
C LYS D 1328 8.57 -52.89 40.94
N ALA D 1329 7.92 -52.61 42.07
CA ALA D 1329 6.47 -52.73 42.19
C ALA D 1329 5.76 -51.38 42.04
N LEU D 1330 6.30 -50.51 41.20
CA LEU D 1330 5.73 -49.18 41.06
C LEU D 1330 4.43 -49.22 40.25
N PRO D 1331 3.42 -48.43 40.63
CA PRO D 1331 2.21 -48.33 39.81
C PRO D 1331 2.50 -47.57 38.52
N LEU D 1332 1.61 -47.77 37.54
CA LEU D 1332 1.81 -47.17 36.23
C LEU D 1332 1.74 -45.64 36.27
N SER D 1333 0.97 -45.08 37.20
CA SER D 1333 0.86 -43.63 37.28
C SER D 1333 2.21 -42.98 37.61
N LYS D 1334 2.93 -43.55 38.57
CA LYS D 1334 4.25 -43.02 38.91
C LYS D 1334 5.22 -43.18 37.75
N GLN D 1335 5.06 -44.22 36.93
CA GLN D 1335 5.92 -44.39 35.77
C GLN D 1335 5.59 -43.39 34.68
N ILE D 1336 4.32 -42.99 34.56
CA ILE D 1336 3.96 -41.94 33.63
C ILE D 1336 4.51 -40.60 34.10
N ILE D 1337 4.50 -40.36 35.41
CA ILE D 1337 4.99 -39.09 35.94
C ILE D 1337 6.50 -38.97 35.72
N ASP D 1338 7.23 -40.08 35.84
CA ASP D 1338 8.69 -40.08 35.79
C ASP D 1338 9.16 -39.94 34.34
N LYS D 1339 9.34 -38.70 33.90
CA LYS D 1339 9.80 -38.42 32.54
C LYS D 1339 11.31 -38.49 32.40
N HIS D 1340 12.06 -38.46 33.50
CA HIS D 1340 13.51 -38.56 33.47
C HIS D 1340 14.03 -39.98 33.62
N LYS D 1341 13.17 -40.93 33.95
CA LYS D 1341 13.55 -42.33 34.12
C LYS D 1341 14.64 -42.48 35.19
N ASP D 1342 14.30 -42.06 36.41
CA ASP D 1342 15.20 -42.27 37.54
C ASP D 1342 15.02 -43.63 38.17
N ALA D 1343 13.79 -44.15 38.17
CA ALA D 1343 13.53 -45.47 38.74
C ALA D 1343 14.29 -46.57 38.02
N PRO D 1344 14.29 -46.66 36.67
CA PRO D 1344 15.13 -47.68 36.02
C PRO D 1344 16.60 -47.54 36.36
N TYR D 1345 17.10 -46.30 36.46
CA TYR D 1345 18.49 -46.07 36.79
C TYR D 1345 18.83 -46.64 38.16
N LEU D 1346 18.04 -46.29 39.17
CA LEU D 1346 18.29 -46.80 40.52
C LEU D 1346 18.11 -48.30 40.59
N ILE D 1347 17.13 -48.84 39.86
CA ILE D 1347 16.90 -50.29 39.87
C ILE D 1347 18.11 -51.02 39.32
N GLU D 1348 18.64 -50.54 38.19
CA GLU D 1348 19.82 -51.19 37.62
C GLU D 1348 21.03 -51.06 38.54
N GLU D 1349 21.21 -49.89 39.15
CA GLU D 1349 22.34 -49.70 40.05
C GLU D 1349 22.27 -50.67 41.23
N ILE D 1350 21.10 -50.79 41.86
CA ILE D 1350 20.94 -51.69 42.99
C ILE D 1350 21.12 -53.13 42.56
N THR D 1351 20.58 -53.51 41.40
CA THR D 1351 20.73 -54.88 40.92
C THR D 1351 22.19 -55.22 40.69
N LYS D 1352 22.92 -54.33 40.03
CA LYS D 1352 24.33 -54.58 39.75
C LYS D 1352 25.14 -54.66 41.04
N ARG D 1353 24.85 -53.79 42.01
CA ARG D 1353 25.61 -53.82 43.26
C ARG D 1353 25.30 -55.07 44.07
N LEU D 1354 24.04 -55.49 44.12
CA LEU D 1354 23.66 -56.63 44.94
C LEU D 1354 24.13 -57.95 44.32
N TYR D 1355 23.90 -58.13 43.02
CA TYR D 1355 24.08 -59.44 42.40
C TYR D 1355 25.30 -59.56 41.52
N ARG D 1356 25.91 -58.45 41.11
CA ARG D 1356 27.06 -58.44 40.20
C ARG D 1356 26.76 -59.13 38.87
N ASN D 1357 25.48 -59.22 38.52
CA ASN D 1357 25.05 -59.79 37.25
C ASN D 1357 24.69 -58.67 36.29
N ASP D 1358 24.11 -59.02 35.14
CA ASP D 1358 23.69 -58.06 34.13
C ASP D 1358 22.21 -58.23 33.82
N THR D 1359 21.40 -58.37 34.87
CA THR D 1359 19.96 -58.50 34.73
C THR D 1359 19.23 -57.16 34.90
N GLY D 1360 19.98 -56.05 34.90
CA GLY D 1360 19.39 -54.74 35.09
C GLY D 1360 18.93 -54.03 33.83
N LYS D 1361 19.29 -54.54 32.65
CA LYS D 1361 18.83 -53.93 31.41
C LYS D 1361 17.39 -54.29 31.06
N GLN D 1362 16.81 -55.26 31.76
CA GLN D 1362 15.44 -55.67 31.45
C GLN D 1362 14.44 -54.56 31.77
N VAL D 1363 14.68 -53.81 32.85
CA VAL D 1363 13.80 -52.69 33.16
C VAL D 1363 13.93 -51.61 32.10
N TRP D 1364 15.13 -51.42 31.55
CA TRP D 1364 15.30 -50.48 30.44
C TRP D 1364 14.55 -50.95 29.21
N GLN D 1365 14.59 -52.26 28.92
CA GLN D 1365 13.85 -52.78 27.78
C GLN D 1365 12.35 -52.57 27.94
N ARG D 1366 11.83 -52.83 29.15
CA ARG D 1366 10.40 -52.62 29.39
C ARG D 1366 10.04 -51.14 29.29
N SER D 1367 10.89 -50.26 29.82
CA SER D 1367 10.62 -48.83 29.72
C SER D 1367 10.61 -48.36 28.27
N ALA D 1368 11.56 -48.84 27.47
CA ALA D 1368 11.57 -48.48 26.05
C ALA D 1368 10.37 -49.06 25.32
N TYR D 1369 9.87 -50.20 25.77
CA TYR D 1369 8.64 -50.75 25.20
C TYR D 1369 7.44 -49.86 25.51
N PHE D 1370 7.32 -49.43 26.77
CA PHE D 1370 6.14 -48.67 27.18
C PHE D 1370 6.17 -47.24 26.66
N PHE D 1371 7.33 -46.57 26.74
CA PHE D 1371 7.47 -45.17 26.37
C PHE D 1371 8.56 -45.07 25.31
N PRO D 1372 8.26 -45.42 24.05
CA PRO D 1372 9.32 -45.53 23.05
C PRO D 1372 9.79 -44.21 22.46
N ASN D 1373 9.09 -43.11 22.71
CA ASN D 1373 9.52 -41.81 22.21
C ASN D 1373 10.37 -41.04 23.21
N ASN D 1374 10.63 -41.60 24.38
CA ASN D 1374 11.51 -40.94 25.33
C ASN D 1374 12.96 -41.01 24.86
N LEU D 1375 13.79 -40.12 25.42
CA LEU D 1375 15.19 -40.06 25.06
C LEU D 1375 16.07 -40.83 26.03
N LYS D 1376 15.75 -40.76 27.33
CA LYS D 1376 16.59 -41.42 28.33
C LYS D 1376 16.53 -42.94 28.23
N VAL D 1377 15.42 -43.47 27.71
CA VAL D 1377 15.33 -44.93 27.56
C VAL D 1377 16.25 -45.43 26.46
N TRP D 1378 16.35 -44.68 25.36
CA TRP D 1378 17.23 -45.06 24.26
C TRP D 1378 18.66 -44.61 24.48
N GLU D 1379 18.91 -43.75 25.46
CA GLU D 1379 20.27 -43.34 25.79
C GLU D 1379 21.13 -44.53 26.19
N ARG D 1380 20.52 -45.64 26.61
CA ARG D 1380 21.25 -46.84 27.03
C ARG D 1380 21.21 -47.95 25.99
N LEU D 1381 20.08 -48.17 25.33
CA LEU D 1381 19.92 -49.34 24.47
C LEU D 1381 20.62 -49.17 23.14
N ASP D 1382 20.19 -48.19 22.34
CA ASP D 1382 20.76 -47.96 21.01
C ASP D 1382 20.94 -46.47 20.81
N LYS D 1383 22.18 -46.06 20.51
CA LYS D 1383 22.47 -44.63 20.36
C LYS D 1383 21.97 -44.07 19.03
N ASN D 1384 21.90 -44.91 18.00
CA ASN D 1384 21.35 -44.46 16.73
C ASN D 1384 19.88 -44.09 16.87
N ILE D 1385 19.12 -44.89 17.62
CA ILE D 1385 17.72 -44.57 17.87
C ILE D 1385 17.61 -43.22 18.58
N GLN D 1386 18.47 -43.00 19.58
CA GLN D 1386 18.42 -41.74 20.32
C GLN D 1386 18.76 -40.55 19.43
N ARG D 1387 19.75 -40.71 18.55
CA ARG D 1387 20.10 -39.62 17.64
C ARG D 1387 18.97 -39.33 16.67
N ARG D 1388 18.32 -40.36 16.14
CA ARG D 1388 17.26 -40.14 15.17
C ARG D 1388 15.99 -39.59 15.82
N ILE D 1389 15.71 -39.98 17.06
CA ILE D 1389 14.50 -39.52 17.73
C ILE D 1389 14.60 -38.04 18.06
N ALA D 1390 15.80 -37.55 18.39
CA ALA D 1390 15.97 -36.18 18.82
C ALA D 1390 16.08 -35.19 17.66
N SER D 1391 16.11 -35.65 16.43
CA SER D 1391 16.35 -34.80 15.28
C SER D 1391 15.04 -34.33 14.64
N ASN D 1392 15.16 -33.25 13.86
CA ASN D 1392 14.07 -32.69 13.05
C ASN D 1392 12.87 -32.25 13.87
N GLY D 1393 13.07 -31.95 15.16
CA GLY D 1393 11.99 -31.45 15.98
C GLY D 1393 11.06 -32.49 16.55
N GLN D 1394 11.38 -33.78 16.41
CA GLN D 1394 10.54 -34.82 17.01
C GLN D 1394 10.54 -34.71 18.53
N ASN D 1395 11.68 -34.34 19.11
CA ASN D 1395 11.78 -34.00 20.52
C ASN D 1395 12.49 -32.65 20.64
N LYS D 1396 12.22 -31.96 21.75
CA LYS D 1396 12.86 -30.68 22.02
C LYS D 1396 14.19 -30.93 22.72
N VAL D 1397 15.28 -30.53 22.07
CA VAL D 1397 16.63 -30.81 22.56
C VAL D 1397 17.48 -29.56 22.36
N THR D 1398 18.40 -29.32 23.29
CA THR D 1398 19.26 -28.15 23.24
C THR D 1398 20.49 -28.41 22.39
N ALA D 1399 21.36 -27.40 22.27
CA ALA D 1399 22.52 -27.52 21.41
C ALA D 1399 23.60 -28.40 22.02
N GLU D 1400 23.75 -28.39 23.34
CA GLU D 1400 24.76 -29.21 23.98
C GLU D 1400 24.47 -30.69 23.81
N GLU D 1401 23.22 -31.10 24.05
CA GLU D 1401 22.85 -32.49 23.89
C GLU D 1401 22.95 -32.93 22.43
N MET D 1402 22.55 -32.07 21.49
CA MET D 1402 22.65 -32.42 20.08
C MET D 1402 24.10 -32.56 19.65
N SER D 1403 24.97 -31.67 20.13
CA SER D 1403 26.39 -31.79 19.81
C SER D 1403 26.98 -33.07 20.38
N LYS D 1404 26.57 -33.44 21.59
CA LYS D 1404 27.04 -34.70 22.17
C LYS D 1404 26.57 -35.89 21.34
N LEU D 1405 25.31 -35.87 20.90
CA LEU D 1405 24.80 -36.95 20.07
C LEU D 1405 25.58 -37.04 18.76
N TYR D 1406 25.88 -35.90 18.14
CA TYR D 1406 26.65 -35.90 16.90
C TYR D 1406 28.05 -36.44 17.13
N CYS D 1407 28.71 -36.04 18.22
CA CYS D 1407 30.06 -36.51 18.49
C CYS D 1407 30.12 -37.98 18.86
N GLU D 1408 29.03 -38.57 19.36
CA GLU D 1408 29.02 -39.99 19.65
C GLU D 1408 28.89 -40.87 18.41
N SER D 1409 28.98 -40.30 17.21
CA SER D 1409 28.96 -41.10 15.98
C SER D 1409 30.33 -41.58 15.55
N LYS D 1410 31.40 -41.07 16.16
CA LYS D 1410 32.79 -41.42 15.90
C LYS D 1410 33.28 -41.02 14.51
N ASN D 1411 32.43 -40.42 13.69
CA ASN D 1411 32.83 -39.96 12.37
C ASN D 1411 33.51 -38.59 12.47
N LEU D 1412 34.37 -38.29 11.51
CA LEU D 1412 35.05 -37.00 11.51
C LEU D 1412 34.09 -35.86 11.18
N ARG D 1413 33.21 -36.07 10.19
CA ARG D 1413 32.24 -35.05 9.82
C ARG D 1413 31.31 -34.73 10.98
N SER D 1414 30.83 -35.79 11.66
CA SER D 1414 29.92 -35.58 12.78
C SER D 1414 30.61 -34.88 13.95
N ILE D 1415 31.87 -35.23 14.21
CA ILE D 1415 32.61 -34.58 15.28
C ILE D 1415 32.82 -33.10 14.96
N GLN D 1416 33.14 -32.80 13.70
CA GLN D 1416 33.29 -31.40 13.30
C GLN D 1416 31.99 -30.64 13.46
N ARG D 1417 30.86 -31.25 13.05
CA ARG D 1417 29.57 -30.57 13.19
C ARG D 1417 29.23 -30.34 14.66
N GLY D 1418 29.47 -31.35 15.51
CA GLY D 1418 29.19 -31.18 16.93
C GLY D 1418 30.07 -30.14 17.59
N MET D 1419 31.33 -30.04 17.16
CA MET D 1419 32.20 -29.00 17.69
C MET D 1419 31.80 -27.61 17.18
N PHE D 1420 31.30 -27.53 15.95
CA PHE D 1420 30.78 -26.26 15.46
C PHE D 1420 29.56 -25.82 16.27
N LEU D 1421 28.67 -26.75 16.61
CA LEU D 1421 27.49 -26.39 17.37
C LEU D 1421 27.82 -25.97 18.81
N CYS D 1422 28.96 -26.37 19.34
CA CYS D 1422 29.28 -26.10 20.73
C CYS D 1422 30.79 -26.20 20.96
N PRO D 1423 31.57 -25.19 20.56
CA PRO D 1423 33.03 -25.28 20.69
C PRO D 1423 33.53 -25.33 22.13
N TRP D 1424 32.71 -24.96 23.12
CA TRP D 1424 33.11 -25.02 24.51
C TRP D 1424 32.80 -26.38 25.15
N ASN D 1425 32.57 -27.40 24.35
CA ASN D 1425 32.32 -28.75 24.83
C ASN D 1425 33.64 -29.52 24.87
N VAL D 1426 34.00 -30.00 26.06
CA VAL D 1426 35.30 -30.67 26.23
C VAL D 1426 35.36 -31.94 25.39
N THR D 1427 34.28 -32.72 25.38
CA THR D 1427 34.29 -34.00 24.70
C THR D 1427 34.47 -33.85 23.19
N ALA D 1428 33.84 -32.84 22.59
CA ALA D 1428 33.98 -32.63 21.16
C ALA D 1428 35.42 -32.29 20.80
N VAL D 1429 36.06 -31.40 21.56
CA VAL D 1429 37.44 -31.04 21.30
C VAL D 1429 38.35 -32.24 21.49
N LYS D 1430 38.10 -33.03 22.54
CA LYS D 1430 38.91 -34.23 22.77
C LYS D 1430 38.78 -35.22 21.63
N ALA D 1431 37.56 -35.44 21.14
CA ALA D 1431 37.34 -36.36 20.04
C ALA D 1431 38.02 -35.88 18.76
N LEU D 1432 37.91 -34.58 18.46
CA LEU D 1432 38.56 -34.06 17.27
C LEU D 1432 40.08 -34.20 17.38
N ASN D 1433 40.64 -33.96 18.56
CA ASN D 1433 42.06 -34.17 18.76
C ASN D 1433 42.44 -35.64 18.56
N GLU D 1434 41.61 -36.55 19.06
CA GLU D 1434 41.90 -37.97 18.90
C GLU D 1434 41.75 -38.45 17.47
N CYS D 1435 40.99 -37.73 16.64
CA CYS D 1435 40.89 -38.12 15.23
C CYS D 1435 42.24 -38.03 14.53
N PHE D 1436 43.00 -36.96 14.78
CA PHE D 1436 44.30 -36.78 14.16
C PHE D 1436 44.29 -35.64 13.12
#